data_7BGI
#
_entry.id   7BGI
#
_cell.length_a   1.00
_cell.length_b   1.00
_cell.length_c   1.00
_cell.angle_alpha   90.00
_cell.angle_beta   90.00
_cell.angle_gamma   90.00
#
_symmetry.space_group_name_H-M   'P 1'
#
loop_
_entity.id
_entity.type
_entity.pdbx_description
1 polymer 'Photosystem I P700 chlorophyll a apoprotein A1'
2 polymer 'Photosystem I P700 chlorophyll a apoprotein A2'
3 polymer 'Photosystem I iron-sulfur center'
4 polymer 'Photosystem I reaction center subunit II, chloroplastic'
5 polymer 'Photosystem I reaction center subunit IV, chloroplastic'
6 polymer 'Photosystem I reaction center subunit III, chloroplastic'
7 polymer 'Photosystem I reaction center subunit V, chloroplastic'
8 polymer 'Photosystem I reaction center subunit VIII'
9 polymer 'Photosystem I reaction center subunit IX'
10 polymer 'Photosystem I reaction center subunit psaK, chloroplastic'
11 polymer 'PSI subunit V'
12 polymer 'Chlorophyll a-b binding protein, chloroplastic'
13 polymer 'Chlorophyll a-b binding protein, chloroplastic'
14 polymer 'Chlorophyll a-b binding protein, chloroplastic'
15 polymer 'Chlorophyll a-b binding protein, chloroplastic'
16 polymer 'Chlorophyll a-b binding protein, chloroplastic'
17 polymer 'Chlorophyll a-b binding protein, chloroplastic'
18 polymer 'Chlorophyll a-b binding protein, chloroplastic'
19 polymer 'Chlorophyll a-b binding protein, chloroplastic'
20 polymer 'Chlorophyll a-b binding protein, chloroplastic'
21 non-polymer 'CHLOROPHYLL A ISOMER'
22 non-polymer 'CHLOROPHYLL A'
23 non-polymer PHYLLOQUINONE
24 non-polymer 'IRON/SULFUR CLUSTER'
25 non-polymer BETA-CAROTENE
26 non-polymer 1,2-DIPALMITOYL-PHOSPHATIDYL-GLYCEROLE
27 non-polymer '(2R)-2-hydroxy-3-(phosphonooxy)propyl (9E)-octadec-9-enoate'
28 non-polymer DODECYL-BETA-D-MALTOSIDE
29 non-polymer 'OCTANOIC ACID (CAPRYLIC ACID)'
30 non-polymer 'LAURIC ACID'
31 non-polymer 1,2-DISTEAROYL-MONOGALACTOSYL-DIGLYCERIDE
32 non-polymer 'DIACYL GLYCEROL'
33 non-polymer 'DIGALACTOSYL DIACYL GLYCEROL (DGDG)'
34 non-polymer 'CALCIUM ION'
35 non-polymer Phosphatidylinositol
36 non-polymer (3R)-beta,beta-caroten-3-ol
37 non-polymer (1~{S})-3,5,5-trimethyl-4-[(1~{E},3~{E},5~{E},7~{E},9~{E},11~{E},13~{E},15~{E},17~{E})-3,7,12,16-tetramethyl-18-[(4~{S})-2,6,6-trimethyl-4-oxidanyl-cyclohexen-1-yl]octadeca-1,3,5,7,9,11,13,15,17-nonaenyl]cyclohex-3-en-1-ol
38 non-polymer SPHINGOSINE
39 non-polymer "(3R,3'R,6S)-4,5-DIDEHYDRO-5,6-DIHYDRO-BETA,BETA-CAROTENE-3,3'-DIOL"
40 non-polymer 'CHLOROPHYLL B'
41 non-polymer 1,2-DI-O-ACYL-3-O-[6-DEOXY-6-SULFO-ALPHA-D-GLUCOPYRANOSYL]-SN-GLYCEROL
42 non-polymer (3~{E},5~{E},7~{E})-6-methyl-8-[(6~{R})-2,2,6-trimethylcyclohexyl]octa-3,5,7-trien-2-one
43 non-polymer 1,2-DIACYL-GLYCEROL-3-SN-PHOSPHATE
44 non-polymer 'PALMITIC ACID'
45 non-polymer '(2S)-3-{[(R)-(2-aminoethoxy)(hydroxy)phosphoryl]oxy}-2-hydroxypropyl hexadecanoate'
46 water water
#
loop_
_entity_poly.entity_id
_entity_poly.type
_entity_poly.pdbx_seq_one_letter_code
_entity_poly.pdbx_strand_id
1 'polypeptide(L)'
;KKVKIAVDRNPVETSFEKWAKPGHFSRTLSKGPNTTTWIWNLHADAHDFDSHTSDLEEISRKVFSAHFGQLGIIFIWLSG
MYFHGARFSNYEAWLSDPTHIKPSAQVVWPIVGQEILNGDVGGGFQGIQITSGFFQLWRASGITSELQLYTTAIGGLVMA
AAMFFAGWFHYHKAAPKLEWFQNVESMLNHHLGGLLGLGSLAWAGHQIHVSLPVNKLLDAGVDPKEIPLPHDLLLNRAIM
ADLYPSFAKGIAPFFTLNWSEYSDFLTFKGGLNPVTGGLWLSDTAHHHVAIAVLFLVAGHMYRTNWGIGHSMKEILEAHR
GPFTGEGHVGLYEILTTSWHAQLAINLALFGSLSIIVAHHMYAMPPYPYLATDYGTQLSLFTHHTWIGGFCIVGAGAHAA
IFMVRDYDPTNNYNNLLDRVIRHRDAIISHLNWVCIFLGFHSFGLYIHNDTMSALGRPQDMFSDTAIQLQPVFAQWIQNT
HFLAPQLTAPNALAATSLTWGGDLVAVGGKVAMMPISLGTSDFMVHHIHAFTIHVTVLILLKGVLFARSSRLIPDKANLG
FRFPCDGPGRGGTCQVSAWDHVFLGLFWMYNSLSIVIFHFSWKMQSDVWGTVTASGVSHITGGNFAQSANTINGWLRDFL
WAQSSQVIQSYGSALSAYGLIFLGAHFVWAFSLMFLFSGRGYWQELIESIVWAHNKLKVAPAIQPRALSITQGRAVGVAH
YLLGGIATTWSFFLARIISVG
;
A
2 'polypeptide(L)'
;ATKLFPKFSQGLAQDPTTRRIWYGLAMAHDFESHDGMTEENLYQKIFASHFGQLSIIFLWTSGNLFHVAWQGNFEQWVTD
PVHIRPIAHAIWDPHFGQPAVEAFTRGGASGPVNISTSGVYQWWYTIGMRTNQDLYVGSVFLALVSAIFLFAGWLHLQPN
FQPSLSWFKDAESRLNHHLSGLFGVSSLAWTGHLVHVAIPESRGQHVGWDNFLSVLPHPQGLTPFFTGNWAAYAQSPDTA
SHVFGTAQGSGQAILTFLGGFHPQTQSLWLTDMAHHHLAIAVIFIVAGHMYRTNFGIGHRMQAILEAHTPPSGSLGAGHK
GLFDTVNNSLHFQLGLALASVGTITSLVAQHMYSLPPYAFQAIDFTTQAALYTHHQYIAGFIMCGAFAHGAIFFIRDYDP
EQNKGNVLARMLDHKEALISHLSWVSLFLGFHTLGLYVHNDVMQAFGTPEKQILIEPVFAQWIQAAHGKALYGFDFLLSS
KTSAAFANGQSLWLPGWLDAINNNQNSLFLTIGPGDFLVHHAIALGLHTTTLILVKGALDARGSKLMPDKKDFGYSFPCD
GPGRGGTCDISAYDAFYLAVFWMLNTIGWVTFYWHWKHLTLWQGNVAQFDESSTYLMGWLRDYLWLNSSQLINGYNPFGM
NSLSVWAWTFLFGHLIYATGFMFLISWRGYWQELIETLVWAHEKTPLANLVYWKDKPVALSIVQARLVGLAHFSVGYIFT
YAAFLIASTSGRF
;
B
3 'polypeptide(L)' AHIVKIYDTCIGCTQCVRACPLDVLEMVPWDGCKASQMASAPRTEDCVGCKRCETACPTDFLSVRVYLGSESTRSMGLSY C
4 'polypeptide(L)'
;WTVPTLNPDTPSPIFGGSTGGLLRKAQTEEFYVITWEAKKEQIFEMPTGGAAIMRQGPNLLKFGKKEQCLALTTQLRNKF
KLTP(SNC)FYRVFPDGKVQYLHPADGVYPEKVNAGRVGANQNMRRIGQNVNPIKVKFSGRMMSPAEI
;
D
5 'polypeptide(L)' EVGPKRGSLVKILRPESYWFNQVGKVVSVDQSGVRYPVVVRFENQNYAGVTTNNYALDEVVAA E
6 'polypeptide(L)'
;DIAGLTPCSESKAYAKLEKKELKTLEKRLKQYEADSAPAVALKATMERTKARFANYAKAGLLCGNDGLPHLIADPGLALK
YGHAGEVFIPTFGFLYVAGYIGYVGRQYLIAVKGEAKPTDKEIIIDVPLATKLAWQGAGWPLAAVQELQRGTLLEKEENI
TVSPR
;
F
7 'polypeptide(L)'
;LDPQIVISGSTAAFLAIGRFVFLGYQRREANFDSTVGPKTTGATYFDDLQKNSTIFATNDPAGFNIIDVAGWGALGHAVG
FAVLAINSLQG
;
G
8 'polypeptide(L)' PFVPPSWAPSVFVPLTGLVLPAIAMATLFVYIEKEAP I
9 'polypeptide(L)' MKDFTTYLSTAPVIATIWFTFTAGLLIEINRYFPDPLVF J
10 'polypeptide(L)'
;FIGSSTNLIMVASTTATLAAARFGLAPTVKKNTTAGLKLVDSKNSAGVISNDPAGFTIVDVLAMGAAGHGLGVGIVLGLK
GIGA
;
K
11 'polypeptide(L)'
;GMLETPVTSAPIVATYLSNLPAYRTGVAPVLRGVEIGLAHGFLLAGPFIKLGPLRNVPETAEIAGSLSAAGLVLILALCL
SIYGSAQFQSTPSIGVKTLSGRSVARDPLFSADGWSEFAAGFLVGGEAGVAWAYVCTQ
;
L
12 'polypeptide(L)'
;KAGNWLPGSDAPAWLPDDLPGNYGFDPLSLGKEPASLKRFTESEVIHGRWAMLGVAGSLAVELLGYGNWYDAPLWAVNGG
KATWFGIEVPFDLNALLAFEFVAMAAAEGQRGDAGGVVYPGGAFDPLGFAKDSSKSGELKLKEIKNGRLAMVAFLGFVAQ
HAATGKGPIAALGEHLANPWGANFATNGISVPFF
;
1,Z
13 'polypeptide(L)'
;LYVGASQSSLAYLDGSLPGDFGFDPLGLLDPVNSGGFIEPKWLQYSEVIHARWAMLGAAGCIAPEVLGAAGLIPDATNIK
WFESGVIPPAGSYNGYWADPYTIFFVEIVAMQFAELRRLQDFRYPGSMGQQYFLGLEAIFKGSGDAAYPGGPFFNLFNLG
KTEAAMKELKLKEIKNGRLAMLAMLGYGAQAVMTGKGPFQNLVEHLADPVNNNILTNFG
;
3
14 'polypeptide(L)'
;VRPVWFPGNPPPAHLDGSLAGDYGFDPLFLGQEPQTLKWYVQAELVHGRFAMLGAAGIILTSIGAKVGLGFPEWYDAGKV
VVEKNNIDFPTLMVIQFYLMGWAETKRWYDFKNPGSQADGSFLGFTEEFKGLENGYPGGRFFDPMGLSRGDAAKYQEYKQ
KEVKNGRLAMIACLGFAAQYAATGKGPLDNLADHLADPNHVNFATNGVSIPIA
;
7
15 'polypeptide(L)'
;RQSWLPGSQIPAHLDTPAAQALAGNFGFDPLGLGKDPVALRWYQQAELIHCRTAMAGVAGILIPGLLTKAGALNVPEWYD
AGKVAIENSFAPWGSLLAVQLFLCGFVEAKRWQDIRKPGSQGEPGSFLGFEASLKGTSELGYPGGPFDPLGLSKEADKWA
DWKLKEVKNGRLAMLAFLGFVAQKYATGAGPVDNLAAHLKDPWHVNYATNGVSLPFL
;
8
16 'polypeptide(L)'
;DAALPSWMPGADLPGYLNGTLPGDFGFDPLYLGQDPVKLKWYAQAELMNARFAMLAVAGILVPELLSNIGFSWPGAGVAW
YDAGKFEYFAPASSLFGVQMLLFAWVEIRRYQDFVKPGSANQDPIFTNNKLPDGNEPGYPGGIFDPFGWSKGDIKSLKLK
EIKNGRLAMLAFAGFIGQAYTTGTTPLKNLSTHLADPWSTTVWQNDLARL
;
4
17 'polypeptide(L)'
;DRKLWAPGVVAPEYLKGDLAGDYGWDPLGLGADPTALKWYRQSELQHARWAMLGVAGVLVQEIVKPDVYFYEAGLPQNLP
EPFTNINMGGLLAWEFILMHWVEVRRWQDYKNFGSVNEDPIFKGNKVPNPEMGYPGGIFDPFGFSKGNLKELQTKEIKNG
RLAMIAYMAFILQAQATGKGPLAALSAHLSNPFGNNILKNIGTCTVPHSVDVQGLTIPLTCLWPGSQ
;
5
18 'polypeptide(L)'
;RPLWLPGSTPPAHLKGDLPGDFGFDPLGLGANAESLKWFKESELVHSRWAMAAVAGILVQEIVRPDVFWYNAGKEVESPL
GPLGLLAVEFFLMHWVEVRRWQDLRKPGSVDQDPIFSQYKLPPHEVGYPGGVFAPFIPGDLAELKVKEIKNGRLAMLAFV
GFVMAAQVTGKGPIAALQEHLADPWGTTIFSKAAVVPGQAVAPPCKIPASVSYKGIEIPTPCFLQGLWP
;
6
19 'polypeptide(L)'
;RPMWYPGATAPAHLDGSMLGDYGFDPLRLGVNKDNLKWFREAELTNGRWAMAAVVGILFTDAVGLPKFWTAGAEKYALDN
QTLALIEVAVFAVLEGKRYEIYKKTGETGFLSFAPFDPMGMKSEEMKLKELKNGRLAMLAFLGFCSQAAVYGKGPIETLQ
LHLADPGHNNIYTSSVGPETAVTVAVLCVLPMIIEATK
;
2
20 'polypeptide(L)'
;RPTWLPGLNPPAHLKGALAGDNGFDPLGLGQDEGRLKWYAEAEKTNGRWAMMAVAGILGQELLGVTPAWWEAGAKEYDIP
AQALTPIEFIVMGFLEIKRYQGFKQTGTSGFINSFPFDPAGMNSPSMATKEVKNGRLAMVAFIGFCVQALATRTQPIEGL
TAHLADPFGKNITYYLTHLPETL
;
9
#
# COMPACT_ATOMS: atom_id res chain seq x y z
N LYS A 1 -46.00 -23.90 -26.56
CA LYS A 1 -46.18 -24.30 -27.96
C LYS A 1 -46.21 -23.09 -28.88
N LYS A 2 -46.67 -21.95 -28.36
CA LYS A 2 -46.76 -20.72 -29.12
C LYS A 2 -45.59 -19.81 -28.78
N VAL A 3 -44.86 -19.39 -29.80
CA VAL A 3 -43.71 -18.51 -29.63
C VAL A 3 -44.21 -17.08 -29.78
N LYS A 4 -44.19 -16.33 -28.68
CA LYS A 4 -44.66 -14.96 -28.68
C LYS A 4 -43.81 -14.14 -27.72
N ILE A 5 -44.12 -12.85 -27.62
CA ILE A 5 -43.39 -11.94 -26.73
C ILE A 5 -44.16 -11.84 -25.42
N ALA A 6 -43.62 -12.48 -24.37
CA ALA A 6 -44.21 -12.47 -23.04
C ALA A 6 -43.38 -11.55 -22.17
N VAL A 7 -43.97 -10.41 -21.78
CA VAL A 7 -43.27 -9.40 -20.99
C VAL A 7 -44.15 -8.85 -19.87
N ASP A 8 -43.55 -8.68 -18.69
CA ASP A 8 -44.19 -8.10 -17.52
C ASP A 8 -43.83 -6.62 -17.48
N ARG A 9 -44.82 -5.77 -17.16
CA ARG A 9 -44.63 -4.32 -17.12
C ARG A 9 -44.26 -3.85 -15.72
N ASN A 10 -43.23 -3.01 -15.65
CA ASN A 10 -42.69 -2.40 -14.43
C ASN A 10 -42.55 -3.35 -13.23
N PRO A 11 -41.66 -4.35 -13.32
CA PRO A 11 -41.50 -5.27 -12.18
C PRO A 11 -40.64 -4.70 -11.08
N VAL A 12 -39.62 -3.94 -11.44
CA VAL A 12 -38.68 -3.34 -10.49
C VAL A 12 -38.73 -1.83 -10.66
N GLU A 13 -38.85 -1.11 -9.55
CA GLU A 13 -38.90 0.35 -9.61
C GLU A 13 -37.48 0.91 -9.63
N THR A 14 -37.24 1.86 -10.53
CA THR A 14 -35.94 2.49 -10.67
C THR A 14 -35.74 3.46 -9.51
N SER A 15 -34.79 3.14 -8.63
CA SER A 15 -34.54 3.98 -7.46
C SER A 15 -33.11 3.80 -7.01
N PHE A 16 -32.63 4.75 -6.20
CA PHE A 16 -31.29 4.71 -5.65
C PHE A 16 -31.27 4.21 -4.21
N GLU A 17 -32.43 3.75 -3.70
CA GLU A 17 -32.53 3.27 -2.32
C GLU A 17 -31.64 2.07 -2.07
N LYS A 18 -31.59 1.12 -3.00
CA LYS A 18 -30.75 -0.06 -2.81
C LYS A 18 -29.28 0.23 -3.06
N TRP A 19 -28.94 1.36 -3.67
CA TRP A 19 -27.55 1.72 -3.92
C TRP A 19 -26.83 2.03 -2.62
N ALA A 20 -27.56 2.45 -1.60
CA ALA A 20 -27.03 2.79 -0.29
C ALA A 20 -27.09 1.63 0.69
N LYS A 21 -27.54 0.46 0.25
CA LYS A 21 -27.65 -0.72 1.10
C LYS A 21 -26.85 -1.86 0.45
N PRO A 22 -25.55 -1.93 0.73
CA PRO A 22 -24.73 -3.00 0.14
C PRO A 22 -25.13 -4.38 0.64
N GLY A 23 -25.03 -5.36 -0.26
CA GLY A 23 -25.40 -6.72 0.07
C GLY A 23 -26.87 -6.98 0.14
N HIS A 24 -27.70 -6.13 -0.50
CA HIS A 24 -29.14 -6.30 -0.48
C HIS A 24 -29.58 -7.53 -1.27
N PHE A 25 -28.81 -7.91 -2.29
CA PHE A 25 -29.18 -9.06 -3.13
C PHE A 25 -29.12 -10.37 -2.37
N SER A 26 -28.29 -10.45 -1.33
CA SER A 26 -28.15 -11.67 -0.55
C SER A 26 -28.86 -11.51 0.78
N ARG A 27 -29.50 -12.58 1.24
CA ARG A 27 -30.20 -12.53 2.52
C ARG A 27 -29.21 -12.50 3.67
N THR A 28 -28.06 -13.16 3.52
CA THR A 28 -27.05 -13.17 4.57
C THR A 28 -26.26 -11.87 4.60
N LEU A 29 -26.00 -11.27 3.43
CA LEU A 29 -25.22 -10.05 3.38
C LEU A 29 -26.04 -8.79 3.65
N SER A 30 -27.38 -8.88 3.62
CA SER A 30 -28.20 -7.71 3.86
C SER A 30 -28.19 -7.26 5.32
N LYS A 31 -27.74 -8.12 6.24
CA LYS A 31 -27.70 -7.75 7.65
C LYS A 31 -26.66 -6.67 7.91
N GLY A 32 -25.52 -6.74 7.23
CA GLY A 32 -24.48 -5.76 7.40
C GLY A 32 -23.17 -6.41 7.81
N PRO A 33 -22.07 -5.68 7.66
CA PRO A 33 -20.76 -6.23 8.02
C PRO A 33 -20.49 -6.22 9.52
N ASN A 34 -19.78 -7.25 9.96
CA ASN A 34 -19.37 -7.40 11.35
C ASN A 34 -17.88 -7.69 11.32
N THR A 35 -17.46 -8.35 10.24
CA THR A 35 -16.07 -8.73 10.00
C THR A 35 -15.71 -8.31 8.58
N THR A 36 -14.40 -8.29 8.29
CA THR A 36 -13.95 -7.88 6.97
C THR A 36 -14.33 -8.90 5.89
N THR A 37 -14.53 -10.16 6.29
CA THR A 37 -14.91 -11.23 5.37
C THR A 37 -16.14 -10.85 4.54
N TRP A 38 -17.10 -10.20 5.19
CA TRP A 38 -18.33 -9.73 4.57
C TRP A 38 -18.05 -8.93 3.30
N ILE A 39 -17.06 -8.02 3.38
CA ILE A 39 -16.70 -7.19 2.23
C ILE A 39 -16.33 -8.05 1.05
N TRP A 40 -15.44 -9.04 1.28
CA TRP A 40 -15.06 -9.94 0.20
C TRP A 40 -16.25 -10.72 -0.30
N ASN A 41 -17.12 -11.15 0.62
CA ASN A 41 -18.32 -11.89 0.23
C ASN A 41 -19.21 -11.03 -0.65
N LEU A 42 -19.26 -9.71 -0.34
CA LEU A 42 -20.07 -8.78 -1.12
C LEU A 42 -19.65 -8.78 -2.59
N HIS A 43 -18.38 -9.02 -2.86
CA HIS A 43 -17.94 -9.06 -4.24
C HIS A 43 -17.91 -10.47 -4.80
N ALA A 44 -17.87 -11.49 -3.93
CA ALA A 44 -17.81 -12.86 -4.42
C ALA A 44 -19.17 -13.41 -4.80
N ASP A 45 -20.26 -12.76 -4.40
CA ASP A 45 -21.61 -13.23 -4.71
C ASP A 45 -22.44 -12.18 -5.42
N ALA A 46 -21.79 -11.17 -6.02
CA ALA A 46 -22.53 -10.12 -6.70
C ALA A 46 -23.21 -10.63 -7.96
N HIS A 47 -22.52 -11.43 -8.76
CA HIS A 47 -23.10 -11.97 -9.99
C HIS A 47 -23.64 -13.38 -9.83
N ASP A 48 -23.62 -13.94 -8.62
CA ASP A 48 -24.15 -15.29 -8.39
C ASP A 48 -25.67 -15.14 -8.26
N PHE A 49 -26.30 -14.92 -9.43
CA PHE A 49 -27.73 -14.69 -9.49
C PHE A 49 -28.55 -15.88 -9.02
N ASP A 50 -28.10 -17.10 -9.33
CA ASP A 50 -28.85 -18.27 -8.89
C ASP A 50 -28.76 -18.48 -7.38
N SER A 51 -27.79 -17.84 -6.72
CA SER A 51 -27.66 -17.95 -5.27
C SER A 51 -28.51 -16.93 -4.54
N HIS A 52 -28.85 -15.81 -5.19
CA HIS A 52 -29.67 -14.79 -4.54
C HIS A 52 -31.13 -15.26 -4.42
N THR A 53 -31.65 -15.88 -5.48
CA THR A 53 -33.02 -16.35 -5.48
C THR A 53 -33.12 -17.63 -6.30
N SER A 54 -34.18 -18.39 -6.06
CA SER A 54 -34.42 -19.64 -6.76
C SER A 54 -35.38 -19.47 -7.93
N ASP A 55 -35.87 -18.26 -8.19
CA ASP A 55 -36.78 -18.01 -9.29
C ASP A 55 -36.00 -17.92 -10.58
N LEU A 56 -36.26 -18.85 -11.52
CA LEU A 56 -35.56 -18.87 -12.79
C LEU A 56 -35.83 -17.62 -13.61
N GLU A 57 -37.04 -17.07 -13.50
CA GLU A 57 -37.41 -15.87 -14.25
C GLU A 57 -36.56 -14.67 -13.83
N GLU A 58 -36.36 -14.50 -12.51
CA GLU A 58 -35.57 -13.39 -12.01
C GLU A 58 -34.11 -13.53 -12.44
N ILE A 59 -33.58 -14.76 -12.39
CA ILE A 59 -32.20 -15.01 -12.80
C ILE A 59 -32.03 -14.70 -14.28
N SER A 60 -32.98 -15.14 -15.10
CA SER A 60 -32.91 -14.89 -16.54
C SER A 60 -32.98 -13.40 -16.86
N ARG A 61 -33.84 -12.66 -16.15
CA ARG A 61 -33.94 -11.22 -16.36
C ARG A 61 -32.63 -10.52 -15.99
N LYS A 62 -32.03 -10.93 -14.87
CA LYS A 62 -30.77 -10.34 -14.45
C LYS A 62 -29.65 -10.64 -15.44
N VAL A 63 -29.64 -11.86 -15.98
CA VAL A 63 -28.63 -12.26 -16.96
C VAL A 63 -28.76 -11.45 -18.23
N PHE A 64 -30.00 -11.27 -18.70
CA PHE A 64 -30.26 -10.53 -19.93
C PHE A 64 -29.85 -9.06 -19.80
N SER A 65 -30.17 -8.45 -18.65
CA SER A 65 -29.77 -7.06 -18.44
C SER A 65 -28.25 -6.94 -18.26
N ALA A 66 -27.63 -7.94 -17.62
CA ALA A 66 -26.18 -7.93 -17.44
C ALA A 66 -25.48 -8.04 -18.80
N HIS A 67 -26.10 -8.79 -19.72
CA HIS A 67 -25.56 -8.91 -21.07
C HIS A 67 -25.60 -7.55 -21.76
N PHE A 68 -26.67 -6.79 -21.55
CA PHE A 68 -26.74 -5.46 -22.14
C PHE A 68 -25.66 -4.55 -21.56
N GLY A 69 -25.41 -4.66 -20.24
CA GLY A 69 -24.36 -3.86 -19.64
C GLY A 69 -22.98 -4.20 -20.19
N GLN A 70 -22.75 -5.50 -20.43
CA GLN A 70 -21.49 -5.94 -21.01
C GLN A 70 -21.32 -5.42 -22.43
N LEU A 71 -22.40 -5.45 -23.21
CA LEU A 71 -22.32 -4.95 -24.58
C LEU A 71 -22.07 -3.44 -24.58
N GLY A 72 -22.62 -2.74 -23.58
CA GLY A 72 -22.37 -1.30 -23.49
C GLY A 72 -20.91 -1.03 -23.17
N ILE A 73 -20.31 -1.84 -22.29
CA ILE A 73 -18.90 -1.68 -21.95
C ILE A 73 -18.03 -1.95 -23.18
N ILE A 74 -18.39 -2.99 -23.95
CA ILE A 74 -17.64 -3.33 -25.16
C ILE A 74 -17.76 -2.21 -26.19
N PHE A 75 -18.95 -1.61 -26.32
CA PHE A 75 -19.12 -0.52 -27.26
C PHE A 75 -18.32 0.70 -26.84
N ILE A 76 -18.22 0.95 -25.52
CA ILE A 76 -17.43 2.07 -25.04
C ILE A 76 -15.95 1.84 -25.36
N TRP A 77 -15.49 0.60 -25.17
CA TRP A 77 -14.10 0.24 -25.47
C TRP A 77 -13.79 0.39 -26.95
N LEU A 78 -14.70 -0.08 -27.82
CA LEU A 78 -14.50 0.05 -29.26
C LEU A 78 -14.51 1.51 -29.70
N SER A 79 -15.43 2.30 -29.11
CA SER A 79 -15.51 3.71 -29.43
C SER A 79 -14.22 4.40 -29.01
N GLY A 80 -13.65 3.97 -27.88
CA GLY A 80 -12.39 4.54 -27.44
C GLY A 80 -11.25 4.21 -28.37
N MET A 81 -11.25 3.00 -28.91
CA MET A 81 -10.20 2.62 -29.86
C MET A 81 -10.29 3.44 -31.13
N TYR A 82 -11.52 3.66 -31.62
CA TYR A 82 -11.70 4.47 -32.82
C TYR A 82 -11.34 5.93 -32.55
N PHE A 83 -11.69 6.44 -31.37
CA PHE A 83 -11.35 7.81 -31.02
C PHE A 83 -9.85 8.00 -30.91
N HIS A 84 -9.14 7.03 -30.33
CA HIS A 84 -7.70 7.12 -30.21
C HIS A 84 -7.05 7.04 -31.58
N GLY A 85 -7.62 6.24 -32.48
CA GLY A 85 -7.09 6.16 -33.81
C GLY A 85 -7.38 7.40 -34.64
N ALA A 86 -8.40 8.16 -34.24
CA ALA A 86 -8.77 9.38 -34.95
C ALA A 86 -8.14 10.66 -34.39
N ARG A 87 -7.70 10.66 -33.13
CA ARG A 87 -7.15 11.90 -32.57
C ARG A 87 -5.74 11.79 -32.03
N PHE A 88 -5.31 10.62 -31.59
CA PHE A 88 -3.96 10.43 -31.05
C PHE A 88 -3.23 9.32 -31.76
N SER A 89 -3.28 9.30 -33.09
CA SER A 89 -2.62 8.26 -33.86
C SER A 89 -1.96 8.85 -35.09
N ASN A 90 -1.32 7.98 -35.87
CA ASN A 90 -0.64 8.33 -37.11
C ASN A 90 -1.14 7.44 -38.24
N TYR A 91 -2.44 7.14 -38.22
CA TYR A 91 -3.05 6.27 -39.23
C TYR A 91 -2.98 6.89 -40.63
N GLU A 92 -3.24 8.19 -40.73
CA GLU A 92 -3.19 8.85 -42.04
C GLU A 92 -1.79 8.82 -42.62
N ALA A 93 -0.77 9.01 -41.78
CA ALA A 93 0.60 8.95 -42.26
C ALA A 93 0.99 7.51 -42.56
N TRP A 94 0.50 6.57 -41.76
CA TRP A 94 0.79 5.15 -41.95
C TRP A 94 0.19 4.62 -43.25
N LEU A 95 -0.90 5.25 -43.72
CA LEU A 95 -1.53 4.79 -44.96
C LEU A 95 -0.61 5.00 -46.16
N SER A 96 0.15 6.09 -46.18
CA SER A 96 1.06 6.37 -47.29
C SER A 96 2.36 5.58 -47.21
N ASP A 97 2.64 4.94 -46.07
CA ASP A 97 3.85 4.14 -45.91
C ASP A 97 3.61 3.09 -44.82
N PRO A 98 2.85 2.04 -45.11
CA PRO A 98 2.59 1.03 -44.08
C PRO A 98 3.73 0.05 -43.85
N THR A 99 4.77 0.09 -44.69
CA THR A 99 5.90 -0.81 -44.55
C THR A 99 7.07 -0.20 -43.79
N HIS A 100 7.00 1.08 -43.43
CA HIS A 100 8.09 1.71 -42.71
C HIS A 100 7.63 2.40 -41.43
N ILE A 101 6.41 2.92 -41.43
CA ILE A 101 5.86 3.62 -40.28
C ILE A 101 5.24 2.63 -39.32
N LYS A 102 5.62 2.71 -38.05
CA LYS A 102 5.10 1.81 -37.03
C LYS A 102 3.75 2.32 -36.54
N PRO A 103 2.74 1.45 -36.43
CA PRO A 103 1.42 1.90 -35.96
C PRO A 103 1.47 2.34 -34.50
N SER A 104 0.85 3.48 -34.23
CA SER A 104 0.83 4.03 -32.88
C SER A 104 -0.50 4.74 -32.67
N ALA A 105 -1.13 4.51 -31.52
CA ALA A 105 -2.41 5.15 -31.22
C ALA A 105 -2.51 5.58 -29.76
N GLN A 106 -1.39 5.70 -29.05
CA GLN A 106 -1.40 6.11 -27.65
C GLN A 106 -0.24 7.07 -27.41
N VAL A 107 -0.55 8.23 -26.83
CA VAL A 107 0.42 9.27 -26.51
C VAL A 107 0.33 9.53 -25.02
N VAL A 108 1.48 9.74 -24.37
CA VAL A 108 1.52 10.00 -22.94
C VAL A 108 1.78 11.49 -22.72
N TRP A 109 1.31 11.97 -21.57
CA TRP A 109 1.50 13.36 -21.21
C TRP A 109 2.91 13.58 -20.69
N PRO A 110 3.50 14.75 -20.96
CA PRO A 110 4.87 15.01 -20.47
C PRO A 110 4.90 15.31 -18.97
N ILE A 111 4.91 14.24 -18.19
CA ILE A 111 4.94 14.32 -16.73
C ILE A 111 5.95 13.31 -16.21
N VAL A 112 6.60 13.65 -15.10
CA VAL A 112 7.63 12.91 -14.35
C VAL A 112 8.63 12.16 -15.22
N GLY A 113 8.92 12.70 -16.41
CA GLY A 113 9.87 12.07 -17.30
C GLY A 113 9.35 10.89 -18.09
N GLN A 114 8.03 10.71 -18.14
CA GLN A 114 7.46 9.58 -18.87
C GLN A 114 7.36 9.83 -20.38
N GLU A 115 7.65 11.05 -20.84
CA GLU A 115 7.58 11.39 -22.26
C GLU A 115 8.53 10.56 -23.12
N ILE A 116 9.49 9.85 -22.49
CA ILE A 116 10.39 8.98 -23.22
C ILE A 116 9.63 7.81 -23.84
N LEU A 117 8.44 7.50 -23.31
CA LEU A 117 7.64 6.41 -23.85
C LEU A 117 7.05 6.75 -25.21
N ASN A 118 7.01 8.04 -25.57
CA ASN A 118 6.50 8.48 -26.86
C ASN A 118 7.64 8.32 -27.86
N GLY A 119 7.83 7.09 -28.32
CA GLY A 119 8.90 6.80 -29.24
C GLY A 119 8.62 7.31 -30.64
N ASP A 120 9.69 7.33 -31.43
CA ASP A 120 9.66 7.79 -32.82
C ASP A 120 9.15 6.64 -33.68
N VAL A 121 7.82 6.58 -33.83
CA VAL A 121 7.18 5.53 -34.62
C VAL A 121 7.17 5.82 -36.11
N GLY A 122 7.55 7.02 -36.52
CA GLY A 122 7.56 7.39 -37.92
C GLY A 122 6.38 8.25 -38.30
N GLY A 123 6.50 8.87 -39.48
CA GLY A 123 5.45 9.75 -39.97
C GLY A 123 5.34 11.05 -39.22
N GLY A 124 6.42 11.51 -38.59
CA GLY A 124 6.40 12.75 -37.84
C GLY A 124 5.49 12.66 -36.63
N PHE A 125 5.43 11.49 -36.00
CA PHE A 125 4.58 11.23 -34.86
C PHE A 125 5.37 10.56 -33.76
N GLN A 126 5.00 10.85 -32.52
CA GLN A 126 5.64 10.28 -31.34
C GLN A 126 4.57 9.62 -30.49
N GLY A 127 4.78 8.34 -30.19
CA GLY A 127 3.80 7.63 -29.38
C GLY A 127 4.25 6.22 -29.08
N ILE A 128 3.30 5.45 -28.55
CA ILE A 128 3.52 4.06 -28.17
C ILE A 128 3.09 3.17 -29.32
N GLN A 129 3.98 2.27 -29.74
CA GLN A 129 3.68 1.35 -30.83
C GLN A 129 2.63 0.34 -30.37
N ILE A 130 1.48 0.37 -31.01
CA ILE A 130 0.39 -0.53 -30.66
C ILE A 130 0.53 -1.83 -31.44
N THR A 131 0.02 -2.91 -30.86
CA THR A 131 0.08 -4.23 -31.47
C THR A 131 -1.30 -4.86 -31.63
N SER A 132 -2.37 -4.08 -31.45
CA SER A 132 -3.72 -4.61 -31.59
C SER A 132 -4.12 -4.84 -33.04
N GLY A 133 -3.43 -4.24 -33.99
CA GLY A 133 -3.76 -4.42 -35.39
C GLY A 133 -4.93 -3.64 -35.89
N PHE A 134 -5.31 -2.56 -35.21
CA PHE A 134 -6.45 -1.77 -35.66
C PHE A 134 -6.16 -1.04 -36.96
N PHE A 135 -4.89 -0.68 -37.22
CA PHE A 135 -4.53 0.02 -38.44
C PHE A 135 -4.81 -0.86 -39.66
N GLN A 136 -4.41 -2.13 -39.59
CA GLN A 136 -4.62 -3.07 -40.68
C GLN A 136 -6.12 -3.33 -40.90
N LEU A 137 -6.87 -3.44 -39.81
CA LEU A 137 -8.32 -3.66 -39.91
C LEU A 137 -9.00 -2.46 -40.54
N TRP A 138 -8.60 -1.24 -40.15
CA TRP A 138 -9.20 -0.04 -40.72
C TRP A 138 -8.82 0.11 -42.19
N ARG A 139 -7.60 -0.31 -42.54
CA ARG A 139 -7.19 -0.24 -43.94
C ARG A 139 -7.96 -1.24 -44.77
N ALA A 140 -8.29 -2.40 -44.17
CA ALA A 140 -9.06 -3.41 -44.88
C ALA A 140 -10.50 -2.97 -45.09
N SER A 141 -11.03 -2.15 -44.19
CA SER A 141 -12.40 -1.68 -44.30
C SER A 141 -12.55 -0.51 -45.25
N GLY A 142 -11.44 0.07 -45.71
CA GLY A 142 -11.48 1.20 -46.62
C GLY A 142 -11.42 2.55 -45.95
N ILE A 143 -11.09 2.61 -44.66
CA ILE A 143 -11.02 3.89 -43.95
C ILE A 143 -9.73 4.61 -44.35
N THR A 144 -9.88 5.85 -44.83
CA THR A 144 -8.74 6.64 -45.26
C THR A 144 -8.55 7.94 -44.51
N SER A 145 -9.48 8.35 -43.66
CA SER A 145 -9.34 9.61 -42.94
C SER A 145 -9.75 9.45 -41.49
N GLU A 146 -9.29 10.40 -40.67
CA GLU A 146 -9.60 10.40 -39.24
C GLU A 146 -11.06 10.76 -38.98
N LEU A 147 -11.71 11.43 -39.93
CA LEU A 147 -13.11 11.81 -39.76
C LEU A 147 -14.00 10.56 -39.69
N GLN A 148 -13.69 9.54 -40.51
CA GLN A 148 -14.45 8.31 -40.49
C GLN A 148 -14.30 7.58 -39.15
N LEU A 149 -13.07 7.57 -38.61
CA LEU A 149 -12.85 6.93 -37.31
C LEU A 149 -13.54 7.70 -36.20
N TYR A 150 -13.56 9.03 -36.29
CA TYR A 150 -14.23 9.85 -35.28
C TYR A 150 -15.73 9.62 -35.33
N THR A 151 -16.29 9.51 -36.54
CA THR A 151 -17.72 9.24 -36.69
C THR A 151 -18.06 7.87 -36.14
N THR A 152 -17.17 6.90 -36.35
CA THR A 152 -17.39 5.56 -35.82
C THR A 152 -17.32 5.57 -34.30
N ALA A 153 -16.45 6.40 -33.72
CA ALA A 153 -16.37 6.51 -32.27
C ALA A 153 -17.65 7.10 -31.69
N ILE A 154 -18.19 8.12 -32.35
CA ILE A 154 -19.44 8.73 -31.89
C ILE A 154 -20.58 7.73 -32.00
N GLY A 155 -20.60 6.96 -33.10
CA GLY A 155 -21.62 5.93 -33.26
C GLY A 155 -21.50 4.85 -32.21
N GLY A 156 -20.26 4.53 -31.83
CA GLY A 156 -20.05 3.54 -30.79
C GLY A 156 -20.56 4.02 -29.44
N LEU A 157 -20.38 5.32 -29.17
CA LEU A 157 -20.89 5.88 -27.92
C LEU A 157 -22.41 5.86 -27.92
N VAL A 158 -23.03 6.14 -29.07
CA VAL A 158 -24.48 6.10 -29.19
C VAL A 158 -24.98 4.67 -28.97
N MET A 159 -24.28 3.69 -29.54
CA MET A 159 -24.66 2.30 -29.38
C MET A 159 -24.50 1.86 -27.92
N ALA A 160 -23.48 2.38 -27.24
CA ALA A 160 -23.29 2.05 -25.82
C ALA A 160 -24.43 2.60 -24.99
N ALA A 161 -24.86 3.83 -25.31
CA ALA A 161 -25.99 4.43 -24.59
C ALA A 161 -27.25 3.62 -24.85
N ALA A 162 -27.43 3.13 -26.08
CA ALA A 162 -28.59 2.32 -26.41
C ALA A 162 -28.55 0.98 -25.66
N MET A 163 -27.36 0.39 -25.52
CA MET A 163 -27.24 -0.88 -24.79
C MET A 163 -27.59 -0.71 -23.32
N PHE A 164 -27.10 0.37 -22.71
CA PHE A 164 -27.41 0.61 -21.30
C PHE A 164 -28.89 0.91 -21.11
N PHE A 165 -29.48 1.67 -22.05
CA PHE A 165 -30.91 1.96 -21.97
C PHE A 165 -31.71 0.68 -22.14
N ALA A 166 -31.26 -0.22 -23.01
CA ALA A 166 -31.95 -1.49 -23.22
C ALA A 166 -31.90 -2.34 -21.98
N GLY A 167 -30.76 -2.37 -21.29
CA GLY A 167 -30.67 -3.16 -20.07
C GLY A 167 -31.58 -2.61 -18.99
N TRP A 168 -31.61 -1.28 -18.83
CA TRP A 168 -32.48 -0.68 -17.82
C TRP A 168 -33.95 -0.91 -18.18
N PHE A 169 -34.30 -0.72 -19.45
CA PHE A 169 -35.67 -0.90 -19.91
C PHE A 169 -36.13 -2.34 -19.75
N HIS A 170 -35.23 -3.30 -19.98
CA HIS A 170 -35.60 -4.70 -19.85
C HIS A 170 -35.53 -5.20 -18.43
N TYR A 171 -34.96 -4.44 -17.50
CA TYR A 171 -34.99 -4.90 -16.13
C TYR A 171 -36.02 -4.19 -15.27
N HIS A 172 -36.29 -2.91 -15.54
CA HIS A 172 -37.22 -2.12 -14.75
C HIS A 172 -38.53 -1.80 -15.42
N LYS A 173 -38.59 -1.72 -16.75
CA LYS A 173 -39.84 -1.35 -17.43
C LYS A 173 -40.54 -2.53 -18.10
N ALA A 174 -39.85 -3.23 -19.00
CA ALA A 174 -40.43 -4.35 -19.74
C ALA A 174 -39.54 -5.57 -19.58
N ALA A 175 -39.80 -6.39 -18.57
CA ALA A 175 -38.97 -7.56 -18.33
C ALA A 175 -39.56 -8.81 -18.97
N PRO A 176 -38.80 -9.55 -19.78
CA PRO A 176 -39.35 -10.75 -20.42
C PRO A 176 -39.65 -11.85 -19.40
N LYS A 177 -40.63 -12.68 -19.74
CA LYS A 177 -41.03 -13.77 -18.88
C LYS A 177 -40.12 -14.97 -19.09
N LEU A 178 -40.30 -15.98 -18.23
CA LEU A 178 -39.47 -17.19 -18.31
C LEU A 178 -39.73 -17.98 -19.59
N GLU A 179 -40.98 -18.01 -20.05
CA GLU A 179 -41.31 -18.74 -21.27
C GLU A 179 -40.67 -18.10 -22.49
N TRP A 180 -40.36 -16.80 -22.42
CA TRP A 180 -39.72 -16.12 -23.54
C TRP A 180 -38.26 -16.55 -23.66
N PHE A 181 -37.58 -16.74 -22.52
CA PHE A 181 -36.18 -17.16 -22.55
C PHE A 181 -36.04 -18.62 -22.95
N GLN A 182 -37.06 -19.44 -22.72
CA GLN A 182 -37.02 -20.85 -23.03
C GLN A 182 -37.33 -21.17 -24.48
N ASN A 183 -37.43 -20.18 -25.36
CA ASN A 183 -37.70 -20.42 -26.78
C ASN A 183 -36.37 -20.63 -27.50
N VAL A 184 -35.77 -21.79 -27.24
CA VAL A 184 -34.47 -22.14 -27.82
C VAL A 184 -34.57 -22.32 -29.33
N GLU A 185 -35.69 -22.85 -29.83
CA GLU A 185 -35.86 -23.04 -31.26
C GLU A 185 -35.89 -21.70 -32.00
N SER A 186 -36.72 -20.78 -31.51
CA SER A 186 -36.82 -19.45 -32.10
C SER A 186 -35.52 -18.69 -31.97
N MET A 187 -34.88 -18.78 -30.81
CA MET A 187 -33.62 -18.09 -30.57
C MET A 187 -32.53 -18.60 -31.49
N LEU A 188 -32.47 -19.92 -31.67
CA LEU A 188 -31.45 -20.49 -32.57
C LEU A 188 -31.72 -20.12 -34.01
N ASN A 189 -33.01 -20.09 -34.41
CA ASN A 189 -33.36 -19.70 -35.77
C ASN A 189 -32.92 -18.27 -36.05
N HIS A 190 -33.19 -17.37 -35.10
CA HIS A 190 -32.82 -15.97 -35.28
C HIS A 190 -31.32 -15.78 -35.26
N HIS A 191 -30.62 -16.42 -34.31
CA HIS A 191 -29.18 -16.27 -34.21
C HIS A 191 -28.46 -16.83 -35.43
N LEU A 192 -28.98 -17.93 -35.99
CA LEU A 192 -28.36 -18.49 -37.18
C LEU A 192 -28.66 -17.64 -38.40
N GLY A 193 -29.94 -17.44 -38.71
CA GLY A 193 -30.29 -16.64 -39.86
C GLY A 193 -30.02 -15.17 -39.68
N GLY A 194 -30.82 -14.47 -38.87
CA GLY A 194 -30.68 -13.05 -38.65
C GLY A 194 -29.32 -12.55 -38.25
N LEU A 195 -28.87 -12.82 -37.02
CA LEU A 195 -27.57 -12.33 -36.56
C LEU A 195 -26.39 -12.71 -37.44
N LEU A 196 -26.05 -14.00 -37.50
CA LEU A 196 -24.90 -14.44 -38.28
C LEU A 196 -25.07 -14.22 -39.78
N GLY A 197 -26.17 -14.73 -40.37
CA GLY A 197 -26.35 -14.60 -41.80
C GLY A 197 -26.50 -13.17 -42.28
N LEU A 198 -27.34 -12.37 -41.60
CA LEU A 198 -27.51 -10.99 -42.03
C LEU A 198 -26.25 -10.17 -41.76
N GLY A 199 -25.50 -10.49 -40.70
CA GLY A 199 -24.26 -9.77 -40.47
C GLY A 199 -23.24 -10.07 -41.55
N SER A 200 -23.16 -11.34 -41.96
CA SER A 200 -22.23 -11.72 -43.02
C SER A 200 -22.65 -11.09 -44.35
N LEU A 201 -23.96 -11.03 -44.62
CA LEU A 201 -24.45 -10.43 -45.85
C LEU A 201 -24.17 -8.93 -45.87
N ALA A 202 -24.40 -8.25 -44.75
CA ALA A 202 -24.14 -6.82 -44.67
C ALA A 202 -22.65 -6.52 -44.80
N TRP A 203 -21.80 -7.34 -44.17
CA TRP A 203 -20.37 -7.12 -44.30
C TRP A 203 -19.91 -7.43 -45.71
N ALA A 204 -20.55 -8.39 -46.37
CA ALA A 204 -20.20 -8.69 -47.75
C ALA A 204 -20.57 -7.53 -48.64
N GLY A 205 -21.70 -6.87 -48.35
CA GLY A 205 -22.10 -5.70 -49.11
C GLY A 205 -21.12 -4.56 -48.93
N HIS A 206 -20.66 -4.35 -47.69
CA HIS A 206 -19.67 -3.29 -47.44
C HIS A 206 -18.36 -3.60 -48.14
N GLN A 207 -17.93 -4.86 -48.10
CA GLN A 207 -16.68 -5.25 -48.75
C GLN A 207 -16.76 -5.07 -50.25
N ILE A 208 -17.89 -5.46 -50.84
CA ILE A 208 -18.09 -5.35 -52.28
C ILE A 208 -18.15 -3.88 -52.70
N HIS A 209 -18.79 -3.03 -51.90
CA HIS A 209 -18.95 -1.63 -52.26
C HIS A 209 -17.93 -0.67 -51.68
N VAL A 210 -17.21 -1.02 -50.62
CA VAL A 210 -16.26 -0.05 -50.07
C VAL A 210 -14.85 -0.60 -49.98
N SER A 211 -14.69 -1.75 -49.31
CA SER A 211 -13.36 -2.34 -49.10
C SER A 211 -12.67 -2.70 -50.42
N LEU A 212 -13.38 -3.37 -51.33
CA LEU A 212 -12.77 -3.78 -52.59
C LEU A 212 -12.30 -2.61 -53.47
N PRO A 213 -13.11 -1.59 -53.79
CA PRO A 213 -12.58 -0.52 -54.65
C PRO A 213 -11.52 0.35 -53.98
N VAL A 214 -11.72 0.72 -52.71
CA VAL A 214 -10.75 1.55 -52.01
C VAL A 214 -9.42 0.82 -51.87
N ASN A 215 -9.47 -0.46 -51.49
CA ASN A 215 -8.24 -1.22 -51.34
C ASN A 215 -7.60 -1.52 -52.70
N LYS A 216 -8.41 -1.65 -53.76
CA LYS A 216 -7.83 -1.87 -55.08
C LYS A 216 -7.06 -0.64 -55.53
N LEU A 217 -7.61 0.55 -55.28
CA LEU A 217 -6.91 1.78 -55.63
C LEU A 217 -5.69 1.98 -54.74
N LEU A 218 -5.78 1.57 -53.46
CA LEU A 218 -4.66 1.69 -52.55
C LEU A 218 -3.50 0.81 -52.99
N ASP A 219 -3.81 -0.43 -53.41
CA ASP A 219 -2.78 -1.34 -53.86
C ASP A 219 -2.24 -0.92 -55.22
N ALA A 220 -3.03 -0.19 -56.00
CA ALA A 220 -2.57 0.29 -57.30
C ALA A 220 -1.62 1.47 -57.18
N GLY A 221 -1.46 2.03 -55.99
CA GLY A 221 -0.57 3.16 -55.78
C GLY A 221 -1.24 4.51 -55.69
N VAL A 222 -2.58 4.57 -55.72
CA VAL A 222 -3.29 5.84 -55.65
C VAL A 222 -3.24 6.39 -54.23
N ASP A 223 -3.04 7.70 -54.12
CA ASP A 223 -3.01 8.35 -52.83
C ASP A 223 -4.39 8.28 -52.17
N PRO A 224 -4.46 8.14 -50.85
CA PRO A 224 -5.77 8.05 -50.18
C PRO A 224 -6.64 9.28 -50.37
N LYS A 225 -6.05 10.46 -50.55
CA LYS A 225 -6.84 11.66 -50.76
C LYS A 225 -7.50 11.64 -52.14
N GLU A 226 -6.81 11.08 -53.14
CA GLU A 226 -7.34 11.02 -54.49
C GLU A 226 -8.37 9.90 -54.69
N ILE A 227 -8.43 8.94 -53.77
CA ILE A 227 -9.38 7.83 -53.89
C ILE A 227 -10.79 8.36 -53.62
N PRO A 228 -11.78 8.02 -54.44
CA PRO A 228 -13.14 8.52 -54.22
C PRO A 228 -13.72 8.02 -52.89
N LEU A 229 -14.60 8.84 -52.33
CA LEU A 229 -15.24 8.50 -51.07
C LEU A 229 -16.16 7.30 -51.25
N PRO A 230 -16.42 6.53 -50.17
CA PRO A 230 -17.29 5.35 -50.30
C PRO A 230 -18.68 5.66 -50.83
N HIS A 231 -19.25 6.80 -50.45
CA HIS A 231 -20.57 7.15 -50.95
C HIS A 231 -20.51 7.48 -52.43
N ASP A 232 -19.38 8.02 -52.90
CA ASP A 232 -19.25 8.30 -54.32
C ASP A 232 -19.20 7.00 -55.10
N LEU A 233 -18.55 5.98 -54.54
CA LEU A 233 -18.48 4.67 -55.17
C LEU A 233 -19.85 4.00 -55.16
N LEU A 234 -20.63 4.24 -54.11
CA LEU A 234 -21.96 3.68 -53.94
C LEU A 234 -23.05 4.46 -54.68
N LEU A 235 -22.74 5.67 -55.17
CA LEU A 235 -23.73 6.50 -55.86
C LEU A 235 -23.75 6.33 -57.37
N ASN A 236 -22.62 6.19 -58.03
CA ASN A 236 -22.61 6.04 -59.48
C ASN A 236 -22.02 4.69 -59.89
N ARG A 237 -22.53 4.18 -61.00
CA ARG A 237 -22.09 2.89 -61.55
C ARG A 237 -20.90 3.02 -62.47
N ALA A 238 -20.51 4.24 -62.86
CA ALA A 238 -19.39 4.42 -63.76
C ALA A 238 -18.05 4.07 -63.10
N ILE A 239 -17.82 4.57 -61.89
CA ILE A 239 -16.56 4.29 -61.19
C ILE A 239 -16.43 2.80 -60.88
N MET A 240 -17.51 2.20 -60.37
CA MET A 240 -17.47 0.77 -60.05
C MET A 240 -17.34 -0.05 -61.33
N ALA A 241 -17.98 0.40 -62.42
CA ALA A 241 -17.89 -0.31 -63.69
C ALA A 241 -16.48 -0.25 -64.24
N ASP A 242 -15.78 0.87 -64.03
CA ASP A 242 -14.41 0.99 -64.49
C ASP A 242 -13.50 0.09 -63.66
N LEU A 243 -13.73 0.04 -62.34
CA LEU A 243 -12.91 -0.83 -61.49
C LEU A 243 -13.31 -2.30 -61.63
N TYR A 244 -14.60 -2.57 -61.80
CA TYR A 244 -15.11 -3.92 -61.96
C TYR A 244 -16.12 -3.92 -63.10
N PRO A 245 -15.77 -4.46 -64.27
CA PRO A 245 -16.71 -4.44 -65.42
C PRO A 245 -18.06 -5.11 -65.17
N SER A 246 -18.13 -6.11 -64.29
CA SER A 246 -19.41 -6.78 -64.01
C SER A 246 -20.44 -5.84 -63.41
N PHE A 247 -19.99 -4.74 -62.81
CA PHE A 247 -20.91 -3.78 -62.23
C PHE A 247 -21.69 -3.05 -63.32
N ALA A 248 -21.24 -3.12 -64.58
CA ALA A 248 -21.96 -2.46 -65.67
C ALA A 248 -23.30 -3.14 -65.94
N LYS A 249 -23.44 -4.40 -65.56
CA LYS A 249 -24.68 -5.15 -65.76
C LYS A 249 -25.63 -5.06 -64.58
N GLY A 250 -25.23 -4.37 -63.50
CA GLY A 250 -26.09 -4.23 -62.34
C GLY A 250 -26.29 -5.52 -61.59
N ILE A 251 -27.46 -5.64 -60.96
CA ILE A 251 -27.80 -6.84 -60.19
C ILE A 251 -28.53 -7.83 -61.07
N ALA A 252 -28.57 -7.56 -62.38
CA ALA A 252 -29.23 -8.47 -63.31
C ALA A 252 -28.59 -9.86 -63.38
N PRO A 253 -27.25 -10.02 -63.41
CA PRO A 253 -26.71 -11.40 -63.44
C PRO A 253 -27.01 -12.20 -62.17
N PHE A 254 -27.30 -11.54 -61.06
CA PHE A 254 -27.61 -12.26 -59.83
C PHE A 254 -28.99 -12.91 -59.91
N PHE A 255 -29.95 -12.22 -60.51
CA PHE A 255 -31.31 -12.75 -60.62
C PHE A 255 -31.49 -13.69 -61.81
N THR A 256 -30.66 -13.56 -62.85
CA THR A 256 -30.76 -14.42 -64.02
C THR A 256 -29.87 -15.65 -63.89
N LEU A 257 -29.32 -15.90 -62.71
CA LEU A 257 -28.43 -17.03 -62.41
C LEU A 257 -27.19 -17.02 -63.30
N ASN A 258 -26.62 -15.84 -63.47
CA ASN A 258 -25.40 -15.62 -64.24
C ASN A 258 -24.31 -15.14 -63.29
N TRP A 259 -24.20 -15.85 -62.16
CA TRP A 259 -23.24 -15.51 -61.11
C TRP A 259 -21.80 -15.49 -61.61
N SER A 260 -21.49 -16.30 -62.63
CA SER A 260 -20.13 -16.34 -63.19
C SER A 260 -19.68 -14.99 -63.73
N GLU A 261 -20.62 -14.09 -64.04
CA GLU A 261 -20.26 -12.76 -64.52
C GLU A 261 -19.59 -11.95 -63.43
N TYR A 262 -19.94 -12.20 -62.16
CA TYR A 262 -19.36 -11.48 -61.02
C TYR A 262 -18.00 -12.02 -60.60
N SER A 263 -17.30 -12.75 -61.48
CA SER A 263 -16.00 -13.32 -61.16
C SER A 263 -14.90 -12.28 -61.00
N ASP A 264 -15.15 -11.01 -61.34
CA ASP A 264 -14.10 -10.01 -61.18
C ASP A 264 -13.93 -9.59 -59.72
N PHE A 265 -15.00 -9.63 -58.91
CA PHE A 265 -14.89 -9.25 -57.50
C PHE A 265 -15.24 -10.39 -56.56
N LEU A 266 -15.55 -11.58 -57.08
CA LEU A 266 -15.87 -12.76 -56.27
C LEU A 266 -15.00 -13.87 -56.88
N THR A 267 -13.83 -14.08 -56.30
CA THR A 267 -12.89 -15.05 -56.84
C THR A 267 -12.55 -16.13 -55.82
N PHE A 268 -11.68 -17.04 -56.29
CA PHE A 268 -11.06 -18.14 -55.56
C PHE A 268 -9.57 -18.13 -55.79
N LYS A 269 -8.99 -16.95 -55.63
CA LYS A 269 -7.56 -16.80 -55.84
C LYS A 269 -6.74 -17.60 -54.85
N GLY A 270 -7.06 -17.51 -53.56
CA GLY A 270 -6.28 -18.22 -52.58
C GLY A 270 -4.94 -17.52 -52.41
N GLY A 271 -4.06 -18.16 -51.63
CA GLY A 271 -2.74 -17.59 -51.40
C GLY A 271 -2.82 -16.27 -50.66
N LEU A 272 -2.02 -15.30 -51.12
CA LEU A 272 -1.99 -13.98 -50.51
C LEU A 272 -1.76 -12.93 -51.58
N ASN A 273 -2.10 -11.69 -51.24
CA ASN A 273 -1.89 -10.57 -52.13
C ASN A 273 -0.41 -10.23 -52.15
N PRO A 274 0.25 -10.26 -53.32
CA PRO A 274 1.70 -9.96 -53.34
C PRO A 274 2.04 -8.52 -53.01
N VAL A 275 1.07 -7.60 -53.06
CA VAL A 275 1.35 -6.21 -52.76
C VAL A 275 1.25 -5.93 -51.27
N THR A 276 0.19 -6.42 -50.63
CA THR A 276 -0.04 -6.19 -49.22
C THR A 276 0.34 -7.35 -48.30
N GLY A 277 0.44 -8.56 -48.82
CA GLY A 277 0.77 -9.70 -47.99
C GLY A 277 -0.42 -10.35 -47.32
N GLY A 278 -1.62 -9.79 -47.48
CA GLY A 278 -2.81 -10.34 -46.89
C GLY A 278 -3.67 -11.10 -47.89
N LEU A 279 -4.79 -11.61 -47.39
CA LEU A 279 -5.70 -12.36 -48.23
C LEU A 279 -6.37 -11.42 -49.24
N TRP A 280 -6.77 -11.99 -50.37
CA TRP A 280 -7.46 -11.20 -51.38
C TRP A 280 -8.82 -10.80 -50.84
N LEU A 281 -9.14 -9.50 -50.94
CA LEU A 281 -10.43 -9.05 -50.42
C LEU A 281 -11.58 -9.56 -51.26
N SER A 282 -11.34 -9.91 -52.52
CA SER A 282 -12.41 -10.49 -53.33
C SER A 282 -12.77 -11.87 -52.77
N ASP A 283 -11.76 -12.60 -52.30
CA ASP A 283 -11.98 -13.90 -51.69
C ASP A 283 -12.74 -13.75 -50.38
N THR A 284 -12.41 -12.73 -49.59
CA THR A 284 -13.11 -12.52 -48.32
C THR A 284 -14.55 -12.10 -48.56
N ALA A 285 -14.79 -11.28 -49.57
CA ALA A 285 -16.15 -10.85 -49.90
C ALA A 285 -16.99 -12.04 -50.35
N HIS A 286 -16.41 -12.87 -51.21
CA HIS A 286 -17.11 -14.06 -51.68
C HIS A 286 -17.34 -15.03 -50.53
N HIS A 287 -16.37 -15.08 -49.61
CA HIS A 287 -16.48 -15.92 -48.42
C HIS A 287 -17.66 -15.50 -47.57
N HIS A 288 -17.78 -14.20 -47.33
CA HIS A 288 -18.89 -13.69 -46.53
C HIS A 288 -20.22 -13.90 -47.24
N VAL A 289 -20.23 -13.84 -48.56
CA VAL A 289 -21.47 -14.09 -49.30
C VAL A 289 -21.92 -15.54 -49.10
N ALA A 290 -20.98 -16.47 -49.25
CA ALA A 290 -21.30 -17.89 -49.07
C ALA A 290 -21.69 -18.18 -47.62
N ILE A 291 -21.01 -17.54 -46.67
CA ILE A 291 -21.32 -17.73 -45.25
C ILE A 291 -22.71 -17.20 -44.95
N ALA A 292 -23.07 -16.06 -45.54
CA ALA A 292 -24.40 -15.48 -45.32
C ALA A 292 -25.49 -16.39 -45.86
N VAL A 293 -25.28 -16.95 -47.06
CA VAL A 293 -26.29 -17.84 -47.63
C VAL A 293 -26.42 -19.11 -46.79
N LEU A 294 -25.29 -19.68 -46.38
CA LEU A 294 -25.30 -20.91 -45.58
C LEU A 294 -25.98 -20.69 -44.22
N PHE A 295 -25.68 -19.57 -43.56
CA PHE A 295 -26.29 -19.30 -42.25
C PHE A 295 -27.76 -18.95 -42.40
N LEU A 296 -28.13 -18.29 -43.50
CA LEU A 296 -29.54 -17.98 -43.71
C LEU A 296 -30.32 -19.26 -43.93
N VAL A 297 -29.71 -20.23 -44.62
CA VAL A 297 -30.38 -21.51 -44.81
C VAL A 297 -30.48 -22.23 -43.47
N ALA A 298 -29.40 -22.22 -42.68
CA ALA A 298 -29.40 -22.87 -41.37
C ALA A 298 -30.40 -22.25 -40.40
N GLY A 299 -30.78 -20.99 -40.61
CA GLY A 299 -31.73 -20.33 -39.73
C GLY A 299 -33.19 -20.68 -39.96
N HIS A 300 -33.49 -21.65 -40.81
CA HIS A 300 -34.86 -22.09 -41.10
C HIS A 300 -35.02 -23.57 -40.82
N MET A 301 -34.38 -24.06 -39.76
CA MET A 301 -34.43 -25.47 -39.41
C MET A 301 -35.36 -25.80 -38.25
N TYR A 302 -35.46 -24.94 -37.24
CA TYR A 302 -36.28 -25.22 -36.08
C TYR A 302 -37.72 -24.74 -36.21
N ARG A 303 -38.62 -25.45 -35.53
CA ARG A 303 -40.05 -25.17 -35.55
C ARG A 303 -40.37 -24.08 -34.53
N THR A 304 -41.06 -23.03 -34.99
CA THR A 304 -41.41 -21.93 -34.09
C THR A 304 -42.92 -21.76 -33.90
N ASN A 305 -43.66 -21.44 -34.96
CA ASN A 305 -45.09 -21.24 -34.85
C ASN A 305 -45.88 -21.90 -35.96
N TRP A 306 -45.22 -22.56 -36.89
CA TRP A 306 -45.88 -23.23 -37.99
C TRP A 306 -45.49 -24.70 -37.95
N GLY A 307 -46.10 -25.49 -38.83
CA GLY A 307 -45.82 -26.92 -38.85
C GLY A 307 -44.40 -27.25 -39.27
N ILE A 308 -43.86 -26.49 -40.23
CA ILE A 308 -42.51 -26.75 -40.71
C ILE A 308 -41.48 -26.41 -39.63
N GLY A 309 -40.35 -27.09 -39.69
CA GLY A 309 -39.27 -26.89 -38.74
C GLY A 309 -39.02 -28.14 -37.92
N HIS A 310 -38.00 -28.05 -37.07
CA HIS A 310 -37.61 -29.15 -36.21
C HIS A 310 -37.79 -28.82 -34.74
N SER A 311 -38.05 -29.86 -33.97
CA SER A 311 -38.19 -29.79 -32.52
C SER A 311 -36.94 -30.46 -32.00
N MET A 312 -36.09 -29.69 -31.29
CA MET A 312 -34.85 -30.24 -30.77
C MET A 312 -35.09 -31.35 -29.76
N LYS A 313 -36.20 -31.30 -29.04
CA LYS A 313 -36.51 -32.36 -28.08
C LYS A 313 -36.76 -33.67 -28.80
N GLU A 314 -37.48 -33.62 -29.93
CA GLU A 314 -37.75 -34.82 -30.70
C GLU A 314 -36.48 -35.39 -31.31
N ILE A 315 -35.60 -34.51 -31.81
CA ILE A 315 -34.34 -34.95 -32.41
C ILE A 315 -33.47 -35.61 -31.36
N LEU A 316 -33.37 -35.01 -30.17
CA LEU A 316 -32.57 -35.59 -29.11
C LEU A 316 -33.14 -36.93 -28.64
N GLU A 317 -34.46 -37.03 -28.54
CA GLU A 317 -35.06 -38.29 -28.10
C GLU A 317 -34.96 -39.39 -29.15
N ALA A 318 -34.89 -39.03 -30.43
CA ALA A 318 -34.80 -40.04 -31.47
C ALA A 318 -33.42 -40.68 -31.60
N HIS A 319 -32.39 -40.10 -30.98
CA HIS A 319 -31.03 -40.65 -31.07
C HIS A 319 -30.77 -41.54 -29.86
N ARG A 320 -30.93 -42.85 -30.05
CA ARG A 320 -30.70 -43.79 -28.97
C ARG A 320 -30.19 -45.10 -29.55
N GLY A 321 -29.02 -45.54 -29.08
CA GLY A 321 -28.43 -46.76 -29.54
C GLY A 321 -28.45 -47.83 -28.46
N PRO A 322 -27.98 -49.03 -28.80
CA PRO A 322 -27.96 -50.13 -27.83
C PRO A 322 -26.85 -50.04 -26.81
N PHE A 323 -25.84 -49.19 -27.02
CA PHE A 323 -24.72 -49.06 -26.10
C PHE A 323 -24.85 -47.87 -25.16
N THR A 324 -25.91 -47.06 -25.27
CA THR A 324 -26.03 -45.89 -24.40
C THR A 324 -27.33 -45.81 -23.61
N GLY A 325 -28.10 -46.89 -23.53
CA GLY A 325 -29.33 -46.85 -22.76
C GLY A 325 -30.41 -45.95 -23.35
N GLU A 326 -30.88 -45.01 -22.53
CA GLU A 326 -31.94 -44.10 -22.98
C GLU A 326 -31.43 -43.11 -24.01
N GLY A 327 -30.28 -42.50 -23.76
CA GLY A 327 -29.74 -41.55 -24.71
C GLY A 327 -29.82 -40.11 -24.26
N HIS A 328 -30.30 -39.22 -25.14
CA HIS A 328 -30.40 -37.81 -24.86
C HIS A 328 -31.72 -37.42 -24.20
N VAL A 329 -32.38 -38.34 -23.52
CA VAL A 329 -33.62 -38.01 -22.83
C VAL A 329 -33.29 -37.12 -21.65
N GLY A 330 -34.04 -36.03 -21.51
CA GLY A 330 -33.81 -35.09 -20.43
C GLY A 330 -32.77 -34.03 -20.71
N LEU A 331 -32.07 -34.11 -21.84
CA LEU A 331 -31.07 -33.10 -22.16
C LEU A 331 -31.73 -31.78 -22.57
N TYR A 332 -32.88 -31.85 -23.23
CA TYR A 332 -33.60 -30.66 -23.62
C TYR A 332 -34.09 -29.89 -22.40
N GLU A 333 -34.56 -30.61 -21.39
CA GLU A 333 -35.02 -29.98 -20.16
C GLU A 333 -33.85 -29.41 -19.37
N ILE A 334 -32.69 -30.07 -19.45
CA ILE A 334 -31.50 -29.60 -18.74
C ILE A 334 -30.99 -28.30 -19.35
N LEU A 335 -30.93 -28.24 -20.68
CA LEU A 335 -30.42 -27.05 -21.34
C LEU A 335 -31.43 -25.91 -21.41
N THR A 336 -32.72 -26.17 -21.15
CA THR A 336 -33.73 -25.11 -21.17
C THR A 336 -34.08 -24.62 -19.79
N THR A 337 -33.47 -25.18 -18.74
CA THR A 337 -33.75 -24.77 -17.37
C THR A 337 -32.50 -24.45 -16.56
N SER A 338 -31.31 -24.78 -17.04
CA SER A 338 -30.07 -24.50 -16.32
C SER A 338 -29.20 -23.58 -17.14
N TRP A 339 -28.88 -22.41 -16.59
CA TRP A 339 -28.03 -21.46 -17.27
C TRP A 339 -26.56 -21.87 -17.20
N HIS A 340 -26.18 -22.62 -16.15
CA HIS A 340 -24.80 -23.05 -16.00
C HIS A 340 -24.41 -24.09 -17.04
N ALA A 341 -25.32 -24.99 -17.39
CA ALA A 341 -25.03 -25.99 -18.41
C ALA A 341 -24.81 -25.33 -19.77
N GLN A 342 -25.66 -24.35 -20.09
CA GLN A 342 -25.53 -23.62 -21.33
C GLN A 342 -24.23 -22.82 -21.33
N LEU A 343 -23.89 -22.23 -20.18
CA LEU A 343 -22.65 -21.47 -20.08
C LEU A 343 -21.43 -22.38 -20.25
N ALA A 344 -21.51 -23.60 -19.75
CA ALA A 344 -20.41 -24.54 -19.91
C ALA A 344 -20.20 -24.90 -21.37
N ILE A 345 -21.28 -25.25 -22.06
CA ILE A 345 -21.18 -25.61 -23.48
C ILE A 345 -20.68 -24.43 -24.32
N ASN A 346 -21.28 -23.25 -24.09
CA ASN A 346 -20.92 -22.06 -24.83
C ASN A 346 -19.48 -21.62 -24.56
N LEU A 347 -19.04 -21.71 -23.30
CA LEU A 347 -17.66 -21.33 -22.98
C LEU A 347 -16.66 -22.28 -23.61
N ALA A 348 -16.98 -23.59 -23.62
CA ALA A 348 -16.06 -24.56 -24.23
C ALA A 348 -15.91 -24.33 -25.72
N LEU A 349 -17.02 -24.22 -26.43
CA LEU A 349 -16.95 -24.00 -27.87
C LEU A 349 -16.38 -22.63 -28.20
N PHE A 350 -16.67 -21.64 -27.36
CA PHE A 350 -16.19 -20.28 -27.56
C PHE A 350 -14.67 -20.21 -27.40
N GLY A 351 -14.12 -20.89 -26.39
CA GLY A 351 -12.69 -20.90 -26.21
C GLY A 351 -11.99 -21.66 -27.32
N SER A 352 -12.58 -22.80 -27.74
CA SER A 352 -12.01 -23.57 -28.84
C SER A 352 -12.01 -22.74 -30.11
N LEU A 353 -13.07 -21.97 -30.33
CA LEU A 353 -13.17 -21.12 -31.51
C LEU A 353 -12.13 -20.02 -31.46
N SER A 354 -11.87 -19.45 -30.27
CA SER A 354 -10.85 -18.40 -30.16
C SER A 354 -9.47 -18.95 -30.52
N ILE A 355 -9.17 -20.17 -30.07
CA ILE A 355 -7.88 -20.78 -30.40
C ILE A 355 -7.79 -21.04 -31.90
N ILE A 356 -8.89 -21.51 -32.50
CA ILE A 356 -8.93 -21.76 -33.95
C ILE A 356 -8.72 -20.44 -34.70
N VAL A 357 -9.28 -19.35 -34.17
CA VAL A 357 -9.13 -18.02 -34.77
C VAL A 357 -7.66 -17.62 -34.75
N ALA A 358 -6.97 -17.85 -33.63
CA ALA A 358 -5.56 -17.49 -33.55
C ALA A 358 -4.73 -18.24 -34.59
N HIS A 359 -4.99 -19.54 -34.73
CA HIS A 359 -4.26 -20.34 -35.70
C HIS A 359 -4.53 -19.91 -37.14
N HIS A 360 -5.82 -19.74 -37.49
CA HIS A 360 -6.18 -19.34 -38.84
C HIS A 360 -5.72 -17.93 -39.16
N MET A 361 -5.65 -17.06 -38.15
CA MET A 361 -5.23 -15.69 -38.39
C MET A 361 -3.73 -15.60 -38.64
N TYR A 362 -2.91 -16.40 -37.94
CA TYR A 362 -1.49 -16.26 -38.29
C TYR A 362 -1.20 -16.96 -39.61
N ALA A 363 -1.84 -18.11 -39.85
CA ALA A 363 -1.56 -18.88 -41.05
C ALA A 363 -2.05 -18.20 -42.32
N MET A 364 -3.25 -17.64 -42.30
CA MET A 364 -3.83 -16.94 -43.45
C MET A 364 -4.10 -15.51 -43.02
N PRO A 365 -3.12 -14.61 -43.17
CA PRO A 365 -3.31 -13.21 -42.76
C PRO A 365 -4.37 -12.55 -43.61
N PRO A 366 -5.47 -12.11 -43.01
CA PRO A 366 -6.57 -11.51 -43.77
C PRO A 366 -6.49 -10.00 -43.94
N TYR A 367 -5.64 -9.34 -43.19
CA TYR A 367 -5.58 -7.89 -43.31
C TYR A 367 -4.33 -7.46 -44.09
N PRO A 368 -4.42 -6.33 -44.82
CA PRO A 368 -3.25 -5.86 -45.56
C PRO A 368 -2.16 -5.37 -44.62
N TYR A 369 -0.92 -5.71 -44.95
CA TYR A 369 0.28 -5.34 -44.18
C TYR A 369 0.21 -5.83 -42.74
N LEU A 370 -0.37 -7.02 -42.56
CA LEU A 370 -0.51 -7.66 -41.26
C LEU A 370 0.56 -8.71 -41.02
N ALA A 371 0.88 -9.50 -42.05
CA ALA A 371 1.87 -10.56 -41.93
C ALA A 371 3.26 -10.00 -41.67
N THR A 372 3.61 -8.88 -42.32
CA THR A 372 4.92 -8.29 -42.12
C THR A 372 5.05 -7.62 -40.75
N ASP A 373 3.93 -7.27 -40.13
CA ASP A 373 3.94 -6.67 -38.79
C ASP A 373 4.01 -7.85 -37.82
N TYR A 374 5.24 -8.29 -37.56
CA TYR A 374 5.48 -9.45 -36.69
C TYR A 374 4.96 -9.21 -35.29
N GLY A 375 5.04 -7.97 -34.80
CA GLY A 375 4.54 -7.66 -33.47
C GLY A 375 3.06 -7.90 -33.33
N THR A 376 2.29 -7.43 -34.32
CA THR A 376 0.85 -7.61 -34.31
C THR A 376 0.48 -9.09 -34.43
N GLN A 377 1.18 -9.83 -35.31
CA GLN A 377 0.89 -11.24 -35.50
C GLN A 377 1.12 -12.04 -34.22
N LEU A 378 2.29 -11.83 -33.59
CA LEU A 378 2.60 -12.55 -32.35
C LEU A 378 1.64 -12.17 -31.24
N SER A 379 1.35 -10.88 -31.10
CA SER A 379 0.44 -10.43 -30.05
C SER A 379 -0.98 -10.96 -30.25
N LEU A 380 -1.47 -10.95 -31.50
CA LEU A 380 -2.81 -11.45 -31.79
C LEU A 380 -2.94 -12.93 -31.51
N PHE A 381 -1.94 -13.72 -31.95
CA PHE A 381 -1.98 -15.17 -31.72
C PHE A 381 -1.96 -15.47 -30.22
N THR A 382 -1.04 -14.84 -29.50
CA THR A 382 -0.92 -15.07 -28.06
C THR A 382 -2.18 -14.65 -27.30
N HIS A 383 -2.73 -13.48 -27.64
CA HIS A 383 -3.92 -12.98 -26.96
C HIS A 383 -5.13 -13.88 -27.18
N HIS A 384 -5.38 -14.27 -28.44
CA HIS A 384 -6.54 -15.12 -28.70
C HIS A 384 -6.36 -16.50 -28.08
N THR A 385 -5.12 -17.00 -28.04
CA THR A 385 -4.86 -18.29 -27.41
C THR A 385 -5.18 -18.25 -25.92
N TRP A 386 -4.75 -17.17 -25.25
CA TRP A 386 -5.01 -17.04 -23.81
C TRP A 386 -6.49 -16.91 -23.52
N ILE A 387 -7.21 -16.14 -24.34
CA ILE A 387 -8.66 -15.99 -24.14
C ILE A 387 -9.35 -17.34 -24.30
N GLY A 388 -8.92 -18.12 -25.30
CA GLY A 388 -9.51 -19.44 -25.51
C GLY A 388 -9.28 -20.38 -24.34
N GLY A 389 -8.05 -20.41 -23.81
CA GLY A 389 -7.77 -21.27 -22.67
C GLY A 389 -8.54 -20.88 -21.43
N PHE A 390 -8.65 -19.58 -21.17
CA PHE A 390 -9.42 -19.12 -20.01
C PHE A 390 -10.88 -19.52 -20.14
N CYS A 391 -11.46 -19.35 -21.32
CA CYS A 391 -12.86 -19.72 -21.54
C CYS A 391 -13.06 -21.22 -21.36
N ILE A 392 -12.07 -22.03 -21.76
CA ILE A 392 -12.19 -23.48 -21.60
C ILE A 392 -12.21 -23.86 -20.11
N VAL A 393 -11.33 -23.24 -19.31
CA VAL A 393 -11.32 -23.53 -17.88
C VAL A 393 -12.65 -23.10 -17.26
N GLY A 394 -13.20 -21.98 -17.74
CA GLY A 394 -14.50 -21.54 -17.25
C GLY A 394 -15.60 -22.50 -17.61
N ALA A 395 -15.47 -23.15 -18.77
CA ALA A 395 -16.45 -24.15 -19.19
C ALA A 395 -16.46 -25.31 -18.21
N GLY A 396 -15.27 -25.76 -17.81
CA GLY A 396 -15.18 -26.84 -16.84
C GLY A 396 -15.79 -26.43 -15.51
N ALA A 397 -15.53 -25.19 -15.10
CA ALA A 397 -16.07 -24.67 -13.84
C ALA A 397 -17.59 -24.65 -13.85
N HIS A 398 -18.19 -24.18 -14.93
CA HIS A 398 -19.65 -24.11 -14.98
C HIS A 398 -20.27 -25.49 -15.15
N ALA A 399 -19.56 -26.43 -15.77
CA ALA A 399 -20.08 -27.78 -15.86
C ALA A 399 -20.17 -28.38 -14.46
N ALA A 400 -19.15 -28.11 -13.65
CA ALA A 400 -19.16 -28.58 -12.27
C ALA A 400 -20.25 -27.88 -11.45
N ILE A 401 -20.48 -26.58 -11.72
CA ILE A 401 -21.53 -25.85 -11.00
C ILE A 401 -22.89 -26.45 -11.33
N PHE A 402 -23.12 -26.80 -12.60
CA PHE A 402 -24.39 -27.41 -12.98
C PHE A 402 -24.56 -28.75 -12.28
N MET A 403 -23.49 -29.56 -12.26
CA MET A 403 -23.56 -30.88 -11.63
C MET A 403 -23.83 -30.77 -10.13
N VAL A 404 -23.37 -29.71 -9.50
CA VAL A 404 -23.59 -29.56 -8.06
C VAL A 404 -24.97 -28.97 -7.74
N ARG A 405 -25.39 -27.92 -8.44
CA ARG A 405 -26.64 -27.24 -8.14
C ARG A 405 -27.86 -27.68 -8.95
N ASP A 406 -27.78 -27.70 -10.28
CA ASP A 406 -28.94 -28.02 -11.09
C ASP A 406 -29.12 -29.49 -11.45
N TYR A 407 -28.21 -30.38 -11.06
CA TYR A 407 -28.39 -31.78 -11.41
C TYR A 407 -29.51 -32.41 -10.58
N ASP A 408 -30.33 -33.22 -11.23
CA ASP A 408 -31.45 -33.89 -10.61
C ASP A 408 -31.44 -35.37 -11.02
N PRO A 409 -31.27 -36.29 -10.08
CA PRO A 409 -31.25 -37.72 -10.45
C PRO A 409 -32.60 -38.26 -10.92
N THR A 410 -33.71 -37.59 -10.62
CA THR A 410 -35.01 -38.08 -11.05
C THR A 410 -35.24 -37.91 -12.55
N ASN A 411 -34.46 -37.06 -13.21
CA ASN A 411 -34.57 -36.82 -14.65
C ASN A 411 -33.43 -37.45 -15.42
N ASN A 412 -32.55 -38.18 -14.75
CA ASN A 412 -31.38 -38.82 -15.34
C ASN A 412 -31.25 -40.26 -14.86
N TYR A 413 -32.32 -41.06 -15.01
CA TYR A 413 -32.25 -42.44 -14.54
C TYR A 413 -31.27 -43.29 -15.35
N ASN A 414 -31.38 -43.27 -16.67
CA ASN A 414 -30.46 -44.09 -17.47
C ASN A 414 -30.00 -43.35 -18.72
N ASN A 415 -29.74 -42.06 -18.59
CA ASN A 415 -29.31 -41.25 -19.72
C ASN A 415 -27.79 -41.32 -19.88
N LEU A 416 -27.27 -40.52 -20.81
CA LEU A 416 -25.83 -40.48 -21.06
C LEU A 416 -25.09 -39.94 -19.85
N LEU A 417 -25.64 -38.89 -19.23
CA LEU A 417 -25.02 -38.29 -18.06
C LEU A 417 -24.96 -39.27 -16.90
N ASP A 418 -26.05 -40.03 -16.70
CA ASP A 418 -26.10 -41.02 -15.62
C ASP A 418 -25.06 -42.10 -15.81
N ARG A 419 -24.92 -42.61 -17.04
CA ARG A 419 -23.93 -43.65 -17.30
C ARG A 419 -22.51 -43.11 -17.17
N VAL A 420 -22.29 -41.86 -17.57
CA VAL A 420 -20.96 -41.25 -17.44
C VAL A 420 -20.58 -41.14 -15.97
N ILE A 421 -21.51 -40.70 -15.13
CA ILE A 421 -21.25 -40.62 -13.70
C ILE A 421 -21.09 -42.02 -13.11
N ARG A 422 -21.74 -43.02 -13.70
CA ARG A 422 -21.62 -44.38 -13.20
C ARG A 422 -20.24 -44.97 -13.46
N HIS A 423 -19.63 -44.67 -14.62
CA HIS A 423 -18.29 -45.20 -14.89
C HIS A 423 -17.21 -44.13 -14.87
N ARG A 424 -17.42 -43.05 -14.09
CA ARG A 424 -16.44 -41.99 -13.94
C ARG A 424 -15.10 -42.50 -13.43
N ASP A 425 -15.10 -43.57 -12.63
CA ASP A 425 -13.84 -44.13 -12.13
C ASP A 425 -13.00 -44.68 -13.26
N ALA A 426 -13.64 -45.40 -14.19
CA ALA A 426 -12.94 -45.94 -15.35
C ALA A 426 -12.44 -44.82 -16.25
N ILE A 427 -13.28 -43.79 -16.45
CA ILE A 427 -12.89 -42.66 -17.30
C ILE A 427 -11.65 -41.96 -16.74
N ILE A 428 -11.69 -41.63 -15.45
CA ILE A 428 -10.59 -40.92 -14.82
C ILE A 428 -9.34 -41.79 -14.74
N SER A 429 -9.49 -43.09 -14.49
CA SER A 429 -8.32 -43.97 -14.42
C SER A 429 -7.62 -44.09 -15.77
N HIS A 430 -8.39 -44.24 -16.85
CA HIS A 430 -7.78 -44.35 -18.17
C HIS A 430 -7.16 -43.02 -18.59
N LEU A 431 -7.81 -41.90 -18.25
CA LEU A 431 -7.24 -40.61 -18.59
C LEU A 431 -5.96 -40.35 -17.78
N ASN A 432 -5.92 -40.86 -16.55
CA ASN A 432 -4.73 -40.73 -15.71
C ASN A 432 -3.58 -41.52 -16.33
N TRP A 433 -3.87 -42.73 -16.80
CA TRP A 433 -2.82 -43.54 -17.42
C TRP A 433 -2.30 -42.90 -18.70
N VAL A 434 -3.21 -42.39 -19.54
CA VAL A 434 -2.75 -41.78 -20.80
C VAL A 434 -1.97 -40.51 -20.49
N CYS A 435 -2.31 -39.80 -19.41
CA CYS A 435 -1.56 -38.61 -19.04
C CYS A 435 -0.14 -38.99 -18.61
N ILE A 436 0.00 -40.07 -17.85
CA ILE A 436 1.32 -40.51 -17.41
C ILE A 436 2.14 -40.98 -18.61
N PHE A 437 1.52 -41.72 -19.53
CA PHE A 437 2.21 -42.20 -20.73
C PHE A 437 2.69 -41.04 -21.58
N LEU A 438 1.83 -40.03 -21.77
CA LEU A 438 2.19 -38.87 -22.57
C LEU A 438 3.29 -38.08 -21.90
N GLY A 439 3.22 -37.93 -20.57
CA GLY A 439 4.24 -37.18 -19.85
C GLY A 439 5.60 -37.83 -19.97
N PHE A 440 5.65 -39.16 -19.81
CA PHE A 440 6.91 -39.86 -19.94
C PHE A 440 7.43 -39.77 -21.37
N HIS A 441 6.61 -40.13 -22.34
CA HIS A 441 7.04 -40.11 -23.74
C HIS A 441 7.20 -38.73 -24.36
N SER A 442 6.89 -37.67 -23.63
CA SER A 442 7.07 -36.33 -24.15
C SER A 442 8.20 -35.62 -23.43
N PHE A 443 8.19 -35.60 -22.10
CA PHE A 443 9.23 -34.94 -21.33
C PHE A 443 10.50 -35.79 -21.25
N GLY A 444 10.37 -37.12 -21.20
CA GLY A 444 11.54 -37.98 -21.12
C GLY A 444 12.42 -37.87 -22.34
N LEU A 445 11.84 -37.53 -23.50
CA LEU A 445 12.66 -37.34 -24.70
C LEU A 445 13.58 -36.14 -24.52
N TYR A 446 13.05 -35.06 -23.95
CA TYR A 446 13.87 -33.87 -23.69
C TYR A 446 14.92 -34.16 -22.64
N ILE A 447 14.55 -34.90 -21.59
CA ILE A 447 15.52 -35.23 -20.54
C ILE A 447 16.61 -36.13 -21.09
N HIS A 448 16.23 -37.09 -21.94
CA HIS A 448 17.20 -37.99 -22.56
C HIS A 448 18.14 -37.20 -23.47
N ASN A 449 17.59 -36.24 -24.22
CA ASN A 449 18.42 -35.43 -25.11
C ASN A 449 19.37 -34.55 -24.30
N ASP A 450 18.89 -33.98 -23.19
CA ASP A 450 19.74 -33.15 -22.34
C ASP A 450 20.88 -33.97 -21.74
N THR A 451 20.56 -35.18 -21.28
CA THR A 451 21.58 -36.06 -20.70
C THR A 451 22.58 -36.50 -21.75
N MET A 452 22.11 -36.90 -22.94
CA MET A 452 23.01 -37.33 -24.00
C MET A 452 23.88 -36.19 -24.50
N SER A 453 23.33 -34.98 -24.57
CA SER A 453 24.10 -33.82 -25.01
C SER A 453 25.15 -33.45 -23.97
N ALA A 454 24.79 -33.56 -22.68
CA ALA A 454 25.75 -33.24 -21.62
C ALA A 454 26.82 -34.31 -21.50
N LEU A 455 26.48 -35.57 -21.80
CA LEU A 455 27.44 -36.67 -21.72
C LEU A 455 28.34 -36.76 -22.94
N GLY A 456 28.27 -35.80 -23.85
CA GLY A 456 29.09 -35.82 -25.04
C GLY A 456 28.68 -36.88 -26.04
N ARG A 457 27.40 -37.22 -26.10
CA ARG A 457 26.88 -38.23 -27.01
C ARG A 457 25.73 -37.65 -27.83
N PRO A 458 26.03 -36.75 -28.79
CA PRO A 458 24.95 -36.18 -29.60
C PRO A 458 24.36 -37.17 -30.60
N GLN A 459 25.03 -38.30 -30.83
CA GLN A 459 24.55 -39.32 -31.75
C GLN A 459 23.44 -40.16 -31.16
N ASP A 460 23.23 -40.07 -29.84
CA ASP A 460 22.19 -40.83 -29.15
C ASP A 460 20.98 -39.96 -28.79
N MET A 461 20.91 -38.75 -29.30
CA MET A 461 19.80 -37.85 -29.01
C MET A 461 18.65 -38.08 -29.98
N PHE A 462 17.52 -37.45 -29.67
CA PHE A 462 16.32 -37.52 -30.51
C PHE A 462 16.31 -36.23 -31.34
N SER A 463 17.14 -36.20 -32.36
CA SER A 463 17.27 -35.06 -33.25
C SER A 463 17.21 -35.51 -34.70
N ASP A 464 17.32 -34.54 -35.61
CA ASP A 464 17.27 -34.84 -37.04
C ASP A 464 18.51 -35.58 -37.51
N THR A 465 19.68 -35.22 -36.99
CA THR A 465 20.91 -35.88 -37.39
C THR A 465 21.00 -37.28 -36.79
N ALA A 466 20.66 -37.41 -35.52
CA ALA A 466 20.65 -38.66 -34.78
C ALA A 466 19.28 -39.31 -34.98
N ILE A 467 18.86 -40.19 -34.07
CA ILE A 467 17.57 -40.88 -34.11
C ILE A 467 16.48 -39.83 -34.26
N GLN A 468 15.75 -39.88 -35.38
CA GLN A 468 14.73 -38.89 -35.66
C GLN A 468 13.32 -39.44 -35.51
N LEU A 469 12.40 -38.52 -35.20
CA LEU A 469 10.98 -38.79 -35.01
C LEU A 469 10.28 -37.78 -35.91
N GLN A 470 10.12 -38.14 -37.18
CA GLN A 470 9.51 -37.25 -38.17
C GLN A 470 7.99 -37.37 -38.16
N PRO A 471 7.26 -36.24 -38.19
CA PRO A 471 5.78 -36.27 -38.22
C PRO A 471 5.33 -36.55 -39.65
N VAL A 472 5.29 -37.83 -39.99
CA VAL A 472 4.92 -38.25 -41.35
C VAL A 472 3.47 -37.89 -41.68
N PHE A 473 2.56 -37.97 -40.70
CA PHE A 473 1.17 -37.66 -40.96
C PHE A 473 0.98 -36.17 -41.27
N ALA A 474 1.62 -35.31 -40.49
CA ALA A 474 1.51 -33.87 -40.72
C ALA A 474 2.16 -33.48 -42.04
N GLN A 475 3.29 -34.10 -42.37
CA GLN A 475 3.96 -33.80 -43.64
C GLN A 475 3.10 -34.26 -44.82
N TRP A 476 2.45 -35.41 -44.68
CA TRP A 476 1.58 -35.90 -45.75
C TRP A 476 0.38 -34.98 -45.92
N ILE A 477 -0.17 -34.49 -44.81
CA ILE A 477 -1.31 -33.57 -44.88
C ILE A 477 -0.88 -32.25 -45.54
N GLN A 478 0.33 -31.79 -45.23
CA GLN A 478 0.86 -30.57 -45.83
C GLN A 478 1.01 -30.72 -47.33
N ASN A 479 1.55 -31.87 -47.76
CA ASN A 479 1.70 -32.12 -49.20
C ASN A 479 0.34 -32.20 -49.88
N THR A 480 -0.64 -32.82 -49.21
CA THR A 480 -1.98 -32.94 -49.76
C THR A 480 -2.61 -31.55 -49.96
N HIS A 481 -2.45 -30.67 -48.99
CA HIS A 481 -3.02 -29.33 -49.10
C HIS A 481 -2.28 -28.52 -50.16
N PHE A 482 -0.97 -28.73 -50.29
CA PHE A 482 -0.21 -27.99 -51.30
C PHE A 482 -0.59 -28.44 -52.71
N LEU A 483 -0.84 -29.73 -52.89
CA LEU A 483 -1.22 -30.26 -54.19
C LEU A 483 -2.72 -30.19 -54.46
N ALA A 484 -3.51 -29.76 -53.48
CA ALA A 484 -4.96 -29.65 -53.68
C ALA A 484 -5.43 -28.76 -54.83
N PRO A 485 -4.86 -27.58 -55.12
CA PRO A 485 -5.38 -26.77 -56.24
C PRO A 485 -5.25 -27.40 -57.63
N GLN A 486 -4.56 -28.52 -57.78
CA GLN A 486 -4.43 -29.13 -59.10
C GLN A 486 -5.32 -30.33 -59.32
N LEU A 487 -5.72 -31.05 -58.27
CA LEU A 487 -6.58 -32.21 -58.42
C LEU A 487 -7.90 -32.12 -57.67
N THR A 488 -7.85 -31.86 -56.36
CA THR A 488 -9.06 -31.80 -55.55
C THR A 488 -9.65 -30.40 -55.41
N ALA A 489 -9.09 -29.40 -56.08
CA ALA A 489 -9.61 -28.04 -56.04
C ALA A 489 -9.35 -27.41 -57.41
N PRO A 490 -10.09 -27.83 -58.44
CA PRO A 490 -9.87 -27.28 -59.79
C PRO A 490 -10.16 -25.79 -59.90
N ASN A 491 -11.09 -25.27 -59.12
CA ASN A 491 -11.45 -23.86 -59.19
C ASN A 491 -10.60 -22.97 -58.30
N ALA A 492 -9.75 -23.54 -57.46
CA ALA A 492 -8.89 -22.76 -56.58
C ALA A 492 -7.61 -22.42 -57.34
N LEU A 493 -7.28 -21.14 -57.39
CA LEU A 493 -6.08 -20.73 -58.11
C LEU A 493 -4.82 -21.06 -57.33
N ALA A 494 -4.89 -21.03 -56.00
CA ALA A 494 -3.75 -21.35 -55.16
C ALA A 494 -4.27 -22.03 -53.91
N ALA A 495 -3.32 -22.45 -53.05
CA ALA A 495 -3.69 -23.12 -51.81
C ALA A 495 -4.27 -22.13 -50.82
N THR A 496 -4.85 -22.66 -49.74
CA THR A 496 -5.44 -21.81 -48.71
C THR A 496 -4.38 -20.98 -48.00
N SER A 497 -3.21 -21.54 -47.80
CA SER A 497 -2.12 -20.86 -47.12
C SER A 497 -0.79 -21.31 -47.71
N LEU A 498 0.24 -20.53 -47.44
CA LEU A 498 1.58 -20.86 -47.93
C LEU A 498 2.34 -21.75 -46.97
N THR A 499 1.76 -22.04 -45.79
CA THR A 499 2.44 -22.89 -44.82
C THR A 499 2.57 -24.32 -45.31
N TRP A 500 1.68 -24.76 -46.22
CA TRP A 500 1.75 -26.11 -46.74
C TRP A 500 2.98 -26.31 -47.61
N GLY A 501 3.25 -25.35 -48.49
CA GLY A 501 4.39 -25.44 -49.38
C GLY A 501 4.28 -24.44 -50.49
N GLY A 502 5.37 -24.36 -51.27
CA GLY A 502 5.43 -23.45 -52.39
C GLY A 502 6.44 -22.34 -52.19
N ASP A 503 6.23 -21.26 -52.93
CA ASP A 503 7.10 -20.10 -52.87
C ASP A 503 6.66 -19.17 -51.73
N LEU A 504 7.59 -18.34 -51.30
CA LEU A 504 7.34 -17.40 -50.23
C LEU A 504 6.84 -16.07 -50.77
N VAL A 505 6.07 -15.36 -49.94
CA VAL A 505 5.54 -14.05 -50.27
C VAL A 505 6.17 -13.06 -49.30
N ALA A 506 6.82 -12.03 -49.85
CA ALA A 506 7.50 -11.00 -49.09
C ALA A 506 6.96 -9.63 -49.45
N VAL A 507 6.83 -8.77 -48.45
CA VAL A 507 6.33 -7.41 -48.62
C VAL A 507 7.29 -6.46 -47.93
N GLY A 508 7.86 -5.52 -48.68
CA GLY A 508 8.78 -4.55 -48.11
C GLY A 508 10.08 -5.15 -47.59
N GLY A 509 10.58 -6.18 -48.25
CA GLY A 509 11.82 -6.80 -47.82
C GLY A 509 11.69 -7.75 -46.65
N LYS A 510 10.48 -7.99 -46.16
CA LYS A 510 10.24 -8.88 -45.05
C LYS A 510 9.34 -10.02 -45.50
N VAL A 511 9.65 -11.23 -45.05
CA VAL A 511 8.87 -12.42 -45.42
C VAL A 511 7.49 -12.33 -44.80
N ALA A 512 6.47 -12.21 -45.64
CA ALA A 512 5.11 -12.17 -45.12
C ALA A 512 4.65 -13.58 -44.74
N MET A 513 4.87 -14.55 -45.63
CA MET A 513 4.50 -15.93 -45.34
C MET A 513 5.31 -16.87 -46.21
N MET A 514 5.84 -17.93 -45.61
CA MET A 514 6.65 -18.94 -46.27
C MET A 514 6.28 -20.29 -45.70
N PRO A 515 6.62 -21.39 -46.39
CA PRO A 515 6.30 -22.72 -45.88
C PRO A 515 6.95 -23.03 -44.55
N ILE A 516 6.23 -23.77 -43.72
CA ILE A 516 6.66 -24.16 -42.39
C ILE A 516 6.93 -25.66 -42.41
N SER A 517 8.20 -26.04 -42.24
CA SER A 517 8.59 -27.45 -42.22
C SER A 517 8.53 -28.00 -40.81
N LEU A 518 8.16 -29.27 -40.70
CA LEU A 518 8.04 -29.94 -39.41
C LEU A 518 9.08 -31.05 -39.33
N GLY A 519 9.79 -31.10 -38.20
CA GLY A 519 10.82 -32.08 -37.95
C GLY A 519 10.63 -32.77 -36.60
N THR A 520 11.75 -33.24 -36.06
CA THR A 520 11.74 -33.94 -34.77
C THR A 520 11.37 -33.01 -33.63
N SER A 521 11.89 -31.77 -33.65
CA SER A 521 11.58 -30.81 -32.60
C SER A 521 10.10 -30.47 -32.60
N ASP A 522 9.49 -30.36 -33.79
CA ASP A 522 8.07 -30.08 -33.89
C ASP A 522 7.26 -31.24 -33.34
N PHE A 523 7.72 -32.47 -33.62
CA PHE A 523 7.05 -33.67 -33.11
C PHE A 523 7.05 -33.70 -31.59
N MET A 524 8.22 -33.38 -31.00
CA MET A 524 8.35 -33.38 -29.55
C MET A 524 7.48 -32.28 -28.91
N VAL A 525 7.49 -31.08 -29.49
CA VAL A 525 6.68 -30.02 -28.89
C VAL A 525 5.18 -30.30 -29.09
N HIS A 526 4.80 -30.99 -30.17
CA HIS A 526 3.40 -31.32 -30.36
C HIS A 526 2.95 -32.34 -29.34
N HIS A 527 3.81 -33.30 -29.01
CA HIS A 527 3.46 -34.27 -27.99
C HIS A 527 3.43 -33.62 -26.62
N ILE A 528 4.26 -32.59 -26.42
CA ILE A 528 4.24 -31.85 -25.16
C ILE A 528 2.89 -31.13 -25.02
N HIS A 529 2.41 -30.53 -26.12
CA HIS A 529 1.13 -29.85 -26.13
C HIS A 529 -0.01 -30.82 -25.85
N ALA A 530 0.04 -32.00 -26.48
CA ALA A 530 -0.99 -33.02 -26.27
C ALA A 530 -1.03 -33.47 -24.82
N PHE A 531 0.16 -33.67 -24.22
CA PHE A 531 0.24 -34.08 -22.82
C PHE A 531 -0.32 -33.02 -21.88
N THR A 532 0.04 -31.76 -22.10
CA THR A 532 -0.44 -30.69 -21.23
C THR A 532 -1.96 -30.51 -21.35
N ILE A 533 -2.49 -30.60 -22.57
CA ILE A 533 -3.93 -30.47 -22.77
C ILE A 533 -4.65 -31.64 -22.11
N HIS A 534 -4.06 -32.84 -22.19
CA HIS A 534 -4.68 -34.01 -21.56
C HIS A 534 -4.71 -33.88 -20.04
N VAL A 535 -3.65 -33.31 -19.44
CA VAL A 535 -3.66 -33.16 -17.98
C VAL A 535 -4.69 -32.12 -17.56
N THR A 536 -4.81 -31.02 -18.33
CA THR A 536 -5.82 -30.01 -18.01
C THR A 536 -7.21 -30.60 -18.10
N VAL A 537 -7.44 -31.42 -19.13
CA VAL A 537 -8.73 -32.09 -19.30
C VAL A 537 -8.98 -33.04 -18.15
N LEU A 538 -7.92 -33.73 -17.69
CA LEU A 538 -8.05 -34.67 -16.58
C LEU A 538 -8.50 -33.98 -15.31
N ILE A 539 -7.89 -32.84 -14.99
CA ILE A 539 -8.25 -32.13 -13.77
C ILE A 539 -9.68 -31.58 -13.87
N LEU A 540 -10.02 -30.94 -14.99
CA LEU A 540 -11.37 -30.39 -15.14
C LEU A 540 -12.43 -31.48 -15.15
N LEU A 541 -12.17 -32.57 -15.88
CA LEU A 541 -13.12 -33.68 -15.95
C LEU A 541 -13.28 -34.36 -14.59
N LYS A 542 -12.18 -34.50 -13.84
CA LYS A 542 -12.27 -35.10 -12.52
C LYS A 542 -13.08 -34.22 -11.59
N GLY A 543 -12.92 -32.90 -11.73
CA GLY A 543 -13.70 -31.99 -10.90
C GLY A 543 -15.16 -31.95 -11.26
N VAL A 544 -15.50 -32.27 -12.51
CA VAL A 544 -16.90 -32.27 -12.91
C VAL A 544 -17.58 -33.59 -12.54
N LEU A 545 -16.94 -34.72 -12.87
CA LEU A 545 -17.53 -36.03 -12.59
C LEU A 545 -17.63 -36.32 -11.10
N PHE A 546 -16.60 -35.97 -10.32
CA PHE A 546 -16.61 -36.22 -8.89
C PHE A 546 -17.04 -35.01 -8.08
N ALA A 547 -17.88 -34.15 -8.66
CA ALA A 547 -18.35 -32.96 -7.96
C ALA A 547 -19.42 -33.26 -6.92
N ARG A 548 -20.26 -34.26 -7.17
CA ARG A 548 -21.33 -34.60 -6.23
C ARG A 548 -20.91 -35.60 -5.17
N SER A 549 -20.14 -36.61 -5.54
CA SER A 549 -19.69 -37.61 -4.58
C SER A 549 -18.44 -38.29 -5.11
N SER A 550 -17.79 -39.03 -4.22
CA SER A 550 -16.57 -39.77 -4.53
C SER A 550 -16.41 -40.84 -3.47
N ARG A 551 -15.37 -41.65 -3.62
CA ARG A 551 -15.13 -42.71 -2.65
C ARG A 551 -14.61 -42.16 -1.34
N LEU A 552 -14.11 -40.93 -1.32
CA LEU A 552 -13.60 -40.30 -0.12
C LEU A 552 -14.70 -39.58 0.65
N ILE A 553 -15.47 -38.74 -0.03
CA ILE A 553 -16.56 -37.98 0.57
C ILE A 553 -17.84 -38.32 -0.19
N PRO A 554 -18.69 -39.18 0.38
CA PRO A 554 -19.93 -39.57 -0.32
C PRO A 554 -20.99 -38.49 -0.40
N ASP A 555 -20.90 -37.42 0.39
CA ASP A 555 -21.90 -36.37 0.35
C ASP A 555 -21.28 -35.03 -0.02
N LYS A 556 -20.44 -35.02 -1.05
CA LYS A 556 -19.79 -33.79 -1.48
C LYS A 556 -20.78 -32.77 -2.02
N ALA A 557 -21.87 -33.23 -2.65
CA ALA A 557 -22.88 -32.32 -3.20
C ALA A 557 -23.54 -31.50 -2.09
N ASN A 558 -23.64 -32.06 -0.89
CA ASN A 558 -24.22 -31.33 0.23
C ASN A 558 -23.29 -30.22 0.69
N LEU A 559 -21.98 -30.38 0.45
CA LEU A 559 -21.03 -29.36 0.85
C LEU A 559 -20.97 -28.20 -0.14
N GLY A 560 -21.62 -28.33 -1.29
CA GLY A 560 -21.63 -27.29 -2.29
C GLY A 560 -20.57 -27.46 -3.35
N PHE A 561 -20.46 -26.45 -4.19
CA PHE A 561 -19.49 -26.42 -5.27
C PHE A 561 -18.18 -25.78 -4.85
N ARG A 562 -18.25 -24.71 -4.05
CA ARG A 562 -17.09 -23.97 -3.58
C ARG A 562 -17.01 -24.03 -2.06
N PHE A 563 -16.20 -24.96 -1.56
CA PHE A 563 -15.97 -25.12 -0.14
C PHE A 563 -14.49 -25.45 0.02
N PRO A 564 -13.87 -25.05 1.13
CA PRO A 564 -12.43 -25.31 1.28
C PRO A 564 -12.03 -26.76 1.40
N CYS A 565 -12.66 -27.51 2.29
CA CYS A 565 -12.33 -28.92 2.53
C CYS A 565 -13.43 -29.53 3.38
N ASP A 566 -13.16 -30.74 3.86
CA ASP A 566 -14.05 -31.46 4.76
C ASP A 566 -13.29 -31.86 6.03
N GLY A 567 -12.30 -31.07 6.42
CA GLY A 567 -11.52 -31.33 7.60
C GLY A 567 -10.28 -32.16 7.34
N PRO A 568 -9.42 -32.27 8.36
CA PRO A 568 -8.19 -33.06 8.21
C PRO A 568 -8.42 -34.55 8.36
N GLY A 569 -9.68 -34.96 8.42
CA GLY A 569 -10.02 -36.35 8.56
C GLY A 569 -9.80 -37.14 7.29
N ARG A 570 -9.89 -38.46 7.44
CA ARG A 570 -9.69 -39.43 6.35
C ARG A 570 -8.31 -39.27 5.73
N GLY A 571 -7.34 -38.83 6.55
CA GLY A 571 -6.00 -38.57 6.12
C GLY A 571 -5.76 -37.14 5.69
N GLY A 572 -6.83 -36.42 5.32
CA GLY A 572 -6.79 -35.05 4.85
C GLY A 572 -7.64 -34.93 3.61
N THR A 573 -8.60 -34.01 3.60
CA THR A 573 -9.52 -33.80 2.48
C THR A 573 -9.41 -32.40 1.92
N CYS A 574 -8.18 -31.91 1.86
CA CYS A 574 -7.88 -30.58 1.36
C CYS A 574 -8.11 -30.51 -0.14
N GLN A 575 -8.82 -29.49 -0.61
CA GLN A 575 -9.05 -29.26 -2.05
C GLN A 575 -9.80 -30.41 -2.73
N VAL A 576 -10.95 -30.77 -2.16
CA VAL A 576 -11.80 -31.81 -2.73
C VAL A 576 -12.92 -31.22 -3.57
N SER A 577 -13.29 -29.96 -3.35
CA SER A 577 -14.36 -29.34 -4.10
C SER A 577 -14.00 -29.16 -5.57
N ALA A 578 -15.04 -29.00 -6.38
CA ALA A 578 -14.85 -28.79 -7.81
C ALA A 578 -14.17 -27.46 -8.08
N TRP A 579 -14.37 -26.49 -7.17
CA TRP A 579 -13.73 -25.18 -7.29
C TRP A 579 -12.22 -25.33 -7.25
N ASP A 580 -11.71 -26.21 -6.38
CA ASP A 580 -10.28 -26.44 -6.29
C ASP A 580 -9.76 -27.13 -7.54
N HIS A 581 -10.59 -27.95 -8.18
CA HIS A 581 -10.18 -28.57 -9.43
C HIS A 581 -10.03 -27.51 -10.51
N VAL A 582 -10.93 -26.53 -10.51
CA VAL A 582 -10.81 -25.42 -11.46
C VAL A 582 -9.57 -24.59 -11.14
N PHE A 583 -9.29 -24.45 -9.84
CA PHE A 583 -8.13 -23.71 -9.35
C PHE A 583 -6.83 -24.34 -9.85
N LEU A 584 -6.75 -25.67 -9.85
CA LEU A 584 -5.56 -26.35 -10.35
C LEU A 584 -5.54 -26.38 -11.88
N GLY A 585 -6.73 -26.45 -12.49
CA GLY A 585 -6.83 -26.45 -13.94
C GLY A 585 -6.35 -25.14 -14.53
N LEU A 586 -6.50 -24.05 -13.77
CA LEU A 586 -6.02 -22.75 -14.24
C LEU A 586 -4.50 -22.77 -14.39
N PHE A 587 -3.81 -23.34 -13.40
CA PHE A 587 -2.35 -23.46 -13.44
C PHE A 587 -1.92 -24.32 -14.62
N TRP A 588 -2.60 -25.45 -14.81
CA TRP A 588 -2.23 -26.32 -15.92
C TRP A 588 -2.52 -25.69 -17.27
N MET A 589 -3.60 -24.92 -17.36
CA MET A 589 -3.91 -24.22 -18.60
C MET A 589 -2.84 -23.18 -18.89
N TYR A 590 -2.36 -22.51 -17.84
CA TYR A 590 -1.30 -21.52 -17.99
C TYR A 590 -0.03 -22.18 -18.50
N ASN A 591 0.31 -23.34 -17.94
CA ASN A 591 1.50 -24.09 -18.35
C ASN A 591 1.41 -24.50 -19.82
N SER A 592 0.27 -25.08 -20.19
CA SER A 592 0.04 -25.54 -21.56
C SER A 592 0.11 -24.40 -22.57
N LEU A 593 -0.67 -23.34 -22.33
CA LEU A 593 -0.70 -22.21 -23.25
C LEU A 593 0.63 -21.47 -23.29
N SER A 594 1.39 -21.46 -22.18
CA SER A 594 2.68 -20.80 -22.19
C SER A 594 3.65 -21.55 -23.09
N ILE A 595 3.63 -22.89 -23.03
CA ILE A 595 4.51 -23.65 -23.91
C ILE A 595 4.07 -23.49 -25.36
N VAL A 596 2.75 -23.36 -25.57
CA VAL A 596 2.22 -23.18 -26.92
C VAL A 596 2.70 -21.86 -27.53
N ILE A 597 2.57 -20.76 -26.78
CA ILE A 597 3.01 -19.46 -27.31
C ILE A 597 4.53 -19.40 -27.44
N PHE A 598 5.26 -20.12 -26.56
CA PHE A 598 6.71 -20.14 -26.68
C PHE A 598 7.12 -20.84 -27.97
N HIS A 599 6.46 -21.96 -28.27
CA HIS A 599 6.74 -22.70 -29.50
C HIS A 599 6.40 -21.86 -30.71
N PHE A 600 5.27 -21.14 -30.66
CA PHE A 600 4.88 -20.29 -31.78
C PHE A 600 5.90 -19.19 -32.02
N SER A 601 6.33 -18.52 -30.95
CA SER A 601 7.30 -17.44 -31.08
C SER A 601 8.64 -17.93 -31.64
N TRP A 602 9.16 -19.03 -31.09
CA TRP A 602 10.45 -19.55 -31.59
C TRP A 602 10.34 -20.05 -33.03
N LYS A 603 9.26 -20.78 -33.36
CA LYS A 603 9.10 -21.30 -34.70
C LYS A 603 8.95 -20.18 -35.73
N MET A 604 8.16 -19.16 -35.41
CA MET A 604 7.98 -18.05 -36.35
C MET A 604 9.26 -17.23 -36.52
N GLN A 605 9.97 -16.96 -35.43
CA GLN A 605 11.20 -16.18 -35.52
C GLN A 605 12.35 -16.98 -36.10
N SER A 606 12.26 -18.31 -36.14
CA SER A 606 13.35 -19.13 -36.63
C SER A 606 13.17 -19.63 -38.06
N ASP A 607 11.98 -20.04 -38.45
CA ASP A 607 11.79 -20.57 -39.79
C ASP A 607 10.82 -19.80 -40.68
N VAL A 608 10.19 -18.74 -40.18
CA VAL A 608 9.26 -18.00 -41.03
C VAL A 608 9.63 -16.53 -41.17
N TRP A 609 9.60 -15.81 -40.05
CA TRP A 609 9.90 -14.38 -40.08
C TRP A 609 11.37 -14.09 -40.34
N GLY A 610 11.61 -13.04 -41.10
CA GLY A 610 12.96 -12.63 -41.44
C GLY A 610 12.96 -11.71 -42.64
N THR A 611 14.15 -11.22 -42.97
CA THR A 611 14.33 -10.32 -44.10
C THR A 611 14.67 -11.10 -45.37
N VAL A 612 14.56 -10.43 -46.51
CA VAL A 612 14.85 -11.01 -47.81
C VAL A 612 16.04 -10.29 -48.41
N THR A 613 17.06 -11.05 -48.77
CA THR A 613 18.28 -10.53 -49.35
C THR A 613 18.45 -11.08 -50.77
N ALA A 614 19.62 -10.84 -51.35
CA ALA A 614 19.91 -11.32 -52.69
C ALA A 614 20.22 -12.81 -52.66
N SER A 615 19.33 -13.61 -53.25
CA SER A 615 19.44 -15.06 -53.34
C SER A 615 19.57 -15.71 -51.95
N GLY A 616 18.56 -15.53 -51.14
CA GLY A 616 18.53 -16.08 -49.80
C GLY A 616 17.64 -15.28 -48.87
N VAL A 617 17.19 -15.95 -47.82
CA VAL A 617 16.34 -15.35 -46.80
C VAL A 617 17.00 -15.55 -45.45
N SER A 618 17.19 -14.45 -44.72
CA SER A 618 17.81 -14.49 -43.40
C SER A 618 16.72 -14.32 -42.35
N HIS A 619 16.62 -15.29 -41.45
CA HIS A 619 15.63 -15.27 -40.40
C HIS A 619 16.11 -14.46 -39.19
N ILE A 620 15.18 -14.25 -38.26
CA ILE A 620 15.49 -13.46 -37.06
C ILE A 620 16.50 -14.19 -36.17
N THR A 621 16.27 -15.47 -35.90
CA THR A 621 17.19 -16.24 -35.07
C THR A 621 18.12 -17.13 -35.89
N GLY A 622 18.05 -17.08 -37.22
CA GLY A 622 18.94 -17.86 -38.05
C GLY A 622 18.63 -19.33 -38.16
N GLY A 623 17.37 -19.74 -38.00
CA GLY A 623 17.00 -21.14 -38.12
C GLY A 623 17.58 -22.08 -37.09
N ASN A 624 17.57 -21.68 -35.81
CA ASN A 624 18.12 -22.51 -34.75
C ASN A 624 17.08 -23.35 -34.03
N PHE A 625 15.83 -23.36 -34.49
CA PHE A 625 14.79 -24.14 -33.82
C PHE A 625 14.98 -25.64 -34.03
N ALA A 626 15.28 -26.05 -35.26
CA ALA A 626 15.45 -27.47 -35.56
C ALA A 626 16.65 -28.08 -34.84
N GLN A 627 17.64 -27.27 -34.48
CA GLN A 627 18.83 -27.77 -33.82
C GLN A 627 18.82 -27.58 -32.31
N SER A 628 18.07 -26.62 -31.77
CA SER A 628 18.08 -26.37 -30.34
C SER A 628 16.77 -26.59 -29.59
N ALA A 629 15.65 -26.86 -30.25
CA ALA A 629 14.41 -27.05 -29.51
C ALA A 629 14.22 -28.47 -29.01
N ASN A 630 15.19 -29.36 -29.21
CA ASN A 630 15.07 -30.73 -28.75
C ASN A 630 15.58 -30.93 -27.33
N THR A 631 16.08 -29.87 -26.68
CA THR A 631 16.59 -29.96 -25.31
C THR A 631 16.03 -28.81 -24.49
N ILE A 632 15.93 -29.03 -23.17
CA ILE A 632 15.46 -27.99 -22.27
C ILE A 632 16.50 -26.89 -22.19
N ASN A 633 17.78 -27.26 -22.26
CA ASN A 633 18.87 -26.29 -22.23
C ASN A 633 18.79 -25.36 -23.44
N GLY A 634 18.35 -25.89 -24.59
CA GLY A 634 18.20 -25.06 -25.76
C GLY A 634 17.09 -24.04 -25.61
N TRP A 635 15.99 -24.44 -24.97
CA TRP A 635 14.89 -23.51 -24.74
C TRP A 635 15.28 -22.45 -23.73
N LEU A 636 16.08 -22.84 -22.73
CA LEU A 636 16.50 -21.89 -21.70
C LEU A 636 17.56 -20.93 -22.19
N ARG A 637 18.48 -21.39 -23.04
CA ARG A 637 19.58 -20.55 -23.53
C ARG A 637 19.25 -19.81 -24.83
N ASP A 638 18.91 -20.55 -25.88
CA ASP A 638 18.66 -19.93 -27.18
C ASP A 638 17.32 -19.21 -27.28
N PHE A 639 16.33 -19.58 -26.48
CA PHE A 639 15.04 -18.91 -26.56
C PHE A 639 14.76 -17.98 -25.39
N LEU A 640 15.01 -18.41 -24.15
CA LEU A 640 14.71 -17.55 -23.02
C LEU A 640 15.85 -16.58 -22.71
N TRP A 641 17.09 -17.07 -22.65
CA TRP A 641 18.21 -16.19 -22.32
C TRP A 641 18.58 -15.27 -23.48
N ALA A 642 18.58 -15.80 -24.71
CA ALA A 642 18.97 -15.00 -25.86
C ALA A 642 17.94 -13.94 -26.24
N GLN A 643 16.67 -14.31 -26.26
CA GLN A 643 15.65 -13.34 -26.66
C GLN A 643 15.25 -12.35 -25.56
N SER A 644 15.62 -12.60 -24.30
CA SER A 644 15.27 -11.65 -23.26
C SER A 644 16.21 -10.47 -23.20
N SER A 645 17.20 -10.41 -24.09
CA SER A 645 18.13 -9.29 -24.10
C SER A 645 17.43 -7.97 -24.41
N GLN A 646 16.47 -8.01 -25.33
CA GLN A 646 15.76 -6.80 -25.74
C GLN A 646 14.93 -6.19 -24.60
N VAL A 647 14.41 -7.02 -23.70
CA VAL A 647 13.60 -6.46 -22.61
C VAL A 647 14.45 -6.02 -21.42
N ILE A 648 15.65 -6.59 -21.25
CA ILE A 648 16.44 -6.20 -20.09
C ILE A 648 17.30 -4.97 -20.36
N GLN A 649 17.61 -4.69 -21.63
CA GLN A 649 18.42 -3.51 -21.95
C GLN A 649 17.57 -2.42 -22.60
N SER A 650 16.25 -2.51 -22.44
CA SER A 650 15.30 -1.55 -22.98
C SER A 650 15.26 -0.23 -22.23
N TYR A 651 15.95 -0.13 -21.08
CA TYR A 651 15.95 1.09 -20.29
C TYR A 651 16.58 2.22 -21.08
N GLY A 652 16.06 3.43 -20.87
CA GLY A 652 16.55 4.60 -21.57
C GLY A 652 15.99 4.78 -22.96
N SER A 653 15.08 3.92 -23.39
CA SER A 653 14.45 3.99 -24.70
C SER A 653 12.94 4.03 -24.55
N ALA A 654 12.22 3.92 -25.67
CA ALA A 654 10.77 3.94 -25.64
C ALA A 654 10.16 2.65 -25.13
N LEU A 655 10.92 1.55 -25.16
CA LEU A 655 10.41 0.26 -24.69
C LEU A 655 10.76 -0.01 -23.23
N SER A 656 11.33 0.99 -22.54
CA SER A 656 11.72 0.83 -21.14
C SER A 656 10.54 0.43 -20.25
N ALA A 657 9.34 0.92 -20.58
CA ALA A 657 8.14 0.58 -19.82
C ALA A 657 7.95 -0.93 -19.79
N TYR A 658 8.18 -1.58 -20.94
CA TYR A 658 8.06 -3.04 -21.02
C TYR A 658 9.00 -3.68 -20.02
N GLY A 659 10.24 -3.18 -19.97
CA GLY A 659 11.21 -3.70 -19.03
C GLY A 659 10.72 -3.56 -17.61
N LEU A 660 10.12 -2.39 -17.30
CA LEU A 660 9.58 -2.16 -15.97
C LEU A 660 8.50 -3.18 -15.66
N ILE A 661 7.60 -3.41 -16.62
CA ILE A 661 6.54 -4.38 -16.41
C ILE A 661 7.15 -5.76 -16.30
N PHE A 662 8.23 -6.01 -17.06
CA PHE A 662 8.91 -7.30 -17.00
C PHE A 662 9.41 -7.58 -15.59
N LEU A 663 9.79 -6.52 -14.88
CA LEU A 663 10.22 -6.72 -13.50
C LEU A 663 9.00 -6.81 -12.59
N GLY A 664 8.01 -5.94 -12.83
CA GLY A 664 6.81 -5.94 -12.01
C GLY A 664 6.07 -7.26 -12.08
N ALA A 665 6.02 -7.85 -13.27
CA ALA A 665 5.36 -9.13 -13.44
C ALA A 665 6.09 -10.23 -12.68
N HIS A 666 7.41 -10.10 -12.51
CA HIS A 666 8.13 -11.10 -11.72
C HIS A 666 7.78 -10.97 -10.26
N PHE A 667 7.38 -9.77 -9.85
CA PHE A 667 7.03 -9.50 -8.46
C PHE A 667 5.68 -10.14 -8.11
N VAL A 668 4.65 -9.78 -8.89
CA VAL A 668 3.28 -10.27 -8.66
C VAL A 668 3.24 -11.79 -8.63
N TRP A 669 3.92 -12.42 -9.59
CA TRP A 669 3.99 -13.88 -9.64
C TRP A 669 4.60 -14.44 -8.36
N ALA A 670 5.72 -13.86 -7.93
CA ALA A 670 6.35 -14.33 -6.69
C ALA A 670 5.43 -14.03 -5.51
N PHE A 671 4.69 -12.91 -5.61
CA PHE A 671 3.72 -12.54 -4.58
C PHE A 671 2.68 -13.64 -4.42
N SER A 672 2.30 -14.28 -5.53
CA SER A 672 1.33 -15.35 -5.51
C SER A 672 1.78 -16.49 -4.62
N LEU A 673 3.09 -16.77 -4.62
CA LEU A 673 3.62 -17.86 -3.81
C LEU A 673 3.38 -17.66 -2.32
N MET A 674 3.13 -16.42 -1.88
CA MET A 674 2.84 -16.23 -0.46
C MET A 674 1.45 -16.76 -0.13
N PHE A 675 0.49 -16.56 -1.02
CA PHE A 675 -0.87 -17.03 -0.77
C PHE A 675 -1.05 -18.51 -1.05
N LEU A 676 -0.34 -19.05 -2.04
CA LEU A 676 -0.49 -20.44 -2.40
C LEU A 676 0.19 -21.40 -1.44
N PHE A 677 1.30 -21.00 -0.81
CA PHE A 677 2.01 -21.90 0.07
C PHE A 677 1.66 -21.73 1.55
N SER A 678 0.83 -20.76 1.92
CA SER A 678 0.50 -20.55 3.32
C SER A 678 -0.97 -20.83 3.60
N GLY A 679 -1.29 -20.84 4.89
CA GLY A 679 -2.63 -21.08 5.37
C GLY A 679 -3.15 -19.91 6.19
N ARG A 680 -4.46 -19.74 6.25
CA ARG A 680 -5.06 -18.61 6.95
C ARG A 680 -4.95 -18.66 8.48
N GLY A 681 -4.60 -19.79 9.09
CA GLY A 681 -4.48 -19.83 10.54
C GLY A 681 -3.34 -18.94 11.03
N TYR A 682 -2.19 -19.02 10.35
CA TYR A 682 -1.04 -18.20 10.70
C TYR A 682 -1.37 -16.72 10.58
N TRP A 683 -2.00 -16.35 9.45
CA TRP A 683 -2.36 -14.96 9.20
C TRP A 683 -3.38 -14.46 10.19
N GLN A 684 -4.30 -15.34 10.62
CA GLN A 684 -5.30 -14.93 11.61
C GLN A 684 -4.63 -14.63 12.95
N GLU A 685 -3.65 -15.45 13.35
CA GLU A 685 -2.96 -15.18 14.63
C GLU A 685 -2.10 -13.92 14.52
N LEU A 686 -1.48 -13.70 13.36
CA LEU A 686 -0.69 -12.48 13.17
C LEU A 686 -1.60 -11.26 13.24
N ILE A 687 -2.80 -11.38 12.67
CA ILE A 687 -3.78 -10.31 12.73
C ILE A 687 -4.21 -10.08 14.17
N GLU A 688 -4.28 -11.15 14.97
CA GLU A 688 -4.63 -11.00 16.38
C GLU A 688 -3.61 -10.13 17.10
N SER A 689 -2.32 -10.34 16.82
CA SER A 689 -1.29 -9.51 17.45
C SER A 689 -1.39 -8.05 16.97
N ILE A 690 -1.65 -7.86 15.68
CA ILE A 690 -1.79 -6.50 15.15
C ILE A 690 -3.02 -5.81 15.73
N VAL A 691 -4.10 -6.57 15.93
CA VAL A 691 -5.31 -6.04 16.55
C VAL A 691 -5.02 -5.66 18.00
N TRP A 692 -4.14 -6.42 18.67
CA TRP A 692 -3.78 -6.06 20.04
C TRP A 692 -3.08 -4.71 20.06
N ALA A 693 -2.17 -4.50 19.11
CA ALA A 693 -1.47 -3.23 19.03
C ALA A 693 -2.44 -2.09 18.73
N HIS A 694 -3.49 -2.39 17.96
CA HIS A 694 -4.49 -1.38 17.63
C HIS A 694 -5.37 -1.06 18.83
N ASN A 695 -5.73 -2.09 19.61
CA ASN A 695 -6.55 -1.89 20.79
C ASN A 695 -5.79 -1.11 21.85
N LYS A 696 -4.46 -1.25 21.87
CA LYS A 696 -3.66 -0.50 22.84
C LYS A 696 -3.73 1.00 22.58
N LEU A 697 -3.79 1.41 21.31
CA LEU A 697 -3.87 2.81 20.94
C LEU A 697 -5.28 3.26 20.58
N LYS A 698 -6.29 2.46 20.91
CA LYS A 698 -7.70 2.74 20.64
C LYS A 698 -7.98 3.02 19.17
N VAL A 699 -7.32 2.25 18.29
CA VAL A 699 -7.52 2.43 16.86
C VAL A 699 -8.01 1.12 16.24
N ALA A 700 -8.67 0.30 17.04
CA ALA A 700 -9.19 -0.97 16.53
C ALA A 700 -10.48 -0.71 15.76
N PRO A 701 -10.59 -1.14 14.52
CA PRO A 701 -11.83 -0.90 13.76
C PRO A 701 -12.99 -1.71 14.29
N ALA A 702 -14.20 -1.18 14.08
CA ALA A 702 -15.41 -1.88 14.52
C ALA A 702 -15.60 -3.15 13.72
N ILE A 703 -15.29 -3.09 12.43
CA ILE A 703 -15.36 -4.25 11.54
C ILE A 703 -14.13 -5.10 11.86
N GLN A 704 -14.36 -6.25 12.49
CA GLN A 704 -13.27 -7.11 12.93
C GLN A 704 -12.39 -7.59 11.77
N PRO A 705 -11.08 -7.37 11.83
CA PRO A 705 -10.20 -7.81 10.75
C PRO A 705 -10.00 -9.32 10.81
N ARG A 706 -10.35 -10.00 9.72
CA ARG A 706 -10.20 -11.43 9.61
C ARG A 706 -9.30 -11.74 8.42
N ALA A 707 -8.55 -12.82 8.52
CA ALA A 707 -7.69 -13.21 7.41
C ALA A 707 -8.57 -13.72 6.27
N LEU A 708 -7.98 -13.75 5.08
CA LEU A 708 -8.73 -14.22 3.91
C LEU A 708 -9.09 -15.68 4.10
N SER A 709 -10.24 -16.08 3.54
CA SER A 709 -10.67 -17.46 3.67
C SER A 709 -9.75 -18.36 2.86
N ILE A 710 -9.88 -19.67 3.11
CA ILE A 710 -9.06 -20.65 2.40
C ILE A 710 -9.30 -20.58 0.90
N THR A 711 -10.58 -20.50 0.51
CA THR A 711 -10.91 -20.39 -0.90
C THR A 711 -10.43 -19.05 -1.46
N GLN A 712 -10.58 -17.97 -0.68
CA GLN A 712 -10.11 -16.67 -1.14
C GLN A 712 -8.59 -16.66 -1.26
N GLY A 713 -7.89 -17.32 -0.34
CA GLY A 713 -6.44 -17.40 -0.43
C GLY A 713 -6.00 -18.11 -1.70
N ARG A 714 -6.68 -19.21 -2.04
CA ARG A 714 -6.36 -19.93 -3.27
C ARG A 714 -6.68 -19.08 -4.49
N ALA A 715 -7.80 -18.36 -4.47
CA ALA A 715 -8.19 -17.52 -5.60
C ALA A 715 -7.20 -16.38 -5.81
N VAL A 716 -6.77 -15.74 -4.72
CA VAL A 716 -5.81 -14.64 -4.81
C VAL A 716 -4.48 -15.15 -5.33
N GLY A 717 -4.05 -16.33 -4.84
CA GLY A 717 -2.79 -16.89 -5.31
C GLY A 717 -2.81 -17.25 -6.78
N VAL A 718 -3.89 -17.89 -7.24
CA VAL A 718 -3.95 -18.27 -8.66
C VAL A 718 -4.09 -17.03 -9.54
N ALA A 719 -4.82 -16.00 -9.06
CA ALA A 719 -4.99 -14.78 -9.84
C ALA A 719 -3.65 -14.08 -10.01
N HIS A 720 -2.88 -13.97 -8.93
CA HIS A 720 -1.58 -13.31 -9.01
C HIS A 720 -0.59 -14.13 -9.82
N TYR A 721 -0.67 -15.47 -9.72
CA TYR A 721 0.21 -16.33 -10.49
C TYR A 721 -0.03 -16.14 -11.98
N LEU A 722 -1.29 -16.19 -12.39
CA LEU A 722 -1.65 -16.01 -13.79
C LEU A 722 -1.27 -14.62 -14.29
N LEU A 723 -1.58 -13.59 -13.51
CA LEU A 723 -1.27 -12.22 -13.91
C LEU A 723 0.23 -12.01 -14.06
N GLY A 724 1.01 -12.45 -13.07
CA GLY A 724 2.45 -12.29 -13.15
C GLY A 724 3.09 -13.03 -14.30
N GLY A 725 2.73 -14.31 -14.48
CA GLY A 725 3.31 -15.08 -15.56
C GLY A 725 2.93 -14.57 -16.94
N ILE A 726 1.64 -14.30 -17.15
CA ILE A 726 1.19 -13.82 -18.45
C ILE A 726 1.75 -12.42 -18.74
N ALA A 727 1.84 -11.57 -17.72
CA ALA A 727 2.40 -10.23 -17.95
C ALA A 727 3.89 -10.32 -18.23
N THR A 728 4.59 -11.30 -17.63
CA THR A 728 6.01 -11.48 -17.90
C THR A 728 6.23 -11.87 -19.35
N THR A 729 5.45 -12.85 -19.82
CA THR A 729 5.55 -13.29 -21.20
C THR A 729 5.13 -12.18 -22.15
N TRP A 730 4.14 -11.38 -21.76
CA TRP A 730 3.67 -10.28 -22.60
C TRP A 730 4.75 -9.22 -22.77
N SER A 731 5.40 -8.84 -21.68
CA SER A 731 6.47 -7.84 -21.75
C SER A 731 7.64 -8.35 -22.56
N PHE A 732 8.03 -9.60 -22.33
CA PHE A 732 9.15 -10.18 -23.06
C PHE A 732 8.85 -10.28 -24.55
N PHE A 733 7.67 -10.81 -24.91
CA PHE A 733 7.29 -10.93 -26.31
C PHE A 733 7.21 -9.59 -27.01
N LEU A 734 6.49 -8.62 -26.42
CA LEU A 734 6.32 -7.32 -27.06
C LEU A 734 7.64 -6.57 -27.21
N ALA A 735 8.47 -6.55 -26.16
CA ALA A 735 9.74 -5.85 -26.27
C ALA A 735 10.64 -6.48 -27.32
N ARG A 736 10.75 -7.81 -27.32
CA ARG A 736 11.59 -8.50 -28.29
C ARG A 736 11.08 -8.32 -29.71
N ILE A 737 9.79 -8.56 -29.94
CA ILE A 737 9.22 -8.47 -31.28
C ILE A 737 9.16 -7.04 -31.79
N ILE A 738 9.18 -6.03 -30.91
CA ILE A 738 9.15 -4.67 -31.42
C ILE A 738 10.57 -4.21 -31.73
N SER A 739 11.54 -4.65 -30.92
CA SER A 739 12.92 -4.25 -31.14
C SER A 739 13.55 -4.96 -32.35
N VAL A 740 13.30 -6.26 -32.52
CA VAL A 740 13.92 -6.96 -33.64
C VAL A 740 12.97 -7.26 -34.79
N GLY A 741 11.67 -7.05 -34.62
CA GLY A 741 10.73 -7.33 -35.70
C GLY A 741 10.10 -6.08 -36.27
N ALA B 1 -2.41 -57.31 9.41
CA ALA B 1 -1.92 -57.55 10.76
C ALA B 1 -0.89 -56.51 11.16
N THR B 2 -0.44 -56.58 12.42
CA THR B 2 0.54 -55.63 12.92
C THR B 2 1.90 -55.93 12.31
N LYS B 3 2.55 -54.89 11.79
CA LYS B 3 3.86 -55.01 11.18
C LYS B 3 4.95 -54.75 12.21
N LEU B 4 6.16 -55.22 11.90
CA LEU B 4 7.27 -55.00 12.82
C LEU B 4 7.73 -53.55 12.78
N PHE B 5 7.81 -52.98 11.59
CA PHE B 5 8.24 -51.59 11.43
C PHE B 5 7.03 -50.66 11.53
N PRO B 6 7.10 -49.59 12.33
CA PRO B 6 8.25 -49.24 13.18
C PRO B 6 8.15 -49.87 14.56
N LYS B 7 9.29 -50.31 15.09
CA LYS B 7 9.31 -50.95 16.40
C LYS B 7 9.06 -49.96 17.54
N PHE B 8 9.33 -48.68 17.34
CA PHE B 8 9.15 -47.68 18.38
C PHE B 8 7.73 -47.12 18.48
N SER B 9 6.85 -47.42 17.53
CA SER B 9 5.48 -46.89 17.58
C SER B 9 4.50 -48.02 17.30
N GLN B 10 3.68 -48.36 18.31
CA GLN B 10 2.71 -49.42 18.12
C GLN B 10 1.53 -48.92 17.29
N GLY B 11 1.20 -47.64 17.40
CA GLY B 11 0.10 -47.09 16.61
C GLY B 11 0.44 -47.04 15.13
N LEU B 12 1.69 -46.73 14.81
CA LEU B 12 2.11 -46.68 13.42
C LEU B 12 2.26 -48.08 12.84
N ALA B 13 2.62 -49.06 13.67
CA ALA B 13 2.77 -50.43 13.19
C ALA B 13 1.43 -51.05 12.82
N GLN B 14 0.34 -50.54 13.39
CA GLN B 14 -0.99 -51.03 13.08
C GLN B 14 -1.63 -50.30 11.91
N ASP B 15 -0.94 -49.33 11.35
CA ASP B 15 -1.45 -48.58 10.21
C ASP B 15 -1.36 -49.44 8.96
N PRO B 16 -2.47 -49.73 8.27
CA PRO B 16 -2.40 -50.58 7.07
C PRO B 16 -2.14 -49.84 5.78
N THR B 17 -1.79 -48.56 5.83
CA THR B 17 -1.54 -47.77 4.64
C THR B 17 -0.05 -47.49 4.47
N THR B 18 0.29 -46.85 3.34
CA THR B 18 1.67 -46.49 3.04
C THR B 18 2.19 -45.39 3.95
N ARG B 19 1.29 -44.75 4.71
CA ARG B 19 1.67 -43.70 5.64
C ARG B 19 2.53 -44.24 6.78
N ARG B 20 2.44 -45.55 7.05
CA ARG B 20 3.23 -46.17 8.11
C ARG B 20 4.72 -46.06 7.84
N ILE B 21 5.14 -46.36 6.61
CA ILE B 21 6.57 -46.31 6.26
C ILE B 21 7.10 -44.88 6.35
N TRP B 22 6.35 -43.93 5.77
CA TRP B 22 6.77 -42.52 5.79
C TRP B 22 6.86 -41.98 7.21
N TYR B 23 5.84 -42.25 8.03
CA TYR B 23 5.86 -41.75 9.40
C TYR B 23 6.89 -42.48 10.25
N GLY B 24 7.19 -43.74 9.93
CA GLY B 24 8.21 -44.45 10.67
C GLY B 24 9.58 -43.90 10.35
N LEU B 25 9.75 -43.42 9.12
CA LEU B 25 11.02 -42.83 8.73
C LEU B 25 11.18 -41.42 9.28
N ALA B 26 10.09 -40.66 9.38
CA ALA B 26 10.16 -39.28 9.87
C ALA B 26 10.06 -39.15 11.39
N MET B 27 9.69 -40.20 12.11
CA MET B 27 9.58 -40.14 13.57
C MET B 27 10.58 -41.06 14.25
N ALA B 28 11.64 -41.44 13.53
CA ALA B 28 12.63 -42.34 14.11
C ALA B 28 13.50 -41.65 15.16
N HIS B 29 13.80 -40.37 14.97
CA HIS B 29 14.65 -39.66 15.92
C HIS B 29 13.86 -38.89 16.98
N ASP B 30 12.53 -38.95 16.95
CA ASP B 30 11.71 -38.30 17.96
C ASP B 30 11.54 -39.29 19.10
N PHE B 31 12.63 -39.48 19.85
CA PHE B 31 12.68 -40.43 20.95
C PHE B 31 11.67 -40.11 22.04
N GLU B 32 11.33 -38.83 22.22
CA GLU B 32 10.35 -38.46 23.26
C GLU B 32 8.96 -39.00 22.94
N SER B 33 8.67 -39.24 21.67
CA SER B 33 7.39 -39.76 21.23
C SER B 33 7.37 -41.28 21.08
N HIS B 34 8.44 -41.96 21.43
CA HIS B 34 8.49 -43.40 21.29
C HIS B 34 7.70 -44.09 22.42
N ASP B 35 7.38 -45.35 22.20
CA ASP B 35 6.61 -46.11 23.17
C ASP B 35 7.48 -46.55 24.34
N GLY B 36 6.97 -46.35 25.55
CA GLY B 36 7.67 -46.73 26.78
C GLY B 36 8.99 -46.04 26.99
N MET B 37 9.10 -44.77 26.60
CA MET B 37 10.33 -44.02 26.75
C MET B 37 10.38 -43.29 28.09
N THR B 38 11.51 -43.41 28.76
CA THR B 38 11.76 -42.75 30.04
C THR B 38 12.81 -41.68 29.83
N GLU B 39 13.10 -40.91 30.87
CA GLU B 39 14.10 -39.85 30.75
C GLU B 39 15.51 -40.41 30.64
N GLU B 40 15.82 -41.41 31.48
CA GLU B 40 17.14 -42.03 31.47
C GLU B 40 17.42 -42.70 30.13
N ASN B 41 16.43 -43.45 29.61
CA ASN B 41 16.59 -44.09 28.32
C ASN B 41 16.75 -43.06 27.21
N LEU B 42 16.04 -41.94 27.33
CA LEU B 42 16.14 -40.85 26.35
C LEU B 42 17.57 -40.32 26.28
N TYR B 43 18.13 -39.98 27.44
CA TYR B 43 19.50 -39.45 27.47
C TYR B 43 20.51 -40.49 26.96
N GLN B 44 20.29 -41.77 27.28
CA GLN B 44 21.21 -42.81 26.79
C GLN B 44 21.16 -42.95 25.28
N LYS B 45 19.96 -42.87 24.69
CA LYS B 45 19.83 -42.96 23.23
C LYS B 45 20.49 -41.76 22.57
N ILE B 46 20.35 -40.58 23.17
CA ILE B 46 20.97 -39.39 22.60
C ILE B 46 22.50 -39.50 22.68
N PHE B 47 23.01 -40.09 23.76
CA PHE B 47 24.45 -40.30 23.91
C PHE B 47 24.99 -41.21 22.80
N ALA B 48 24.29 -42.31 22.55
CA ALA B 48 24.70 -43.23 21.48
C ALA B 48 24.61 -42.57 20.12
N SER B 49 23.56 -41.78 19.89
CA SER B 49 23.40 -41.08 18.61
C SER B 49 24.52 -40.07 18.40
N HIS B 50 24.96 -39.41 19.48
CA HIS B 50 26.06 -38.45 19.39
C HIS B 50 27.33 -39.15 18.95
N PHE B 51 27.60 -40.32 19.55
CA PHE B 51 28.80 -41.07 19.17
C PHE B 51 28.74 -41.50 17.71
N GLY B 52 27.56 -41.93 17.25
CA GLY B 52 27.41 -42.33 15.86
C GLY B 52 27.62 -41.16 14.91
N GLN B 53 27.14 -39.98 15.31
CA GLN B 53 27.33 -38.79 14.49
C GLN B 53 28.81 -38.43 14.37
N LEU B 54 29.54 -38.53 15.49
CA LEU B 54 30.98 -38.24 15.45
C LEU B 54 31.69 -39.25 14.57
N SER B 55 31.25 -40.51 14.61
CA SER B 55 31.85 -41.55 13.77
C SER B 55 31.65 -41.21 12.30
N ILE B 56 30.45 -40.76 11.94
CA ILE B 56 30.16 -40.40 10.55
C ILE B 56 31.00 -39.20 10.11
N ILE B 57 31.13 -38.19 10.98
CA ILE B 57 31.91 -37.00 10.64
C ILE B 57 33.38 -37.36 10.40
N PHE B 58 33.96 -38.16 11.29
CA PHE B 58 35.36 -38.54 11.15
C PHE B 58 35.57 -39.42 9.93
N LEU B 59 34.61 -40.29 9.61
CA LEU B 59 34.74 -41.14 8.43
C LEU B 59 34.68 -40.29 7.16
N TRP B 60 33.83 -39.26 7.16
CA TRP B 60 33.72 -38.36 6.01
C TRP B 60 35.02 -37.59 5.80
N THR B 61 35.64 -37.13 6.90
CA THR B 61 36.90 -36.42 6.80
C THR B 61 38.01 -37.33 6.29
N SER B 62 38.03 -38.58 6.78
CA SER B 62 39.04 -39.54 6.31
C SER B 62 38.83 -39.86 4.85
N GLY B 63 37.57 -39.87 4.39
CA GLY B 63 37.28 -40.13 2.99
C GLY B 63 37.80 -39.02 2.10
N ASN B 64 37.61 -37.77 2.52
CA ASN B 64 38.12 -36.64 1.73
C ASN B 64 39.64 -36.68 1.66
N LEU B 65 40.29 -36.97 2.79
CA LEU B 65 41.75 -37.05 2.81
C LEU B 65 42.26 -38.17 1.91
N PHE B 66 41.61 -39.34 1.99
CA PHE B 66 42.01 -40.48 1.17
C PHE B 66 41.85 -40.20 -0.32
N HIS B 67 40.75 -39.58 -0.70
CA HIS B 67 40.55 -39.33 -2.13
C HIS B 67 41.50 -38.26 -2.65
N VAL B 68 41.83 -37.26 -1.83
CA VAL B 68 42.78 -36.26 -2.29
C VAL B 68 44.17 -36.88 -2.41
N ALA B 69 44.52 -37.77 -1.48
CA ALA B 69 45.83 -38.43 -1.53
C ALA B 69 45.93 -39.44 -2.67
N TRP B 70 44.81 -40.03 -3.08
CA TRP B 70 44.83 -41.05 -4.12
C TRP B 70 44.65 -40.48 -5.53
N GLN B 71 43.55 -39.80 -5.78
CA GLN B 71 43.26 -39.28 -7.11
C GLN B 71 43.52 -37.79 -7.29
N GLY B 72 44.08 -37.12 -6.29
CA GLY B 72 44.33 -35.69 -6.37
C GLY B 72 45.72 -35.37 -6.90
N ASN B 73 46.02 -34.07 -6.90
CA ASN B 73 47.29 -33.52 -7.34
C ASN B 73 47.88 -32.63 -6.26
N PHE B 74 47.82 -33.08 -5.00
CA PHE B 74 48.34 -32.29 -3.89
C PHE B 74 49.86 -32.12 -3.98
N GLU B 75 50.56 -33.13 -4.47
CA GLU B 75 52.02 -33.03 -4.58
C GLU B 75 52.44 -32.02 -5.64
N GLN B 76 51.59 -31.80 -6.65
CA GLN B 76 51.91 -30.83 -7.69
C GLN B 76 51.32 -29.46 -7.38
N TRP B 77 50.22 -29.42 -6.61
CA TRP B 77 49.60 -28.15 -6.26
C TRP B 77 50.46 -27.36 -5.28
N VAL B 78 51.22 -28.04 -4.43
CA VAL B 78 52.05 -27.32 -3.46
C VAL B 78 53.21 -26.62 -4.16
N THR B 79 53.62 -27.11 -5.34
CA THR B 79 54.71 -26.47 -6.07
C THR B 79 54.27 -25.18 -6.74
N ASP B 80 53.07 -25.17 -7.31
CA ASP B 80 52.51 -24.00 -7.99
C ASP B 80 51.05 -23.85 -7.60
N PRO B 81 50.75 -23.33 -6.42
CA PRO B 81 49.36 -23.17 -5.99
C PRO B 81 48.64 -21.96 -6.54
N VAL B 82 49.18 -21.32 -7.59
CA VAL B 82 48.54 -20.14 -8.17
C VAL B 82 47.97 -20.51 -9.53
N HIS B 83 48.67 -21.35 -10.29
CA HIS B 83 48.24 -21.75 -11.62
C HIS B 83 47.81 -23.21 -11.74
N ILE B 84 47.64 -23.94 -10.65
CA ILE B 84 47.22 -25.33 -10.69
C ILE B 84 45.91 -25.47 -9.93
N ARG B 85 44.92 -26.07 -10.58
CA ARG B 85 43.61 -26.26 -9.95
C ARG B 85 43.60 -27.52 -9.10
N PRO B 86 43.05 -27.48 -7.89
CA PRO B 86 43.01 -28.67 -7.04
C PRO B 86 42.06 -29.70 -7.62
N ILE B 87 42.34 -30.97 -7.33
CA ILE B 87 41.53 -32.09 -7.81
C ILE B 87 40.81 -32.72 -6.63
N ALA B 88 39.49 -32.86 -6.76
CA ALA B 88 38.69 -33.48 -5.70
C ALA B 88 38.87 -34.99 -5.70
N HIS B 89 38.47 -35.64 -6.79
CA HIS B 89 38.58 -37.09 -6.93
C HIS B 89 38.42 -37.43 -8.40
N ALA B 90 38.66 -38.69 -8.73
CA ALA B 90 38.52 -39.13 -10.11
C ALA B 90 37.06 -39.40 -10.44
N ILE B 91 36.78 -39.46 -11.74
CA ILE B 91 35.44 -39.71 -12.24
C ILE B 91 35.45 -41.02 -13.00
N TRP B 92 34.57 -41.94 -12.61
CA TRP B 92 34.43 -43.24 -13.28
C TRP B 92 32.94 -43.38 -13.56
N ASP B 93 32.54 -43.08 -14.79
CA ASP B 93 31.14 -43.16 -15.20
C ASP B 93 31.04 -43.81 -16.57
N PRO B 94 30.40 -44.97 -16.67
CA PRO B 94 30.27 -45.61 -17.99
C PRO B 94 29.35 -44.87 -18.95
N HIS B 95 28.58 -43.89 -18.46
CA HIS B 95 27.69 -43.13 -19.32
C HIS B 95 28.43 -42.04 -20.09
N PHE B 96 29.65 -41.70 -19.68
CA PHE B 96 30.40 -40.67 -20.37
C PHE B 96 30.79 -41.14 -21.77
N GLY B 97 30.64 -40.23 -22.73
CA GLY B 97 31.08 -40.49 -24.08
C GLY B 97 32.53 -40.07 -24.18
N GLN B 98 33.07 -40.12 -25.39
CA GLN B 98 34.46 -39.70 -25.55
C GLN B 98 34.66 -38.20 -25.29
N PRO B 99 33.87 -37.26 -25.86
CA PRO B 99 34.13 -35.83 -25.56
C PRO B 99 34.01 -35.48 -24.10
N ALA B 100 33.13 -36.15 -23.35
CA ALA B 100 33.03 -35.89 -21.92
C ALA B 100 34.29 -36.36 -21.21
N VAL B 101 34.89 -37.45 -21.70
CA VAL B 101 36.10 -37.98 -21.12
C VAL B 101 37.27 -37.01 -21.30
N GLU B 102 37.47 -36.49 -22.52
CA GLU B 102 38.58 -35.52 -22.63
C GLU B 102 38.18 -34.16 -22.05
N ALA B 103 36.89 -33.88 -21.89
CA ALA B 103 36.49 -32.60 -21.34
C ALA B 103 36.77 -32.54 -19.84
N PHE B 104 36.49 -33.61 -19.11
CA PHE B 104 36.75 -33.60 -17.69
C PHE B 104 38.19 -33.96 -17.33
N THR B 105 38.99 -34.38 -18.31
CA THR B 105 40.39 -34.72 -18.08
C THR B 105 41.17 -33.42 -18.07
N ARG B 106 41.44 -32.90 -16.88
CA ARG B 106 42.15 -31.65 -16.72
C ARG B 106 42.86 -31.66 -15.38
N GLY B 107 43.63 -30.59 -15.14
CA GLY B 107 44.37 -30.47 -13.90
C GLY B 107 45.62 -31.30 -13.81
N GLY B 108 46.10 -31.84 -14.93
CA GLY B 108 47.30 -32.65 -14.95
C GLY B 108 47.07 -34.12 -14.68
N ALA B 109 45.82 -34.54 -14.46
CA ALA B 109 45.52 -35.93 -14.20
C ALA B 109 45.52 -36.74 -15.49
N SER B 110 45.51 -38.06 -15.34
CA SER B 110 45.51 -38.98 -16.48
C SER B 110 44.10 -39.40 -16.89
N GLY B 111 43.06 -38.86 -16.25
CA GLY B 111 41.70 -39.19 -16.58
C GLY B 111 40.74 -38.11 -16.12
N PRO B 112 39.44 -38.36 -16.28
CA PRO B 112 38.44 -37.38 -15.85
C PRO B 112 38.41 -37.24 -14.34
N VAL B 113 38.51 -36.01 -13.86
CA VAL B 113 38.52 -35.70 -12.44
C VAL B 113 37.63 -34.50 -12.17
N ASN B 114 37.41 -34.22 -10.89
CA ASN B 114 36.60 -33.11 -10.43
C ASN B 114 37.51 -32.09 -9.76
N ILE B 115 37.33 -30.81 -10.08
CA ILE B 115 38.12 -29.75 -9.49
C ILE B 115 37.47 -29.36 -8.17
N SER B 116 38.17 -29.58 -7.07
CA SER B 116 37.63 -29.30 -5.75
C SER B 116 37.43 -27.81 -5.50
N THR B 117 36.34 -27.48 -4.81
CA THR B 117 35.99 -26.11 -4.44
C THR B 117 35.85 -25.95 -2.93
N SER B 118 36.18 -26.98 -2.15
CA SER B 118 36.05 -26.95 -0.70
C SER B 118 37.20 -26.24 0.00
N GLY B 119 38.34 -26.05 -0.66
CA GLY B 119 39.46 -25.39 -0.03
C GLY B 119 40.25 -26.21 0.94
N VAL B 120 40.18 -27.54 0.85
CA VAL B 120 40.94 -28.37 1.76
C VAL B 120 42.42 -28.38 1.38
N TYR B 121 42.73 -28.06 0.12
CA TYR B 121 44.12 -28.02 -0.32
C TYR B 121 44.88 -26.91 0.39
N GLN B 122 44.29 -25.71 0.41
CA GLN B 122 44.92 -24.57 1.06
C GLN B 122 45.02 -24.78 2.56
N TRP B 123 43.98 -25.35 3.17
CA TRP B 123 43.97 -25.61 4.61
C TRP B 123 45.04 -26.62 4.98
N TRP B 124 45.11 -27.74 4.25
CA TRP B 124 46.11 -28.77 4.55
C TRP B 124 47.51 -28.27 4.26
N TYR B 125 47.67 -27.42 3.24
CA TYR B 125 48.99 -26.87 2.93
C TYR B 125 49.44 -25.91 4.02
N THR B 126 48.51 -25.11 4.56
CA THR B 126 48.86 -24.17 5.62
C THR B 126 49.18 -24.89 6.92
N ILE B 127 48.43 -25.94 7.28
CA ILE B 127 48.71 -26.62 8.54
C ILE B 127 49.95 -27.50 8.48
N GLY B 128 50.54 -27.73 7.32
CA GLY B 128 51.75 -28.54 7.28
C GLY B 128 51.81 -29.74 6.36
N MET B 129 50.70 -30.09 5.70
CA MET B 129 50.71 -31.24 4.79
C MET B 129 51.51 -30.91 3.54
N ARG B 130 52.39 -31.81 3.13
CA ARG B 130 53.18 -31.57 1.92
C ARG B 130 53.13 -32.70 0.90
N THR B 131 53.11 -33.94 1.36
CA THR B 131 53.11 -35.10 0.48
C THR B 131 51.80 -35.89 0.62
N ASN B 132 51.63 -36.86 -0.29
CA ASN B 132 50.45 -37.71 -0.26
C ASN B 132 50.51 -38.69 0.90
N GLN B 133 51.72 -39.01 1.37
CA GLN B 133 51.89 -39.92 2.50
C GLN B 133 51.26 -39.33 3.75
N ASP B 134 51.41 -38.03 3.94
CA ASP B 134 50.83 -37.36 5.09
C ASP B 134 49.30 -37.45 5.07
N LEU B 135 48.70 -37.24 3.90
CA LEU B 135 47.25 -37.33 3.79
C LEU B 135 46.77 -38.76 3.99
N TYR B 136 47.55 -39.74 3.51
CA TYR B 136 47.20 -41.15 3.69
C TYR B 136 47.21 -41.52 5.16
N VAL B 137 48.26 -41.09 5.89
CA VAL B 137 48.36 -41.37 7.31
C VAL B 137 47.24 -40.70 8.07
N GLY B 138 46.91 -39.45 7.71
CA GLY B 138 45.81 -38.76 8.36
C GLY B 138 44.48 -39.43 8.11
N SER B 139 44.29 -39.96 6.90
CA SER B 139 43.06 -40.66 6.57
C SER B 139 42.92 -41.94 7.37
N VAL B 140 44.01 -42.70 7.50
CA VAL B 140 43.96 -43.94 8.29
C VAL B 140 43.70 -43.63 9.76
N PHE B 141 44.34 -42.57 10.27
CA PHE B 141 44.14 -42.18 11.66
C PHE B 141 42.70 -41.75 11.93
N LEU B 142 42.11 -40.98 11.01
CA LEU B 142 40.73 -40.56 11.20
C LEU B 142 39.76 -41.72 11.05
N ALA B 143 40.10 -42.71 10.22
CA ALA B 143 39.23 -43.89 10.10
C ALA B 143 39.26 -44.69 11.39
N LEU B 144 40.43 -44.77 12.03
CA LEU B 144 40.54 -45.48 13.30
C LEU B 144 39.76 -44.73 14.39
N VAL B 145 39.83 -43.39 14.36
CA VAL B 145 39.09 -42.58 15.33
C VAL B 145 37.59 -42.78 15.13
N SER B 146 37.15 -42.86 13.88
CA SER B 146 35.74 -43.08 13.58
C SER B 146 35.28 -44.44 14.08
N ALA B 147 36.10 -45.48 13.89
CA ALA B 147 35.75 -46.80 14.38
C ALA B 147 35.68 -46.83 15.90
N ILE B 148 36.59 -46.10 16.55
CA ILE B 148 36.59 -46.03 18.01
C ILE B 148 35.34 -45.34 18.51
N PHE B 149 34.93 -44.26 17.85
CA PHE B 149 33.72 -43.55 18.26
C PHE B 149 32.47 -44.41 18.06
N LEU B 150 32.44 -45.17 16.97
CA LEU B 150 31.30 -46.06 16.73
C LEU B 150 31.24 -47.15 17.80
N PHE B 151 32.40 -47.68 18.17
CA PHE B 151 32.42 -48.70 19.22
C PHE B 151 32.01 -48.11 20.56
N ALA B 152 32.37 -46.85 20.82
CA ALA B 152 31.96 -46.19 22.05
C ALA B 152 30.45 -46.03 22.09
N GLY B 153 29.85 -45.71 20.94
CA GLY B 153 28.41 -45.58 20.89
C GLY B 153 27.71 -46.89 21.13
N TRP B 154 28.27 -47.98 20.60
CA TRP B 154 27.66 -49.29 20.85
C TRP B 154 27.86 -49.72 22.29
N LEU B 155 29.03 -49.42 22.85
CA LEU B 155 29.36 -49.82 24.21
C LEU B 155 28.55 -49.07 25.26
N HIS B 156 28.21 -47.81 25.00
CA HIS B 156 27.46 -47.12 26.04
C HIS B 156 25.99 -47.45 26.09
N LEU B 157 25.55 -48.51 25.42
CA LEU B 157 24.17 -48.95 25.46
C LEU B 157 24.02 -50.28 26.18
N GLN B 158 25.10 -51.03 26.31
CA GLN B 158 25.13 -52.31 26.97
C GLN B 158 25.12 -52.12 28.48
N PRO B 159 24.65 -53.13 29.23
CA PRO B 159 24.65 -53.02 30.69
C PRO B 159 26.06 -52.87 31.24
N ASN B 160 26.17 -52.22 32.38
CA ASN B 160 27.37 -51.87 33.16
C ASN B 160 28.10 -50.71 32.47
N PHE B 161 27.53 -50.11 31.44
CA PHE B 161 28.14 -49.00 30.74
C PHE B 161 27.15 -47.89 30.42
N GLN B 162 25.88 -48.07 30.76
CA GLN B 162 24.88 -47.04 30.50
C GLN B 162 24.94 -45.99 31.60
N PRO B 163 25.14 -44.72 31.26
CA PRO B 163 25.21 -43.69 32.31
C PRO B 163 23.83 -43.43 32.90
N SER B 164 23.83 -43.11 34.19
CA SER B 164 22.59 -42.83 34.90
C SER B 164 22.08 -41.44 34.54
N LEU B 165 20.82 -41.18 34.90
CA LEU B 165 20.22 -39.89 34.61
C LEU B 165 20.89 -38.76 35.38
N SER B 166 21.41 -39.06 36.57
CA SER B 166 22.08 -38.03 37.37
C SER B 166 23.40 -37.59 36.73
N TRP B 167 24.07 -38.50 36.02
CA TRP B 167 25.34 -38.16 35.38
C TRP B 167 25.12 -37.19 34.23
N PHE B 168 24.00 -37.34 33.52
CA PHE B 168 23.69 -36.47 32.39
C PHE B 168 23.27 -35.08 32.82
N LYS B 169 22.89 -34.89 34.09
CA LYS B 169 22.44 -33.60 34.59
C LYS B 169 23.53 -32.83 35.33
N ASP B 170 24.76 -33.34 35.37
CA ASP B 170 25.85 -32.64 36.06
C ASP B 170 26.31 -31.53 35.12
N ALA B 171 25.57 -30.40 35.19
CA ALA B 171 25.87 -29.26 34.33
C ALA B 171 27.18 -28.58 34.67
N GLU B 172 27.47 -28.45 35.97
CA GLU B 172 28.70 -27.77 36.40
C GLU B 172 29.94 -28.53 35.94
N SER B 173 29.95 -29.85 36.14
CA SER B 173 31.09 -30.66 35.73
C SER B 173 31.26 -30.66 34.21
N ARG B 174 30.15 -30.80 33.48
CA ARG B 174 30.21 -30.82 32.02
C ARG B 174 30.71 -29.50 31.48
N LEU B 175 30.22 -28.40 32.03
CA LEU B 175 30.65 -27.08 31.55
C LEU B 175 32.12 -26.83 31.87
N ASN B 176 32.57 -27.24 33.07
CA ASN B 176 33.97 -27.07 33.43
C ASN B 176 34.88 -27.86 32.51
N HIS B 177 34.51 -29.10 32.21
CA HIS B 177 35.35 -29.93 31.35
C HIS B 177 35.29 -29.49 29.90
N HIS B 178 34.16 -28.94 29.45
CA HIS B 178 34.10 -28.49 28.07
C HIS B 178 34.90 -27.20 27.89
N LEU B 179 34.86 -26.32 28.89
CA LEU B 179 35.62 -25.07 28.75
C LEU B 179 37.11 -25.30 28.93
N SER B 180 37.51 -26.11 29.90
CA SER B 180 38.93 -26.34 30.13
C SER B 180 39.54 -27.41 29.22
N GLY B 181 38.87 -28.53 29.04
CA GLY B 181 39.43 -29.58 28.22
C GLY B 181 39.07 -29.61 26.74
N LEU B 182 37.77 -29.61 26.42
CA LEU B 182 37.35 -29.65 25.02
C LEU B 182 37.73 -28.38 24.27
N PHE B 183 37.77 -27.24 24.95
CA PHE B 183 38.10 -25.98 24.32
C PHE B 183 39.52 -25.52 24.60
N GLY B 184 39.91 -25.42 25.87
CA GLY B 184 41.23 -24.93 26.20
C GLY B 184 42.38 -25.88 25.87
N VAL B 185 42.27 -27.15 26.28
CA VAL B 185 43.34 -28.10 26.02
C VAL B 185 43.45 -28.40 24.53
N SER B 186 42.32 -28.46 23.81
CA SER B 186 42.37 -28.68 22.37
C SER B 186 43.05 -27.52 21.66
N SER B 187 42.78 -26.29 22.11
CA SER B 187 43.41 -25.12 21.51
C SER B 187 44.90 -25.10 21.84
N LEU B 188 45.26 -25.55 23.04
CA LEU B 188 46.67 -25.60 23.43
C LEU B 188 47.41 -26.63 22.59
N ALA B 189 46.77 -27.76 22.32
CA ALA B 189 47.36 -28.79 21.48
C ALA B 189 47.50 -28.29 20.05
N TRP B 190 46.51 -27.53 19.57
CA TRP B 190 46.61 -26.99 18.22
C TRP B 190 47.74 -25.97 18.15
N THR B 191 47.96 -25.24 19.23
CA THR B 191 49.08 -24.31 19.28
C THR B 191 50.38 -25.08 19.21
N GLY B 192 50.42 -26.24 19.88
CA GLY B 192 51.60 -27.06 19.83
C GLY B 192 51.89 -27.57 18.44
N HIS B 193 50.83 -27.90 17.68
CA HIS B 193 51.05 -28.37 16.32
C HIS B 193 51.52 -27.23 15.42
N LEU B 194 50.91 -26.05 15.56
CA LEU B 194 51.31 -24.91 14.74
C LEU B 194 52.76 -24.50 15.01
N VAL B 195 53.13 -24.46 16.29
CA VAL B 195 54.48 -24.08 16.68
C VAL B 195 55.48 -25.16 16.29
N HIS B 196 55.12 -26.42 16.44
CA HIS B 196 56.01 -27.53 16.15
C HIS B 196 56.03 -27.99 14.70
N VAL B 197 54.90 -27.94 13.99
CA VAL B 197 54.89 -28.45 12.63
C VAL B 197 54.58 -27.41 11.55
N ALA B 198 53.45 -26.72 11.66
CA ALA B 198 53.03 -25.76 10.63
C ALA B 198 54.05 -24.64 10.42
N ILE B 199 54.48 -23.99 11.51
CA ILE B 199 55.46 -22.91 11.36
C ILE B 199 56.80 -23.41 10.80
N PRO B 200 57.40 -24.52 11.28
CA PRO B 200 58.65 -24.96 10.64
C PRO B 200 58.46 -25.47 9.23
N GLU B 201 57.29 -26.05 8.90
CA GLU B 201 57.07 -26.54 7.54
C GLU B 201 56.88 -25.37 6.58
N SER B 202 56.38 -24.24 7.07
CA SER B 202 56.22 -23.07 6.21
C SER B 202 57.57 -22.40 5.94
N ARG B 203 58.60 -22.75 6.70
CA ARG B 203 59.93 -22.20 6.55
C ARG B 203 60.89 -23.18 5.89
N GLY B 204 60.36 -24.19 5.20
CA GLY B 204 61.17 -25.16 4.50
C GLY B 204 61.82 -26.24 5.34
N GLN B 205 61.40 -26.41 6.59
CA GLN B 205 61.97 -27.43 7.46
C GLN B 205 60.93 -28.51 7.70
N HIS B 206 61.26 -29.74 7.33
CA HIS B 206 60.32 -30.83 7.52
C HIS B 206 60.35 -31.31 8.97
N VAL B 207 59.19 -31.33 9.61
CA VAL B 207 59.04 -31.77 10.99
C VAL B 207 57.90 -32.77 11.00
N GLY B 208 58.23 -34.06 11.15
CA GLY B 208 57.23 -35.10 11.18
C GLY B 208 57.36 -35.90 12.46
N TRP B 209 56.64 -37.01 12.56
CA TRP B 209 56.71 -37.85 13.76
C TRP B 209 58.09 -38.48 13.93
N ASP B 210 58.87 -38.59 12.86
CA ASP B 210 60.20 -39.17 12.92
C ASP B 210 61.28 -38.22 13.40
N ASN B 211 61.02 -36.91 13.43
CA ASN B 211 62.06 -36.01 13.89
C ASN B 211 61.55 -34.82 14.73
N PHE B 212 60.30 -34.86 15.21
CA PHE B 212 59.83 -33.72 15.98
C PHE B 212 60.40 -33.70 17.40
N LEU B 213 60.94 -34.81 17.88
CA LEU B 213 61.53 -34.83 19.22
C LEU B 213 62.97 -34.36 19.22
N SER B 214 63.57 -34.19 18.05
CA SER B 214 64.95 -33.73 17.93
C SER B 214 65.07 -32.39 17.22
N VAL B 215 63.94 -31.75 16.92
CA VAL B 215 63.91 -30.46 16.24
C VAL B 215 63.27 -29.45 17.19
N LEU B 216 63.98 -28.37 17.46
CA LEU B 216 63.52 -27.32 18.36
C LEU B 216 62.61 -26.35 17.63
N PRO B 217 61.45 -26.01 18.20
CA PRO B 217 60.58 -25.03 17.55
C PRO B 217 61.16 -23.64 17.57
N HIS B 218 61.97 -23.33 18.58
CA HIS B 218 62.64 -22.06 18.75
C HIS B 218 64.09 -22.33 19.12
N PRO B 219 65.03 -21.48 18.68
CA PRO B 219 66.44 -21.73 19.03
C PRO B 219 66.78 -21.56 20.50
N GLN B 220 65.90 -20.94 21.31
CA GLN B 220 66.22 -20.78 22.72
C GLN B 220 65.72 -21.95 23.58
N GLY B 221 64.88 -22.82 23.02
CA GLY B 221 64.39 -24.01 23.69
C GLY B 221 63.76 -23.98 25.09
N LEU B 222 62.56 -23.42 25.20
CA LEU B 222 61.75 -23.35 26.42
C LEU B 222 62.33 -22.51 27.56
N THR B 223 63.54 -21.98 27.40
CA THR B 223 64.11 -21.13 28.45
C THR B 223 63.34 -19.82 28.62
N PRO B 224 62.97 -19.07 27.55
CA PRO B 224 62.22 -17.84 27.78
C PRO B 224 60.83 -18.08 28.36
N PHE B 225 60.23 -19.24 28.10
CA PHE B 225 58.91 -19.53 28.64
C PHE B 225 58.95 -19.68 30.16
N PHE B 226 59.94 -20.40 30.67
CA PHE B 226 60.06 -20.60 32.10
C PHE B 226 60.63 -19.38 32.82
N THR B 227 61.50 -18.61 32.17
CA THR B 227 62.06 -17.43 32.82
C THR B 227 61.17 -16.20 32.69
N GLY B 228 60.03 -16.31 32.00
CA GLY B 228 59.14 -15.18 31.84
C GLY B 228 59.48 -14.23 30.73
N ASN B 229 60.59 -14.44 30.01
CA ASN B 229 60.99 -13.58 28.91
C ASN B 229 60.27 -14.00 27.62
N TRP B 230 58.94 -13.93 27.68
CA TRP B 230 58.11 -14.37 26.56
C TRP B 230 58.32 -13.54 25.30
N ALA B 231 58.78 -12.28 25.44
CA ALA B 231 59.04 -11.44 24.27
C ALA B 231 60.13 -12.02 23.37
N ALA B 232 60.93 -12.95 23.88
CA ALA B 232 61.96 -13.57 23.08
C ALA B 232 61.36 -14.47 22.00
N TYR B 233 60.10 -14.87 22.15
CA TYR B 233 59.47 -15.71 21.14
C TYR B 233 58.91 -14.91 19.97
N ALA B 234 58.86 -13.58 20.10
CA ALA B 234 58.37 -12.71 19.04
C ALA B 234 59.50 -12.04 18.27
N GLN B 235 60.75 -12.32 18.62
CA GLN B 235 61.90 -11.74 17.96
C GLN B 235 62.20 -12.45 16.66
N SER B 236 62.62 -11.67 15.65
CA SER B 236 62.98 -12.10 14.30
C SER B 236 61.85 -12.85 13.61
N PRO B 237 60.78 -12.16 13.20
CA PRO B 237 59.68 -12.85 12.50
C PRO B 237 59.94 -12.99 11.01
N ASP B 238 58.96 -13.48 10.28
CA ASP B 238 59.11 -13.63 8.83
C ASP B 238 59.05 -12.26 8.17
N THR B 239 60.00 -12.00 7.26
CA THR B 239 60.06 -10.72 6.58
C THR B 239 59.03 -10.65 5.45
N ALA B 240 59.01 -9.50 4.77
CA ALA B 240 58.09 -9.29 3.67
C ALA B 240 58.48 -10.02 2.40
N SER B 241 59.69 -10.57 2.35
CA SER B 241 60.16 -11.31 1.17
C SER B 241 60.19 -12.81 1.41
N HIS B 242 59.48 -13.29 2.43
CA HIS B 242 59.49 -14.72 2.73
C HIS B 242 58.64 -15.50 1.73
N VAL B 243 59.19 -16.59 1.23
CA VAL B 243 58.52 -17.47 0.29
C VAL B 243 57.98 -18.64 1.10
N PHE B 244 56.66 -18.83 1.05
CA PHE B 244 56.01 -19.90 1.80
C PHE B 244 56.51 -21.28 1.35
N GLY B 245 56.89 -22.09 2.33
CA GLY B 245 57.40 -23.42 2.06
C GLY B 245 58.90 -23.50 1.88
N THR B 246 59.60 -22.35 1.82
CA THR B 246 61.04 -22.33 1.67
C THR B 246 61.64 -21.51 2.80
N ALA B 247 62.97 -21.59 2.93
CA ALA B 247 63.67 -20.85 3.97
C ALA B 247 64.09 -19.45 3.55
N GLN B 248 63.80 -19.05 2.32
CA GLN B 248 64.17 -17.73 1.85
C GLN B 248 63.27 -16.68 2.51
N GLY B 249 63.88 -15.78 3.28
CA GLY B 249 63.15 -14.74 3.97
C GLY B 249 62.45 -15.17 5.24
N SER B 250 62.64 -16.41 5.67
CA SER B 250 62.00 -16.92 6.87
C SER B 250 62.67 -16.37 8.12
N GLY B 251 61.93 -16.38 9.23
CA GLY B 251 62.40 -15.91 10.50
C GLY B 251 62.56 -17.03 11.51
N GLN B 252 62.63 -16.64 12.78
CA GLN B 252 62.77 -17.59 13.87
C GLN B 252 61.67 -17.48 14.92
N ALA B 253 60.83 -16.45 14.85
CA ALA B 253 59.77 -16.27 15.82
C ALA B 253 58.67 -17.32 15.69
N ILE B 254 58.03 -17.62 16.82
CA ILE B 254 56.93 -18.58 16.84
C ILE B 254 55.64 -17.99 17.37
N LEU B 255 55.69 -16.85 18.09
CA LEU B 255 54.50 -16.22 18.64
C LEU B 255 54.58 -14.73 18.37
N THR B 256 53.87 -14.26 17.35
CA THR B 256 53.85 -12.85 16.97
C THR B 256 52.42 -12.36 16.86
N PHE B 257 52.28 -11.03 16.76
CA PHE B 257 50.99 -10.41 16.56
C PHE B 257 51.18 -9.23 15.60
N LEU B 258 51.83 -9.54 14.47
CA LEU B 258 52.11 -8.56 13.44
C LEU B 258 50.82 -8.01 12.84
N GLY B 259 49.83 -8.86 12.61
CA GLY B 259 48.58 -8.43 12.03
C GLY B 259 48.67 -8.37 10.52
N GLY B 260 47.53 -8.11 9.90
CA GLY B 260 47.53 -8.04 8.46
C GLY B 260 47.63 -9.41 7.80
N PHE B 261 48.16 -9.42 6.59
CA PHE B 261 48.30 -10.65 5.82
C PHE B 261 49.73 -10.84 5.34
N HIS B 262 50.02 -12.08 4.97
CA HIS B 262 51.31 -12.44 4.42
C HIS B 262 51.40 -11.81 3.04
N PRO B 263 52.52 -11.16 2.68
CA PRO B 263 52.61 -10.51 1.37
C PRO B 263 52.48 -11.46 0.18
N GLN B 264 52.87 -12.73 0.31
CA GLN B 264 52.74 -13.63 -0.82
C GLN B 264 51.46 -14.45 -0.81
N THR B 265 51.19 -15.15 0.30
CA THR B 265 50.00 -15.99 0.38
C THR B 265 48.71 -15.20 0.60
N GLN B 266 48.81 -13.90 0.96
CA GLN B 266 47.65 -13.04 1.21
C GLN B 266 46.76 -13.62 2.32
N SER B 267 47.39 -14.27 3.29
CA SER B 267 46.70 -14.89 4.39
C SER B 267 47.35 -14.49 5.71
N LEU B 268 46.67 -14.82 6.80
CA LEU B 268 47.16 -14.51 8.13
C LEU B 268 48.46 -15.24 8.43
N TRP B 269 49.31 -14.59 9.22
CA TRP B 269 50.59 -15.18 9.60
C TRP B 269 50.37 -16.40 10.47
N LEU B 270 51.22 -17.42 10.27
CA LEU B 270 51.10 -18.64 11.07
C LEU B 270 51.48 -18.39 12.52
N THR B 271 52.44 -17.51 12.75
CA THR B 271 52.85 -17.18 14.12
C THR B 271 51.72 -16.45 14.83
N ASP B 272 50.99 -15.61 14.10
CA ASP B 272 49.86 -14.89 14.69
C ASP B 272 48.75 -15.86 15.06
N MET B 273 48.49 -16.86 14.21
CA MET B 273 47.44 -17.83 14.51
C MET B 273 47.85 -18.72 15.69
N ALA B 274 49.14 -19.06 15.78
CA ALA B 274 49.61 -19.86 16.91
C ALA B 274 49.46 -19.08 18.21
N HIS B 275 49.85 -17.80 18.18
CA HIS B 275 49.71 -16.94 19.35
C HIS B 275 48.24 -16.77 19.74
N HIS B 276 47.36 -16.70 18.74
CA HIS B 276 45.94 -16.58 18.98
C HIS B 276 45.39 -17.79 19.70
N HIS B 277 45.76 -18.98 19.22
CA HIS B 277 45.28 -20.20 19.84
C HIS B 277 45.85 -20.37 21.23
N LEU B 278 47.08 -19.91 21.46
CA LEU B 278 47.65 -19.99 22.80
C LEU B 278 46.90 -19.09 23.78
N ALA B 279 46.59 -17.87 23.36
CA ALA B 279 45.87 -16.94 24.22
C ALA B 279 44.46 -17.43 24.53
N ILE B 280 43.74 -17.90 23.51
CA ILE B 280 42.39 -18.40 23.77
C ILE B 280 42.44 -19.70 24.55
N ALA B 281 43.52 -20.47 24.42
CA ALA B 281 43.63 -21.70 25.19
C ALA B 281 43.78 -21.39 26.67
N VAL B 282 44.61 -20.39 26.99
CA VAL B 282 44.79 -19.98 28.38
C VAL B 282 43.48 -19.44 28.94
N ILE B 283 42.78 -18.62 28.15
CA ILE B 283 41.52 -18.03 28.59
C ILE B 283 40.46 -19.10 28.84
N PHE B 284 40.33 -20.06 27.91
CA PHE B 284 39.33 -21.12 28.07
C PHE B 284 39.67 -22.04 29.24
N ILE B 285 40.96 -22.36 29.43
CA ILE B 285 41.34 -23.20 30.54
C ILE B 285 41.02 -22.50 31.86
N VAL B 286 41.34 -21.20 31.96
CA VAL B 286 41.04 -20.44 33.17
C VAL B 286 39.52 -20.41 33.41
N ALA B 287 38.74 -20.19 32.34
CA ALA B 287 37.29 -20.18 32.46
C ALA B 287 36.73 -21.53 32.86
N GLY B 288 37.48 -22.61 32.65
CA GLY B 288 37.04 -23.94 33.04
C GLY B 288 37.07 -24.24 34.53
N HIS B 289 37.44 -23.27 35.38
CA HIS B 289 37.47 -23.44 36.83
C HIS B 289 36.46 -22.54 37.52
N MET B 290 35.33 -22.28 36.86
CA MET B 290 34.33 -21.38 37.41
C MET B 290 33.25 -22.06 38.23
N TYR B 291 32.87 -23.29 37.89
CA TYR B 291 31.79 -23.96 38.58
C TYR B 291 32.27 -24.95 39.63
N ARG B 292 31.43 -25.12 40.65
CA ARG B 292 31.71 -26.01 41.76
C ARG B 292 31.31 -27.43 41.43
N THR B 293 32.26 -28.35 41.52
CA THR B 293 31.95 -29.75 41.24
C THR B 293 32.13 -30.65 42.45
N ASN B 294 33.34 -30.78 42.98
CA ASN B 294 33.56 -31.66 44.12
C ASN B 294 34.59 -31.15 45.12
N PHE B 295 35.01 -29.89 45.04
CA PHE B 295 36.05 -29.41 45.94
C PHE B 295 35.65 -28.16 46.71
N GLY B 296 34.37 -27.89 46.87
CA GLY B 296 33.95 -26.73 47.63
C GLY B 296 34.02 -25.39 46.93
N ILE B 297 35.09 -25.13 46.20
CA ILE B 297 35.26 -23.88 45.48
C ILE B 297 34.48 -23.96 44.18
N GLY B 298 34.16 -22.81 43.62
CA GLY B 298 33.42 -22.72 42.38
C GLY B 298 32.02 -22.16 42.59
N HIS B 299 31.26 -22.18 41.51
CA HIS B 299 29.89 -21.69 41.52
C HIS B 299 28.87 -22.78 41.29
N ARG B 300 27.64 -22.41 41.60
CA ARG B 300 26.46 -23.22 41.36
C ARG B 300 25.64 -22.31 40.45
N MET B 301 25.31 -22.79 39.26
CA MET B 301 24.58 -21.96 38.30
C MET B 301 23.20 -21.58 38.80
N GLN B 302 22.61 -22.42 39.66
CA GLN B 302 21.31 -22.11 40.23
C GLN B 302 21.39 -20.89 41.13
N ALA B 303 22.48 -20.77 41.90
CA ALA B 303 22.65 -19.62 42.78
C ALA B 303 22.84 -18.33 42.00
N ILE B 304 23.63 -18.40 40.92
CA ILE B 304 23.86 -17.21 40.10
C ILE B 304 22.57 -16.79 39.39
N LEU B 305 21.77 -17.76 38.95
CA LEU B 305 20.51 -17.42 38.29
C LEU B 305 19.50 -16.85 39.29
N GLU B 306 19.42 -17.44 40.49
CA GLU B 306 18.49 -16.97 41.49
C GLU B 306 18.88 -15.63 42.09
N ALA B 307 20.18 -15.28 42.07
CA ALA B 307 20.64 -14.02 42.62
C ALA B 307 20.83 -12.96 41.54
N HIS B 308 19.99 -12.98 40.51
CA HIS B 308 20.10 -12.04 39.40
C HIS B 308 18.75 -11.44 39.05
N THR B 309 18.05 -10.91 40.05
CA THR B 309 16.76 -10.29 39.83
C THR B 309 16.87 -8.81 40.17
N PRO B 310 16.41 -7.91 39.29
CA PRO B 310 16.49 -6.47 39.57
C PRO B 310 15.64 -6.10 40.79
N PRO B 311 16.09 -5.13 41.59
CA PRO B 311 15.33 -4.78 42.79
C PRO B 311 14.01 -4.09 42.52
N SER B 312 13.91 -3.27 41.48
CA SER B 312 12.66 -2.57 41.20
C SER B 312 11.57 -3.48 40.66
N GLY B 313 11.88 -4.73 40.32
CA GLY B 313 10.87 -5.62 39.80
C GLY B 313 10.58 -5.44 38.34
N SER B 314 11.52 -4.86 37.58
CA SER B 314 11.32 -4.66 36.15
C SER B 314 11.26 -5.98 35.40
N LEU B 315 12.00 -6.98 35.88
CA LEU B 315 12.04 -8.31 35.28
C LEU B 315 11.24 -9.32 36.09
N GLY B 316 10.37 -8.83 36.99
CA GLY B 316 9.56 -9.72 37.81
C GLY B 316 10.41 -10.52 38.77
N ALA B 317 10.26 -11.84 38.70
CA ALA B 317 11.04 -12.74 39.54
C ALA B 317 12.47 -12.89 39.06
N GLY B 318 12.80 -12.35 37.89
CA GLY B 318 14.14 -12.43 37.35
C GLY B 318 14.41 -13.74 36.67
N HIS B 319 15.39 -14.49 37.19
CA HIS B 319 15.76 -15.78 36.64
C HIS B 319 15.52 -16.91 37.63
N LYS B 320 14.55 -16.74 38.54
CA LYS B 320 14.26 -17.77 39.52
C LYS B 320 13.59 -18.95 38.83
N GLY B 321 14.11 -20.14 39.06
CA GLY B 321 13.59 -21.33 38.44
C GLY B 321 14.08 -21.58 37.03
N LEU B 322 14.95 -20.69 36.50
CA LEU B 322 15.45 -20.87 35.16
C LEU B 322 16.47 -22.01 35.08
N PHE B 323 17.11 -22.35 36.21
CA PHE B 323 18.08 -23.44 36.18
C PHE B 323 17.38 -24.78 35.97
N ASP B 324 16.21 -24.96 36.58
CA ASP B 324 15.49 -26.22 36.44
C ASP B 324 14.82 -26.33 35.07
N THR B 325 14.28 -25.23 34.54
CA THR B 325 13.62 -25.32 33.24
C THR B 325 14.60 -25.49 32.09
N VAL B 326 15.89 -25.26 32.31
CA VAL B 326 16.88 -25.44 31.26
C VAL B 326 17.54 -26.82 31.38
N ASN B 327 17.92 -27.20 32.60
CA ASN B 327 18.56 -28.49 32.83
C ASN B 327 17.61 -29.66 32.59
N ASN B 328 16.32 -29.49 32.83
CA ASN B 328 15.35 -30.56 32.64
C ASN B 328 14.70 -30.55 31.26
N SER B 329 15.06 -29.62 30.38
CA SER B 329 14.49 -29.54 29.05
C SER B 329 15.59 -29.63 28.02
N LEU B 330 15.54 -30.70 27.21
CA LEU B 330 16.55 -30.86 26.17
C LEU B 330 16.30 -29.95 24.97
N HIS B 331 15.04 -29.55 24.75
CA HIS B 331 14.74 -28.67 23.63
C HIS B 331 15.26 -27.26 23.88
N PHE B 332 15.27 -26.83 25.15
CA PHE B 332 15.83 -25.52 25.49
C PHE B 332 17.32 -25.50 25.22
N GLN B 333 18.01 -26.56 25.64
CA GLN B 333 19.45 -26.66 25.41
C GLN B 333 19.76 -26.78 23.93
N LEU B 334 18.96 -27.56 23.19
CA LEU B 334 19.18 -27.70 21.76
C LEU B 334 18.96 -26.37 21.05
N GLY B 335 17.95 -25.60 21.48
CA GLY B 335 17.69 -24.31 20.85
C GLY B 335 18.81 -23.33 21.12
N LEU B 336 19.32 -23.31 22.36
CA LEU B 336 20.42 -22.40 22.68
C LEU B 336 21.68 -22.78 21.90
N ALA B 337 21.96 -24.08 21.83
CA ALA B 337 23.12 -24.57 21.09
C ALA B 337 23.01 -24.26 19.62
N LEU B 338 21.84 -24.45 19.02
CA LEU B 338 21.68 -24.16 17.60
C LEU B 338 21.75 -22.66 17.33
N ALA B 339 21.22 -21.83 18.23
CA ALA B 339 21.30 -20.38 18.01
C ALA B 339 22.75 -19.92 18.03
N SER B 340 23.51 -20.39 19.02
CA SER B 340 24.91 -20.01 19.10
C SER B 340 25.73 -20.57 17.94
N VAL B 341 25.47 -21.82 17.55
CA VAL B 341 26.21 -22.42 16.43
C VAL B 341 25.88 -21.74 15.12
N GLY B 342 24.62 -21.34 14.92
CA GLY B 342 24.27 -20.64 13.70
C GLY B 342 24.93 -19.28 13.61
N THR B 343 24.96 -18.55 14.73
CA THR B 343 25.62 -17.26 14.75
C THR B 343 27.12 -17.41 14.51
N ILE B 344 27.72 -18.46 15.11
CA ILE B 344 29.15 -18.70 14.94
C ILE B 344 29.45 -19.12 13.50
N THR B 345 28.55 -19.86 12.86
CA THR B 345 28.75 -20.25 11.47
C THR B 345 28.74 -19.01 10.57
N SER B 346 27.83 -18.07 10.85
CA SER B 346 27.81 -16.83 10.09
C SER B 346 29.10 -16.05 10.32
N LEU B 347 29.57 -16.04 11.57
CA LEU B 347 30.82 -15.37 11.93
C LEU B 347 31.99 -15.98 11.18
N VAL B 348 31.99 -17.30 11.05
CA VAL B 348 33.04 -18.01 10.33
C VAL B 348 33.05 -17.60 8.88
N ALA B 349 31.87 -17.51 8.26
CA ALA B 349 31.79 -17.11 6.85
C ALA B 349 32.34 -15.70 6.64
N GLN B 350 31.91 -14.75 7.49
CA GLN B 350 32.36 -13.37 7.36
C GLN B 350 33.87 -13.23 7.58
N HIS B 351 34.38 -13.82 8.67
CA HIS B 351 35.80 -13.71 8.97
C HIS B 351 36.66 -14.47 7.98
N MET B 352 36.15 -15.57 7.43
CA MET B 352 36.93 -16.35 6.48
C MET B 352 37.06 -15.65 5.14
N TYR B 353 36.01 -14.92 4.70
CA TYR B 353 36.24 -14.27 3.42
C TYR B 353 37.05 -12.99 3.61
N SER B 354 36.77 -12.25 4.71
CA SER B 354 37.47 -10.99 4.93
C SER B 354 38.91 -11.18 5.36
N LEU B 355 39.19 -12.13 6.25
CA LEU B 355 40.53 -12.41 6.74
C LEU B 355 40.85 -13.86 6.39
N PRO B 356 41.36 -14.11 5.18
CA PRO B 356 41.68 -15.49 4.79
C PRO B 356 42.79 -16.07 5.64
N PRO B 357 42.55 -17.20 6.27
CA PRO B 357 43.57 -17.81 7.13
C PRO B 357 44.51 -18.79 6.43
N TYR B 358 44.07 -19.38 5.32
CA TYR B 358 44.86 -20.37 4.61
C TYR B 358 45.62 -19.75 3.45
N ALA B 359 46.82 -20.28 3.20
CA ALA B 359 47.68 -19.78 2.14
C ALA B 359 47.06 -19.99 0.77
N PHE B 360 47.15 -18.93 -0.05
CA PHE B 360 46.66 -18.91 -1.44
C PHE B 360 45.16 -19.21 -1.52
N GLN B 361 44.40 -18.71 -0.55
CA GLN B 361 42.96 -18.90 -0.51
C GLN B 361 42.23 -17.75 -1.19
N ALA B 362 42.74 -16.53 -1.03
CA ALA B 362 42.11 -15.36 -1.65
C ALA B 362 42.18 -15.41 -3.16
N ILE B 363 43.23 -16.02 -3.73
CA ILE B 363 43.33 -16.10 -5.18
C ILE B 363 42.30 -17.09 -5.73
N ASP B 364 42.00 -18.14 -4.97
CA ASP B 364 41.01 -19.12 -5.40
C ASP B 364 39.63 -18.50 -5.19
N PHE B 365 39.11 -17.86 -6.24
CA PHE B 365 37.82 -17.19 -6.17
C PHE B 365 36.66 -18.16 -5.99
N THR B 366 36.71 -19.30 -6.70
CA THR B 366 35.65 -20.29 -6.59
C THR B 366 35.56 -20.86 -5.18
N THR B 367 36.73 -21.11 -4.57
CA THR B 367 36.76 -21.63 -3.20
C THR B 367 36.17 -20.62 -2.22
N GLN B 368 36.54 -19.35 -2.34
CA GLN B 368 36.03 -18.32 -1.44
C GLN B 368 34.51 -18.19 -1.56
N ALA B 369 34.00 -18.13 -2.80
CA ALA B 369 32.57 -17.99 -3.02
C ALA B 369 31.80 -19.20 -2.50
N ALA B 370 32.28 -20.40 -2.80
CA ALA B 370 31.61 -21.61 -2.37
C ALA B 370 31.61 -21.75 -0.85
N LEU B 371 32.74 -21.42 -0.21
CA LEU B 371 32.83 -21.52 1.25
C LEU B 371 31.89 -20.53 1.93
N TYR B 372 31.86 -19.29 1.44
CA TYR B 372 30.99 -18.29 2.05
C TYR B 372 29.52 -18.68 1.91
N THR B 373 29.12 -19.09 0.69
CA THR B 373 27.73 -19.47 0.46
C THR B 373 27.34 -20.70 1.27
N HIS B 374 28.24 -21.68 1.35
CA HIS B 374 27.99 -22.91 2.10
C HIS B 374 27.77 -22.63 3.58
N HIS B 375 28.66 -21.84 4.19
CA HIS B 375 28.51 -21.54 5.60
C HIS B 375 27.30 -20.66 5.88
N GLN B 376 26.96 -19.74 4.98
CA GLN B 376 25.78 -18.90 5.23
C GLN B 376 24.49 -19.71 5.14
N TYR B 377 24.41 -20.64 4.18
CA TYR B 377 23.20 -21.46 4.09
C TYR B 377 23.07 -22.40 5.28
N ILE B 378 24.21 -22.96 5.72
CA ILE B 378 24.20 -23.85 6.89
C ILE B 378 23.76 -23.06 8.12
N ALA B 379 24.26 -21.83 8.26
CA ALA B 379 23.89 -20.97 9.39
C ALA B 379 22.40 -20.64 9.38
N GLY B 380 21.84 -20.37 8.20
CA GLY B 380 20.42 -20.06 8.12
C GLY B 380 19.55 -21.24 8.52
N PHE B 381 19.91 -22.44 8.05
CA PHE B 381 19.14 -23.63 8.41
C PHE B 381 19.23 -23.89 9.91
N ILE B 382 20.42 -23.72 10.48
CA ILE B 382 20.62 -23.95 11.92
C ILE B 382 19.83 -22.92 12.74
N MET B 383 19.75 -21.67 12.27
CA MET B 383 18.99 -20.65 13.00
C MET B 383 17.51 -20.98 13.00
N CYS B 384 16.99 -21.43 11.84
CA CYS B 384 15.59 -21.82 11.77
C CYS B 384 15.32 -22.99 12.72
N GLY B 385 16.27 -23.92 12.82
CA GLY B 385 16.11 -25.04 13.73
C GLY B 385 16.13 -24.61 15.18
N ALA B 386 16.93 -23.60 15.50
CA ALA B 386 17.00 -23.09 16.87
C ALA B 386 15.64 -22.55 17.30
N PHE B 387 15.01 -21.77 16.43
CA PHE B 387 13.71 -21.23 16.78
C PHE B 387 12.63 -22.32 16.79
N ALA B 388 12.74 -23.30 15.90
CA ALA B 388 11.78 -24.40 15.89
C ALA B 388 11.86 -25.19 17.19
N HIS B 389 13.08 -25.41 17.69
CA HIS B 389 13.23 -26.13 18.95
C HIS B 389 12.78 -25.27 20.12
N GLY B 390 12.85 -23.94 19.98
CA GLY B 390 12.31 -23.10 21.04
C GLY B 390 10.82 -23.26 21.14
N ALA B 391 10.15 -23.36 19.99
CA ALA B 391 8.70 -23.59 19.96
C ALA B 391 8.36 -24.96 20.54
N ILE B 392 9.19 -25.97 20.22
CA ILE B 392 8.98 -27.32 20.76
C ILE B 392 9.15 -27.29 22.27
N PHE B 393 10.08 -26.47 22.77
CA PHE B 393 10.26 -26.35 24.21
C PHE B 393 9.02 -25.75 24.86
N PHE B 394 8.46 -24.71 24.25
CA PHE B 394 7.26 -24.09 24.81
C PHE B 394 6.10 -25.07 24.88
N ILE B 395 5.96 -25.92 23.87
CA ILE B 395 4.84 -26.85 23.87
C ILE B 395 5.07 -28.04 24.79
N ARG B 396 6.22 -28.71 24.65
CA ARG B 396 6.52 -29.93 25.40
C ARG B 396 7.16 -29.76 26.77
N ASP B 397 8.01 -28.77 27.00
CA ASP B 397 8.68 -28.69 28.30
C ASP B 397 8.38 -27.47 29.14
N TYR B 398 7.72 -26.44 28.62
CA TYR B 398 7.45 -25.27 29.44
C TYR B 398 6.38 -25.54 30.49
N ASP B 399 6.67 -25.15 31.72
CA ASP B 399 5.76 -25.31 32.85
C ASP B 399 5.50 -23.93 33.44
N PRO B 400 4.29 -23.38 33.28
CA PRO B 400 4.02 -22.04 33.85
C PRO B 400 4.06 -22.00 35.37
N GLU B 401 3.81 -23.13 36.04
CA GLU B 401 3.85 -23.16 37.49
C GLU B 401 5.27 -23.00 38.01
N GLN B 402 6.24 -23.67 37.38
CA GLN B 402 7.62 -23.56 37.82
C GLN B 402 8.24 -22.23 37.39
N ASN B 403 7.87 -21.74 36.20
CA ASN B 403 8.37 -20.47 35.69
C ASN B 403 7.26 -19.45 35.95
N LYS B 404 7.10 -19.07 37.21
CA LYS B 404 6.06 -18.12 37.61
C LYS B 404 6.70 -16.77 37.92
N GLY B 405 6.41 -15.78 37.07
CA GLY B 405 6.92 -14.45 37.25
C GLY B 405 8.32 -14.19 36.74
N ASN B 406 9.04 -15.19 36.26
CA ASN B 406 10.40 -14.98 35.77
C ASN B 406 10.35 -14.37 34.37
N VAL B 407 11.52 -14.17 33.78
CA VAL B 407 11.61 -13.56 32.45
C VAL B 407 10.94 -14.42 31.39
N LEU B 408 11.01 -15.75 31.54
CA LEU B 408 10.41 -16.66 30.57
C LEU B 408 8.89 -16.50 30.50
N ALA B 409 8.24 -16.36 31.66
CA ALA B 409 6.80 -16.17 31.66
C ALA B 409 6.42 -14.78 31.17
N ARG B 410 7.25 -13.78 31.51
CA ARG B 410 6.99 -12.43 31.08
C ARG B 410 7.12 -12.27 29.59
N MET B 411 7.89 -13.13 28.91
CA MET B 411 7.97 -13.06 27.45
C MET B 411 6.63 -13.38 26.83
N LEU B 412 5.97 -14.43 27.35
CA LEU B 412 4.65 -14.79 26.84
C LEU B 412 3.61 -13.79 27.31
N ASP B 413 3.87 -13.09 28.41
CA ASP B 413 2.93 -12.11 28.93
C ASP B 413 2.73 -10.94 27.96
N HIS B 414 3.79 -10.56 27.24
CA HIS B 414 3.72 -9.45 26.28
C HIS B 414 4.13 -9.89 24.88
N LYS B 415 3.77 -11.12 24.50
CA LYS B 415 4.13 -11.64 23.18
C LYS B 415 3.46 -10.86 22.05
N GLU B 416 2.28 -10.28 22.31
CA GLU B 416 1.60 -9.50 21.28
C GLU B 416 2.40 -8.27 20.91
N ALA B 417 3.01 -7.62 21.91
CA ALA B 417 3.83 -6.44 21.64
C ALA B 417 5.05 -6.80 20.80
N LEU B 418 5.68 -7.92 21.10
CA LEU B 418 6.86 -8.36 20.36
C LEU B 418 6.51 -8.67 18.91
N ILE B 419 5.43 -9.42 18.69
CA ILE B 419 5.02 -9.78 17.34
C ILE B 419 4.60 -8.54 16.56
N SER B 420 3.87 -7.62 17.21
CA SER B 420 3.44 -6.40 16.54
C SER B 420 4.61 -5.52 16.15
N HIS B 421 5.61 -5.39 17.02
CA HIS B 421 6.76 -4.56 16.69
C HIS B 421 7.63 -5.21 15.62
N LEU B 422 7.72 -6.54 15.62
CA LEU B 422 8.47 -7.21 14.56
C LEU B 422 7.77 -6.99 13.24
N SER B 423 6.44 -7.02 13.26
CA SER B 423 5.63 -6.77 12.07
C SER B 423 5.84 -5.35 11.57
N TRP B 424 5.89 -4.38 12.50
CA TRP B 424 6.09 -2.99 12.09
C TRP B 424 7.47 -2.76 11.48
N VAL B 425 8.51 -3.36 12.08
CA VAL B 425 9.86 -3.18 11.55
C VAL B 425 9.96 -3.82 10.16
N SER B 426 9.41 -5.03 10.01
CA SER B 426 9.44 -5.69 8.72
C SER B 426 8.65 -4.91 7.68
N LEU B 427 7.50 -4.36 8.06
CA LEU B 427 6.69 -3.59 7.13
C LEU B 427 7.41 -2.32 6.68
N PHE B 428 8.03 -1.61 7.62
CA PHE B 428 8.75 -0.39 7.29
C PHE B 428 9.92 -0.69 6.36
N LEU B 429 10.72 -1.69 6.70
CA LEU B 429 11.89 -2.05 5.89
C LEU B 429 11.47 -2.49 4.50
N GLY B 430 10.43 -3.33 4.40
CA GLY B 430 9.99 -3.80 3.10
C GLY B 430 9.44 -2.69 2.23
N PHE B 431 8.58 -1.85 2.80
CA PHE B 431 7.97 -0.76 2.05
C PHE B 431 9.03 0.21 1.54
N HIS B 432 9.97 0.61 2.39
CA HIS B 432 10.97 1.57 1.98
C HIS B 432 12.02 0.99 1.05
N THR B 433 12.50 -0.23 1.32
CA THR B 433 13.51 -0.82 0.46
C THR B 433 12.95 -1.07 -0.93
N LEU B 434 11.72 -1.62 -1.00
CA LEU B 434 11.08 -1.85 -2.28
C LEU B 434 10.78 -0.54 -2.98
N GLY B 435 10.35 0.48 -2.23
CA GLY B 435 10.04 1.77 -2.83
C GLY B 435 11.26 2.44 -3.43
N LEU B 436 12.39 2.41 -2.71
CA LEU B 436 13.62 3.00 -3.23
C LEU B 436 14.10 2.25 -4.46
N TYR B 437 13.97 0.92 -4.45
CA TYR B 437 14.36 0.13 -5.61
C TYR B 437 13.51 0.43 -6.84
N VAL B 438 12.19 0.48 -6.65
CA VAL B 438 11.30 0.76 -7.78
C VAL B 438 11.50 2.18 -8.27
N HIS B 439 11.79 3.12 -7.36
CA HIS B 439 12.05 4.49 -7.77
C HIS B 439 13.32 4.56 -8.62
N ASN B 440 14.38 3.87 -8.19
CA ASN B 440 15.62 3.86 -8.95
C ASN B 440 15.43 3.17 -10.30
N ASP B 441 14.59 2.13 -10.33
CA ASP B 441 14.31 1.42 -11.58
C ASP B 441 13.57 2.33 -12.56
N VAL B 442 12.62 3.12 -12.06
CA VAL B 442 11.87 4.03 -12.93
C VAL B 442 12.78 5.14 -13.42
N MET B 443 13.69 5.62 -12.56
CA MET B 443 14.62 6.67 -12.97
C MET B 443 15.59 6.16 -14.02
N GLN B 444 16.05 4.91 -13.88
CA GLN B 444 16.97 4.34 -14.86
C GLN B 444 16.25 4.02 -16.16
N ALA B 445 14.96 3.67 -16.07
CA ALA B 445 14.20 3.36 -17.27
C ALA B 445 13.87 4.62 -18.06
N PHE B 446 13.58 5.71 -17.38
CA PHE B 446 13.24 6.96 -18.05
C PHE B 446 14.46 7.72 -18.55
N GLY B 447 15.66 7.19 -18.36
CA GLY B 447 16.86 7.84 -18.83
C GLY B 447 17.37 8.96 -17.95
N THR B 448 17.04 8.94 -16.66
CA THR B 448 17.47 9.95 -15.71
C THR B 448 18.11 9.29 -14.50
N PRO B 449 19.34 8.80 -14.62
CA PRO B 449 19.99 8.14 -13.48
C PRO B 449 20.37 9.10 -12.36
N GLU B 450 20.40 10.40 -12.62
CA GLU B 450 20.75 11.35 -11.57
C GLU B 450 19.56 11.66 -10.66
N LYS B 451 18.38 11.16 -10.99
CA LYS B 451 17.18 11.39 -10.20
C LYS B 451 16.90 10.28 -9.20
N GLN B 452 17.68 9.20 -9.20
CA GLN B 452 17.43 8.13 -8.25
C GLN B 452 17.94 8.50 -6.87
N ILE B 453 17.32 7.92 -5.86
CA ILE B 453 17.67 8.17 -4.46
C ILE B 453 18.84 7.28 -4.07
N LEU B 454 19.98 7.90 -3.75
CA LEU B 454 21.20 7.19 -3.37
C LEU B 454 21.65 7.69 -2.00
N ILE B 455 21.23 7.00 -0.94
CA ILE B 455 21.60 7.37 0.42
C ILE B 455 22.95 6.76 0.73
N GLU B 456 23.91 7.61 1.09
CA GLU B 456 25.25 7.15 1.41
C GLU B 456 25.27 6.49 2.79
N PRO B 457 25.88 5.31 2.93
CA PRO B 457 25.94 4.66 4.25
C PRO B 457 27.02 5.28 5.13
N VAL B 458 26.72 6.46 5.66
CA VAL B 458 27.68 7.21 6.47
C VAL B 458 28.00 6.51 7.80
N PHE B 459 27.08 5.73 8.36
CA PHE B 459 27.36 5.08 9.63
C PHE B 459 28.38 3.94 9.47
N ALA B 460 28.18 3.09 8.46
CA ALA B 460 29.11 2.01 8.22
C ALA B 460 30.45 2.55 7.73
N GLN B 461 30.42 3.63 6.94
CA GLN B 461 31.66 4.24 6.47
C GLN B 461 32.40 4.88 7.65
N TRP B 462 31.64 5.38 8.62
CA TRP B 462 32.23 5.97 9.82
C TRP B 462 32.92 4.89 10.64
N ILE B 463 32.31 3.70 10.70
CA ILE B 463 32.93 2.57 11.39
C ILE B 463 34.20 2.13 10.66
N GLN B 464 34.13 2.10 9.33
CA GLN B 464 35.30 1.73 8.53
C GLN B 464 36.43 2.72 8.74
N ALA B 465 36.09 4.00 8.90
CA ALA B 465 37.09 5.01 9.18
C ALA B 465 37.66 4.81 10.58
N ALA B 466 36.82 4.36 11.51
CA ALA B 466 37.27 4.08 12.87
C ALA B 466 38.27 2.93 12.87
N HIS B 467 38.15 2.01 11.91
CA HIS B 467 39.07 0.89 11.83
C HIS B 467 40.40 1.24 11.16
N GLY B 468 40.52 2.43 10.59
CA GLY B 468 41.76 2.81 9.95
C GLY B 468 41.68 3.19 8.48
N LYS B 469 40.53 3.00 7.85
CA LYS B 469 40.39 3.35 6.44
C LYS B 469 40.32 4.87 6.29
N ALA B 470 41.24 5.42 5.50
CA ALA B 470 41.31 6.86 5.28
C ALA B 470 40.70 7.29 3.95
N LEU B 471 39.97 6.40 3.28
CA LEU B 471 39.36 6.74 1.99
C LEU B 471 38.24 7.77 2.16
N TYR B 472 37.41 7.61 3.19
CA TYR B 472 36.30 8.54 3.39
C TYR B 472 36.75 9.88 3.93
N GLY B 473 37.87 9.93 4.66
CA GLY B 473 38.38 11.17 5.20
C GLY B 473 37.83 11.62 6.54
N PHE B 474 37.28 10.72 7.35
CA PHE B 474 36.77 11.13 8.65
C PHE B 474 37.92 11.53 9.58
N ASP B 475 39.04 10.81 9.50
CA ASP B 475 40.28 11.06 10.25
C ASP B 475 40.05 11.08 11.77
N PHE B 476 39.70 9.92 12.30
CA PHE B 476 39.48 9.80 13.74
C PHE B 476 39.81 8.37 14.15
N LEU B 477 40.21 8.21 15.42
CA LEU B 477 40.57 6.94 16.04
C LEU B 477 41.75 6.35 15.27
N LEU B 478 41.61 5.18 14.62
CA LEU B 478 42.73 4.61 13.90
C LEU B 478 43.04 5.35 12.60
N SER B 479 42.11 6.16 12.10
CA SER B 479 42.35 6.92 10.88
C SER B 479 43.18 8.17 11.11
N SER B 480 43.25 8.66 12.35
CA SER B 480 44.01 9.85 12.69
C SER B 480 45.37 9.43 13.23
N LYS B 481 46.42 10.07 12.73
CA LYS B 481 47.79 9.77 13.14
C LYS B 481 48.13 10.30 14.53
N THR B 482 47.29 11.15 15.11
CA THR B 482 47.55 11.74 16.42
C THR B 482 46.64 11.23 17.52
N SER B 483 45.96 10.11 17.32
CA SER B 483 45.06 9.58 18.34
C SER B 483 45.80 8.64 19.28
N ALA B 484 45.26 8.51 20.50
CA ALA B 484 45.87 7.63 21.49
C ALA B 484 45.72 6.17 21.08
N ALA B 485 44.57 5.82 20.50
CA ALA B 485 44.34 4.45 20.04
C ALA B 485 45.29 4.09 18.91
N PHE B 486 45.61 5.06 18.05
CA PHE B 486 46.52 4.82 16.96
C PHE B 486 47.96 4.68 17.45
N ALA B 487 48.38 5.58 18.34
CA ALA B 487 49.75 5.55 18.83
C ALA B 487 50.02 4.38 19.77
N ASN B 488 48.99 3.85 20.43
CA ASN B 488 49.23 2.74 21.34
C ASN B 488 49.41 1.40 20.64
N GLY B 489 49.09 1.30 19.35
CA GLY B 489 49.25 0.05 18.65
C GLY B 489 50.24 0.08 17.50
N GLN B 490 50.93 1.21 17.32
CA GLN B 490 51.89 1.36 16.23
C GLN B 490 53.10 0.44 16.37
N SER B 491 53.36 -0.10 17.55
CA SER B 491 54.50 -0.98 17.74
C SER B 491 54.10 -2.44 17.85
N LEU B 492 52.82 -2.77 17.88
CA LEU B 492 52.40 -4.15 18.01
C LEU B 492 51.69 -4.72 16.80
N TRP B 493 50.52 -4.18 16.41
CA TRP B 493 49.80 -4.76 15.29
C TRP B 493 49.20 -3.77 14.31
N LEU B 494 49.11 -2.48 14.63
CA LEU B 494 48.51 -1.52 13.71
C LEU B 494 49.20 -1.36 12.35
N PRO B 495 50.55 -1.46 12.18
CA PRO B 495 51.12 -1.30 10.82
C PRO B 495 50.59 -2.30 9.79
N GLY B 496 50.64 -3.60 10.11
CA GLY B 496 50.16 -4.61 9.18
C GLY B 496 48.66 -4.51 8.94
N TRP B 497 47.89 -4.27 10.01
CA TRP B 497 46.44 -4.15 9.88
C TRP B 497 46.06 -2.95 9.03
N LEU B 498 46.74 -1.82 9.22
CA LEU B 498 46.45 -0.62 8.46
C LEU B 498 46.83 -0.81 6.99
N ASP B 499 47.97 -1.46 6.74
CA ASP B 499 48.40 -1.70 5.37
C ASP B 499 47.43 -2.63 4.66
N ALA B 500 46.87 -3.60 5.39
CA ALA B 500 45.92 -4.52 4.79
C ALA B 500 44.53 -3.90 4.59
N ILE B 501 44.08 -3.08 5.54
CA ILE B 501 42.76 -2.47 5.42
C ILE B 501 42.76 -1.33 4.40
N ASN B 502 43.91 -0.69 4.18
CA ASN B 502 43.92 0.40 3.20
C ASN B 502 44.18 -0.08 1.79
N ASN B 503 44.34 -1.40 1.61
CA ASN B 503 44.55 -2.00 0.31
C ASN B 503 43.17 -2.32 -0.27
N ASN B 504 42.90 -1.83 -1.47
CA ASN B 504 41.61 -2.06 -2.11
C ASN B 504 41.57 -3.33 -2.94
N GLN B 505 42.63 -4.14 -2.92
CA GLN B 505 42.68 -5.37 -3.69
C GLN B 505 42.24 -6.61 -2.91
N ASN B 506 42.00 -6.48 -1.60
CA ASN B 506 41.57 -7.60 -0.78
C ASN B 506 40.11 -7.41 -0.40
N SER B 507 39.61 -8.30 0.47
CA SER B 507 38.24 -8.26 0.94
C SER B 507 38.13 -7.73 2.36
N LEU B 508 39.21 -7.13 2.88
CA LEU B 508 39.22 -6.59 4.24
C LEU B 508 38.58 -5.21 4.23
N PHE B 509 37.31 -5.16 4.66
CA PHE B 509 36.51 -3.92 4.75
C PHE B 509 36.43 -3.22 3.40
N LEU B 510 35.70 -3.86 2.49
CA LEU B 510 35.51 -3.36 1.14
C LEU B 510 34.82 -2.00 1.13
N THR B 511 35.08 -1.22 0.09
CA THR B 511 34.47 0.08 -0.07
C THR B 511 32.98 -0.09 -0.33
N ILE B 512 32.17 0.71 0.35
CA ILE B 512 30.72 0.62 0.25
C ILE B 512 30.13 1.93 -0.24
N GLY B 513 28.95 1.82 -0.85
CA GLY B 513 28.24 2.96 -1.37
C GLY B 513 26.74 2.81 -1.18
N PRO B 514 25.95 3.56 -1.96
CA PRO B 514 24.48 3.46 -1.84
C PRO B 514 23.92 2.08 -2.14
N GLY B 515 24.54 1.34 -3.06
CA GLY B 515 24.07 0.00 -3.36
C GLY B 515 24.22 -0.93 -2.16
N ASP B 516 25.33 -0.77 -1.44
CA ASP B 516 25.55 -1.56 -0.23
C ASP B 516 24.54 -1.21 0.85
N PHE B 517 24.18 0.07 0.93
CA PHE B 517 23.18 0.55 1.89
C PHE B 517 21.84 -0.11 1.61
N LEU B 518 21.42 -0.09 0.34
CA LEU B 518 20.13 -0.67 -0.05
C LEU B 518 20.10 -2.18 0.18
N VAL B 519 21.16 -2.89 -0.23
CA VAL B 519 21.15 -4.33 -0.03
C VAL B 519 21.25 -4.67 1.45
N HIS B 520 21.90 -3.83 2.26
CA HIS B 520 21.96 -4.09 3.69
C HIS B 520 20.58 -3.94 4.31
N HIS B 521 19.78 -3.01 3.78
CA HIS B 521 18.42 -2.88 4.28
C HIS B 521 17.58 -4.06 3.85
N ALA B 522 17.87 -4.61 2.67
CA ALA B 522 17.16 -5.81 2.23
C ALA B 522 17.49 -6.98 3.16
N ILE B 523 18.75 -7.07 3.58
CA ILE B 523 19.19 -8.11 4.49
C ILE B 523 18.50 -7.93 5.85
N ALA B 524 18.38 -6.67 6.29
CA ALA B 524 17.70 -6.38 7.55
C ALA B 524 16.24 -6.78 7.48
N LEU B 525 15.60 -6.53 6.32
CA LEU B 525 14.22 -6.92 6.11
C LEU B 525 14.07 -8.43 6.19
N GLY B 526 15.00 -9.15 5.55
CA GLY B 526 14.94 -10.61 5.57
C GLY B 526 15.11 -11.17 6.97
N LEU B 527 16.08 -10.63 7.72
CA LEU B 527 16.33 -11.09 9.09
C LEU B 527 15.13 -10.81 9.98
N HIS B 528 14.57 -9.60 9.90
CA HIS B 528 13.43 -9.24 10.72
C HIS B 528 12.19 -10.05 10.38
N THR B 529 11.95 -10.30 9.09
CA THR B 529 10.76 -11.06 8.73
C THR B 529 10.90 -12.53 9.13
N THR B 530 12.08 -13.13 8.92
CA THR B 530 12.28 -14.52 9.33
C THR B 530 12.16 -14.63 10.84
N THR B 531 12.70 -13.65 11.57
CA THR B 531 12.59 -13.63 13.02
C THR B 531 11.15 -13.46 13.44
N LEU B 532 10.38 -12.63 12.72
CA LEU B 532 8.97 -12.42 13.05
C LEU B 532 8.19 -13.71 12.93
N ILE B 533 8.38 -14.45 11.83
CA ILE B 533 7.66 -15.71 11.63
C ILE B 533 8.04 -16.72 12.69
N LEU B 534 9.35 -16.87 12.95
CA LEU B 534 9.82 -17.85 13.93
C LEU B 534 9.40 -17.50 15.36
N VAL B 535 9.58 -16.23 15.76
CA VAL B 535 9.20 -15.78 17.10
C VAL B 535 7.70 -15.87 17.29
N LYS B 536 6.92 -15.48 16.29
CA LYS B 536 5.47 -15.55 16.40
C LYS B 536 5.01 -17.00 16.51
N GLY B 537 5.67 -17.91 15.79
CA GLY B 537 5.30 -19.31 15.89
C GLY B 537 5.70 -19.92 17.21
N ALA B 538 6.77 -19.44 17.81
CA ALA B 538 7.20 -19.98 19.10
C ALA B 538 6.32 -19.45 20.24
N LEU B 539 5.92 -18.17 20.15
CA LEU B 539 5.11 -17.58 21.20
C LEU B 539 3.66 -18.02 21.11
N ASP B 540 3.15 -18.25 19.91
CA ASP B 540 1.78 -18.71 19.72
C ASP B 540 1.68 -20.22 19.70
N ALA B 541 2.77 -20.91 20.00
CA ALA B 541 2.79 -22.37 19.99
C ALA B 541 1.87 -22.96 21.05
N ARG B 542 1.79 -22.34 22.22
CA ARG B 542 0.94 -22.85 23.27
C ARG B 542 -0.53 -22.50 23.07
N GLY B 543 -0.83 -21.55 22.20
CA GLY B 543 -2.20 -21.18 21.94
C GLY B 543 -2.30 -19.76 21.44
N SER B 544 -3.51 -19.42 21.01
CA SER B 544 -3.84 -18.10 20.48
C SER B 544 -5.34 -17.90 20.64
N LYS B 545 -5.86 -16.83 20.05
CA LYS B 545 -7.29 -16.59 20.14
C LYS B 545 -8.06 -17.57 19.26
N LEU B 546 -7.48 -17.93 18.12
CA LEU B 546 -8.12 -18.87 17.21
C LEU B 546 -8.09 -20.29 17.75
N MET B 547 -6.99 -20.68 18.39
CA MET B 547 -6.82 -22.00 18.97
C MET B 547 -6.32 -21.85 20.40
N PRO B 548 -7.23 -21.68 21.37
CA PRO B 548 -6.81 -21.52 22.77
C PRO B 548 -6.13 -22.74 23.38
N ASP B 549 -6.34 -23.92 22.83
CA ASP B 549 -5.74 -25.16 23.35
C ASP B 549 -4.79 -25.80 22.33
N LYS B 550 -3.98 -24.98 21.68
CA LYS B 550 -3.04 -25.49 20.68
C LYS B 550 -1.97 -26.39 21.30
N LYS B 551 -1.62 -26.15 22.57
CA LYS B 551 -0.62 -26.97 23.24
C LYS B 551 -1.09 -28.41 23.45
N ASP B 552 -2.39 -28.67 23.44
CA ASP B 552 -2.92 -30.01 23.62
C ASP B 552 -2.83 -30.85 22.35
N PHE B 553 -2.43 -30.27 21.23
CA PHE B 553 -2.34 -30.98 19.96
C PHE B 553 -0.92 -31.27 19.54
N GLY B 554 0.08 -30.88 20.33
CA GLY B 554 1.47 -31.13 19.98
C GLY B 554 2.08 -30.01 19.17
N TYR B 555 3.34 -30.24 18.81
CA TYR B 555 4.08 -29.24 18.02
C TYR B 555 3.66 -29.25 16.57
N SER B 556 3.43 -30.43 15.99
CA SER B 556 3.06 -30.57 14.60
C SER B 556 1.77 -31.34 14.46
N PHE B 557 0.77 -30.71 13.89
CA PHE B 557 -0.54 -31.29 13.60
C PHE B 557 -0.99 -30.64 12.30
N PRO B 558 -1.86 -31.31 11.52
CA PRO B 558 -2.29 -30.74 10.24
C PRO B 558 -2.95 -29.39 10.33
N CYS B 559 -4.07 -29.33 11.05
CA CYS B 559 -4.87 -28.12 11.24
C CYS B 559 -5.93 -28.44 12.28
N ASP B 560 -6.87 -27.52 12.42
CA ASP B 560 -8.00 -27.67 13.33
C ASP B 560 -9.32 -27.74 12.56
N GLY B 561 -9.26 -27.97 11.25
CA GLY B 561 -10.44 -28.06 10.43
C GLY B 561 -10.85 -26.72 9.84
N PRO B 562 -11.85 -26.75 8.95
CA PRO B 562 -12.33 -25.51 8.32
C PRO B 562 -13.25 -24.67 9.20
N GLY B 563 -13.55 -25.11 10.42
CA GLY B 563 -14.40 -24.35 11.29
C GLY B 563 -13.70 -23.11 11.81
N ARG B 564 -14.51 -22.22 12.40
CA ARG B 564 -14.07 -20.94 12.96
C ARG B 564 -13.37 -20.08 11.91
N GLY B 565 -13.83 -20.16 10.67
CA GLY B 565 -13.26 -19.40 9.58
C GLY B 565 -12.19 -20.11 8.79
N GLY B 566 -11.58 -21.15 9.34
CA GLY B 566 -10.52 -21.88 8.66
C GLY B 566 -9.25 -21.82 9.49
N THR B 567 -8.56 -22.94 9.66
CA THR B 567 -7.36 -22.98 10.49
C THR B 567 -6.19 -23.65 9.77
N CYS B 568 -5.97 -23.32 8.51
CA CYS B 568 -4.85 -23.90 7.78
C CYS B 568 -3.54 -23.29 8.27
N ASP B 569 -2.52 -24.15 8.44
CA ASP B 569 -1.18 -23.74 8.87
C ASP B 569 -1.20 -22.97 10.18
N ILE B 570 -1.88 -23.53 11.17
CA ILE B 570 -2.02 -22.90 12.48
C ILE B 570 -0.99 -23.39 13.50
N SER B 571 -0.38 -24.55 13.28
CA SER B 571 0.60 -25.07 14.23
C SER B 571 1.94 -24.34 14.13
N ALA B 572 2.78 -24.54 15.16
CA ALA B 572 4.10 -23.92 15.19
C ALA B 572 5.00 -24.52 14.11
N TYR B 573 4.77 -25.79 13.77
CA TYR B 573 5.52 -26.45 12.72
C TYR B 573 5.31 -25.72 11.40
N ASP B 574 4.07 -25.27 11.16
CA ASP B 574 3.75 -24.51 9.96
C ASP B 574 4.41 -23.15 9.98
N ALA B 575 4.63 -22.58 11.17
CA ALA B 575 5.32 -21.29 11.25
C ALA B 575 6.77 -21.46 10.85
N PHE B 576 7.42 -22.53 11.34
CA PHE B 576 8.80 -22.82 10.93
C PHE B 576 8.83 -23.08 9.43
N TYR B 577 7.80 -23.77 8.95
CA TYR B 577 7.65 -24.10 7.55
C TYR B 577 7.64 -22.85 6.67
N LEU B 578 6.85 -21.86 7.05
CA LEU B 578 6.80 -20.62 6.28
C LEU B 578 8.09 -19.83 6.45
N ALA B 579 8.76 -19.99 7.60
CA ALA B 579 10.00 -19.27 7.85
C ALA B 579 11.18 -19.82 7.05
N VAL B 580 11.12 -21.08 6.61
CA VAL B 580 12.23 -21.63 5.84
C VAL B 580 12.32 -20.91 4.48
N PHE B 581 11.17 -20.56 3.90
CA PHE B 581 11.17 -19.83 2.64
C PHE B 581 11.83 -18.46 2.82
N TRP B 582 11.51 -17.78 3.92
CA TRP B 582 12.09 -16.48 4.18
C TRP B 582 13.58 -16.61 4.47
N MET B 583 14.00 -17.70 5.10
CA MET B 583 15.42 -17.90 5.35
C MET B 583 16.15 -18.09 4.05
N LEU B 584 15.58 -18.89 3.14
CA LEU B 584 16.20 -19.12 1.84
C LEU B 584 16.29 -17.82 1.06
N ASN B 585 15.24 -16.99 1.15
CA ASN B 585 15.24 -15.71 0.46
C ASN B 585 16.30 -14.76 1.04
N THR B 586 16.44 -14.75 2.36
CA THR B 586 17.43 -13.89 3.01
C THR B 586 18.86 -14.33 2.66
N ILE B 587 19.14 -15.64 2.73
CA ILE B 587 20.46 -16.12 2.40
C ILE B 587 20.72 -15.92 0.91
N GLY B 588 19.66 -15.99 0.09
CA GLY B 588 19.83 -15.74 -1.32
C GLY B 588 20.25 -14.30 -1.57
N TRP B 589 19.65 -13.36 -0.83
CA TRP B 589 20.02 -11.96 -0.98
C TRP B 589 21.45 -11.70 -0.52
N VAL B 590 21.85 -12.29 0.62
CA VAL B 590 23.20 -12.06 1.12
C VAL B 590 24.24 -12.70 0.21
N THR B 591 23.95 -13.89 -0.34
CA THR B 591 24.91 -14.55 -1.21
C THR B 591 24.96 -13.87 -2.57
N PHE B 592 23.82 -13.32 -3.03
CA PHE B 592 23.80 -12.59 -4.30
C PHE B 592 24.66 -11.35 -4.18
N TYR B 593 24.52 -10.62 -3.06
CA TYR B 593 25.30 -9.42 -2.81
C TYR B 593 26.79 -9.75 -2.72
N TRP B 594 27.12 -10.81 -1.97
CA TRP B 594 28.52 -11.22 -1.83
C TRP B 594 29.13 -11.59 -3.16
N HIS B 595 28.44 -12.43 -3.93
CA HIS B 595 28.96 -12.89 -5.22
C HIS B 595 29.09 -11.75 -6.22
N TRP B 596 28.11 -10.85 -6.29
CA TRP B 596 28.22 -9.76 -7.26
C TRP B 596 29.34 -8.78 -6.88
N LYS B 597 29.44 -8.43 -5.60
CA LYS B 597 30.49 -7.50 -5.19
C LYS B 597 31.87 -8.12 -5.42
N HIS B 598 32.03 -9.40 -5.09
CA HIS B 598 33.32 -10.04 -5.29
C HIS B 598 33.61 -10.28 -6.77
N LEU B 599 32.59 -10.54 -7.59
CA LEU B 599 32.81 -10.74 -9.02
C LEU B 599 33.31 -9.46 -9.65
N THR B 600 32.71 -8.33 -9.28
CA THR B 600 33.15 -7.04 -9.83
C THR B 600 34.52 -6.69 -9.28
N LEU B 601 34.82 -7.09 -8.04
CA LEU B 601 36.14 -6.83 -7.47
C LEU B 601 37.22 -7.62 -8.19
N TRP B 602 37.01 -8.92 -8.38
CA TRP B 602 37.97 -9.79 -9.04
C TRP B 602 38.14 -9.41 -10.51
N GLN B 603 37.07 -8.95 -11.14
CA GLN B 603 37.17 -8.57 -12.55
C GLN B 603 37.89 -7.23 -12.75
N GLY B 604 38.13 -6.49 -11.68
CA GLY B 604 38.80 -5.21 -11.78
C GLY B 604 37.91 -4.03 -12.09
N ASN B 605 36.59 -4.20 -12.01
CA ASN B 605 35.64 -3.11 -12.30
C ASN B 605 34.60 -3.04 -11.18
N VAL B 606 34.95 -2.34 -10.10
CA VAL B 606 34.00 -2.19 -9.00
C VAL B 606 32.93 -1.16 -9.34
N ALA B 607 33.21 -0.29 -10.31
CA ALA B 607 32.25 0.73 -10.74
C ALA B 607 31.00 0.09 -11.32
N GLN B 608 31.14 -1.11 -11.91
CA GLN B 608 29.98 -1.81 -12.46
C GLN B 608 28.98 -2.13 -11.36
N PHE B 609 29.46 -2.66 -10.23
CA PHE B 609 28.58 -2.94 -9.11
C PHE B 609 28.05 -1.65 -8.50
N ASP B 610 28.95 -0.66 -8.33
CA ASP B 610 28.54 0.61 -7.72
C ASP B 610 27.46 1.32 -8.51
N GLU B 611 27.44 1.18 -9.82
CA GLU B 611 26.44 1.83 -10.65
C GLU B 611 25.25 0.95 -11.03
N SER B 612 25.35 -0.37 -10.86
CA SER B 612 24.23 -1.23 -11.22
C SER B 612 23.53 -1.88 -10.04
N SER B 613 24.05 -1.75 -8.82
CA SER B 613 23.42 -2.35 -7.66
C SER B 613 22.34 -1.49 -7.04
N THR B 614 22.12 -0.28 -7.56
CA THR B 614 21.12 0.61 -7.01
C THR B 614 19.72 0.36 -7.57
N TYR B 615 19.59 -0.46 -8.61
CA TYR B 615 18.30 -0.77 -9.19
C TYR B 615 18.25 -2.27 -9.48
N LEU B 616 17.04 -2.84 -9.40
CA LEU B 616 16.87 -4.28 -9.58
C LEU B 616 17.14 -4.75 -11.01
N MET B 617 16.97 -3.88 -12.00
CA MET B 617 17.25 -4.30 -13.37
C MET B 617 18.74 -4.56 -13.55
N GLY B 618 19.58 -3.82 -12.84
CA GLY B 618 21.01 -4.06 -12.91
C GLY B 618 21.36 -5.39 -12.28
N TRP B 619 20.64 -5.77 -11.23
CA TRP B 619 20.86 -7.06 -10.57
C TRP B 619 20.44 -8.21 -11.48
N LEU B 620 19.33 -8.05 -12.19
CA LEU B 620 18.85 -9.11 -13.06
C LEU B 620 19.67 -9.23 -14.34
N ARG B 621 20.12 -8.12 -14.92
CA ARG B 621 20.86 -8.17 -16.18
C ARG B 621 22.37 -8.27 -16.01
N ASP B 622 22.97 -7.34 -15.27
CA ASP B 622 24.42 -7.34 -15.10
C ASP B 622 24.95 -8.42 -14.18
N TYR B 623 24.10 -9.08 -13.40
CA TYR B 623 24.61 -10.11 -12.50
C TYR B 623 24.04 -11.50 -12.81
N LEU B 624 22.75 -11.63 -13.05
CA LEU B 624 22.17 -12.94 -13.32
C LEU B 624 22.23 -13.32 -14.79
N TRP B 625 21.86 -12.42 -15.69
CA TRP B 625 21.87 -12.74 -17.12
C TRP B 625 23.28 -12.76 -17.69
N LEU B 626 24.12 -11.81 -17.29
CA LEU B 626 25.48 -11.72 -17.82
C LEU B 626 26.38 -12.86 -17.34
N ASN B 627 26.28 -13.25 -16.08
CA ASN B 627 27.16 -14.29 -15.55
C ASN B 627 26.69 -15.71 -15.83
N SER B 628 25.53 -15.91 -16.45
CA SER B 628 25.06 -17.25 -16.73
C SER B 628 25.29 -17.66 -18.18
N SER B 629 25.98 -16.84 -18.97
CA SER B 629 26.21 -17.17 -20.38
C SER B 629 27.10 -18.40 -20.54
N GLN B 630 28.18 -18.48 -19.77
CA GLN B 630 29.07 -19.62 -19.87
C GLN B 630 28.43 -20.86 -19.26
N LEU B 631 27.59 -20.67 -18.23
CA LEU B 631 26.92 -21.77 -17.56
C LEU B 631 26.00 -22.53 -18.50
N ILE B 632 25.09 -21.81 -19.16
CA ILE B 632 24.13 -22.45 -20.07
C ILE B 632 24.77 -22.96 -21.35
N ASN B 633 26.04 -22.62 -21.60
CA ASN B 633 26.76 -23.08 -22.77
C ASN B 633 27.64 -24.28 -22.46
N GLY B 634 27.41 -24.95 -21.32
CA GLY B 634 28.20 -26.11 -20.96
C GLY B 634 28.07 -27.21 -21.99
N TYR B 635 26.87 -27.37 -22.55
CA TYR B 635 26.59 -28.33 -23.60
C TYR B 635 25.60 -27.66 -24.54
N ASN B 636 25.92 -27.67 -25.82
CA ASN B 636 25.09 -27.05 -26.85
C ASN B 636 25.11 -27.97 -28.06
N PRO B 637 24.37 -27.69 -29.15
CA PRO B 637 24.43 -28.59 -30.32
C PRO B 637 25.80 -28.72 -30.97
N PHE B 638 26.74 -27.85 -30.66
CA PHE B 638 28.08 -27.92 -31.25
C PHE B 638 29.07 -28.74 -30.43
N GLY B 639 28.69 -29.19 -29.24
CA GLY B 639 29.58 -29.98 -28.41
C GLY B 639 29.36 -29.66 -26.95
N MET B 640 30.38 -29.94 -26.15
CA MET B 640 30.32 -29.68 -24.72
C MET B 640 31.72 -29.50 -24.16
N ASN B 641 31.78 -28.97 -22.94
CA ASN B 641 33.04 -28.75 -22.25
C ASN B 641 32.93 -29.26 -20.83
N SER B 642 33.94 -29.01 -19.99
CA SER B 642 33.93 -29.47 -18.61
C SER B 642 32.89 -28.78 -17.75
N LEU B 643 32.28 -27.71 -18.24
CA LEU B 643 31.27 -26.95 -17.51
C LEU B 643 29.87 -27.47 -17.76
N SER B 644 29.71 -28.58 -18.50
CA SER B 644 28.40 -29.12 -18.79
C SER B 644 27.73 -29.74 -17.57
N VAL B 645 28.52 -30.21 -16.61
CA VAL B 645 27.96 -30.82 -15.40
C VAL B 645 27.22 -29.76 -14.59
N TRP B 646 27.74 -28.52 -14.58
CA TRP B 646 27.07 -27.45 -13.85
C TRP B 646 25.81 -27.02 -14.57
N ALA B 647 25.79 -27.11 -15.90
CA ALA B 647 24.58 -26.77 -16.65
C ALA B 647 23.49 -27.79 -16.37
N TRP B 648 23.88 -29.07 -16.34
CA TRP B 648 22.95 -30.14 -16.02
C TRP B 648 22.43 -29.99 -14.59
N THR B 649 23.32 -29.61 -13.66
CA THR B 649 22.91 -29.41 -12.28
C THR B 649 22.00 -28.20 -12.14
N PHE B 650 22.22 -27.18 -12.98
CA PHE B 650 21.38 -25.98 -13.00
C PHE B 650 19.95 -26.35 -13.37
N LEU B 651 19.81 -27.10 -14.47
CA LEU B 651 18.49 -27.55 -14.89
C LEU B 651 17.90 -28.53 -13.90
N PHE B 652 18.76 -29.32 -13.25
CA PHE B 652 18.34 -30.28 -12.24
C PHE B 652 17.69 -29.57 -11.06
N GLY B 653 18.34 -28.51 -10.58
CA GLY B 653 17.79 -27.74 -9.47
C GLY B 653 16.51 -27.04 -9.85
N HIS B 654 16.42 -26.55 -11.09
CA HIS B 654 15.19 -25.91 -11.55
C HIS B 654 14.05 -26.91 -11.54
N LEU B 655 14.32 -28.15 -11.98
CA LEU B 655 13.31 -29.19 -12.01
C LEU B 655 12.87 -29.58 -10.61
N ILE B 656 13.81 -29.71 -9.67
CA ILE B 656 13.45 -30.09 -8.29
C ILE B 656 12.61 -29.00 -7.64
N TYR B 657 12.98 -27.74 -7.87
CA TYR B 657 12.25 -26.60 -7.33
C TYR B 657 10.81 -26.58 -7.85
N ALA B 658 10.67 -26.77 -9.16
CA ALA B 658 9.34 -26.79 -9.77
C ALA B 658 8.53 -27.98 -9.26
N THR B 659 9.19 -29.12 -9.03
CA THR B 659 8.50 -30.30 -8.51
C THR B 659 8.01 -30.02 -7.10
N GLY B 660 8.77 -29.22 -6.35
CA GLY B 660 8.35 -28.85 -5.01
C GLY B 660 7.10 -28.00 -5.04
N PHE B 661 6.99 -27.13 -6.04
CA PHE B 661 5.80 -26.29 -6.17
C PHE B 661 4.52 -27.12 -6.28
N MET B 662 4.62 -28.37 -6.77
CA MET B 662 3.45 -29.23 -6.88
C MET B 662 2.92 -29.62 -5.50
N PHE B 663 3.81 -30.08 -4.62
CA PHE B 663 3.38 -30.44 -3.27
C PHE B 663 2.99 -29.19 -2.49
N LEU B 664 3.52 -28.04 -2.89
CA LEU B 664 3.23 -26.77 -2.24
C LEU B 664 1.88 -26.16 -2.64
N ILE B 665 1.43 -26.38 -3.87
CA ILE B 665 0.18 -25.77 -4.34
C ILE B 665 -1.01 -26.73 -4.26
N SER B 666 -0.90 -27.88 -4.90
CA SER B 666 -1.99 -28.85 -4.86
C SER B 666 -1.99 -29.54 -3.50
N TRP B 667 -3.18 -29.79 -2.96
CA TRP B 667 -3.28 -30.40 -1.65
C TRP B 667 -3.86 -31.82 -1.74
N ARG B 668 -3.88 -32.50 -0.59
CA ARG B 668 -4.21 -33.92 -0.43
C ARG B 668 -5.45 -34.45 -1.17
N GLY B 669 -6.63 -33.93 -0.84
CA GLY B 669 -7.91 -34.40 -1.40
C GLY B 669 -8.00 -34.82 -2.85
N TYR B 670 -7.46 -33.99 -3.74
CA TYR B 670 -7.45 -34.30 -5.16
C TYR B 670 -6.65 -35.57 -5.42
N TRP B 671 -5.48 -35.66 -4.79
CA TRP B 671 -4.61 -36.82 -4.94
C TRP B 671 -5.23 -38.07 -4.32
N GLN B 672 -5.95 -37.92 -3.21
CA GLN B 672 -6.58 -39.09 -2.60
C GLN B 672 -7.68 -39.66 -3.50
N GLU B 673 -8.48 -38.77 -4.11
CA GLU B 673 -9.52 -39.25 -5.02
C GLU B 673 -8.90 -39.92 -6.25
N LEU B 674 -7.81 -39.32 -6.77
CA LEU B 674 -7.12 -39.90 -7.92
C LEU B 674 -6.55 -41.28 -7.58
N ILE B 675 -5.98 -41.41 -6.38
CA ILE B 675 -5.42 -42.68 -5.94
C ILE B 675 -6.52 -43.73 -5.79
N GLU B 676 -7.72 -43.31 -5.36
CA GLU B 676 -8.83 -44.24 -5.25
C GLU B 676 -9.21 -44.77 -6.63
N THR B 677 -9.20 -43.90 -7.64
CA THR B 677 -9.50 -44.35 -9.00
C THR B 677 -8.42 -45.33 -9.48
N LEU B 678 -7.16 -45.06 -9.11
CA LEU B 678 -6.07 -45.95 -9.48
C LEU B 678 -6.21 -47.32 -8.80
N VAL B 679 -6.70 -47.31 -7.56
CA VAL B 679 -6.92 -48.55 -6.82
C VAL B 679 -7.98 -49.39 -7.53
N TRP B 680 -9.06 -48.73 -7.98
CA TRP B 680 -10.09 -49.46 -8.72
C TRP B 680 -9.54 -50.02 -10.02
N ALA B 681 -8.71 -49.23 -10.73
CA ALA B 681 -8.13 -49.67 -11.99
C ALA B 681 -7.23 -50.88 -11.79
N HIS B 682 -6.44 -50.91 -10.73
CA HIS B 682 -5.58 -52.05 -10.49
C HIS B 682 -6.39 -53.27 -10.09
N GLU B 683 -7.45 -53.08 -9.30
CA GLU B 683 -8.26 -54.20 -8.86
C GLU B 683 -9.09 -54.81 -9.99
N LYS B 684 -9.42 -54.05 -11.04
CA LYS B 684 -10.23 -54.57 -12.13
C LYS B 684 -9.42 -54.92 -13.37
N THR B 685 -8.09 -54.97 -13.29
CA THR B 685 -7.28 -55.29 -14.45
C THR B 685 -6.79 -56.72 -14.41
N PRO B 686 -7.08 -57.54 -15.42
CA PRO B 686 -6.59 -58.92 -15.42
C PRO B 686 -5.09 -58.97 -15.67
N LEU B 687 -4.48 -60.08 -15.23
CA LEU B 687 -3.05 -60.39 -15.30
C LEU B 687 -2.22 -59.48 -14.40
N ALA B 688 -2.85 -58.51 -13.76
CA ALA B 688 -2.21 -57.57 -12.86
C ALA B 688 -2.83 -57.58 -11.48
N ASN B 689 -4.08 -58.01 -11.36
CA ASN B 689 -4.73 -58.09 -10.06
C ASN B 689 -4.20 -59.26 -9.23
N LEU B 690 -3.41 -60.14 -9.85
CA LEU B 690 -2.80 -61.25 -9.14
C LEU B 690 -1.69 -60.77 -8.23
N VAL B 691 -1.17 -59.58 -8.48
CA VAL B 691 -0.12 -58.95 -7.69
C VAL B 691 -0.80 -57.85 -6.89
N TYR B 692 -0.86 -58.00 -5.58
CA TYR B 692 -1.51 -57.04 -4.71
C TYR B 692 -0.49 -56.36 -3.80
N TRP B 693 -0.86 -55.17 -3.35
CA TRP B 693 -0.02 -54.39 -2.46
C TRP B 693 -0.15 -54.86 -1.03
N LYS B 694 0.90 -54.63 -0.24
CA LYS B 694 0.89 -55.00 1.17
C LYS B 694 0.38 -53.86 2.02
N ASP B 695 0.61 -52.62 1.58
CA ASP B 695 0.15 -51.42 2.26
C ASP B 695 -0.87 -50.76 1.34
N LYS B 696 -1.96 -50.28 1.92
CA LYS B 696 -2.99 -49.63 1.11
C LYS B 696 -2.48 -48.29 0.60
N PRO B 697 -2.54 -48.03 -0.70
CA PRO B 697 -2.03 -46.75 -1.23
C PRO B 697 -2.93 -45.59 -0.83
N VAL B 698 -2.32 -44.58 -0.20
CA VAL B 698 -3.02 -43.37 0.24
C VAL B 698 -2.15 -42.17 -0.12
N ALA B 699 -2.81 -41.01 -0.21
CA ALA B 699 -2.10 -39.79 -0.52
C ALA B 699 -1.29 -39.35 0.70
N LEU B 700 -0.23 -38.58 0.44
CA LEU B 700 0.61 -38.08 1.51
C LEU B 700 -0.18 -37.14 2.41
N SER B 701 0.10 -37.18 3.70
CA SER B 701 -0.61 -36.34 4.65
C SER B 701 -0.28 -34.86 4.42
N ILE B 702 -1.06 -33.99 5.06
CA ILE B 702 -0.88 -32.55 4.92
C ILE B 702 0.50 -32.12 5.41
N VAL B 703 0.90 -32.60 6.59
CA VAL B 703 2.20 -32.26 7.16
C VAL B 703 3.32 -32.86 6.30
N GLN B 704 3.14 -34.10 5.85
CA GLN B 704 4.12 -34.76 5.01
C GLN B 704 4.25 -34.03 3.67
N ALA B 705 3.12 -33.56 3.14
CA ALA B 705 3.13 -32.81 1.89
C ALA B 705 3.92 -31.54 2.03
N ARG B 706 3.72 -30.82 3.14
CA ARG B 706 4.46 -29.59 3.36
C ARG B 706 5.95 -29.89 3.45
N LEU B 707 6.32 -30.91 4.22
CA LEU B 707 7.73 -31.28 4.37
C LEU B 707 8.36 -31.67 3.04
N VAL B 708 7.65 -32.46 2.24
CA VAL B 708 8.17 -32.91 0.94
C VAL B 708 8.34 -31.73 -0.01
N GLY B 709 7.34 -30.83 -0.05
CA GLY B 709 7.44 -29.66 -0.91
C GLY B 709 8.56 -28.74 -0.51
N LEU B 710 8.75 -28.55 0.79
CA LEU B 710 9.84 -27.70 1.29
C LEU B 710 11.19 -28.33 1.00
N ALA B 711 11.29 -29.66 1.12
CA ALA B 711 12.54 -30.35 0.85
C ALA B 711 12.92 -30.19 -0.61
N HIS B 712 11.95 -30.34 -1.52
CA HIS B 712 12.25 -30.17 -2.94
C HIS B 712 12.61 -28.72 -3.24
N PHE B 713 11.88 -27.78 -2.64
CA PHE B 713 12.15 -26.35 -2.83
C PHE B 713 13.57 -26.01 -2.41
N SER B 714 13.97 -26.45 -1.22
CA SER B 714 15.30 -26.18 -0.70
C SER B 714 16.39 -26.87 -1.51
N VAL B 715 16.17 -28.13 -1.92
CA VAL B 715 17.18 -28.85 -2.69
C VAL B 715 17.38 -28.18 -4.05
N GLY B 716 16.28 -27.82 -4.72
CA GLY B 716 16.39 -27.15 -6.00
C GLY B 716 17.05 -25.80 -5.88
N TYR B 717 16.70 -25.05 -4.82
CA TYR B 717 17.28 -23.75 -4.55
C TYR B 717 18.80 -23.84 -4.38
N ILE B 718 19.24 -24.74 -3.50
CA ILE B 718 20.66 -24.93 -3.20
C ILE B 718 21.42 -25.40 -4.42
N PHE B 719 20.92 -26.43 -5.11
CA PHE B 719 21.63 -26.96 -6.28
C PHE B 719 21.73 -25.95 -7.40
N THR B 720 20.65 -25.20 -7.64
CA THR B 720 20.66 -24.19 -8.70
C THR B 720 21.68 -23.09 -8.41
N TYR B 721 21.67 -22.55 -7.18
CA TYR B 721 22.63 -21.49 -6.87
C TYR B 721 24.06 -22.01 -6.83
N ALA B 722 24.27 -23.22 -6.33
CA ALA B 722 25.62 -23.78 -6.26
C ALA B 722 26.19 -23.97 -7.66
N ALA B 723 25.38 -24.50 -8.57
CA ALA B 723 25.83 -24.70 -9.94
C ALA B 723 26.14 -23.38 -10.62
N PHE B 724 25.26 -22.38 -10.44
CA PHE B 724 25.50 -21.08 -11.07
C PHE B 724 26.74 -20.40 -10.52
N LEU B 725 26.89 -20.38 -9.19
CA LEU B 725 28.03 -19.73 -8.56
C LEU B 725 29.35 -20.38 -8.97
N ILE B 726 29.43 -21.71 -8.88
CA ILE B 726 30.66 -22.41 -9.22
C ILE B 726 30.99 -22.24 -10.70
N ALA B 727 29.99 -22.41 -11.58
CA ALA B 727 30.26 -22.29 -13.01
C ALA B 727 30.68 -20.88 -13.40
N SER B 728 29.99 -19.86 -12.90
CA SER B 728 30.34 -18.49 -13.26
C SER B 728 31.71 -18.09 -12.72
N THR B 729 31.99 -18.41 -11.46
CA THR B 729 33.28 -18.04 -10.89
C THR B 729 34.43 -18.82 -11.50
N SER B 730 34.24 -20.11 -11.81
CA SER B 730 35.31 -20.90 -12.40
C SER B 730 35.54 -20.55 -13.86
N GLY B 731 34.46 -20.33 -14.63
CA GLY B 731 34.61 -19.99 -16.02
C GLY B 731 35.20 -18.60 -16.21
N ARG B 732 34.81 -17.65 -15.38
CA ARG B 732 35.36 -16.30 -15.50
C ARG B 732 36.83 -16.26 -15.10
N PHE B 733 37.23 -17.09 -14.15
CA PHE B 733 38.61 -17.14 -13.69
C PHE B 733 39.11 -18.58 -13.65
N ALA C 1 -6.95 -44.95 16.53
CA ALA C 1 -8.22 -44.23 16.41
C ALA C 1 -8.10 -42.82 16.98
N HIS C 2 -8.95 -41.92 16.47
CA HIS C 2 -8.94 -40.55 16.95
C HIS C 2 -9.59 -40.48 18.33
N ILE C 3 -9.28 -39.41 19.06
CA ILE C 3 -9.79 -39.19 20.40
C ILE C 3 -10.81 -38.07 20.35
N VAL C 4 -12.05 -38.38 20.71
CA VAL C 4 -13.14 -37.40 20.74
C VAL C 4 -13.54 -37.22 22.20
N LYS C 5 -13.53 -35.97 22.65
CA LYS C 5 -13.86 -35.67 24.04
C LYS C 5 -14.97 -34.63 24.13
N ILE C 6 -15.83 -34.80 25.13
CA ILE C 6 -16.95 -33.91 25.41
C ILE C 6 -16.64 -33.21 26.74
N TYR C 7 -16.90 -31.91 26.80
CA TYR C 7 -16.63 -31.14 28.00
C TYR C 7 -17.93 -30.68 28.66
N ASP C 8 -17.81 -30.24 29.92
CA ASP C 8 -18.98 -29.82 30.69
C ASP C 8 -19.62 -28.52 30.21
N THR C 9 -19.01 -27.81 29.26
CA THR C 9 -19.62 -26.59 28.76
C THR C 9 -20.71 -26.86 27.73
N CYS C 10 -20.97 -28.13 27.45
CA CYS C 10 -22.00 -28.51 26.47
C CYS C 10 -23.38 -28.06 26.93
N ILE C 11 -24.14 -27.49 26.00
CA ILE C 11 -25.49 -27.00 26.28
C ILE C 11 -26.55 -27.98 25.81
N GLY C 12 -26.17 -29.11 25.23
CA GLY C 12 -27.12 -30.09 24.76
C GLY C 12 -27.95 -29.65 23.58
N CYS C 13 -27.36 -28.91 22.64
CA CYS C 13 -28.07 -28.44 21.47
C CYS C 13 -28.20 -29.50 20.38
N THR C 14 -27.51 -30.63 20.53
CA THR C 14 -27.52 -31.76 19.60
C THR C 14 -27.06 -31.41 18.19
N GLN C 15 -26.36 -30.28 18.01
CA GLN C 15 -25.93 -29.91 16.67
C GLN C 15 -24.73 -30.73 16.23
N CYS C 16 -23.88 -31.15 17.17
CA CYS C 16 -22.71 -31.94 16.82
C CYS C 16 -23.11 -33.35 16.38
N VAL C 17 -24.14 -33.92 17.00
CA VAL C 17 -24.59 -35.26 16.64
C VAL C 17 -25.22 -35.26 15.25
N ARG C 18 -26.00 -34.23 14.93
CA ARG C 18 -26.63 -34.15 13.63
C ARG C 18 -25.61 -33.90 12.52
N ALA C 19 -24.48 -33.29 12.84
CA ALA C 19 -23.45 -33.01 11.86
C ALA C 19 -22.44 -34.13 11.70
N CYS C 20 -22.46 -35.14 12.56
CA CYS C 20 -21.52 -36.25 12.44
C CYS C 20 -21.86 -37.12 11.25
N PRO C 21 -20.94 -37.31 10.31
CA PRO C 21 -21.24 -38.14 9.13
C PRO C 21 -20.94 -39.63 9.29
N LEU C 22 -20.55 -40.10 10.47
CA LEU C 22 -20.28 -41.53 10.65
C LEU C 22 -20.89 -42.09 11.93
N ASP C 23 -21.82 -41.36 12.55
CA ASP C 23 -22.53 -41.77 13.77
C ASP C 23 -21.56 -42.14 14.90
N VAL C 24 -20.83 -41.14 15.36
CA VAL C 24 -19.87 -41.31 16.44
C VAL C 24 -20.42 -40.76 17.75
N LEU C 25 -21.14 -39.65 17.69
CA LEU C 25 -21.71 -39.00 18.86
C LEU C 25 -23.17 -39.37 19.04
N GLU C 26 -23.66 -39.12 20.25
CA GLU C 26 -25.05 -39.39 20.63
C GLU C 26 -25.39 -38.47 21.81
N MET C 27 -26.65 -38.51 22.24
CA MET C 27 -27.11 -37.70 23.35
C MET C 27 -27.49 -38.59 24.51
N VAL C 28 -27.03 -38.24 25.72
CA VAL C 28 -27.33 -39.00 26.93
C VAL C 28 -27.98 -38.05 27.93
N PRO C 29 -28.77 -38.55 28.87
CA PRO C 29 -29.40 -37.65 29.85
C PRO C 29 -28.35 -37.03 30.78
N TRP C 30 -28.61 -35.79 31.17
CA TRP C 30 -27.69 -35.04 32.03
C TRP C 30 -28.49 -34.03 32.83
N ASP C 31 -27.84 -33.42 33.82
CA ASP C 31 -28.48 -32.43 34.67
C ASP C 31 -27.72 -31.12 34.77
N GLY C 32 -26.61 -30.97 34.06
CA GLY C 32 -25.81 -29.76 34.11
C GLY C 32 -26.21 -28.62 33.20
N CYS C 33 -27.33 -28.74 32.48
CA CYS C 33 -27.75 -27.68 31.58
C CYS C 33 -29.28 -27.64 31.51
N LYS C 34 -29.79 -26.63 30.81
CA LYS C 34 -31.23 -26.48 30.67
C LYS C 34 -31.84 -27.55 29.77
N ALA C 35 -31.10 -27.96 28.73
CA ALA C 35 -31.61 -28.99 27.82
C ALA C 35 -31.67 -30.37 28.45
N SER C 36 -31.00 -30.57 29.59
CA SER C 36 -30.95 -31.84 30.32
C SER C 36 -30.37 -32.97 29.49
N GLN C 37 -29.47 -32.63 28.55
CA GLN C 37 -28.83 -33.60 27.68
C GLN C 37 -27.35 -33.26 27.57
N MET C 38 -26.56 -34.26 27.18
CA MET C 38 -25.13 -34.07 27.01
C MET C 38 -24.64 -34.93 25.87
N ALA C 39 -23.69 -34.40 25.11
CA ALA C 39 -23.13 -35.15 24.00
C ALA C 39 -22.22 -36.26 24.53
N SER C 40 -22.11 -37.33 23.75
CA SER C 40 -21.29 -38.48 24.13
C SER C 40 -20.66 -39.06 22.87
N ALA C 41 -19.54 -39.76 23.07
CA ALA C 41 -18.80 -40.40 21.98
C ALA C 41 -18.55 -41.87 22.31
N PRO C 42 -19.54 -42.72 22.13
CA PRO C 42 -19.35 -44.15 22.41
C PRO C 42 -18.86 -44.98 21.24
N ARG C 43 -18.75 -44.40 20.04
CA ARG C 43 -18.32 -45.12 18.85
C ARG C 43 -17.16 -44.39 18.18
N THR C 44 -16.13 -44.06 18.97
CA THR C 44 -14.96 -43.37 18.45
C THR C 44 -14.12 -44.21 17.50
N GLU C 45 -14.35 -45.52 17.44
CA GLU C 45 -13.59 -46.35 16.52
C GLU C 45 -13.96 -46.07 15.07
N ASP C 46 -15.11 -45.44 14.84
CA ASP C 46 -15.58 -45.10 13.50
C ASP C 46 -15.32 -43.65 13.14
N CYS C 47 -14.72 -42.87 14.04
CA CYS C 47 -14.46 -41.46 13.76
C CYS C 47 -13.35 -41.30 12.73
N VAL C 48 -13.59 -40.43 11.74
CA VAL C 48 -12.59 -40.17 10.72
C VAL C 48 -11.78 -38.91 11.00
N GLY C 49 -12.30 -38.00 11.81
CA GLY C 49 -11.60 -36.77 12.13
C GLY C 49 -11.95 -35.58 11.26
N CYS C 50 -13.13 -35.58 10.63
CA CYS C 50 -13.53 -34.48 9.76
C CYS C 50 -13.74 -33.17 10.52
N LYS C 51 -13.93 -33.25 11.85
CA LYS C 51 -14.14 -32.09 12.73
C LYS C 51 -15.40 -31.30 12.38
N ARG C 52 -16.42 -31.97 11.84
CA ARG C 52 -17.67 -31.29 11.53
C ARG C 52 -18.39 -30.95 12.83
N CYS C 53 -18.22 -31.79 13.84
CA CYS C 53 -18.81 -31.59 15.16
C CYS C 53 -18.27 -30.32 15.80
N GLU C 54 -16.98 -30.04 15.61
CA GLU C 54 -16.40 -28.82 16.17
C GLU C 54 -16.94 -27.60 15.43
N THR C 55 -17.20 -27.75 14.13
CA THR C 55 -17.76 -26.66 13.35
C THR C 55 -19.19 -26.37 13.76
N ALA C 56 -19.92 -27.39 14.18
CA ALA C 56 -21.31 -27.26 14.59
C ALA C 56 -21.47 -26.85 16.06
N CYS C 57 -20.40 -26.83 16.85
CA CYS C 57 -20.53 -26.48 18.26
C CYS C 57 -20.62 -24.97 18.43
N PRO C 58 -21.62 -24.47 19.19
CA PRO C 58 -21.75 -23.03 19.38
C PRO C 58 -21.11 -22.48 20.65
N THR C 59 -20.64 -23.32 21.56
CA THR C 59 -20.05 -22.83 22.79
C THR C 59 -18.66 -22.26 22.55
N ASP C 60 -18.27 -21.32 23.41
CA ASP C 60 -16.97 -20.66 23.34
C ASP C 60 -16.26 -20.87 24.67
N PHE C 61 -15.21 -21.70 24.69
CA PHE C 61 -14.71 -22.44 23.54
C PHE C 61 -15.53 -23.72 23.33
N LEU C 62 -15.17 -24.49 22.29
CA LEU C 62 -15.88 -25.71 21.91
C LEU C 62 -16.04 -26.69 23.07
N SER C 63 -17.13 -27.45 23.01
CA SER C 63 -17.42 -28.47 24.02
C SER C 63 -17.03 -29.85 23.55
N VAL C 64 -16.78 -30.01 22.24
CA VAL C 64 -16.37 -31.27 21.65
C VAL C 64 -15.03 -31.02 20.95
N ARG C 65 -14.07 -31.92 21.17
CA ARG C 65 -12.76 -31.80 20.57
C ARG C 65 -12.33 -33.14 19.98
N VAL C 66 -11.68 -33.06 18.83
CA VAL C 66 -11.20 -34.23 18.10
C VAL C 66 -9.69 -34.09 17.95
N TYR C 67 -8.97 -35.04 18.54
CA TYR C 67 -7.52 -35.10 18.49
C TYR C 67 -7.17 -36.27 17.59
N LEU C 68 -6.48 -35.98 16.49
CA LEU C 68 -6.12 -37.03 15.56
C LEU C 68 -5.12 -37.98 16.19
N GLY C 69 -5.48 -39.26 16.26
CA GLY C 69 -4.62 -40.27 16.85
C GLY C 69 -4.09 -41.27 15.85
N SER C 70 -4.15 -42.55 16.21
CA SER C 70 -3.66 -43.60 15.32
C SER C 70 -4.58 -43.71 14.11
N GLU C 71 -4.01 -44.10 12.99
CA GLU C 71 -4.76 -44.23 11.75
C GLU C 71 -5.00 -45.69 11.41
N SER C 72 -6.22 -46.01 11.02
CA SER C 72 -6.63 -47.35 10.65
C SER C 72 -7.45 -47.25 9.37
N THR C 73 -8.04 -48.37 8.94
CA THR C 73 -8.86 -48.36 7.74
C THR C 73 -10.12 -47.53 7.93
N ARG C 74 -10.73 -47.60 9.11
CA ARG C 74 -11.94 -46.84 9.39
C ARG C 74 -11.65 -45.35 9.58
N SER C 75 -10.59 -45.03 10.32
CA SER C 75 -10.26 -43.63 10.57
C SER C 75 -9.81 -42.91 9.30
N MET C 76 -9.20 -43.63 8.36
CA MET C 76 -8.76 -43.02 7.12
C MET C 76 -9.88 -42.95 6.08
N GLY C 77 -11.06 -43.50 6.40
CA GLY C 77 -12.19 -43.49 5.48
C GLY C 77 -11.92 -44.21 4.18
N LEU C 78 -11.19 -45.31 4.22
CA LEU C 78 -10.86 -46.08 3.04
C LEU C 78 -11.93 -47.12 2.75
N SER C 79 -12.43 -47.11 1.51
CA SER C 79 -13.43 -48.07 1.07
C SER C 79 -12.79 -49.27 0.40
N TYR C 80 -11.46 -49.32 0.36
CA TYR C 80 -10.71 -50.41 -0.25
C TYR C 80 -9.74 -51.02 0.75
N TRP D 1 -38.21 -52.75 22.40
CA TRP D 1 -37.42 -52.78 21.17
C TRP D 1 -36.36 -53.87 21.23
N THR D 2 -36.13 -54.54 20.10
CA THR D 2 -35.15 -55.60 20.01
C THR D 2 -34.26 -55.34 18.79
N VAL D 3 -33.02 -55.81 18.85
CA VAL D 3 -32.06 -55.63 17.76
C VAL D 3 -32.54 -56.40 16.54
N PRO D 4 -32.63 -55.78 15.36
CA PRO D 4 -33.07 -56.50 14.17
C PRO D 4 -32.00 -57.43 13.65
N THR D 5 -32.44 -58.36 12.81
CA THR D 5 -31.57 -59.35 12.19
C THR D 5 -31.55 -59.12 10.68
N LEU D 6 -30.36 -59.18 10.10
CA LEU D 6 -30.21 -58.98 8.66
C LEU D 6 -30.85 -60.12 7.87
N ASN D 7 -31.58 -59.75 6.82
CA ASN D 7 -32.24 -60.70 5.92
C ASN D 7 -31.46 -60.63 4.61
N PRO D 8 -30.60 -61.60 4.33
CA PRO D 8 -29.84 -61.56 3.07
C PRO D 8 -30.70 -61.69 1.83
N ASP D 9 -31.89 -62.29 1.95
CA ASP D 9 -32.80 -62.45 0.82
C ASP D 9 -33.80 -61.29 0.82
N THR D 10 -33.25 -60.09 0.61
CA THR D 10 -34.02 -58.87 0.56
C THR D 10 -33.79 -58.20 -0.79
N PRO D 11 -34.84 -57.81 -1.51
CA PRO D 11 -34.66 -57.17 -2.81
C PRO D 11 -33.91 -55.85 -2.72
N SER D 12 -33.07 -55.61 -3.72
CA SER D 12 -32.24 -54.42 -3.84
C SER D 12 -32.87 -53.44 -4.82
N PRO D 13 -32.58 -52.14 -4.70
CA PRO D 13 -33.15 -51.16 -5.62
C PRO D 13 -32.69 -51.38 -7.06
N ILE D 14 -33.52 -50.95 -8.00
CA ILE D 14 -33.22 -51.10 -9.42
C ILE D 14 -32.06 -50.19 -9.78
N PHE D 15 -30.91 -50.79 -10.09
CA PHE D 15 -29.71 -50.06 -10.45
C PHE D 15 -28.98 -50.84 -11.53
N GLY D 16 -28.49 -50.13 -12.54
CA GLY D 16 -27.79 -50.77 -13.63
C GLY D 16 -26.34 -51.10 -13.36
N GLY D 17 -25.81 -50.68 -12.21
CA GLY D 17 -24.42 -50.94 -11.87
C GLY D 17 -23.54 -49.74 -12.12
N SER D 18 -22.39 -49.74 -11.44
CA SER D 18 -21.43 -48.66 -11.57
C SER D 18 -20.05 -49.16 -11.17
N THR D 19 -19.05 -48.33 -11.40
CA THR D 19 -17.66 -48.64 -11.08
C THR D 19 -17.27 -48.15 -9.70
N GLY D 20 -18.20 -47.56 -8.94
CA GLY D 20 -17.89 -47.06 -7.62
C GLY D 20 -18.38 -47.96 -6.51
N GLY D 21 -18.68 -49.22 -6.84
CA GLY D 21 -19.17 -50.19 -5.87
C GLY D 21 -18.12 -50.78 -4.95
N LEU D 22 -18.37 -52.02 -4.55
CA LEU D 22 -17.49 -52.75 -3.65
C LEU D 22 -16.17 -53.13 -4.33
N LEU D 23 -15.16 -53.35 -3.49
CA LEU D 23 -13.82 -53.72 -3.93
C LEU D 23 -13.37 -54.96 -3.17
N ARG D 24 -12.09 -55.29 -3.22
CA ARG D 24 -11.56 -56.47 -2.53
C ARG D 24 -11.71 -56.40 -1.02
N LYS D 25 -11.89 -55.19 -0.46
CA LYS D 25 -12.06 -55.04 0.98
C LYS D 25 -13.32 -55.74 1.46
N ALA D 26 -14.37 -55.76 0.64
CA ALA D 26 -15.61 -56.42 1.01
C ALA D 26 -15.44 -57.92 1.12
N GLN D 27 -14.56 -58.50 0.28
CA GLN D 27 -14.33 -59.93 0.32
C GLN D 27 -13.23 -60.34 1.29
N THR D 28 -12.39 -59.41 1.73
CA THR D 28 -11.31 -59.77 2.63
C THR D 28 -11.38 -59.12 4.01
N GLU D 29 -11.97 -57.94 4.16
CA GLU D 29 -12.01 -57.29 5.46
C GLU D 29 -13.41 -57.18 6.04
N GLU D 30 -14.31 -56.43 5.38
CA GLU D 30 -15.70 -56.21 5.81
C GLU D 30 -16.38 -55.32 4.79
N PHE D 31 -17.71 -55.22 4.93
CA PHE D 31 -18.53 -54.36 4.08
C PHE D 31 -19.75 -53.97 4.92
N TYR D 32 -20.61 -53.13 4.36
CA TYR D 32 -21.78 -52.66 5.09
C TYR D 32 -23.03 -52.88 4.26
N VAL D 33 -24.14 -53.15 4.96
CA VAL D 33 -25.42 -53.41 4.32
C VAL D 33 -26.47 -52.51 4.96
N ILE D 34 -27.17 -51.74 4.14
CA ILE D 34 -28.22 -50.82 4.59
C ILE D 34 -29.57 -51.34 4.09
N THR D 35 -30.56 -51.33 4.97
CA THR D 35 -31.91 -51.77 4.63
C THR D 35 -32.90 -50.70 5.07
N TRP D 36 -33.97 -50.56 4.29
CA TRP D 36 -34.99 -49.58 4.61
C TRP D 36 -36.31 -50.00 3.97
N GLU D 37 -37.38 -49.32 4.37
CA GLU D 37 -38.72 -49.58 3.86
C GLU D 37 -39.20 -48.34 3.12
N ALA D 38 -39.67 -48.54 1.89
CA ALA D 38 -40.16 -47.45 1.06
C ALA D 38 -41.65 -47.59 0.84
N LYS D 39 -42.37 -46.47 0.94
CA LYS D 39 -43.81 -46.48 0.74
C LYS D 39 -44.19 -46.58 -0.73
N LYS D 40 -43.28 -46.23 -1.63
CA LYS D 40 -43.55 -46.28 -3.06
C LYS D 40 -42.23 -46.31 -3.82
N GLU D 41 -42.33 -46.63 -5.11
CA GLU D 41 -41.16 -46.68 -5.97
C GLU D 41 -40.67 -45.26 -6.22
N GLN D 42 -39.41 -44.98 -5.90
CA GLN D 42 -38.93 -43.62 -6.10
C GLN D 42 -37.46 -43.61 -6.49
N ILE D 43 -37.10 -42.66 -7.35
CA ILE D 43 -35.73 -42.52 -7.82
C ILE D 43 -34.94 -41.69 -6.81
N PHE D 44 -33.81 -42.23 -6.37
CA PHE D 44 -32.92 -41.58 -5.43
C PHE D 44 -31.50 -41.61 -6.02
N GLU D 45 -30.60 -40.86 -5.39
CA GLU D 45 -29.22 -40.78 -5.85
C GLU D 45 -28.33 -41.69 -5.01
N MET D 46 -27.56 -42.52 -5.69
CA MET D 46 -26.65 -43.44 -5.02
C MET D 46 -25.43 -42.68 -4.50
N PRO D 47 -24.98 -42.98 -3.28
CA PRO D 47 -23.78 -42.29 -2.75
C PRO D 47 -22.52 -42.58 -3.52
N THR D 48 -22.48 -43.68 -4.27
CA THR D 48 -21.33 -44.06 -5.08
C THR D 48 -21.43 -43.52 -6.50
N GLY D 49 -22.47 -42.76 -6.82
CA GLY D 49 -22.65 -42.20 -8.15
C GLY D 49 -23.74 -42.88 -8.94
N GLY D 50 -24.66 -42.09 -9.49
CA GLY D 50 -25.75 -42.61 -10.29
C GLY D 50 -27.10 -42.46 -9.59
N ALA D 51 -28.14 -42.83 -10.33
CA ALA D 51 -29.51 -42.75 -9.84
C ALA D 51 -30.11 -44.15 -9.86
N ALA D 52 -30.66 -44.57 -8.72
CA ALA D 52 -31.29 -45.86 -8.56
C ALA D 52 -32.76 -45.66 -8.24
N ILE D 53 -33.54 -46.74 -8.34
CA ILE D 53 -34.96 -46.70 -8.07
C ILE D 53 -35.26 -47.64 -6.91
N MET D 54 -35.70 -47.07 -5.78
CA MET D 54 -36.06 -47.88 -4.64
C MET D 54 -37.45 -48.44 -4.88
N ARG D 55 -37.63 -49.72 -4.59
CA ARG D 55 -38.90 -50.39 -4.80
C ARG D 55 -39.81 -50.23 -3.60
N GLN D 56 -41.07 -50.56 -3.80
CA GLN D 56 -42.06 -50.49 -2.73
C GLN D 56 -41.83 -51.64 -1.76
N GLY D 57 -41.51 -51.31 -0.52
CA GLY D 57 -41.25 -52.32 0.48
C GLY D 57 -39.81 -52.34 0.94
N PRO D 58 -39.30 -53.53 1.26
CA PRO D 58 -37.90 -53.63 1.72
C PRO D 58 -36.90 -53.34 0.62
N ASN D 59 -35.78 -52.74 1.02
CA ASN D 59 -34.69 -52.38 0.12
C ASN D 59 -33.38 -52.63 0.83
N LEU D 60 -32.46 -53.32 0.15
CA LEU D 60 -31.15 -53.67 0.69
C LEU D 60 -30.05 -53.19 -0.27
N LEU D 61 -28.97 -52.67 0.29
CA LEU D 61 -27.85 -52.17 -0.50
C LEU D 61 -26.56 -52.46 0.25
N LYS D 62 -25.45 -52.53 -0.51
CA LYS D 62 -24.13 -52.80 0.03
C LYS D 62 -23.19 -51.64 -0.27
N PHE D 63 -22.36 -51.29 0.71
CA PHE D 63 -21.41 -50.20 0.58
C PHE D 63 -20.07 -50.61 1.17
N GLY D 64 -19.01 -49.92 0.75
CA GLY D 64 -17.69 -50.24 1.22
C GLY D 64 -17.33 -49.66 2.57
N LYS D 65 -17.94 -48.54 2.95
CA LYS D 65 -17.65 -47.92 4.23
C LYS D 65 -18.94 -47.44 4.89
N LYS D 66 -18.83 -47.19 6.20
CA LYS D 66 -19.97 -46.74 6.99
C LYS D 66 -20.44 -45.34 6.61
N GLU D 67 -19.54 -44.50 6.10
CA GLU D 67 -19.93 -43.14 5.71
C GLU D 67 -20.93 -43.16 4.55
N GLN D 68 -20.77 -44.10 3.62
CA GLN D 68 -21.71 -44.19 2.50
C GLN D 68 -23.09 -44.58 3.00
N CYS D 69 -23.15 -45.52 3.95
CA CYS D 69 -24.43 -45.94 4.51
C CYS D 69 -25.09 -44.81 5.27
N LEU D 70 -24.31 -44.03 6.04
CA LEU D 70 -24.92 -42.93 6.77
C LEU D 70 -25.33 -41.80 5.84
N ALA D 71 -24.60 -41.60 4.73
CA ALA D 71 -24.99 -40.56 3.77
C ALA D 71 -26.30 -40.93 3.12
N LEU D 72 -26.47 -42.22 2.78
CA LEU D 72 -27.73 -42.66 2.20
C LEU D 72 -28.85 -42.57 3.23
N THR D 73 -28.53 -42.85 4.50
CA THR D 73 -29.52 -42.73 5.58
C THR D 73 -29.99 -41.30 5.73
N THR D 74 -29.05 -40.35 5.68
CA THR D 74 -29.39 -38.93 5.79
C THR D 74 -30.24 -38.49 4.61
N GLN D 75 -29.92 -38.97 3.41
CA GLN D 75 -30.71 -38.61 2.23
C GLN D 75 -32.11 -39.18 2.30
N LEU D 76 -32.25 -40.43 2.74
CA LEU D 76 -33.58 -41.04 2.84
C LEU D 76 -34.41 -40.43 3.95
N ARG D 77 -33.77 -40.02 5.05
CA ARG D 77 -34.51 -39.42 6.17
C ARG D 77 -34.93 -37.99 5.87
N ASN D 78 -34.04 -37.19 5.29
CA ASN D 78 -34.37 -35.79 5.03
C ASN D 78 -35.26 -35.58 3.81
N LYS D 79 -35.16 -36.43 2.79
CA LYS D 79 -35.97 -36.22 1.59
C LYS D 79 -37.27 -37.02 1.58
N PHE D 80 -37.18 -38.33 1.68
CA PHE D 80 -38.34 -39.21 1.62
C PHE D 80 -38.94 -39.54 2.97
N LYS D 81 -38.38 -39.02 4.07
CA LYS D 81 -38.86 -39.23 5.44
C LYS D 81 -38.98 -40.71 5.80
N LEU D 82 -37.93 -41.47 5.51
CA LEU D 82 -37.89 -42.89 5.79
C LEU D 82 -37.05 -43.15 7.04
N THR D 83 -36.99 -44.42 7.44
CA THR D 83 -36.23 -44.85 8.62
C THR D 83 -35.33 -46.03 8.25
N PRO D 84 -34.13 -45.75 7.71
CA PRO D 84 -33.21 -46.83 7.34
C PRO D 84 -32.35 -47.30 8.50
N PHE D 86 -28.48 -49.80 9.25
CA PHE D 86 -27.44 -50.59 8.61
C PHE D 86 -26.62 -51.45 9.56
N TYR D 87 -25.93 -52.41 8.95
CA TYR D 87 -25.11 -53.37 9.64
C TYR D 87 -23.74 -53.48 8.97
N ARG D 88 -22.81 -54.03 9.72
CA ARG D 88 -21.46 -54.29 9.28
C ARG D 88 -21.35 -55.81 9.14
N VAL D 89 -21.04 -56.27 7.94
CA VAL D 89 -20.94 -57.70 7.63
C VAL D 89 -19.48 -58.05 7.37
N PHE D 90 -19.03 -59.13 7.97
CA PHE D 90 -17.70 -59.70 7.88
C PHE D 90 -17.72 -60.86 6.90
N PRO D 91 -16.56 -61.21 6.31
CA PRO D 91 -16.55 -62.33 5.34
C PRO D 91 -16.96 -63.66 5.93
N ASP D 92 -16.80 -63.86 7.24
CA ASP D 92 -17.19 -65.12 7.85
C ASP D 92 -18.71 -65.25 7.96
N GLY D 93 -19.44 -64.16 7.80
CA GLY D 93 -20.89 -64.17 7.89
C GLY D 93 -21.44 -63.45 9.10
N LYS D 94 -20.57 -62.92 9.95
CA LYS D 94 -21.03 -62.21 11.15
C LYS D 94 -21.67 -60.88 10.76
N VAL D 95 -22.78 -60.56 11.41
CA VAL D 95 -23.52 -59.33 11.18
C VAL D 95 -23.56 -58.54 12.47
N GLN D 96 -23.24 -57.25 12.40
CA GLN D 96 -23.24 -56.39 13.57
C GLN D 96 -24.10 -55.16 13.29
N TYR D 97 -25.17 -54.99 14.08
CA TYR D 97 -26.06 -53.85 13.93
C TYR D 97 -25.32 -52.57 14.31
N LEU D 98 -25.45 -51.52 13.50
CA LEU D 98 -24.71 -50.29 13.81
C LEU D 98 -25.59 -49.09 14.12
N HIS D 99 -26.49 -48.68 13.22
CA HIS D 99 -27.28 -47.49 13.45
C HIS D 99 -28.74 -47.61 13.03
N PRO D 100 -29.70 -47.17 13.87
CA PRO D 100 -29.52 -46.60 15.22
C PRO D 100 -29.23 -47.69 16.26
N ALA D 101 -28.05 -47.58 16.89
CA ALA D 101 -27.55 -48.53 17.88
C ALA D 101 -28.56 -48.98 18.93
N ASP D 102 -29.30 -48.05 19.53
CA ASP D 102 -30.28 -48.38 20.55
C ASP D 102 -31.71 -48.32 20.04
N GLY D 103 -31.90 -48.29 18.73
CA GLY D 103 -33.22 -48.22 18.14
C GLY D 103 -33.77 -46.82 18.00
N VAL D 104 -33.14 -45.85 18.66
CA VAL D 104 -33.54 -44.45 18.61
C VAL D 104 -32.39 -43.69 17.99
N TYR D 105 -32.69 -42.71 17.15
CA TYR D 105 -31.64 -41.94 16.50
C TYR D 105 -30.84 -41.15 17.53
N PRO D 106 -29.52 -41.04 17.36
CA PRO D 106 -28.69 -40.35 18.35
C PRO D 106 -28.94 -38.86 18.52
N GLU D 107 -29.61 -38.19 17.58
CA GLU D 107 -29.84 -36.76 17.74
C GLU D 107 -30.82 -36.47 18.87
N LYS D 108 -31.68 -37.42 19.20
CA LYS D 108 -32.63 -37.27 20.29
C LYS D 108 -32.20 -38.15 21.45
N VAL D 109 -32.26 -37.58 22.66
CA VAL D 109 -31.83 -38.30 23.85
C VAL D 109 -32.78 -39.47 24.15
N ASN D 110 -32.20 -40.60 24.54
CA ASN D 110 -32.94 -41.81 24.87
C ASN D 110 -32.42 -42.36 26.19
N ALA D 111 -33.32 -42.92 26.98
CA ALA D 111 -32.93 -43.49 28.26
C ALA D 111 -32.12 -44.77 28.08
N GLY D 112 -31.22 -45.03 29.01
CA GLY D 112 -30.37 -46.20 28.96
C GLY D 112 -29.00 -45.97 28.37
N ARG D 113 -28.77 -44.83 27.73
CA ARG D 113 -27.47 -44.54 27.13
C ARG D 113 -26.50 -44.07 28.21
N VAL D 114 -25.33 -44.72 28.26
CA VAL D 114 -24.29 -44.39 29.23
C VAL D 114 -23.29 -43.48 28.52
N GLY D 115 -23.01 -42.33 29.13
CA GLY D 115 -22.08 -41.39 28.54
C GLY D 115 -20.67 -41.94 28.48
N ALA D 116 -20.00 -41.67 27.36
CA ALA D 116 -18.63 -42.12 27.14
C ALA D 116 -17.79 -40.96 26.64
N ASN D 117 -16.52 -40.95 27.04
CA ASN D 117 -15.53 -39.92 26.69
C ASN D 117 -15.98 -38.52 27.08
N GLN D 118 -16.52 -38.38 28.28
CA GLN D 118 -17.00 -37.11 28.79
C GLN D 118 -16.05 -36.62 29.89
N ASN D 119 -15.56 -35.41 29.74
CA ASN D 119 -14.66 -34.79 30.71
C ASN D 119 -15.47 -33.82 31.56
N MET D 120 -15.42 -34.01 32.88
CA MET D 120 -16.16 -33.16 33.81
C MET D 120 -15.35 -31.91 34.18
N ARG D 121 -14.96 -31.19 33.14
CA ARG D 121 -14.17 -29.96 33.23
C ARG D 121 -14.25 -29.30 31.87
N ARG D 122 -13.69 -28.09 31.77
CA ARG D 122 -13.69 -27.39 30.50
C ARG D 122 -12.30 -27.52 29.87
N ILE D 123 -12.16 -26.97 28.67
CA ILE D 123 -10.90 -27.05 27.93
C ILE D 123 -9.80 -26.27 28.65
N GLY D 124 -10.12 -25.09 29.16
CA GLY D 124 -9.13 -24.27 29.86
C GLY D 124 -8.57 -24.90 31.12
N GLN D 125 -9.24 -25.92 31.66
CA GLN D 125 -8.78 -26.60 32.85
C GLN D 125 -7.86 -27.78 32.56
N ASN D 126 -7.53 -28.00 31.29
CA ASN D 126 -6.63 -29.09 30.94
C ASN D 126 -5.21 -28.77 31.39
N VAL D 127 -4.50 -29.81 31.85
CA VAL D 127 -3.13 -29.64 32.33
C VAL D 127 -2.17 -29.42 31.17
N ASN D 128 -0.95 -29.06 31.49
CA ASN D 128 0.08 -28.82 30.47
C ASN D 128 0.65 -30.16 29.99
N PRO D 129 1.19 -30.19 28.77
CA PRO D 129 1.77 -31.46 28.27
C PRO D 129 2.94 -31.98 29.07
N ILE D 130 3.64 -31.12 29.82
CA ILE D 130 4.79 -31.56 30.61
C ILE D 130 4.34 -32.56 31.69
N LYS D 131 3.12 -32.40 32.20
CA LYS D 131 2.62 -33.33 33.21
C LYS D 131 2.24 -34.67 32.60
N VAL D 132 2.09 -34.72 31.26
CA VAL D 132 1.72 -35.93 30.56
C VAL D 132 2.93 -36.57 29.88
N LYS D 133 4.07 -35.89 29.88
CA LYS D 133 5.28 -36.38 29.25
C LYS D 133 5.79 -37.67 29.90
N PHE D 134 6.54 -38.44 29.11
CA PHE D 134 7.15 -39.71 29.51
C PHE D 134 6.11 -40.73 29.94
N SER D 135 5.02 -40.80 29.19
CA SER D 135 3.94 -41.73 29.43
C SER D 135 4.21 -42.98 28.59
N GLY D 136 3.20 -43.84 28.45
CA GLY D 136 3.37 -45.04 27.65
C GLY D 136 3.59 -44.75 26.18
N ARG D 137 2.95 -43.71 25.67
CA ARG D 137 3.06 -43.30 24.27
C ARG D 137 2.67 -41.83 24.18
N MET D 138 2.46 -41.34 22.96
CA MET D 138 2.06 -39.96 22.74
C MET D 138 0.67 -39.73 23.31
N MET D 139 0.58 -39.03 24.43
CA MET D 139 -0.69 -38.78 25.08
C MET D 139 -0.92 -37.29 25.23
N SER D 140 -2.10 -36.86 24.92
CA SER D 140 -2.58 -35.49 25.01
C SER D 140 -3.13 -35.26 26.42
N PRO D 141 -3.08 -34.02 26.93
CA PRO D 141 -3.63 -33.77 28.27
C PRO D 141 -5.12 -33.99 28.39
N ALA D 142 -5.85 -34.01 27.26
CA ALA D 142 -7.29 -34.24 27.30
C ALA D 142 -7.64 -35.70 27.53
N GLU D 143 -6.70 -36.61 27.29
CA GLU D 143 -6.95 -38.04 27.47
C GLU D 143 -6.96 -38.45 28.95
N ILE D 144 -6.51 -37.59 29.85
CA ILE D 144 -6.50 -37.92 31.27
C ILE D 144 -7.59 -37.13 31.98
N GLU E 1 -32.49 -14.36 41.91
CA GLU E 1 -31.79 -13.16 42.35
C GLU E 1 -30.28 -13.37 42.35
N VAL E 2 -29.85 -14.62 42.16
CA VAL E 2 -28.44 -14.94 42.13
C VAL E 2 -27.85 -14.55 40.77
N GLY E 3 -26.64 -13.99 40.79
CA GLY E 3 -25.98 -13.58 39.58
C GLY E 3 -26.18 -12.11 39.27
N PRO E 4 -25.61 -11.64 38.17
CA PRO E 4 -25.75 -10.23 37.81
C PRO E 4 -27.15 -9.90 37.33
N LYS E 5 -27.46 -8.61 37.36
CA LYS E 5 -28.78 -8.13 36.95
C LYS E 5 -28.92 -8.24 35.43
N ARG E 6 -30.14 -8.55 34.99
CA ARG E 6 -30.42 -8.69 33.57
C ARG E 6 -30.28 -7.34 32.87
N GLY E 7 -29.56 -7.35 31.75
CA GLY E 7 -29.35 -6.14 30.99
C GLY E 7 -28.09 -5.38 31.35
N SER E 8 -27.39 -5.80 32.39
CA SER E 8 -26.17 -5.13 32.82
C SER E 8 -24.99 -5.57 31.96
N LEU E 9 -23.89 -4.83 32.07
CA LEU E 9 -22.67 -5.09 31.32
C LEU E 9 -21.66 -5.77 32.23
N VAL E 10 -21.06 -6.87 31.74
CA VAL E 10 -20.08 -7.62 32.51
C VAL E 10 -18.84 -7.87 31.67
N LYS E 11 -17.75 -8.18 32.35
CA LYS E 11 -16.47 -8.50 31.72
C LYS E 11 -16.24 -10.00 31.85
N ILE E 12 -15.85 -10.63 30.75
CA ILE E 12 -15.61 -12.06 30.73
C ILE E 12 -14.22 -12.37 31.29
N LEU E 13 -14.16 -13.31 32.24
CA LEU E 13 -12.91 -13.72 32.86
C LEU E 13 -12.43 -15.09 32.38
N ARG E 14 -13.13 -15.73 31.46
CA ARG E 14 -12.71 -17.04 30.97
C ARG E 14 -11.51 -16.86 30.06
N PRO E 15 -10.36 -17.46 30.38
CA PRO E 15 -9.16 -17.28 29.54
C PRO E 15 -9.27 -17.83 28.12
N GLU E 16 -9.90 -18.99 27.93
CA GLU E 16 -10.02 -19.58 26.60
C GLU E 16 -11.17 -18.99 25.80
N SER E 17 -11.94 -18.06 26.37
CA SER E 17 -13.04 -17.46 25.64
C SER E 17 -12.55 -16.40 24.67
N TYR E 18 -13.28 -16.24 23.57
CA TYR E 18 -12.93 -15.24 22.57
C TYR E 18 -13.11 -13.84 23.12
N TRP E 19 -14.13 -13.64 23.96
CA TRP E 19 -14.44 -12.34 24.55
C TRP E 19 -13.77 -12.12 25.89
N PHE E 20 -12.61 -12.73 26.12
CA PHE E 20 -11.90 -12.53 27.37
C PHE E 20 -11.52 -11.07 27.50
N ASN E 21 -11.75 -10.49 28.68
CA ASN E 21 -11.52 -9.08 29.00
C ASN E 21 -12.39 -8.14 28.17
N GLN E 22 -13.51 -8.63 27.63
CA GLN E 22 -14.42 -7.82 26.84
C GLN E 22 -15.75 -7.66 27.56
N VAL E 23 -16.46 -6.60 27.20
CA VAL E 23 -17.74 -6.28 27.83
C VAL E 23 -18.90 -6.85 27.02
N GLY E 24 -19.82 -7.49 27.72
CA GLY E 24 -21.00 -8.07 27.09
C GLY E 24 -22.23 -7.81 27.94
N LYS E 25 -23.38 -7.81 27.29
CA LYS E 25 -24.65 -7.56 27.96
C LYS E 25 -25.24 -8.85 28.52
N VAL E 26 -25.77 -8.78 29.74
CA VAL E 26 -26.36 -9.94 30.40
C VAL E 26 -27.79 -10.13 29.88
N VAL E 27 -28.09 -11.32 29.41
CA VAL E 27 -29.40 -11.65 28.87
C VAL E 27 -30.28 -12.33 29.92
N SER E 28 -29.80 -13.42 30.51
CA SER E 28 -30.56 -14.14 31.53
C SER E 28 -29.61 -14.96 32.38
N VAL E 29 -30.02 -15.20 33.63
CA VAL E 29 -29.25 -15.98 34.58
C VAL E 29 -30.14 -17.12 35.06
N ASP E 30 -29.68 -18.35 34.91
CA ASP E 30 -30.47 -19.50 35.34
C ASP E 30 -30.50 -19.58 36.86
N GLN E 31 -31.66 -19.91 37.40
CA GLN E 31 -31.86 -20.00 38.84
C GLN E 31 -31.59 -21.39 39.41
N SER E 32 -31.22 -22.35 38.59
CA SER E 32 -30.94 -23.69 39.10
C SER E 32 -29.46 -23.78 39.46
N GLY E 33 -28.97 -24.99 39.72
CA GLY E 33 -27.57 -25.17 40.06
C GLY E 33 -26.70 -25.55 38.89
N VAL E 34 -26.96 -24.96 37.73
CA VAL E 34 -26.16 -25.27 36.55
C VAL E 34 -24.78 -24.66 36.68
N ARG E 35 -23.82 -25.23 35.96
CA ARG E 35 -22.44 -24.76 36.02
C ARG E 35 -22.28 -23.36 35.43
N TYR E 36 -22.95 -23.08 34.32
CA TYR E 36 -22.84 -21.78 33.64
C TYR E 36 -24.23 -21.20 33.46
N PRO E 37 -24.74 -20.47 34.46
CA PRO E 37 -26.10 -19.89 34.35
C PRO E 37 -26.16 -18.55 33.65
N VAL E 38 -25.09 -17.77 33.67
CA VAL E 38 -25.11 -16.44 33.06
C VAL E 38 -25.05 -16.54 31.54
N VAL E 39 -25.95 -15.83 30.87
CA VAL E 39 -26.00 -15.77 29.41
C VAL E 39 -25.53 -14.38 29.03
N VAL E 40 -24.50 -14.29 28.20
CA VAL E 40 -23.94 -13.01 27.80
C VAL E 40 -23.97 -12.88 26.28
N ARG E 41 -24.45 -11.74 25.81
CA ARG E 41 -24.55 -11.40 24.39
C ARG E 41 -23.51 -10.33 24.09
N PHE E 42 -22.80 -10.47 22.97
CA PHE E 42 -21.76 -9.54 22.60
C PHE E 42 -22.05 -8.89 21.26
N GLU E 43 -21.50 -7.68 21.08
CA GLU E 43 -21.69 -6.94 19.84
C GLU E 43 -20.82 -7.47 18.70
N ASN E 44 -19.64 -8.00 19.03
CA ASN E 44 -18.72 -8.53 18.02
C ASN E 44 -18.75 -10.05 18.04
N GLN E 45 -18.97 -10.65 16.87
CA GLN E 45 -19.02 -12.10 16.77
C GLN E 45 -17.62 -12.69 16.82
N ASN E 46 -17.55 -13.96 17.21
CA ASN E 46 -16.27 -14.66 17.29
C ASN E 46 -15.91 -15.22 15.92
N TYR E 47 -14.93 -16.12 15.88
CA TYR E 47 -14.52 -16.71 14.61
C TYR E 47 -15.58 -17.63 14.04
N ALA E 48 -16.43 -18.20 14.88
CA ALA E 48 -17.51 -19.07 14.44
C ALA E 48 -18.78 -18.32 14.11
N GLY E 49 -18.79 -16.99 14.28
CA GLY E 49 -19.97 -16.19 13.98
C GLY E 49 -20.99 -16.13 15.09
N VAL E 50 -20.67 -16.64 16.28
CA VAL E 50 -21.57 -16.64 17.41
C VAL E 50 -21.40 -15.35 18.20
N THR E 51 -22.50 -14.83 18.75
CA THR E 51 -22.50 -13.60 19.53
C THR E 51 -22.95 -13.79 20.97
N THR E 52 -23.25 -15.02 21.40
CA THR E 52 -23.70 -15.27 22.76
C THR E 52 -22.98 -16.48 23.34
N ASN E 53 -22.89 -16.51 24.66
CA ASN E 53 -22.21 -17.61 25.35
C ASN E 53 -22.72 -17.72 26.78
N ASN E 54 -22.40 -18.85 27.41
CA ASN E 54 -22.79 -19.13 28.79
C ASN E 54 -21.54 -19.11 29.67
N TYR E 55 -21.64 -18.46 30.82
CA TYR E 55 -20.54 -18.34 31.75
C TYR E 55 -21.04 -18.58 33.17
N ALA E 56 -20.10 -18.95 34.04
CA ALA E 56 -20.38 -19.21 35.44
C ALA E 56 -20.50 -17.89 36.21
N LEU E 57 -20.86 -18.00 37.49
CA LEU E 57 -21.01 -16.81 38.32
C LEU E 57 -19.66 -16.15 38.59
N ASP E 58 -18.60 -16.96 38.78
CA ASP E 58 -17.29 -16.41 39.05
C ASP E 58 -16.51 -16.06 37.79
N GLU E 59 -17.03 -16.41 36.61
CA GLU E 59 -16.37 -16.11 35.35
C GLU E 59 -16.76 -14.75 34.79
N VAL E 60 -17.69 -14.05 35.42
CA VAL E 60 -18.14 -12.74 34.97
C VAL E 60 -18.04 -11.78 36.14
N VAL E 61 -17.61 -10.55 35.85
CA VAL E 61 -17.47 -9.50 36.85
C VAL E 61 -18.17 -8.27 36.33
N ALA E 62 -18.87 -7.55 37.22
CA ALA E 62 -19.58 -6.35 36.82
C ALA E 62 -18.60 -5.25 36.44
N ALA E 63 -18.44 -5.02 35.15
CA ALA E 63 -17.52 -4.00 34.66
C ALA E 63 -18.15 -3.21 33.52
N ASP F 1 34.11 16.06 0.02
CA ASP F 1 33.62 16.44 1.33
C ASP F 1 33.33 15.21 2.19
N ILE F 2 32.06 15.01 2.51
CA ILE F 2 31.64 13.88 3.33
C ILE F 2 31.83 12.59 2.55
N ALA F 3 32.43 11.59 3.23
CA ALA F 3 32.68 10.25 2.68
C ALA F 3 33.51 10.28 1.40
N GLY F 4 34.41 11.25 1.27
CA GLY F 4 35.23 11.34 0.09
C GLY F 4 34.52 11.75 -1.18
N LEU F 5 33.28 12.25 -1.08
CA LEU F 5 32.53 12.66 -2.25
C LEU F 5 32.93 14.09 -2.65
N THR F 6 32.52 14.45 -3.86
CA THR F 6 32.79 15.78 -4.40
C THR F 6 31.47 16.44 -4.74
N PRO F 7 31.39 17.77 -4.70
CA PRO F 7 30.14 18.45 -5.04
C PRO F 7 29.81 18.23 -6.52
N CYS F 8 28.52 18.16 -6.82
CA CYS F 8 28.08 17.93 -8.19
C CYS F 8 28.44 19.08 -9.12
N SER F 9 28.64 20.29 -8.58
CA SER F 9 29.01 21.42 -9.42
C SER F 9 30.44 21.31 -9.93
N GLU F 10 31.27 20.46 -9.31
CA GLU F 10 32.64 20.27 -9.72
C GLU F 10 32.94 18.87 -10.25
N SER F 11 31.98 17.96 -10.20
CA SER F 11 32.21 16.60 -10.67
C SER F 11 32.24 16.56 -12.21
N LYS F 12 33.26 15.89 -12.75
CA LYS F 12 33.37 15.79 -14.20
C LYS F 12 32.38 14.77 -14.75
N ALA F 13 32.11 13.72 -13.98
CA ALA F 13 31.16 12.71 -14.43
C ALA F 13 29.73 13.26 -14.46
N TYR F 14 29.43 14.23 -13.59
CA TYR F 14 28.12 14.85 -13.57
C TYR F 14 27.88 15.63 -14.85
N ALA F 15 28.85 16.46 -15.25
CA ALA F 15 28.74 17.23 -16.48
C ALA F 15 28.76 16.30 -17.69
N LYS F 16 29.52 15.21 -17.60
CA LYS F 16 29.57 14.24 -18.69
C LYS F 16 28.22 13.57 -18.87
N LEU F 17 27.54 13.24 -17.77
CA LEU F 17 26.22 12.62 -17.84
C LEU F 17 25.21 13.60 -18.41
N GLU F 18 25.32 14.88 -18.03
CA GLU F 18 24.41 15.89 -18.58
C GLU F 18 24.60 16.02 -20.08
N LYS F 19 25.87 16.01 -20.53
CA LYS F 19 26.17 16.09 -21.95
C LYS F 19 25.66 14.86 -22.68
N LYS F 20 25.76 13.69 -22.06
CA LYS F 20 25.28 12.46 -22.69
C LYS F 20 23.76 12.47 -22.87
N GLU F 21 23.04 12.92 -21.85
CA GLU F 21 21.57 13.00 -21.94
C GLU F 21 21.15 14.02 -23.00
N LEU F 22 21.81 15.18 -23.01
CA LEU F 22 21.47 16.19 -24.00
C LEU F 22 21.86 15.70 -25.40
N LYS F 23 22.92 14.91 -25.51
CA LYS F 23 23.36 14.38 -26.80
C LYS F 23 22.35 13.39 -27.36
N THR F 24 21.85 12.48 -26.53
CA THR F 24 20.87 11.52 -27.05
C THR F 24 19.55 12.22 -27.39
N LEU F 25 19.16 13.24 -26.60
CA LEU F 25 17.94 13.97 -26.92
C LEU F 25 18.09 14.75 -28.22
N GLU F 26 19.26 15.37 -28.42
CA GLU F 26 19.52 16.12 -29.65
C GLU F 26 19.59 15.18 -30.84
N LYS F 27 20.14 13.98 -30.64
CA LYS F 27 20.22 13.00 -31.72
C LYS F 27 18.82 12.57 -32.14
N ARG F 28 17.92 12.40 -31.17
CA ARG F 28 16.55 12.04 -31.52
C ARG F 28 15.84 13.20 -32.20
N LEU F 29 16.16 14.44 -31.79
CA LEU F 29 15.56 15.63 -32.35
C LEU F 29 16.03 15.91 -33.77
N LYS F 30 17.23 15.46 -34.14
CA LYS F 30 17.78 15.70 -35.47
C LYS F 30 16.97 15.07 -36.60
N GLN F 31 16.09 14.11 -36.31
CA GLN F 31 15.30 13.46 -37.34
C GLN F 31 13.95 14.12 -37.61
N TYR F 32 13.58 15.14 -36.84
CA TYR F 32 12.29 15.81 -37.04
C TYR F 32 12.50 17.19 -37.67
N GLU F 33 11.39 17.91 -37.81
CA GLU F 33 11.40 19.24 -38.39
C GLU F 33 11.81 20.26 -37.31
N ALA F 34 11.61 21.54 -37.60
CA ALA F 34 11.96 22.59 -36.65
C ALA F 34 10.76 23.27 -36.02
N ASP F 35 9.56 23.06 -36.54
CA ASP F 35 8.35 23.68 -36.00
C ASP F 35 7.21 22.67 -35.93
N SER F 36 7.50 21.48 -35.45
CA SER F 36 6.51 20.41 -35.33
C SER F 36 6.35 20.05 -33.86
N ALA F 37 5.31 19.26 -33.59
CA ALA F 37 5.04 18.82 -32.20
C ALA F 37 6.18 17.98 -31.62
N PRO F 38 6.76 16.97 -32.30
CA PRO F 38 7.87 16.23 -31.65
C PRO F 38 9.08 17.10 -31.39
N ALA F 39 9.35 18.08 -32.27
CA ALA F 39 10.49 18.98 -32.06
C ALA F 39 10.29 19.84 -30.83
N VAL F 40 9.07 20.37 -30.65
CA VAL F 40 8.77 21.20 -29.49
C VAL F 40 8.82 20.37 -28.22
N ALA F 41 8.30 19.14 -28.27
CA ALA F 41 8.34 18.26 -27.09
C ALA F 41 9.77 17.89 -26.72
N LEU F 42 10.60 17.58 -27.72
CA LEU F 42 12.00 17.25 -27.45
C LEU F 42 12.76 18.44 -26.90
N LYS F 43 12.47 19.64 -27.42
CA LYS F 43 13.12 20.85 -26.93
C LYS F 43 12.71 21.12 -25.49
N ALA F 44 11.44 20.87 -25.17
CA ALA F 44 10.96 21.06 -23.81
C ALA F 44 11.64 20.07 -22.87
N THR F 45 11.83 18.82 -23.33
CA THR F 45 12.52 17.82 -22.51
C THR F 45 13.98 18.23 -22.28
N MET F 46 14.62 18.79 -23.32
CA MET F 46 16.01 19.22 -23.19
C MET F 46 16.12 20.38 -22.20
N GLU F 47 15.18 21.33 -22.26
CA GLU F 47 15.21 22.45 -21.32
C GLU F 47 14.96 21.95 -19.90
N ARG F 48 14.07 20.97 -19.74
CA ARG F 48 13.81 20.41 -18.42
C ARG F 48 15.04 19.69 -17.88
N THR F 49 15.78 19.00 -18.74
CA THR F 49 16.99 18.31 -18.33
C THR F 49 18.06 19.31 -17.88
N LYS F 50 18.24 20.38 -18.65
CA LYS F 50 19.22 21.41 -18.30
C LYS F 50 18.85 22.08 -16.97
N ALA F 51 17.55 22.39 -16.80
CA ALA F 51 17.10 23.02 -15.57
C ALA F 51 17.27 22.08 -14.38
N ARG F 52 17.01 20.79 -14.58
CA ARG F 52 17.15 19.82 -13.49
C ARG F 52 18.60 19.69 -13.06
N PHE F 53 19.52 19.62 -14.04
CA PHE F 53 20.94 19.51 -13.70
C PHE F 53 21.44 20.76 -13.00
N ALA F 54 21.02 21.95 -13.48
CA ALA F 54 21.44 23.19 -12.85
C ALA F 54 20.86 23.33 -11.44
N ASN F 55 19.61 22.87 -11.25
CA ASN F 55 18.98 22.96 -9.94
C ASN F 55 19.61 21.98 -8.95
N TYR F 56 20.02 20.80 -9.44
CA TYR F 56 20.65 19.83 -8.54
C TYR F 56 22.04 20.31 -8.16
N ALA F 57 22.74 20.95 -9.08
CA ALA F 57 24.07 21.47 -8.76
C ALA F 57 23.97 22.69 -7.85
N LYS F 58 22.92 23.50 -8.04
CA LYS F 58 22.72 24.69 -7.23
C LYS F 58 22.32 24.33 -5.80
N ALA F 59 21.66 23.19 -5.62
CA ALA F 59 21.23 22.75 -4.29
C ALA F 59 22.40 22.31 -3.41
N GLY F 60 23.59 22.12 -3.98
CA GLY F 60 24.73 21.71 -3.19
C GLY F 60 24.84 20.22 -2.95
N LEU F 61 24.24 19.40 -3.80
CA LEU F 61 24.29 17.95 -3.63
C LEU F 61 25.70 17.43 -3.89
N LEU F 62 26.02 16.32 -3.24
CA LEU F 62 27.31 15.67 -3.38
C LEU F 62 27.20 14.53 -4.37
N CYS F 63 28.13 14.47 -5.31
CA CYS F 63 28.16 13.43 -6.33
C CYS F 63 29.34 12.49 -6.10
N GLY F 64 29.13 11.22 -6.40
CA GLY F 64 30.15 10.21 -6.25
C GLY F 64 31.00 10.06 -7.50
N ASN F 65 31.67 8.92 -7.61
CA ASN F 65 32.50 8.64 -8.77
C ASN F 65 31.67 8.40 -10.01
N ASP F 66 30.39 8.08 -9.86
CA ASP F 66 29.48 7.85 -10.95
C ASP F 66 28.81 9.11 -11.47
N GLY F 67 29.01 10.24 -10.79
CA GLY F 67 28.41 11.49 -11.20
C GLY F 67 26.97 11.67 -10.80
N LEU F 68 26.44 10.81 -9.94
CA LEU F 68 25.07 10.90 -9.48
C LEU F 68 25.02 11.46 -8.07
N PRO F 69 23.98 12.23 -7.75
CA PRO F 69 23.88 12.81 -6.40
C PRO F 69 23.71 11.75 -5.31
N HIS F 70 24.32 12.03 -4.16
CA HIS F 70 24.29 11.15 -3.01
C HIS F 70 23.68 11.92 -1.84
N LEU F 71 22.78 11.26 -1.11
CA LEU F 71 22.10 11.88 0.01
C LEU F 71 22.78 11.58 1.33
N ILE F 72 22.71 12.53 2.25
CA ILE F 72 23.29 12.41 3.58
C ILE F 72 22.16 12.25 4.58
N ALA F 73 22.13 11.11 5.27
CA ALA F 73 21.07 10.82 6.23
C ALA F 73 21.45 11.14 7.67
N ASP F 74 22.73 11.35 7.97
CA ASP F 74 23.14 11.66 9.33
C ASP F 74 22.75 13.09 9.67
N PRO F 75 22.00 13.34 10.74
CA PRO F 75 21.62 14.72 11.08
C PRO F 75 22.79 15.63 11.38
N GLY F 76 23.86 15.10 11.99
CA GLY F 76 25.02 15.94 12.29
C GLY F 76 25.73 16.43 11.06
N LEU F 77 26.01 15.52 10.12
CA LEU F 77 26.68 15.89 8.88
C LEU F 77 25.80 16.78 8.02
N ALA F 78 24.49 16.49 7.98
CA ALA F 78 23.56 17.29 7.19
C ALA F 78 23.44 18.71 7.74
N LEU F 79 23.39 18.85 9.06
CA LEU F 79 23.28 20.18 9.64
C LEU F 79 24.61 20.91 9.67
N LYS F 80 25.73 20.20 9.62
CA LYS F 80 27.04 20.84 9.64
C LYS F 80 27.53 21.26 8.25
N TYR F 81 27.13 20.56 7.19
CA TYR F 81 27.58 20.91 5.85
C TYR F 81 26.45 21.36 4.93
N GLY F 82 25.33 21.80 5.49
CA GLY F 82 24.22 22.28 4.69
C GLY F 82 23.52 21.25 3.82
N HIS F 83 23.24 20.06 4.38
CA HIS F 83 22.56 19.00 3.65
C HIS F 83 21.26 18.58 4.34
N ALA F 84 20.68 19.47 5.16
CA ALA F 84 19.44 19.15 5.87
C ALA F 84 18.25 19.00 4.94
N GLY F 85 18.31 19.54 3.73
CA GLY F 85 17.21 19.41 2.80
C GLY F 85 17.08 18.04 2.16
N GLU F 86 18.09 17.18 2.31
CA GLU F 86 18.04 15.85 1.73
C GLU F 86 17.27 14.88 2.62
N VAL F 87 17.79 14.62 3.83
CA VAL F 87 17.14 13.73 4.79
C VAL F 87 17.21 14.37 6.18
N PHE F 88 16.13 15.07 6.55
CA PHE F 88 15.91 15.76 7.84
C PHE F 88 14.60 16.51 7.69
N ILE F 89 14.61 17.54 6.86
CA ILE F 89 13.39 18.30 6.59
C ILE F 89 12.33 17.41 5.93
N PRO F 90 12.65 16.58 4.90
CA PRO F 90 11.60 15.69 4.38
C PRO F 90 11.16 14.67 5.41
N THR F 91 12.04 14.31 6.35
CA THR F 91 11.69 13.37 7.40
C THR F 91 10.61 13.96 8.29
N PHE F 92 10.80 15.21 8.72
CA PHE F 92 9.78 15.86 9.55
C PHE F 92 8.52 16.15 8.76
N GLY F 93 8.66 16.42 7.45
CA GLY F 93 7.48 16.65 6.63
C GLY F 93 6.63 15.41 6.53
N PHE F 94 7.28 14.25 6.31
CA PHE F 94 6.53 13.01 6.25
C PHE F 94 5.91 12.70 7.60
N LEU F 95 6.65 12.94 8.68
CA LEU F 95 6.12 12.65 10.01
C LEU F 95 4.86 13.48 10.27
N TYR F 96 4.87 14.74 9.84
CA TYR F 96 3.70 15.58 10.03
C TYR F 96 2.50 15.07 9.22
N VAL F 97 2.69 14.76 7.94
CA VAL F 97 1.56 14.31 7.12
C VAL F 97 1.08 12.92 7.56
N ALA F 98 2.00 12.01 7.91
CA ALA F 98 1.62 10.68 8.34
C ALA F 98 0.85 10.71 9.65
N GLY F 99 1.35 11.49 10.61
CA GLY F 99 0.65 11.61 11.88
C GLY F 99 -0.68 12.31 11.69
N TYR F 100 -0.76 13.20 10.70
CA TYR F 100 -2.00 13.89 10.38
C TYR F 100 -3.06 12.88 9.98
N ILE F 101 -2.69 12.01 9.04
CA ILE F 101 -3.61 10.97 8.53
C ILE F 101 -4.02 10.01 9.65
N GLY F 102 -3.03 9.55 10.42
CA GLY F 102 -3.32 8.62 11.51
C GLY F 102 -4.22 9.23 12.58
N TYR F 103 -3.97 10.50 12.93
CA TYR F 103 -4.78 11.16 13.93
C TYR F 103 -6.20 11.38 13.45
N VAL F 104 -6.37 11.77 12.18
CA VAL F 104 -7.71 11.99 11.64
C VAL F 104 -8.48 10.67 11.62
N GLY F 105 -7.82 9.58 11.20
CA GLY F 105 -8.49 8.29 11.18
C GLY F 105 -8.88 7.81 12.57
N ARG F 106 -7.97 8.00 13.54
CA ARG F 106 -8.26 7.60 14.92
C ARG F 106 -9.43 8.40 15.49
N GLN F 107 -9.45 9.70 15.20
CA GLN F 107 -10.55 10.54 15.68
C GLN F 107 -11.87 10.12 15.06
N TYR F 108 -11.86 9.74 13.78
CA TYR F 108 -13.08 9.27 13.14
C TYR F 108 -13.57 7.98 13.76
N LEU F 109 -12.65 7.05 14.04
CA LEU F 109 -13.04 5.79 14.66
C LEU F 109 -13.61 5.99 16.05
N ILE F 110 -12.99 6.86 16.84
CA ILE F 110 -13.48 7.14 18.19
C ILE F 110 -14.84 7.85 18.13
N ALA F 111 -15.03 8.72 17.13
CA ALA F 111 -16.29 9.43 17.00
C ALA F 111 -17.43 8.51 16.59
N VAL F 112 -17.19 7.60 15.63
CA VAL F 112 -18.27 6.71 15.21
C VAL F 112 -18.42 5.48 16.09
N LYS F 113 -17.50 5.23 17.02
CA LYS F 113 -17.63 4.07 17.89
C LYS F 113 -18.75 4.21 18.90
N GLY F 114 -19.20 5.43 19.20
CA GLY F 114 -20.26 5.62 20.17
C GLY F 114 -21.65 5.72 19.57
N GLU F 115 -21.82 5.26 18.34
CA GLU F 115 -23.11 5.32 17.68
C GLU F 115 -23.82 3.96 17.73
N ALA F 116 -24.97 3.89 17.05
CA ALA F 116 -25.77 2.67 17.05
C ALA F 116 -25.10 1.56 16.23
N LYS F 117 -24.66 1.87 15.02
CA LYS F 117 -24.02 0.89 14.13
C LYS F 117 -22.70 1.47 13.62
N PRO F 118 -21.62 1.32 14.38
CA PRO F 118 -20.31 1.84 13.94
C PRO F 118 -19.81 1.20 12.65
N THR F 119 -20.14 -0.08 12.42
CA THR F 119 -19.71 -0.76 11.20
C THR F 119 -20.32 -0.11 9.96
N ASP F 120 -21.58 0.34 10.09
CA ASP F 120 -22.25 1.01 8.98
C ASP F 120 -21.53 2.30 8.62
N LYS F 121 -21.03 3.01 9.64
CA LYS F 121 -20.28 4.23 9.38
C LYS F 121 -18.90 3.90 8.84
N GLU F 122 -18.41 2.68 9.11
CA GLU F 122 -17.11 2.28 8.60
C GLU F 122 -17.18 1.93 7.11
N ILE F 123 -18.32 1.38 6.65
CA ILE F 123 -18.41 1.07 5.23
C ILE F 123 -18.94 2.27 4.45
N ILE F 124 -19.88 3.01 5.02
CA ILE F 124 -20.45 4.20 4.40
C ILE F 124 -19.88 5.37 5.19
N ILE F 125 -18.89 6.05 4.60
CA ILE F 125 -18.22 7.16 5.26
C ILE F 125 -19.13 8.35 5.46
N ASP F 126 -19.16 8.88 6.68
CA ASP F 126 -19.93 10.07 7.02
C ASP F 126 -19.06 11.23 6.55
N VAL F 127 -19.38 11.76 5.37
CA VAL F 127 -18.58 12.85 4.78
C VAL F 127 -18.51 14.11 5.64
N PRO F 128 -19.61 14.64 6.24
CA PRO F 128 -19.45 15.86 7.05
C PRO F 128 -18.54 15.68 8.26
N LEU F 129 -18.68 14.56 8.98
CA LEU F 129 -17.81 14.31 10.14
C LEU F 129 -16.37 14.12 9.71
N ALA F 130 -16.15 13.39 8.61
CA ALA F 130 -14.80 13.14 8.11
C ALA F 130 -14.14 14.44 7.67
N THR F 131 -14.90 15.32 7.01
CA THR F 131 -14.36 16.60 6.57
C THR F 131 -14.02 17.49 7.75
N LYS F 132 -14.89 17.51 8.77
CA LYS F 132 -14.64 18.32 9.95
C LYS F 132 -13.38 17.83 10.68
N LEU F 133 -13.24 16.51 10.82
CA LEU F 133 -12.07 15.97 11.49
C LEU F 133 -10.80 16.18 10.66
N ALA F 134 -10.93 16.11 9.33
CA ALA F 134 -9.78 16.34 8.46
C ALA F 134 -9.29 17.77 8.57
N TRP F 135 -10.22 18.72 8.71
CA TRP F 135 -9.81 20.10 8.86
C TRP F 135 -9.26 20.36 10.25
N GLN F 136 -9.83 19.72 11.28
CA GLN F 136 -9.36 19.90 12.64
C GLN F 136 -8.07 19.16 12.94
N GLY F 137 -7.62 18.28 12.05
CA GLY F 137 -6.40 17.54 12.30
C GLY F 137 -5.11 18.30 12.10
N ALA F 138 -5.16 19.61 11.81
CA ALA F 138 -3.93 20.39 11.61
C ALA F 138 -3.11 20.49 12.88
N GLY F 139 -3.76 20.43 14.04
CA GLY F 139 -3.04 20.51 15.29
C GLY F 139 -2.83 19.14 15.90
N TRP F 140 -2.61 18.13 15.04
CA TRP F 140 -2.40 16.77 15.53
C TRP F 140 -1.21 16.59 16.48
N PRO F 141 -0.03 17.23 16.31
CA PRO F 141 1.04 16.97 17.30
C PRO F 141 0.71 17.50 18.68
N LEU F 142 0.15 18.71 18.76
CA LEU F 142 -0.22 19.28 20.06
C LEU F 142 -1.31 18.45 20.73
N ALA F 143 -2.32 18.07 19.96
CA ALA F 143 -3.42 17.27 20.50
C ALA F 143 -2.93 15.89 20.93
N ALA F 144 -2.01 15.30 20.17
CA ALA F 144 -1.47 13.98 20.51
C ALA F 144 -0.63 14.06 21.78
N VAL F 145 0.16 15.11 21.93
CA VAL F 145 0.98 15.27 23.13
C VAL F 145 0.07 15.47 24.35
N GLN F 146 -1.01 16.24 24.17
CA GLN F 146 -1.95 16.46 25.27
C GLN F 146 -2.66 15.17 25.65
N GLU F 147 -3.02 14.35 24.65
CA GLU F 147 -3.69 13.09 24.94
C GLU F 147 -2.75 12.13 25.65
N LEU F 148 -1.47 12.14 25.27
CA LEU F 148 -0.49 11.27 25.91
C LEU F 148 -0.22 11.71 27.34
N GLN F 149 -0.19 13.03 27.59
CA GLN F 149 0.07 13.53 28.92
C GLN F 149 -1.11 13.30 29.86
N ARG F 150 -2.34 13.29 29.34
CA ARG F 150 -3.51 13.07 30.19
C ARG F 150 -3.78 11.59 30.43
N GLY F 151 -3.10 10.70 29.72
CA GLY F 151 -3.32 9.28 29.88
C GLY F 151 -4.49 8.72 29.11
N THR F 152 -5.09 9.50 28.22
CA THR F 152 -6.22 9.04 27.43
C THR F 152 -5.83 8.50 26.06
N LEU F 153 -4.53 8.49 25.74
CA LEU F 153 -4.08 7.98 24.45
C LEU F 153 -4.09 6.46 24.41
N LEU F 154 -3.71 5.82 25.51
CA LEU F 154 -3.65 4.36 25.58
C LEU F 154 -4.83 3.77 26.32
N GLU F 155 -5.03 2.47 26.13
CA GLU F 155 -6.08 1.70 26.77
C GLU F 155 -5.44 0.82 27.83
N LYS F 156 -6.17 0.60 28.91
CA LYS F 156 -5.67 -0.22 30.01
C LYS F 156 -5.50 -1.67 29.57
N GLU F 157 -4.58 -2.38 30.23
CA GLU F 157 -4.31 -3.77 29.91
C GLU F 157 -5.51 -4.67 30.21
N GLU F 158 -6.30 -4.32 31.22
CA GLU F 158 -7.45 -5.12 31.58
C GLU F 158 -8.61 -5.02 30.59
N ASN F 159 -8.57 -4.05 29.67
CA ASN F 159 -9.64 -3.88 28.69
C ASN F 159 -9.24 -4.38 27.30
N ILE F 160 -8.10 -5.05 27.18
CA ILE F 160 -7.63 -5.58 25.90
C ILE F 160 -7.56 -7.09 25.99
N THR F 161 -8.16 -7.77 25.01
CA THR F 161 -8.18 -9.22 24.99
C THR F 161 -6.81 -9.80 24.64
N VAL F 162 -6.50 -10.95 25.24
CA VAL F 162 -5.24 -11.66 25.02
C VAL F 162 -5.51 -13.16 24.96
N SER F 163 -4.54 -13.88 24.41
CA SER F 163 -4.61 -15.32 24.27
C SER F 163 -4.43 -16.00 25.63
N PRO F 164 -4.81 -17.27 25.76
CA PRO F 164 -4.65 -17.96 27.06
C PRO F 164 -3.22 -18.33 27.43
N ARG F 165 -2.21 -17.80 26.73
CA ARG F 165 -0.78 -18.05 26.99
C ARG F 165 -0.38 -19.54 26.88
N LEU G 1 64.83 -8.63 35.19
CA LEU G 1 63.87 -8.93 36.25
C LEU G 1 64.01 -10.38 36.70
N ASP G 2 64.18 -10.58 38.00
CA ASP G 2 64.33 -11.93 38.54
C ASP G 2 62.98 -12.63 38.48
N PRO G 3 62.88 -13.74 37.72
CA PRO G 3 61.60 -14.43 37.63
C PRO G 3 61.19 -15.10 38.92
N GLN G 4 62.16 -15.65 39.65
CA GLN G 4 61.89 -16.33 40.90
C GLN G 4 61.33 -15.36 41.94
N ILE G 5 61.91 -14.17 42.05
CA ILE G 5 61.45 -13.18 43.01
C ILE G 5 60.03 -12.73 42.70
N VAL G 6 59.76 -12.44 41.42
CA VAL G 6 58.43 -11.98 41.01
C VAL G 6 57.37 -13.05 41.24
N ILE G 7 57.66 -14.29 40.83
CA ILE G 7 56.71 -15.38 40.99
C ILE G 7 56.46 -15.67 42.47
N SER G 8 57.54 -15.73 43.26
CA SER G 8 57.41 -16.00 44.69
C SER G 8 56.63 -14.91 45.40
N GLY G 9 56.92 -13.65 45.07
CA GLY G 9 56.21 -12.54 45.69
C GLY G 9 54.75 -12.51 45.32
N SER G 10 54.43 -12.74 44.05
CA SER G 10 53.02 -12.73 43.62
C SER G 10 52.25 -13.87 44.26
N THR G 11 52.85 -15.07 44.33
CA THR G 11 52.19 -16.21 44.94
C THR G 11 51.98 -15.98 46.43
N ALA G 12 53.01 -15.47 47.13
CA ALA G 12 52.89 -15.20 48.55
C ALA G 12 51.86 -14.12 48.84
N ALA G 13 51.82 -13.08 47.99
CA ALA G 13 50.85 -12.00 48.18
C ALA G 13 49.42 -12.49 47.97
N PHE G 14 49.19 -13.30 46.94
CA PHE G 14 47.84 -13.80 46.72
C PHE G 14 47.43 -14.78 47.81
N LEU G 15 48.37 -15.59 48.30
CA LEU G 15 48.05 -16.51 49.38
C LEU G 15 47.74 -15.74 50.66
N ALA G 16 48.45 -14.64 50.90
CA ALA G 16 48.21 -13.82 52.08
C ALA G 16 46.86 -13.13 52.01
N ILE G 17 46.49 -12.58 50.84
CA ILE G 17 45.19 -11.93 50.75
C ILE G 17 44.07 -12.97 50.73
N GLY G 18 44.39 -14.22 50.38
CA GLY G 18 43.36 -15.23 50.40
C GLY G 18 43.17 -15.89 51.74
N ARG G 19 44.18 -15.81 52.60
CA ARG G 19 44.12 -16.40 53.93
C ARG G 19 43.73 -15.38 55.00
N PHE G 20 44.16 -14.13 54.88
CA PHE G 20 43.85 -13.10 55.87
C PHE G 20 42.88 -12.03 55.43
N VAL G 21 42.51 -11.94 54.16
CA VAL G 21 41.60 -10.87 53.74
C VAL G 21 40.29 -11.38 53.16
N PHE G 22 40.35 -12.15 52.08
CA PHE G 22 39.15 -12.64 51.41
C PHE G 22 38.73 -14.04 51.83
N LEU G 23 39.23 -14.57 52.94
CA LEU G 23 38.82 -15.92 53.34
C LEU G 23 37.40 -15.93 53.88
N GLY G 24 37.06 -14.93 54.71
CA GLY G 24 35.71 -14.86 55.26
C GLY G 24 34.67 -14.61 54.19
N TYR G 25 34.97 -13.70 53.26
CA TYR G 25 34.04 -13.40 52.18
C TYR G 25 33.85 -14.61 51.27
N GLN G 26 34.93 -15.34 50.97
CA GLN G 26 34.82 -16.53 50.14
C GLN G 26 34.04 -17.62 50.85
N ARG G 27 34.25 -17.79 52.15
CA ARG G 27 33.52 -18.81 52.90
C ARG G 27 32.04 -18.47 52.98
N ARG G 28 31.72 -17.19 53.12
CA ARG G 28 30.32 -16.78 53.17
C ARG G 28 29.66 -16.97 51.81
N GLU G 29 30.40 -16.71 50.73
CA GLU G 29 29.84 -16.88 49.40
C GLU G 29 29.77 -18.35 48.99
N ALA G 30 30.68 -19.18 49.48
CA ALA G 30 30.65 -20.60 49.12
C ALA G 30 29.52 -21.32 49.83
N ASN G 31 29.20 -20.92 51.07
CA ASN G 31 28.13 -21.56 51.81
C ASN G 31 26.77 -21.11 51.28
N PHE G 32 26.67 -19.86 50.84
CA PHE G 32 25.43 -19.33 50.29
C PHE G 32 25.22 -19.74 48.84
N ASP G 33 26.21 -20.43 48.26
CA ASP G 33 26.14 -20.89 46.88
C ASP G 33 25.14 -22.03 46.67
N SER G 34 24.59 -22.60 47.74
CA SER G 34 23.63 -23.70 47.63
C SER G 34 22.33 -23.24 46.97
N ASN G 52 27.98 -36.33 45.86
CA ASN G 52 29.24 -36.93 46.31
C ASN G 52 30.29 -35.84 46.50
N SER G 53 31.07 -35.93 47.57
CA SER G 53 32.11 -34.94 47.84
C SER G 53 33.14 -35.53 48.78
N THR G 54 34.31 -34.90 48.80
CA THR G 54 35.42 -35.30 49.66
C THR G 54 35.74 -34.13 50.58
N ILE G 55 35.79 -34.40 51.88
CA ILE G 55 36.08 -33.37 52.87
C ILE G 55 37.59 -33.24 53.01
N PHE G 56 38.12 -32.11 52.56
CA PHE G 56 39.57 -31.84 52.65
C PHE G 56 39.87 -31.11 53.96
N ALA G 57 39.69 -31.85 55.05
CA ALA G 57 39.93 -31.29 56.38
C ALA G 57 41.42 -31.02 56.58
N THR G 58 41.71 -29.84 57.14
CA THR G 58 43.08 -29.44 57.41
C THR G 58 43.19 -28.93 58.83
N ASN G 59 44.42 -28.91 59.33
CA ASN G 59 44.69 -28.44 60.68
C ASN G 59 44.86 -26.93 60.75
N ASP G 60 44.63 -26.22 59.64
CA ASP G 60 44.75 -24.77 59.63
C ASP G 60 43.65 -24.19 60.51
N PRO G 61 43.98 -23.28 61.44
CA PRO G 61 42.95 -22.72 62.32
C PRO G 61 41.87 -21.93 61.62
N ALA G 62 42.13 -21.43 60.42
CA ALA G 62 41.13 -20.66 59.69
C ALA G 62 40.41 -21.49 58.63
N GLY G 63 40.72 -22.77 58.50
CA GLY G 63 40.07 -23.62 57.52
C GLY G 63 40.61 -23.51 56.12
N PHE G 64 41.78 -22.90 55.94
CA PHE G 64 42.41 -22.74 54.63
C PHE G 64 42.98 -24.09 54.23
N ASN G 65 42.27 -24.80 53.34
CA ASN G 65 42.68 -26.13 52.93
C ASN G 65 43.56 -26.13 51.69
N ILE G 66 43.82 -27.35 51.18
CA ILE G 66 44.68 -27.56 50.02
C ILE G 66 44.04 -26.99 48.75
N ILE G 67 42.71 -27.08 48.63
CA ILE G 67 42.02 -26.56 47.44
C ILE G 67 42.17 -25.04 47.37
N ASP G 68 42.03 -24.37 48.52
CA ASP G 68 42.18 -22.93 48.56
C ASP G 68 43.63 -22.54 48.24
N VAL G 69 44.58 -23.37 48.69
CA VAL G 69 45.99 -23.13 48.40
C VAL G 69 46.23 -23.19 46.90
N ALA G 70 45.66 -24.21 46.26
CA ALA G 70 45.81 -24.36 44.82
C ALA G 70 45.16 -23.21 44.06
N GLY G 71 43.96 -22.79 44.46
CA GLY G 71 43.29 -21.70 43.77
C GLY G 71 44.01 -20.37 43.90
N TRP G 72 44.41 -20.01 45.12
CA TRP G 72 45.12 -18.75 45.32
C TRP G 72 46.51 -18.79 44.70
N GLY G 73 47.17 -19.95 44.74
CA GLY G 73 48.47 -20.07 44.12
C GLY G 73 48.37 -19.95 42.61
N ALA G 74 47.27 -20.46 42.04
CA ALA G 74 47.05 -20.35 40.61
C ALA G 74 46.86 -18.90 40.20
N LEU G 75 46.07 -18.16 40.99
CA LEU G 75 45.85 -16.74 40.70
C LEU G 75 47.17 -15.97 40.82
N GLY G 76 47.95 -16.28 41.86
CA GLY G 76 49.23 -15.60 42.04
C GLY G 76 50.21 -15.90 40.93
N HIS G 77 50.23 -17.15 40.45
CA HIS G 77 51.11 -17.53 39.36
C HIS G 77 50.72 -16.84 38.07
N ALA G 78 49.41 -16.74 37.80
CA ALA G 78 48.95 -16.06 36.60
C ALA G 78 49.32 -14.59 36.63
N VAL G 79 49.13 -13.94 37.79
CA VAL G 79 49.48 -12.53 37.93
C VAL G 79 50.99 -12.32 37.78
N GLY G 80 51.79 -13.18 38.42
CA GLY G 80 53.23 -13.05 38.33
C GLY G 80 53.75 -13.26 36.92
N PHE G 81 53.22 -14.26 36.21
CA PHE G 81 53.67 -14.49 34.84
C PHE G 81 53.20 -13.38 33.92
N ALA G 82 52.03 -12.78 34.18
CA ALA G 82 51.58 -11.66 33.36
C ALA G 82 52.49 -10.46 33.56
N VAL G 83 52.90 -10.22 34.81
CA VAL G 83 53.80 -9.11 35.11
C VAL G 83 55.15 -9.33 34.46
N LEU G 84 55.67 -10.57 34.55
CA LEU G 84 56.95 -10.90 33.93
C LEU G 84 56.89 -10.75 32.42
N ALA G 85 55.78 -11.16 31.82
CA ALA G 85 55.60 -11.06 30.39
C ALA G 85 55.57 -9.60 29.92
N ILE G 86 54.81 -8.76 30.64
CA ILE G 86 54.71 -7.35 30.30
C ILE G 86 56.08 -6.67 30.44
N ASN G 87 56.82 -7.03 31.50
CA ASN G 87 58.16 -6.46 31.69
C ASN G 87 59.12 -6.96 30.63
N SER G 88 58.92 -8.18 30.14
CA SER G 88 59.78 -8.73 29.11
C SER G 88 59.54 -8.04 27.77
N LEU G 89 58.32 -7.57 27.54
CA LEU G 89 58.00 -6.87 26.29
C LEU G 89 58.75 -5.53 26.17
N GLN G 90 59.30 -5.02 27.28
CA GLN G 90 60.05 -3.76 27.33
C GLN G 90 59.18 -2.59 26.91
N GLY G 91 58.05 -2.43 27.59
CA GLY G 91 57.12 -1.35 27.31
C GLY G 91 56.12 -1.16 28.43
N PRO H 1 51.35 -48.19 1.97
CA PRO H 1 51.16 -47.32 0.80
C PRO H 1 49.71 -46.86 0.65
N PHE H 2 48.77 -47.79 0.90
CA PHE H 2 47.32 -47.63 0.84
C PHE H 2 46.80 -47.24 -0.54
N VAL H 3 47.60 -47.30 -1.59
CA VAL H 3 47.12 -46.94 -2.92
C VAL H 3 46.30 -48.09 -3.48
N PRO H 4 45.07 -47.83 -3.91
CA PRO H 4 44.24 -48.90 -4.46
C PRO H 4 44.66 -49.21 -5.89
N PRO H 5 44.30 -50.37 -6.43
CA PRO H 5 44.69 -50.70 -7.80
C PRO H 5 44.00 -49.83 -8.82
N SER H 6 44.47 -49.96 -10.07
CA SER H 6 43.89 -49.17 -11.15
C SER H 6 42.47 -49.62 -11.46
N TRP H 7 42.17 -50.89 -11.28
CA TRP H 7 40.85 -51.44 -11.54
C TRP H 7 39.89 -51.26 -10.38
N ALA H 8 40.33 -50.63 -9.29
CA ALA H 8 39.45 -50.43 -8.13
C ALA H 8 38.18 -49.63 -8.44
N PRO H 9 38.20 -48.52 -9.20
CA PRO H 9 36.92 -47.85 -9.48
C PRO H 9 35.98 -48.67 -10.33
N SER H 10 36.51 -49.42 -11.31
CA SER H 10 35.68 -50.24 -12.19
C SER H 10 34.96 -51.37 -11.45
N VAL H 11 35.38 -51.66 -10.23
CA VAL H 11 34.74 -52.68 -9.43
C VAL H 11 33.91 -52.09 -8.29
N PHE H 12 34.42 -51.06 -7.62
CA PHE H 12 33.71 -50.43 -6.51
C PHE H 12 32.56 -49.53 -6.94
N VAL H 13 32.69 -48.76 -8.02
CA VAL H 13 31.57 -47.91 -8.46
C VAL H 13 30.37 -48.75 -8.88
N PRO H 14 30.50 -49.83 -9.69
CA PRO H 14 29.30 -50.61 -9.99
C PRO H 14 28.75 -51.33 -8.77
N LEU H 15 29.63 -51.72 -7.85
CA LEU H 15 29.20 -52.39 -6.63
C LEU H 15 28.32 -51.47 -5.79
N THR H 16 28.89 -50.34 -5.37
CA THR H 16 28.17 -49.34 -4.56
C THR H 16 26.98 -48.74 -5.29
N GLY H 17 26.98 -48.76 -6.62
CA GLY H 17 25.86 -48.19 -7.33
C GLY H 17 24.74 -49.13 -7.67
N LEU H 18 25.02 -50.42 -7.84
CA LEU H 18 23.96 -51.35 -8.21
C LEU H 18 23.83 -52.58 -7.33
N VAL H 19 24.94 -53.18 -6.88
CA VAL H 19 24.86 -54.41 -6.09
C VAL H 19 24.45 -54.10 -4.66
N LEU H 20 25.19 -53.21 -4.00
CA LEU H 20 24.86 -52.84 -2.63
C LEU H 20 23.48 -52.19 -2.49
N PRO H 21 23.05 -51.24 -3.36
CA PRO H 21 21.70 -50.70 -3.17
C PRO H 21 20.61 -51.72 -3.43
N ALA H 22 20.82 -52.68 -4.34
CA ALA H 22 19.81 -53.69 -4.58
C ALA H 22 19.64 -54.59 -3.37
N ILE H 23 20.75 -55.00 -2.76
CA ILE H 23 20.72 -55.85 -1.57
C ILE H 23 20.09 -55.08 -0.41
N ALA H 24 20.50 -53.82 -0.24
CA ALA H 24 19.95 -53.01 0.85
C ALA H 24 18.46 -52.77 0.67
N MET H 25 18.02 -52.46 -0.57
CA MET H 25 16.61 -52.22 -0.83
C MET H 25 15.80 -53.50 -0.65
N ALA H 26 16.33 -54.65 -1.06
CA ALA H 26 15.60 -55.90 -0.90
C ALA H 26 15.47 -56.27 0.57
N THR H 27 16.56 -56.16 1.34
CA THR H 27 16.51 -56.48 2.75
C THR H 27 15.60 -55.53 3.51
N LEU H 28 15.69 -54.23 3.18
CA LEU H 28 14.83 -53.26 3.83
C LEU H 28 13.37 -53.47 3.47
N PHE H 29 13.10 -53.81 2.20
CA PHE H 29 11.72 -54.05 1.78
C PHE H 29 11.14 -55.26 2.49
N VAL H 30 11.95 -56.31 2.68
CA VAL H 30 11.46 -57.48 3.39
C VAL H 30 11.22 -57.14 4.86
N TYR H 31 12.09 -56.31 5.44
CA TYR H 31 11.95 -55.94 6.85
C TYR H 31 10.72 -55.06 7.08
N ILE H 32 10.43 -54.13 6.17
CA ILE H 32 9.27 -53.24 6.35
C ILE H 32 7.96 -54.01 6.30
N GLU H 33 7.84 -54.96 5.37
CA GLU H 33 6.61 -55.71 5.23
C GLU H 33 6.52 -56.95 6.11
N LYS H 34 7.47 -57.18 7.01
CA LYS H 34 7.39 -58.36 7.86
C LYS H 34 6.30 -58.16 8.90
N GLU H 35 5.46 -59.18 9.06
CA GLU H 35 4.35 -59.15 10.00
C GLU H 35 4.79 -59.62 11.39
N ALA H 36 4.33 -58.92 12.42
CA ALA H 36 4.68 -59.27 13.78
C ALA H 36 3.94 -60.55 14.21
N PRO H 37 4.58 -61.39 15.04
CA PRO H 37 3.94 -62.63 15.49
C PRO H 37 2.76 -62.40 16.43
N MET I 1 -32.42 11.83 -3.89
CA MET I 1 -31.11 12.48 -3.85
C MET I 1 -30.35 12.05 -2.59
N LYS I 2 -31.09 11.84 -1.50
CA LYS I 2 -30.48 11.41 -0.25
C LYS I 2 -29.83 10.03 -0.41
N ASP I 3 -30.52 9.12 -1.09
CA ASP I 3 -29.97 7.79 -1.32
C ASP I 3 -28.76 7.84 -2.25
N PHE I 4 -28.79 8.75 -3.24
CA PHE I 4 -27.66 8.88 -4.15
C PHE I 4 -26.44 9.41 -3.43
N THR I 5 -26.63 10.38 -2.53
CA THR I 5 -25.51 10.90 -1.75
C THR I 5 -24.97 9.85 -0.80
N THR I 6 -25.87 9.01 -0.27
CA THR I 6 -25.44 7.94 0.62
C THR I 6 -24.63 6.91 -0.17
N TYR I 7 -25.02 6.67 -1.43
CA TYR I 7 -24.27 5.75 -2.26
C TYR I 7 -22.89 6.32 -2.58
N LEU I 8 -22.83 7.64 -2.81
CA LEU I 8 -21.56 8.30 -3.07
C LEU I 8 -20.68 8.33 -1.84
N SER I 9 -21.27 8.17 -0.66
CA SER I 9 -20.53 8.16 0.60
C SER I 9 -19.97 6.77 0.93
N THR I 10 -20.22 5.77 0.10
CA THR I 10 -19.71 4.43 0.35
C THR I 10 -18.19 4.41 0.19
N ALA I 11 -17.57 3.41 0.82
CA ALA I 11 -16.11 3.24 0.80
C ALA I 11 -15.46 3.22 -0.58
N PRO I 12 -15.96 2.46 -1.61
CA PRO I 12 -15.26 2.49 -2.91
C PRO I 12 -15.33 3.84 -3.63
N VAL I 13 -16.50 4.49 -3.60
CA VAL I 13 -16.66 5.78 -4.26
C VAL I 13 -15.82 6.84 -3.56
N ILE I 14 -15.84 6.84 -2.22
CA ILE I 14 -15.07 7.80 -1.44
C ILE I 14 -13.58 7.58 -1.67
N ALA I 15 -13.15 6.31 -1.70
CA ALA I 15 -11.75 5.99 -1.94
C ALA I 15 -11.32 6.43 -3.33
N THR I 16 -12.19 6.22 -4.32
CA THR I 16 -11.89 6.61 -5.70
C THR I 16 -11.73 8.13 -5.81
N ILE I 17 -12.67 8.89 -5.24
CA ILE I 17 -12.61 10.34 -5.29
C ILE I 17 -11.39 10.87 -4.54
N TRP I 18 -11.13 10.33 -3.34
CA TRP I 18 -9.99 10.76 -2.54
C TRP I 18 -8.67 10.45 -3.22
N PHE I 19 -8.53 9.26 -3.81
CA PHE I 19 -7.29 8.92 -4.47
C PHE I 19 -7.12 9.72 -5.76
N THR I 20 -8.22 10.04 -6.43
CA THR I 20 -8.12 10.85 -7.64
C THR I 20 -7.68 12.27 -7.26
N PHE I 21 -8.19 12.79 -6.15
CA PHE I 21 -7.80 14.12 -5.69
C PHE I 21 -6.34 14.14 -5.27
N THR I 22 -5.91 13.15 -4.49
CA THR I 22 -4.51 13.09 -4.04
C THR I 22 -3.56 12.89 -5.20
N ALA I 23 -3.90 12.02 -6.15
CA ALA I 23 -3.06 11.78 -7.31
C ALA I 23 -3.00 13.03 -8.17
N GLY I 24 -4.12 13.72 -8.34
CA GLY I 24 -4.13 14.94 -9.13
C GLY I 24 -3.28 16.02 -8.49
N LEU I 25 -3.33 16.12 -7.16
CA LEU I 25 -2.53 17.12 -6.46
C LEU I 25 -1.04 16.82 -6.62
N LEU I 26 -0.65 15.56 -6.47
CA LEU I 26 0.76 15.19 -6.63
C LEU I 26 1.22 15.40 -8.07
N ILE I 27 0.38 15.07 -9.04
CA ILE I 27 0.72 15.24 -10.45
C ILE I 27 0.87 16.73 -10.79
N GLU I 28 -0.04 17.57 -10.29
CA GLU I 28 0.04 19.00 -10.57
C GLU I 28 1.26 19.61 -9.90
N ILE I 29 1.62 19.13 -8.70
CA ILE I 29 2.80 19.63 -8.01
C ILE I 29 4.05 19.26 -8.80
N ASN I 30 4.11 18.02 -9.30
CA ASN I 30 5.25 17.60 -10.10
C ASN I 30 5.26 18.27 -11.47
N ARG I 31 4.11 18.75 -11.93
CA ARG I 31 4.05 19.42 -13.22
C ARG I 31 4.57 20.85 -13.11
N TYR I 32 4.12 21.58 -12.08
CA TYR I 32 4.58 22.95 -11.91
C TYR I 32 5.96 23.02 -11.27
N PHE I 33 6.39 21.96 -10.60
CA PHE I 33 7.71 21.89 -9.97
C PHE I 33 8.36 20.60 -10.45
N PRO I 34 8.87 20.60 -11.69
CA PRO I 34 9.46 19.37 -12.24
C PRO I 34 10.73 18.92 -11.56
N ASP I 35 10.87 17.60 -11.48
CA ASP I 35 12.01 16.91 -10.91
C ASP I 35 12.46 17.38 -9.52
N PRO I 36 11.59 17.30 -8.49
CA PRO I 36 12.00 17.72 -7.15
C PRO I 36 12.70 16.59 -6.40
N LEU I 37 13.99 16.77 -6.12
CA LEU I 37 14.76 15.76 -5.42
C LEU I 37 15.06 16.13 -3.98
N VAL I 38 15.43 17.38 -3.71
CA VAL I 38 15.75 17.83 -2.36
C VAL I 38 14.99 19.11 -2.05
N PHE I 39 14.85 19.38 -0.76
CA PHE I 39 14.16 20.56 -0.28
C PHE I 39 15.06 21.78 -0.34
N PHE J 1 -34.61 -13.98 -71.89
CA PHE J 1 -34.57 -14.86 -70.73
C PHE J 1 -35.77 -15.80 -70.72
N ILE J 2 -36.90 -15.33 -71.22
CA ILE J 2 -38.11 -16.15 -71.26
C ILE J 2 -37.92 -17.27 -72.26
N GLY J 3 -38.13 -18.51 -71.80
CA GLY J 3 -37.94 -19.68 -72.63
C GLY J 3 -36.56 -20.27 -72.59
N SER J 4 -35.62 -19.63 -71.90
CA SER J 4 -34.26 -20.14 -71.79
C SER J 4 -34.22 -21.35 -70.85
N SER J 5 -33.05 -21.99 -70.79
CA SER J 5 -32.88 -23.16 -69.93
C SER J 5 -33.00 -22.79 -68.46
N THR J 6 -32.42 -21.66 -68.05
CA THR J 6 -32.48 -21.24 -66.65
C THR J 6 -33.92 -20.96 -66.22
N ASN J 7 -34.66 -20.23 -67.05
CA ASN J 7 -36.05 -19.90 -66.74
C ASN J 7 -36.91 -21.15 -66.67
N LEU J 8 -36.75 -22.06 -67.65
CA LEU J 8 -37.55 -23.28 -67.67
C LEU J 8 -37.23 -24.17 -66.47
N ILE J 9 -35.94 -24.30 -66.12
CA ILE J 9 -35.56 -25.13 -64.99
C ILE J 9 -36.10 -24.55 -63.68
N MET J 10 -35.99 -23.22 -63.51
CA MET J 10 -36.50 -22.61 -62.27
C MET J 10 -38.01 -22.73 -62.16
N VAL J 11 -38.74 -22.51 -63.27
CA VAL J 11 -40.20 -22.62 -63.25
C VAL J 11 -40.62 -24.06 -62.97
N ALA J 12 -39.93 -25.02 -63.60
CA ALA J 12 -40.26 -26.42 -63.37
C ALA J 12 -39.96 -26.85 -61.93
N SER J 13 -38.86 -26.34 -61.36
CA SER J 13 -38.51 -26.69 -59.99
C SER J 13 -39.53 -26.13 -59.01
N THR J 14 -39.93 -24.86 -59.19
CA THR J 14 -40.91 -24.25 -58.29
C THR J 14 -42.26 -24.95 -58.41
N THR J 15 -42.69 -25.25 -59.65
CA THR J 15 -43.96 -25.92 -59.86
C THR J 15 -43.94 -27.33 -59.28
N ALA J 16 -42.81 -28.04 -59.42
CA ALA J 16 -42.70 -29.40 -58.89
C ALA J 16 -42.73 -29.41 -57.38
N THR J 17 -42.03 -28.48 -56.72
CA THR J 17 -42.06 -28.46 -55.26
C THR J 17 -43.41 -28.01 -54.74
N LEU J 18 -44.09 -27.10 -55.44
CA LEU J 18 -45.40 -26.67 -54.98
C LEU J 18 -46.44 -27.75 -55.19
N ALA J 19 -46.33 -28.52 -56.28
CA ALA J 19 -47.29 -29.58 -56.55
C ALA J 19 -47.09 -30.79 -55.65
N ALA J 20 -45.87 -31.02 -55.18
CA ALA J 20 -45.61 -32.17 -54.33
C ALA J 20 -46.24 -31.99 -52.96
N ALA J 21 -46.06 -30.81 -52.35
CA ALA J 21 -46.63 -30.57 -51.02
C ALA J 21 -48.14 -30.49 -51.05
N ARG J 22 -48.73 -29.99 -52.13
CA ARG J 22 -50.18 -29.88 -52.23
C ARG J 22 -50.85 -31.25 -52.40
N PHE J 23 -50.23 -32.17 -53.14
CA PHE J 23 -50.81 -33.49 -53.38
C PHE J 23 -50.30 -34.55 -52.41
N GLY J 24 -49.94 -34.17 -51.20
CA GLY J 24 -49.49 -35.12 -50.20
C GLY J 24 -48.21 -35.86 -50.50
N LEU J 25 -47.19 -35.18 -51.01
CA LEU J 25 -45.92 -35.81 -51.30
C LEU J 25 -44.73 -35.12 -50.64
N ALA J 26 -44.92 -33.97 -50.01
CA ALA J 26 -43.85 -33.23 -49.35
C ALA J 26 -44.37 -32.69 -48.04
N PRO J 27 -43.49 -32.40 -47.08
CA PRO J 27 -43.95 -31.84 -45.79
C PRO J 27 -44.61 -30.48 -45.96
N THR J 28 -45.64 -30.25 -45.15
CA THR J 28 -46.39 -29.00 -45.19
C THR J 28 -46.50 -28.43 -43.79
N VAL J 29 -47.31 -27.36 -43.68
CA VAL J 29 -47.55 -26.71 -42.40
C VAL J 29 -48.57 -27.51 -41.59
N LYS J 30 -49.30 -28.41 -42.24
CA LYS J 30 -50.30 -29.24 -41.59
C LYS J 30 -49.83 -30.67 -41.35
N LYS J 31 -49.00 -31.20 -42.24
CA LYS J 31 -48.48 -32.57 -42.11
C LYS J 31 -46.97 -32.54 -41.91
N ASN J 32 -46.52 -33.20 -40.85
CA ASN J 32 -45.11 -33.31 -40.51
C ASN J 32 -44.61 -34.68 -40.96
N THR J 33 -43.39 -35.03 -40.57
CA THR J 33 -42.80 -36.31 -40.92
C THR J 33 -42.19 -36.95 -39.69
N THR J 34 -42.24 -38.28 -39.63
CA THR J 34 -41.67 -39.03 -38.53
C THR J 34 -40.21 -39.35 -38.85
N ALA J 35 -39.60 -40.24 -38.07
CA ALA J 35 -38.22 -40.62 -38.31
C ALA J 35 -38.09 -41.52 -39.53
N GLY J 36 -39.17 -42.18 -39.94
CA GLY J 36 -39.16 -43.06 -41.09
C GLY J 36 -39.61 -42.36 -42.35
N LEU J 37 -39.59 -41.03 -42.33
CA LEU J 37 -39.98 -40.17 -43.46
C LEU J 37 -41.43 -40.43 -43.90
N LYS J 38 -42.30 -40.66 -42.93
CA LYS J 38 -43.71 -40.91 -43.18
C LYS J 38 -44.52 -39.69 -42.76
N LEU J 39 -45.51 -39.31 -43.56
CA LEU J 39 -46.32 -38.14 -43.25
C LEU J 39 -47.19 -38.38 -42.03
N VAL J 40 -47.17 -37.41 -41.11
CA VAL J 40 -47.94 -37.47 -39.86
C VAL J 40 -48.48 -36.06 -39.61
N ASP J 41 -49.54 -35.99 -38.82
CA ASP J 41 -50.16 -34.70 -38.49
C ASP J 41 -49.25 -33.89 -37.59
N SER J 42 -49.31 -32.56 -37.76
CA SER J 42 -48.50 -31.63 -36.99
C SER J 42 -49.36 -30.94 -35.93
N LYS J 43 -48.73 -30.04 -35.17
CA LYS J 43 -49.36 -29.27 -34.10
C LYS J 43 -48.96 -27.79 -34.22
N ASN J 44 -49.17 -27.22 -35.40
CA ASN J 44 -48.84 -25.82 -35.68
C ASN J 44 -49.51 -24.86 -34.69
N SER J 45 -48.72 -23.93 -34.16
CA SER J 45 -49.22 -22.98 -33.19
C SER J 45 -50.04 -21.87 -33.84
N ALA J 46 -49.66 -21.46 -35.05
CA ALA J 46 -50.38 -20.38 -35.73
C ALA J 46 -51.78 -20.82 -36.13
N GLY J 47 -51.89 -21.93 -36.88
CA GLY J 47 -53.18 -22.39 -37.33
C GLY J 47 -53.70 -21.47 -38.42
N VAL J 48 -52.88 -21.32 -39.47
CA VAL J 48 -53.24 -20.43 -40.58
C VAL J 48 -54.48 -20.96 -41.29
N ILE J 49 -55.50 -20.11 -41.38
CA ILE J 49 -56.76 -20.44 -42.03
C ILE J 49 -56.59 -20.39 -43.53
N SER J 50 -57.15 -21.36 -44.24
CA SER J 50 -57.06 -21.39 -45.68
C SER J 50 -58.32 -22.02 -46.25
N ASN J 51 -58.84 -21.42 -47.33
CA ASN J 51 -60.03 -21.94 -47.98
C ASN J 51 -59.71 -23.13 -48.87
N ASP J 52 -58.44 -23.41 -49.10
CA ASP J 52 -58.02 -24.52 -49.93
C ASP J 52 -58.50 -25.84 -49.34
N PRO J 53 -58.98 -26.78 -50.17
CA PRO J 53 -59.48 -28.05 -49.64
C PRO J 53 -58.44 -28.89 -48.92
N ALA J 54 -57.17 -28.83 -49.33
CA ALA J 54 -56.11 -29.61 -48.71
C ALA J 54 -55.44 -28.87 -47.56
N GLY J 55 -55.95 -27.71 -47.17
CA GLY J 55 -55.35 -26.98 -46.07
C GLY J 55 -54.05 -26.29 -46.44
N PHE J 56 -53.82 -26.05 -47.72
CA PHE J 56 -52.59 -25.38 -48.16
C PHE J 56 -52.65 -23.91 -47.80
N THR J 57 -51.74 -23.48 -46.94
CA THR J 57 -51.66 -22.10 -46.49
C THR J 57 -50.54 -21.36 -47.23
N ILE J 58 -50.46 -20.06 -46.99
CA ILE J 58 -49.43 -19.23 -47.62
C ILE J 58 -48.04 -19.61 -47.12
N VAL J 59 -47.95 -20.16 -45.90
CA VAL J 59 -46.67 -20.59 -45.35
C VAL J 59 -46.12 -21.74 -46.19
N ASP J 60 -47.01 -22.62 -46.66
CA ASP J 60 -46.59 -23.72 -47.51
C ASP J 60 -46.08 -23.18 -48.84
N VAL J 61 -46.71 -22.12 -49.34
CA VAL J 61 -46.29 -21.51 -50.60
C VAL J 61 -44.89 -20.94 -50.46
N LEU J 62 -44.63 -20.24 -49.34
CA LEU J 62 -43.31 -19.67 -49.12
C LEU J 62 -42.24 -20.75 -48.94
N ALA J 63 -42.55 -21.79 -48.16
CA ALA J 63 -41.59 -22.86 -47.94
C ALA J 63 -41.28 -23.61 -49.22
N MET J 64 -42.32 -23.95 -49.99
CA MET J 64 -42.10 -24.66 -51.25
C MET J 64 -41.42 -23.78 -52.28
N GLY J 65 -41.71 -22.47 -52.28
CA GLY J 65 -41.05 -21.59 -53.22
C GLY J 65 -39.57 -21.45 -52.91
N ALA J 66 -39.23 -21.36 -51.62
CA ALA J 66 -37.82 -21.26 -51.23
C ALA J 66 -37.09 -22.55 -51.55
N ALA J 67 -37.70 -23.71 -51.26
CA ALA J 67 -37.07 -24.99 -51.55
C ALA J 67 -36.90 -25.19 -53.05
N GLY J 68 -37.93 -24.82 -53.83
CA GLY J 68 -37.84 -24.96 -55.27
C GLY J 68 -36.82 -24.03 -55.88
N HIS J 69 -36.69 -22.83 -55.31
CA HIS J 69 -35.70 -21.90 -55.81
C HIS J 69 -34.30 -22.38 -55.51
N GLY J 70 -34.10 -22.97 -54.32
CA GLY J 70 -32.79 -23.52 -54.00
C GLY J 70 -32.44 -24.68 -54.90
N LEU J 71 -33.41 -25.56 -55.15
CA LEU J 71 -33.21 -26.71 -56.04
C LEU J 71 -32.92 -26.26 -57.46
N GLY J 72 -33.67 -25.26 -57.96
CA GLY J 72 -33.46 -24.77 -59.30
C GLY J 72 -32.11 -24.09 -59.46
N VAL J 73 -31.70 -23.31 -58.45
CA VAL J 73 -30.40 -22.63 -58.50
C VAL J 73 -29.28 -23.67 -58.50
N GLY J 74 -29.41 -24.70 -57.68
CA GLY J 74 -28.41 -25.74 -57.64
C GLY J 74 -28.32 -26.51 -58.95
N ILE J 75 -29.48 -26.81 -59.55
CA ILE J 75 -29.50 -27.54 -60.82
C ILE J 75 -28.89 -26.70 -61.94
N VAL J 76 -29.26 -25.41 -62.01
CA VAL J 76 -28.74 -24.53 -63.05
C VAL J 76 -27.22 -24.37 -62.92
N LEU J 77 -26.75 -24.10 -61.71
CA LEU J 77 -25.31 -23.92 -61.50
C LEU J 77 -24.56 -25.23 -61.69
N GLY J 78 -25.21 -26.37 -61.44
CA GLY J 78 -24.55 -27.65 -61.65
C GLY J 78 -24.42 -27.98 -63.12
N LEU J 79 -25.47 -27.65 -63.90
CA LEU J 79 -25.41 -27.91 -65.34
C LEU J 79 -24.44 -26.96 -66.01
N LYS J 80 -24.34 -25.74 -65.50
CA LYS J 80 -23.39 -24.77 -66.07
C LYS J 80 -21.95 -25.16 -65.76
N GLY J 81 -21.74 -25.92 -64.68
CA GLY J 81 -20.42 -26.35 -64.27
C GLY J 81 -19.90 -27.60 -64.95
N ILE J 82 -20.77 -28.40 -65.55
CA ILE J 82 -20.37 -29.62 -66.24
C ILE J 82 -20.43 -29.46 -67.75
N GLY J 83 -20.67 -28.24 -68.24
CA GLY J 83 -20.74 -27.99 -69.66
C GLY J 83 -22.10 -28.25 -70.28
N ALA J 84 -23.09 -28.65 -69.50
CA ALA J 84 -24.43 -28.92 -70.02
C ALA J 84 -25.29 -27.66 -69.97
N GLY K 1 -24.96 -53.96 -9.20
CA GLY K 1 -23.81 -53.54 -8.41
C GLY K 1 -22.66 -53.03 -9.24
N MET K 2 -21.88 -53.95 -9.80
CA MET K 2 -20.74 -53.59 -10.63
C MET K 2 -21.20 -53.30 -12.05
N LEU K 3 -20.29 -52.76 -12.85
CA LEU K 3 -20.58 -52.43 -14.24
C LEU K 3 -20.07 -53.54 -15.16
N GLU K 4 -20.99 -54.12 -15.93
CA GLU K 4 -20.66 -55.18 -16.88
C GLU K 4 -20.74 -54.62 -18.29
N THR K 5 -19.72 -54.92 -19.08
CA THR K 5 -19.60 -54.45 -20.46
C THR K 5 -19.12 -55.60 -21.33
N PRO K 6 -19.36 -55.53 -22.65
CA PRO K 6 -18.90 -56.62 -23.53
C PRO K 6 -17.39 -56.82 -23.54
N VAL K 7 -16.61 -55.82 -23.13
CA VAL K 7 -15.15 -55.98 -23.12
C VAL K 7 -14.75 -56.96 -22.01
N THR K 8 -15.35 -56.83 -20.83
CA THR K 8 -15.05 -57.70 -19.70
C THR K 8 -15.97 -58.91 -19.60
N SER K 9 -16.96 -59.05 -20.50
CA SER K 9 -17.88 -60.18 -20.45
C SER K 9 -17.89 -61.02 -21.72
N ALA K 10 -17.03 -60.74 -22.69
CA ALA K 10 -17.02 -61.54 -23.91
C ALA K 10 -16.44 -62.92 -23.61
N PRO K 11 -16.99 -63.99 -24.17
CA PRO K 11 -16.44 -65.32 -23.90
C PRO K 11 -15.10 -65.55 -24.58
N ILE K 12 -14.83 -64.84 -25.67
CA ILE K 12 -13.56 -65.01 -26.39
C ILE K 12 -12.39 -64.49 -25.55
N VAL K 13 -12.54 -63.31 -24.92
CA VAL K 13 -11.46 -62.79 -24.11
C VAL K 13 -11.32 -63.59 -22.83
N ALA K 14 -12.43 -64.14 -22.32
CA ALA K 14 -12.36 -64.96 -21.12
C ALA K 14 -11.59 -66.25 -21.41
N THR K 15 -11.84 -66.85 -22.57
CA THR K 15 -11.11 -68.06 -22.94
C THR K 15 -9.64 -67.76 -23.19
N TYR K 16 -9.37 -66.59 -23.79
CA TYR K 16 -7.98 -66.20 -24.04
C TYR K 16 -7.22 -66.00 -22.73
N LEU K 17 -7.88 -65.38 -21.74
CA LEU K 17 -7.23 -65.17 -20.45
C LEU K 17 -7.07 -66.49 -19.70
N SER K 18 -8.05 -67.38 -19.82
CA SER K 18 -7.96 -68.67 -19.14
C SER K 18 -6.89 -69.54 -19.76
N ASN K 19 -6.58 -69.33 -21.04
CA ASN K 19 -5.54 -70.11 -21.70
C ASN K 19 -4.13 -69.66 -21.32
N LEU K 20 -4.01 -68.47 -20.72
CA LEU K 20 -2.70 -67.97 -20.32
C LEU K 20 -2.17 -68.81 -19.15
N PRO K 21 -0.84 -68.94 -19.05
CA PRO K 21 -0.26 -69.74 -17.95
C PRO K 21 -0.59 -69.23 -16.56
N ALA K 22 -0.73 -67.92 -16.36
CA ALA K 22 -1.02 -67.38 -15.04
C ALA K 22 -2.40 -67.81 -14.53
N TYR K 23 -3.35 -68.04 -15.43
CA TYR K 23 -4.69 -68.45 -15.07
C TYR K 23 -4.95 -69.93 -15.32
N ARG K 24 -3.90 -70.76 -15.27
CA ARG K 24 -4.10 -72.19 -15.52
C ARG K 24 -4.80 -72.86 -14.35
N THR K 25 -4.35 -72.56 -13.12
CA THR K 25 -4.93 -73.08 -11.86
C THR K 25 -4.94 -74.61 -11.85
N GLY K 26 -3.74 -75.17 -11.67
CA GLY K 26 -3.61 -76.62 -11.65
C GLY K 26 -2.29 -77.19 -12.11
N VAL K 27 -1.41 -76.36 -12.65
CA VAL K 27 -0.11 -76.81 -13.08
C VAL K 27 0.92 -76.39 -12.03
N ALA K 28 2.13 -76.92 -12.14
CA ALA K 28 3.17 -76.58 -11.19
C ALA K 28 3.59 -75.12 -11.35
N PRO K 29 3.83 -74.40 -10.25
CA PRO K 29 4.24 -72.99 -10.37
C PRO K 29 5.58 -72.81 -11.06
N VAL K 30 6.48 -73.78 -10.96
CA VAL K 30 7.78 -73.67 -11.62
C VAL K 30 7.60 -73.72 -13.14
N LEU K 31 6.65 -74.53 -13.62
CA LEU K 31 6.39 -74.61 -15.06
C LEU K 31 5.79 -73.31 -15.56
N ARG K 32 4.91 -72.72 -14.76
CA ARG K 32 4.30 -71.44 -15.10
C ARG K 32 5.37 -70.36 -15.18
N GLY K 33 6.29 -70.39 -14.22
CA GLY K 33 7.38 -69.42 -14.22
C GLY K 33 8.29 -69.59 -15.42
N VAL K 34 8.57 -70.84 -15.80
CA VAL K 34 9.44 -71.09 -16.95
C VAL K 34 8.78 -70.56 -18.22
N GLU K 35 7.48 -70.83 -18.39
CA GLU K 35 6.78 -70.36 -19.58
C GLU K 35 6.73 -68.83 -19.65
N ILE K 36 6.36 -68.20 -18.53
CA ILE K 36 6.29 -66.73 -18.48
C ILE K 36 7.66 -66.12 -18.69
N GLY K 37 8.69 -66.72 -18.09
CA GLY K 37 10.04 -66.20 -18.25
C GLY K 37 10.54 -66.29 -19.68
N LEU K 38 10.25 -67.40 -20.37
CA LEU K 38 10.68 -67.53 -21.75
C LEU K 38 9.98 -66.50 -22.63
N ALA K 39 8.66 -66.39 -22.46
CA ALA K 39 7.88 -65.43 -23.25
C ALA K 39 8.31 -64.00 -22.99
N HIS K 40 8.81 -63.71 -21.78
CA HIS K 40 9.24 -62.36 -21.47
C HIS K 40 10.66 -62.06 -21.93
N GLY K 41 11.58 -63.02 -21.74
CA GLY K 41 12.95 -62.80 -22.15
C GLY K 41 13.10 -62.66 -23.65
N PHE K 42 12.30 -63.42 -24.42
CA PHE K 42 12.37 -63.33 -25.87
C PHE K 42 12.02 -61.92 -26.37
N LEU K 43 10.99 -61.31 -25.79
CA LEU K 43 10.62 -59.96 -26.22
C LEU K 43 11.53 -58.91 -25.59
N LEU K 44 12.06 -59.19 -24.39
CA LEU K 44 12.92 -58.25 -23.70
C LEU K 44 14.25 -58.05 -24.37
N ALA K 45 14.77 -59.08 -25.05
CA ALA K 45 16.07 -58.94 -25.72
C ALA K 45 16.08 -57.92 -26.85
N GLY K 46 14.93 -57.63 -27.46
CA GLY K 46 14.84 -56.70 -28.56
C GLY K 46 15.24 -55.24 -28.37
N PRO K 47 14.61 -54.54 -27.40
CA PRO K 47 14.94 -53.13 -27.19
C PRO K 47 16.40 -52.84 -26.85
N PHE K 48 17.04 -53.68 -26.03
CA PHE K 48 18.44 -53.45 -25.69
C PHE K 48 19.34 -53.69 -26.89
N ILE K 49 18.96 -54.61 -27.77
CA ILE K 49 19.76 -54.91 -28.95
C ILE K 49 19.66 -53.80 -29.99
N LYS K 50 18.44 -53.36 -30.30
CA LYS K 50 18.25 -52.35 -31.32
C LYS K 50 18.33 -50.90 -30.85
N LEU K 51 18.38 -50.62 -29.55
CA LEU K 51 18.43 -49.23 -29.13
C LEU K 51 19.49 -48.89 -28.10
N GLY K 52 20.29 -49.85 -27.63
CA GLY K 52 21.31 -49.60 -26.64
C GLY K 52 22.44 -48.72 -27.14
N PRO K 53 23.35 -48.33 -26.24
CA PRO K 53 24.47 -47.47 -26.64
C PRO K 53 25.42 -48.10 -27.64
N LEU K 54 25.45 -49.43 -27.74
CA LEU K 54 26.31 -50.13 -28.69
C LEU K 54 25.53 -50.70 -29.85
N ARG K 55 24.43 -50.05 -30.23
CA ARG K 55 23.59 -50.54 -31.33
C ARG K 55 24.19 -50.33 -32.70
N ASN K 56 25.15 -49.41 -32.85
CA ASN K 56 25.72 -49.17 -34.16
C ASN K 56 26.97 -50.00 -34.42
N VAL K 57 27.70 -50.36 -33.37
CA VAL K 57 28.91 -51.16 -33.55
C VAL K 57 28.52 -52.60 -33.92
N PRO K 58 29.14 -53.19 -34.94
CA PRO K 58 28.78 -54.55 -35.34
C PRO K 58 29.48 -55.62 -34.50
N GLU K 59 28.87 -56.81 -34.52
CA GLU K 59 29.27 -58.05 -33.84
C GLU K 59 29.19 -57.96 -32.32
N THR K 60 28.82 -56.81 -31.75
CA THR K 60 28.71 -56.67 -30.30
C THR K 60 27.39 -56.05 -29.87
N ALA K 61 26.55 -55.60 -30.81
CA ALA K 61 25.26 -55.03 -30.45
C ALA K 61 24.36 -56.10 -29.86
N GLU K 62 24.34 -57.28 -30.47
CA GLU K 62 23.53 -58.38 -29.97
C GLU K 62 24.07 -58.89 -28.65
N ILE K 63 25.40 -58.92 -28.50
CA ILE K 63 26.02 -59.38 -27.27
C ILE K 63 25.63 -58.47 -26.10
N ALA K 64 25.80 -57.16 -26.29
CA ALA K 64 25.48 -56.20 -25.24
C ALA K 64 23.98 -56.19 -24.95
N GLY K 65 23.15 -56.28 -25.99
CA GLY K 65 21.72 -56.30 -25.77
C GLY K 65 21.25 -57.53 -25.01
N SER K 66 21.82 -58.69 -25.35
CA SER K 66 21.45 -59.92 -24.65
C SER K 66 21.93 -59.89 -23.21
N LEU K 67 23.13 -59.34 -22.97
CA LEU K 67 23.63 -59.26 -21.60
C LEU K 67 22.76 -58.31 -20.77
N SER K 68 22.34 -57.20 -21.37
CA SER K 68 21.48 -56.26 -20.66
C SER K 68 20.13 -56.88 -20.35
N ALA K 69 19.58 -57.65 -21.31
CA ALA K 69 18.31 -58.32 -21.08
C ALA K 69 18.44 -59.38 -20.00
N ALA K 70 19.58 -60.07 -19.96
CA ALA K 70 19.83 -61.07 -18.93
C ALA K 70 19.89 -60.42 -17.56
N GLY K 71 20.54 -59.26 -17.47
CA GLY K 71 20.61 -58.55 -16.21
C GLY K 71 19.24 -58.07 -15.76
N LEU K 72 18.41 -57.64 -16.72
CA LEU K 72 17.06 -57.22 -16.38
C LEU K 72 16.23 -58.38 -15.89
N VAL K 73 16.41 -59.56 -16.51
CA VAL K 73 15.70 -60.75 -16.08
C VAL K 73 16.11 -61.12 -14.67
N LEU K 74 17.40 -60.98 -14.35
CA LEU K 74 17.89 -61.27 -13.01
C LEU K 74 17.28 -60.32 -11.99
N ILE K 75 17.18 -59.04 -12.35
CA ILE K 75 16.58 -58.05 -11.44
C ILE K 75 15.11 -58.37 -11.22
N LEU K 76 14.40 -58.77 -12.29
CA LEU K 76 13.00 -59.13 -12.18
C LEU K 76 12.81 -60.38 -11.32
N ALA K 77 13.76 -61.32 -11.41
CA ALA K 77 13.68 -62.53 -10.58
C ALA K 77 13.86 -62.18 -9.12
N LEU K 78 14.78 -61.25 -8.82
CA LEU K 78 14.97 -60.81 -7.44
C LEU K 78 13.72 -60.10 -6.94
N CYS K 79 13.08 -59.33 -7.81
CA CYS K 79 11.84 -58.64 -7.45
C CYS K 79 10.73 -59.63 -7.14
N LEU K 80 10.64 -60.70 -7.94
CA LEU K 80 9.63 -61.73 -7.70
C LEU K 80 9.88 -62.44 -6.38
N SER K 81 11.15 -62.73 -6.07
CA SER K 81 11.49 -63.41 -4.83
C SER K 81 11.15 -62.55 -3.62
N ILE K 82 11.50 -61.26 -3.65
CA ILE K 82 11.19 -60.41 -2.50
C ILE K 82 9.69 -60.19 -2.39
N TYR K 83 8.98 -60.15 -3.53
CA TYR K 83 7.53 -60.00 -3.49
C TYR K 83 6.89 -61.20 -2.82
N GLY K 84 7.37 -62.40 -3.15
CA GLY K 84 6.83 -63.59 -2.53
C GLY K 84 7.14 -63.67 -1.06
N SER K 85 8.34 -63.22 -0.66
CA SER K 85 8.71 -63.24 0.75
C SER K 85 7.89 -62.25 1.56
N ALA K 86 7.56 -61.10 0.98
CA ALA K 86 6.81 -60.09 1.70
C ALA K 86 5.30 -60.21 1.53
N GLN K 87 4.81 -61.08 0.66
CA GLN K 87 3.37 -61.21 0.44
C GLN K 87 2.76 -62.39 1.17
N PHE K 88 3.41 -63.55 1.17
CA PHE K 88 2.89 -64.74 1.82
C PHE K 88 3.71 -65.05 3.07
N GLN K 89 3.21 -64.60 4.22
CA GLN K 89 3.86 -64.81 5.49
C GLN K 89 3.05 -65.65 6.47
N SER K 90 1.72 -65.62 6.38
CA SER K 90 0.88 -66.39 7.28
C SER K 90 -0.40 -66.80 6.56
N THR K 91 -1.04 -67.83 7.10
CA THR K 91 -2.30 -68.41 6.59
C THR K 91 -2.25 -68.78 5.11
N VAL K 104 -14.11 -72.62 -6.14
CA VAL K 104 -13.01 -73.43 -6.65
C VAL K 104 -12.02 -73.72 -5.53
N ALA K 105 -10.82 -74.14 -5.90
CA ALA K 105 -9.76 -74.47 -4.95
C ALA K 105 -8.73 -73.37 -4.90
N ARG K 106 -7.91 -73.40 -3.85
CA ARG K 106 -6.86 -72.40 -3.68
C ARG K 106 -5.68 -72.72 -4.58
N ASP K 107 -5.23 -71.71 -5.32
CA ASP K 107 -4.09 -71.88 -6.23
C ASP K 107 -2.82 -72.03 -5.41
N PRO K 108 -1.99 -73.06 -5.67
CA PRO K 108 -0.75 -73.21 -4.91
C PRO K 108 0.30 -72.15 -5.25
N LEU K 109 0.09 -71.38 -6.32
CA LEU K 109 1.04 -70.34 -6.70
C LEU K 109 1.07 -69.22 -5.66
N PHE K 110 -0.07 -68.93 -5.05
CA PHE K 110 -0.18 -67.87 -4.04
C PHE K 110 0.16 -68.44 -2.66
N SER K 111 1.44 -68.77 -2.50
CA SER K 111 1.99 -69.33 -1.28
C SER K 111 3.47 -69.02 -1.28
N ALA K 112 4.11 -69.19 -0.12
CA ALA K 112 5.54 -68.92 -0.01
C ALA K 112 6.35 -69.86 -0.89
N ASP K 113 6.12 -71.17 -0.74
CA ASP K 113 6.85 -72.14 -1.55
C ASP K 113 6.46 -72.02 -3.03
N GLY K 114 5.17 -71.83 -3.30
CA GLY K 114 4.72 -71.70 -4.67
C GLY K 114 5.31 -70.49 -5.37
N TRP K 115 5.32 -69.34 -4.70
CA TRP K 115 5.89 -68.16 -5.33
C TRP K 115 7.41 -68.25 -5.43
N SER K 116 8.07 -68.92 -4.48
CA SER K 116 9.52 -69.05 -4.59
C SER K 116 9.88 -69.93 -5.78
N GLU K 117 9.13 -71.02 -5.98
CA GLU K 117 9.37 -71.88 -7.13
C GLU K 117 9.02 -71.15 -8.41
N PHE K 118 7.99 -70.29 -8.37
CA PHE K 118 7.61 -69.51 -9.53
C PHE K 118 8.71 -68.52 -9.91
N ALA K 119 9.33 -67.88 -8.92
CA ALA K 119 10.40 -66.94 -9.20
C ALA K 119 11.62 -67.65 -9.76
N ALA K 120 11.95 -68.83 -9.22
CA ALA K 120 13.08 -69.58 -9.75
C ALA K 120 12.82 -70.03 -11.18
N GLY K 121 11.58 -70.48 -11.45
CA GLY K 121 11.24 -70.88 -12.80
C GLY K 121 11.27 -69.70 -13.75
N PHE K 122 10.87 -68.52 -13.25
CA PHE K 122 10.91 -67.32 -14.07
C PHE K 122 12.34 -66.96 -14.42
N LEU K 123 13.26 -67.12 -13.46
CA LEU K 123 14.67 -66.82 -13.72
C LEU K 123 15.24 -67.75 -14.78
N VAL K 124 14.99 -69.06 -14.63
CA VAL K 124 15.50 -70.03 -15.59
C VAL K 124 14.90 -69.79 -16.97
N GLY K 125 13.58 -69.57 -17.03
CA GLY K 125 12.92 -69.32 -18.30
C GLY K 125 13.36 -68.02 -18.94
N GLY K 126 13.58 -66.98 -18.14
CA GLY K 126 14.01 -65.70 -18.69
C GLY K 126 15.41 -65.77 -19.27
N GLU K 127 16.31 -66.45 -18.57
CA GLU K 127 17.67 -66.58 -19.09
C GLU K 127 17.68 -67.43 -20.35
N ALA K 128 16.86 -68.50 -20.37
CA ALA K 128 16.80 -69.34 -21.56
C ALA K 128 16.18 -68.57 -22.72
N GLY K 129 15.19 -67.72 -22.44
CA GLY K 129 14.58 -66.93 -23.49
C GLY K 129 15.54 -65.91 -24.06
N VAL K 130 16.35 -65.29 -23.20
CA VAL K 130 17.34 -64.32 -23.65
C VAL K 130 18.38 -65.01 -24.52
N ALA K 131 18.86 -66.18 -24.07
CA ALA K 131 19.86 -66.93 -24.83
C ALA K 131 19.29 -67.41 -26.16
N TRP K 132 18.00 -67.77 -26.17
CA TRP K 132 17.38 -68.21 -27.41
C TRP K 132 17.17 -67.06 -28.37
N ALA K 133 16.86 -65.88 -27.83
CA ALA K 133 16.67 -64.71 -28.68
C ALA K 133 18.00 -64.24 -29.25
N TYR K 134 19.10 -64.49 -28.53
CA TYR K 134 20.41 -64.10 -29.04
C TYR K 134 20.82 -64.97 -30.21
N VAL K 135 20.63 -66.29 -30.09
CA VAL K 135 21.02 -67.19 -31.17
C VAL K 135 20.04 -67.12 -32.33
N CYS K 136 18.82 -66.62 -32.10
CA CYS K 136 17.85 -66.53 -33.18
C CYS K 136 18.22 -65.43 -34.17
N THR K 137 19.06 -64.49 -33.76
CA THR K 137 19.51 -63.40 -34.62
C THR K 137 20.82 -63.73 -35.32
N GLN K 138 21.34 -64.94 -35.15
CA GLN K 138 22.59 -65.34 -35.78
C GLN K 138 22.31 -66.30 -36.94
N LYS L 1 15.05 18.11 56.93
CA LYS L 1 15.74 17.99 55.66
C LYS L 1 16.77 19.10 55.49
N ALA L 2 17.75 18.86 54.61
CA ALA L 2 18.78 19.87 54.36
C ALA L 2 18.25 21.02 53.51
N GLY L 3 17.21 20.77 52.71
CA GLY L 3 16.65 21.81 51.88
C GLY L 3 15.75 21.19 50.82
N ASN L 4 15.59 21.94 49.73
CA ASN L 4 14.76 21.50 48.61
C ASN L 4 15.52 21.75 47.31
N TRP L 5 15.75 20.67 46.55
CA TRP L 5 16.46 20.82 45.28
C TRP L 5 15.59 21.50 44.24
N LEU L 6 14.27 21.47 44.43
CA LEU L 6 13.33 22.10 43.52
C LEU L 6 12.33 22.81 44.42
N PRO L 7 12.52 24.12 44.63
CA PRO L 7 11.61 24.88 45.50
C PRO L 7 10.16 24.82 45.04
N GLY L 8 9.33 24.24 45.90
CA GLY L 8 7.92 24.08 45.61
C GLY L 8 7.50 22.69 45.20
N SER L 9 8.43 21.77 45.03
CA SER L 9 8.11 20.41 44.63
C SER L 9 8.08 19.50 45.85
N ASP L 10 7.17 18.53 45.83
CA ASP L 10 7.05 17.60 46.95
C ASP L 10 8.23 16.64 47.00
N ALA L 11 8.76 16.45 48.21
CA ALA L 11 9.89 15.57 48.42
C ALA L 11 9.44 14.11 48.29
N PRO L 12 10.31 13.22 47.80
CA PRO L 12 9.95 11.81 47.68
C PRO L 12 9.73 11.17 49.04
N ALA L 13 8.76 10.25 49.09
CA ALA L 13 8.44 9.58 50.34
C ALA L 13 9.47 8.53 50.75
N TRP L 14 10.29 8.04 49.82
CA TRP L 14 11.28 7.03 50.15
C TRP L 14 12.57 7.61 50.71
N LEU L 15 12.69 8.94 50.79
CA LEU L 15 13.90 9.55 51.33
C LEU L 15 13.65 9.93 52.78
N PRO L 16 14.32 9.31 53.75
CA PRO L 16 14.08 9.66 55.15
C PRO L 16 14.57 11.06 55.49
N ASP L 17 13.89 11.68 56.46
CA ASP L 17 14.22 13.04 56.86
C ASP L 17 15.56 13.11 57.58
N ASP L 18 15.89 12.10 58.40
CA ASP L 18 17.15 12.12 59.14
C ASP L 18 18.36 11.80 58.27
N LEU L 19 18.17 11.46 57.00
CA LEU L 19 19.31 11.15 56.14
C LEU L 19 20.10 12.43 55.86
N PRO L 20 21.42 12.42 56.06
CA PRO L 20 22.22 13.63 55.81
C PRO L 20 22.22 14.02 54.34
N GLY L 21 22.16 15.33 54.09
CA GLY L 21 22.14 15.84 52.73
C GLY L 21 20.88 15.51 51.97
N ASN L 22 19.75 15.41 52.67
CA ASN L 22 18.47 15.08 52.05
C ASN L 22 17.82 16.33 51.48
N TYR L 23 18.01 16.56 50.18
CA TYR L 23 17.41 17.68 49.48
C TYR L 23 16.22 17.24 48.65
N GLY L 24 15.82 15.97 48.76
CA GLY L 24 14.70 15.46 48.01
C GLY L 24 15.00 15.31 46.54
N PHE L 25 16.27 15.17 46.16
CA PHE L 25 16.68 15.06 44.77
C PHE L 25 16.77 13.59 44.37
N ASP L 26 15.76 13.12 43.64
CA ASP L 26 15.66 11.77 43.10
C ASP L 26 14.63 11.75 41.99
N PRO L 27 14.88 12.38 40.83
CA PRO L 27 13.87 12.37 39.76
C PRO L 27 13.69 11.02 39.11
N LEU L 28 14.76 10.24 38.97
CA LEU L 28 14.68 8.92 38.35
C LEU L 28 14.22 7.84 39.30
N SER L 29 14.02 8.18 40.58
CA SER L 29 13.56 7.26 41.63
C SER L 29 14.49 6.06 41.78
N LEU L 30 15.80 6.31 41.71
CA LEU L 30 16.78 5.24 41.83
C LEU L 30 16.85 4.68 43.24
N GLY L 31 16.64 5.51 44.26
CA GLY L 31 16.69 5.06 45.64
C GLY L 31 15.34 4.70 46.22
N LYS L 32 14.39 4.32 45.34
CA LYS L 32 13.06 3.96 45.80
C LYS L 32 13.08 2.69 46.64
N GLU L 33 13.84 1.68 46.21
CA GLU L 33 13.92 0.44 46.98
C GLU L 33 14.77 0.66 48.24
N PRO L 34 14.29 0.24 49.41
CA PRO L 34 15.07 0.44 50.64
C PRO L 34 16.43 -0.23 50.65
N ALA L 35 16.57 -1.39 50.00
CA ALA L 35 17.87 -2.06 49.97
C ALA L 35 18.85 -1.30 49.08
N SER L 36 18.36 -0.77 47.95
CA SER L 36 19.24 -0.01 47.06
C SER L 36 19.63 1.32 47.69
N LEU L 37 18.71 1.95 48.40
CA LEU L 37 19.00 3.23 49.05
C LEU L 37 20.06 3.07 50.13
N LYS L 38 20.06 1.93 50.82
CA LYS L 38 21.05 1.68 51.86
C LYS L 38 22.45 1.60 51.27
N ARG L 39 22.59 0.91 50.14
CA ARG L 39 23.89 0.81 49.48
C ARG L 39 24.31 2.13 48.86
N PHE L 40 23.34 2.87 48.29
CA PHE L 40 23.63 4.15 47.67
C PHE L 40 24.17 5.16 48.66
N THR L 41 23.74 5.10 49.93
CA THR L 41 24.21 6.03 50.94
C THR L 41 25.70 5.86 51.21
N GLU L 42 26.13 4.62 51.50
CA GLU L 42 27.54 4.38 51.75
C GLU L 42 28.37 4.60 50.48
N SER L 43 27.78 4.28 49.32
CA SER L 43 28.50 4.49 48.07
C SER L 43 28.75 5.98 47.83
N GLU L 44 27.75 6.81 48.12
CA GLU L 44 27.91 8.26 47.96
C GLU L 44 28.91 8.81 48.95
N VAL L 45 28.90 8.33 50.20
CA VAL L 45 29.84 8.83 51.19
C VAL L 45 31.27 8.44 50.80
N ILE L 46 31.47 7.19 50.36
CA ILE L 46 32.80 6.73 49.96
C ILE L 46 33.27 7.50 48.73
N HIS L 47 32.37 7.73 47.76
CA HIS L 47 32.72 8.49 46.57
C HIS L 47 33.08 9.92 46.92
N GLY L 48 32.34 10.52 47.85
CA GLY L 48 32.61 11.88 48.25
C GLY L 48 33.97 12.01 48.93
N ARG L 49 34.31 11.05 49.79
CA ARG L 49 35.60 11.10 50.48
C ARG L 49 36.75 10.91 49.48
N TRP L 50 36.61 9.94 48.56
CA TRP L 50 37.65 9.71 47.57
C TRP L 50 37.80 10.92 46.65
N ALA L 51 36.68 11.54 46.25
CA ALA L 51 36.74 12.71 45.39
C ALA L 51 37.31 13.91 46.13
N MET L 52 37.06 14.02 47.43
CA MET L 52 37.61 15.12 48.21
C MET L 52 39.13 15.01 48.26
N LEU L 53 39.63 13.79 48.53
CA LEU L 53 41.07 13.57 48.55
C LEU L 53 41.68 13.78 47.17
N GLY L 54 40.98 13.31 46.13
CA GLY L 54 41.50 13.46 44.77
C GLY L 54 41.57 14.90 44.32
N VAL L 55 40.52 15.68 44.58
CA VAL L 55 40.50 17.08 44.19
C VAL L 55 41.54 17.86 44.99
N ALA L 56 41.67 17.55 46.28
CA ALA L 56 42.67 18.23 47.11
C ALA L 56 44.07 17.95 46.59
N GLY L 57 44.36 16.70 46.20
CA GLY L 57 45.66 16.37 45.67
C GLY L 57 45.93 17.00 44.32
N SER L 58 44.92 17.00 43.45
CA SER L 58 45.06 17.59 42.11
C SER L 58 45.31 19.09 42.21
N LEU L 59 44.69 19.75 43.19
CA LEU L 59 44.91 21.18 43.35
C LEU L 59 46.24 21.45 44.02
N ALA L 60 46.64 20.60 44.98
CA ALA L 60 47.89 20.78 45.70
C ALA L 60 49.11 20.63 44.81
N VAL L 61 49.10 19.64 43.89
CA VAL L 61 50.26 19.44 43.03
C VAL L 61 50.46 20.65 42.11
N GLU L 62 49.38 21.17 41.52
CA GLU L 62 49.51 22.32 40.64
C GLU L 62 49.83 23.59 41.40
N LEU L 63 49.30 23.74 42.63
CA LEU L 63 49.59 24.92 43.41
C LEU L 63 51.04 24.95 43.85
N LEU L 64 51.60 23.79 44.22
CA LEU L 64 52.98 23.75 44.65
C LEU L 64 53.94 23.82 43.47
N GLY L 65 53.51 23.37 42.28
CA GLY L 65 54.39 23.46 41.13
C GLY L 65 55.04 22.17 40.64
N TYR L 66 54.29 21.08 40.63
CA TYR L 66 54.79 19.79 40.17
C TYR L 66 53.91 19.24 39.05
N GLY L 67 53.39 20.14 38.21
CA GLY L 67 52.53 19.74 37.11
C GLY L 67 51.09 19.59 37.55
N ASN L 68 50.26 19.14 36.62
CA ASN L 68 48.84 18.94 36.90
C ASN L 68 48.58 17.48 37.25
N TRP L 69 47.30 17.17 37.46
CA TRP L 69 46.90 15.82 37.81
C TRP L 69 47.04 14.86 36.64
N TYR L 70 46.89 15.37 35.41
CA TYR L 70 46.99 14.51 34.23
C TYR L 70 48.43 14.14 33.91
N ASP L 71 49.37 15.07 34.09
CA ASP L 71 50.77 14.82 33.78
C ASP L 71 51.52 14.10 34.90
N ALA L 72 50.86 13.80 36.01
CA ALA L 72 51.54 13.11 37.11
C ALA L 72 52.01 11.69 36.77
N PRO L 73 51.20 10.79 36.15
CA PRO L 73 51.73 9.45 35.86
C PRO L 73 52.53 9.36 34.57
N LEU L 74 52.96 10.50 34.01
CA LEU L 74 53.72 10.50 32.77
C LEU L 74 55.15 9.99 32.94
N TRP L 75 55.63 9.81 34.16
CA TRP L 75 56.99 9.32 34.36
C TRP L 75 57.11 7.83 34.12
N ALA L 76 56.03 7.07 34.36
CA ALA L 76 56.04 5.62 34.21
C ALA L 76 55.84 5.13 32.78
N VAL L 77 55.57 6.01 31.82
CA VAL L 77 55.39 5.56 30.44
C VAL L 77 56.62 5.76 29.58
N ASN L 78 57.44 6.77 29.86
CA ASN L 78 58.63 6.97 29.02
C ASN L 78 59.84 7.41 29.88
N GLY L 79 60.58 6.42 30.37
CA GLY L 79 61.80 6.59 31.15
C GLY L 79 61.88 7.69 32.20
N GLY L 80 61.08 7.61 33.26
CA GLY L 80 61.11 8.61 34.29
C GLY L 80 61.04 8.01 35.68
N LYS L 81 61.19 8.88 36.67
CA LYS L 81 61.14 8.49 38.07
C LYS L 81 60.11 9.34 38.80
N ALA L 82 59.43 8.74 39.77
CA ALA L 82 58.42 9.45 40.53
C ALA L 82 59.08 10.41 41.52
N THR L 83 58.52 11.61 41.62
CA THR L 83 59.04 12.63 42.53
C THR L 83 57.89 13.17 43.37
N TRP L 84 57.90 12.87 44.66
CA TRP L 84 56.90 13.34 45.61
C TRP L 84 57.50 14.51 46.38
N PHE L 85 56.89 15.69 46.23
CA PHE L 85 57.34 16.93 46.88
C PHE L 85 58.76 17.28 46.47
N GLY L 86 59.15 16.92 45.24
CA GLY L 86 60.47 17.19 44.75
C GLY L 86 61.52 16.19 45.20
N ILE L 87 61.12 15.12 45.87
CA ILE L 87 62.02 14.08 46.36
C ILE L 87 61.83 12.83 45.53
N GLU L 88 62.94 12.27 45.04
CA GLU L 88 62.89 11.06 44.21
C GLU L 88 62.42 9.86 45.01
N VAL L 89 61.44 9.15 44.46
CA VAL L 89 60.88 7.95 45.08
C VAL L 89 61.58 6.74 44.46
N PRO L 90 62.18 5.84 45.26
CA PRO L 90 62.88 4.68 44.72
C PRO L 90 61.99 3.46 44.46
N PHE L 91 60.88 3.69 43.76
CA PHE L 91 59.95 2.62 43.45
C PHE L 91 59.50 2.73 42.00
N ASP L 92 59.58 1.63 41.26
CA ASP L 92 59.17 1.61 39.86
C ASP L 92 57.68 1.26 39.78
N LEU L 93 57.14 1.33 38.56
CA LEU L 93 55.72 1.06 38.35
C LEU L 93 55.34 -0.37 38.72
N ASN L 94 56.27 -1.32 38.57
CA ASN L 94 55.96 -2.71 38.92
C ASN L 94 55.77 -2.87 40.43
N ALA L 95 56.59 -2.18 41.23
CA ALA L 95 56.47 -2.28 42.67
C ALA L 95 55.26 -1.51 43.19
N LEU L 96 54.88 -0.44 42.49
CA LEU L 96 53.73 0.36 42.93
C LEU L 96 52.42 -0.41 42.80
N LEU L 97 52.26 -1.18 41.72
CA LEU L 97 51.04 -1.93 41.53
C LEU L 97 50.86 -3.02 42.58
N ALA L 98 51.96 -3.68 42.98
CA ALA L 98 51.89 -4.72 43.98
C ALA L 98 51.54 -4.15 45.36
N PHE L 99 52.25 -3.09 45.76
CA PHE L 99 52.01 -2.45 47.06
C PHE L 99 50.59 -1.91 47.15
N GLU L 100 50.17 -1.16 46.12
CA GLU L 100 48.82 -0.59 46.13
C GLU L 100 47.75 -1.66 46.08
N PHE L 101 47.95 -2.70 45.26
CA PHE L 101 46.97 -3.77 45.16
C PHE L 101 46.80 -4.49 46.49
N VAL L 102 47.90 -4.83 47.15
CA VAL L 102 47.83 -5.54 48.43
C VAL L 102 47.21 -4.65 49.51
N ALA L 103 47.68 -3.40 49.62
CA ALA L 103 47.19 -2.48 50.63
C ALA L 103 45.70 -2.18 50.46
N MET L 104 45.30 -1.84 49.22
CA MET L 104 43.90 -1.53 48.97
C MET L 104 43.03 -2.77 49.12
N ALA L 105 43.54 -3.94 48.73
CA ALA L 105 42.77 -5.16 48.88
C ALA L 105 42.51 -5.47 50.35
N ALA L 106 43.53 -5.30 51.19
CA ALA L 106 43.36 -5.56 52.62
C ALA L 106 42.40 -4.55 53.26
N ALA L 107 42.62 -3.25 53.01
CA ALA L 107 41.77 -2.22 53.61
C ALA L 107 40.32 -2.34 53.15
N GLU L 108 40.11 -2.44 51.83
CA GLU L 108 38.76 -2.57 51.31
C GLU L 108 38.13 -3.90 51.69
N GLY L 109 38.94 -4.95 51.88
CA GLY L 109 38.39 -6.22 52.29
C GLY L 109 37.84 -6.14 53.71
N GLN L 110 38.57 -5.47 54.60
CA GLN L 110 38.09 -5.30 55.96
C GLN L 110 36.85 -4.43 55.98
N ARG L 111 36.85 -3.37 55.16
CA ARG L 111 35.70 -2.48 55.09
C ARG L 111 34.47 -3.22 54.56
N GLY L 112 34.65 -4.08 53.56
CA GLY L 112 33.54 -4.84 53.03
C GLY L 112 33.04 -5.87 54.01
N ASP L 113 33.96 -6.52 54.74
CA ASP L 113 33.57 -7.52 55.73
C ASP L 113 32.87 -6.89 56.91
N ALA L 114 33.04 -5.59 57.12
CA ALA L 114 32.35 -4.91 58.22
C ALA L 114 30.83 -4.94 58.07
N GLY L 115 30.33 -4.90 56.84
CA GLY L 115 28.90 -4.94 56.62
C GLY L 115 28.26 -3.61 56.28
N GLY L 116 28.89 -2.84 55.40
CA GLY L 116 28.36 -1.55 54.98
C GLY L 116 28.39 -0.47 56.04
N VAL L 117 29.47 -0.38 56.80
CA VAL L 117 29.60 0.65 57.83
C VAL L 117 29.98 1.96 57.18
N VAL L 118 29.19 3.00 57.42
CA VAL L 118 29.43 4.32 56.86
C VAL L 118 30.24 5.20 57.81
N TYR L 119 29.92 5.15 59.10
CA TYR L 119 30.57 5.95 60.13
C TYR L 119 31.16 5.02 61.17
N PRO L 120 32.39 4.52 60.96
CA PRO L 120 33.00 3.60 61.93
C PRO L 120 33.34 4.22 63.27
N GLY L 121 34.10 5.31 63.26
CA GLY L 121 34.48 5.97 64.48
C GLY L 121 35.58 5.18 65.20
N GLY L 122 35.81 5.56 66.45
CA GLY L 122 36.82 4.90 67.25
C GLY L 122 38.23 5.23 66.82
N ALA L 123 38.90 4.26 66.19
CA ALA L 123 40.27 4.48 65.75
C ALA L 123 40.35 5.49 64.61
N PHE L 124 39.29 5.58 63.79
CA PHE L 124 39.28 6.52 62.68
C PHE L 124 38.96 7.94 63.12
N ASP L 125 38.56 8.14 64.37
CA ASP L 125 38.25 9.46 64.92
C ASP L 125 39.02 9.62 66.22
N PRO L 126 40.35 9.79 66.14
CA PRO L 126 41.12 9.95 67.38
C PRO L 126 40.80 11.22 68.15
N LEU L 127 40.48 12.31 67.45
CA LEU L 127 40.15 13.56 68.12
C LEU L 127 38.78 13.54 68.76
N GLY L 128 37.92 12.58 68.40
CA GLY L 128 36.59 12.48 68.97
C GLY L 128 35.67 13.64 68.65
N PHE L 129 35.69 14.10 67.40
CA PHE L 129 34.82 15.20 67.00
C PHE L 129 33.37 14.78 66.86
N ALA L 130 33.08 13.48 66.81
CA ALA L 130 31.73 12.95 66.68
C ALA L 130 31.46 11.90 67.75
N LYS L 131 31.92 12.18 68.97
CA LYS L 131 31.71 11.24 70.08
C LYS L 131 30.23 11.11 70.43
N ASP L 132 29.49 12.21 70.35
CA ASP L 132 28.07 12.23 70.65
C ASP L 132 27.30 12.29 69.34
N SER L 133 26.30 11.42 69.19
CA SER L 133 25.50 11.37 67.97
C SER L 133 24.54 12.54 67.83
N SER L 134 24.39 13.39 68.84
CA SER L 134 23.47 14.52 68.73
C SER L 134 24.01 15.57 67.77
N LYS L 135 25.28 15.95 67.92
CA LYS L 135 25.91 16.95 67.08
C LYS L 135 26.53 16.35 65.82
N SER L 136 26.50 15.03 65.66
CA SER L 136 27.10 14.42 64.48
C SER L 136 26.25 14.62 63.24
N GLY L 137 24.96 14.92 63.41
CA GLY L 137 24.10 15.12 62.25
C GLY L 137 24.48 16.35 61.44
N GLU L 138 24.88 17.43 62.12
CA GLU L 138 25.27 18.63 61.41
C GLU L 138 26.63 18.47 60.75
N LEU L 139 27.54 17.74 61.39
CA LEU L 139 28.86 17.53 60.80
C LEU L 139 28.81 16.58 59.61
N LYS L 140 27.85 15.65 59.60
CA LYS L 140 27.73 14.73 58.47
C LYS L 140 27.20 15.44 57.24
N LEU L 141 26.36 16.47 57.44
CA LEU L 141 25.82 17.24 56.33
C LEU L 141 26.93 17.98 55.61
N LYS L 142 27.88 18.53 56.37
CA LYS L 142 29.00 19.24 55.77
C LYS L 142 29.86 18.28 54.97
N GLU L 143 30.06 17.06 55.48
CA GLU L 143 30.87 16.06 54.80
C GLU L 143 30.22 15.64 53.48
N ILE L 144 28.91 15.38 53.50
CA ILE L 144 28.25 14.97 52.26
C ILE L 144 28.18 16.12 51.25
N LYS L 145 28.01 17.36 51.74
CA LYS L 145 27.95 18.49 50.81
C LYS L 145 29.31 18.74 50.18
N ASN L 146 30.38 18.67 50.97
CA ASN L 146 31.72 18.84 50.43
C ASN L 146 32.06 17.68 49.50
N GLY L 147 31.55 16.48 49.79
CA GLY L 147 31.79 15.34 48.93
C GLY L 147 31.13 15.50 47.58
N ARG L 148 29.88 15.96 47.56
CA ARG L 148 29.18 16.18 46.29
C ARG L 148 29.86 17.28 45.49
N LEU L 149 30.30 18.34 46.19
CA LEU L 149 30.99 19.43 45.52
C LEU L 149 32.32 18.96 44.93
N ALA L 150 33.04 18.10 45.67
CA ALA L 150 34.30 17.58 45.17
C ALA L 150 34.10 16.62 44.02
N MET L 151 32.99 15.87 44.03
CA MET L 151 32.71 14.97 42.91
C MET L 151 32.46 15.77 41.65
N VAL L 152 31.68 16.86 41.78
CA VAL L 152 31.40 17.74 40.65
C VAL L 152 32.70 18.41 40.19
N ALA L 153 33.56 18.77 41.14
CA ALA L 153 34.84 19.41 40.81
C ALA L 153 35.75 18.46 40.05
N PHE L 154 35.81 17.18 40.46
CA PHE L 154 36.66 16.23 39.73
C PHE L 154 36.12 15.97 38.34
N LEU L 155 34.79 15.89 38.20
CA LEU L 155 34.20 15.71 36.88
C LEU L 155 34.51 16.91 36.01
N GLY L 156 34.52 18.10 36.61
CA GLY L 156 34.86 19.30 35.88
C GLY L 156 36.32 19.31 35.48
N PHE L 157 37.19 18.78 36.34
CA PHE L 157 38.62 18.69 36.04
C PHE L 157 38.85 17.84 34.80
N VAL L 158 38.23 16.64 34.80
CA VAL L 158 38.37 15.71 33.69
C VAL L 158 37.78 16.31 32.41
N ALA L 159 36.60 16.93 32.50
CA ALA L 159 35.97 17.49 31.30
C ALA L 159 36.76 18.68 30.75
N GLN L 160 37.21 19.60 31.61
CA GLN L 160 37.96 20.75 31.13
C GLN L 160 39.30 20.31 30.56
N HIS L 161 39.91 19.26 31.12
CA HIS L 161 41.18 18.80 30.55
C HIS L 161 40.95 18.15 29.20
N ALA L 162 39.95 17.27 29.10
CA ALA L 162 39.64 16.62 27.83
C ALA L 162 39.20 17.60 26.76
N ALA L 163 38.72 18.78 27.14
CA ALA L 163 38.30 19.78 26.16
C ALA L 163 39.37 20.81 25.83
N THR L 164 40.32 21.08 26.74
CA THR L 164 41.31 22.10 26.40
C THR L 164 42.76 21.64 26.47
N GLY L 165 43.12 20.79 27.43
CA GLY L 165 44.48 20.34 27.56
C GLY L 165 45.29 21.02 28.64
N LYS L 166 44.67 21.84 29.48
CA LYS L 166 45.34 22.56 30.54
C LYS L 166 44.85 22.07 31.91
N GLY L 167 45.64 22.35 32.93
CA GLY L 167 45.29 21.97 34.27
C GLY L 167 44.24 22.89 34.85
N PRO L 168 43.65 22.46 35.97
CA PRO L 168 42.60 23.28 36.62
C PRO L 168 43.06 24.66 37.05
N ILE L 169 44.29 24.80 37.54
CA ILE L 169 44.79 26.11 37.94
C ILE L 169 45.06 26.96 36.70
N ALA L 170 45.62 26.35 35.66
CA ALA L 170 45.90 27.08 34.42
C ALA L 170 44.61 27.53 33.75
N ALA L 171 43.57 26.69 33.82
CA ALA L 171 42.28 27.06 33.24
C ALA L 171 41.63 28.18 34.04
N LEU L 172 41.86 28.20 35.35
CA LEU L 172 41.30 29.25 36.19
C LEU L 172 41.97 30.59 35.90
N GLY L 173 43.29 30.59 35.72
CA GLY L 173 43.99 31.82 35.41
C GLY L 173 43.61 32.37 34.05
N GLU L 174 43.43 31.47 33.07
CA GLU L 174 43.03 31.88 31.74
C GLU L 174 41.63 32.49 31.78
N HIS L 175 40.73 31.88 32.55
CA HIS L 175 39.38 32.40 32.68
C HIS L 175 39.39 33.74 33.40
N LEU L 176 40.28 33.92 34.37
CA LEU L 176 40.35 35.19 35.07
C LEU L 176 40.91 36.27 34.15
N ALA L 177 41.81 35.90 33.25
CA ALA L 177 42.37 36.87 32.32
C ALA L 177 41.34 37.27 31.26
N ASN L 178 40.51 36.33 30.82
CA ASN L 178 39.48 36.61 29.82
C ASN L 178 38.25 35.75 30.12
N PRO L 179 37.31 36.27 30.92
CA PRO L 179 36.11 35.48 31.26
C PRO L 179 35.17 35.25 30.10
N TRP L 180 34.82 36.31 29.39
CA TRP L 180 33.91 36.19 28.26
C TRP L 180 34.54 35.48 27.08
N GLY L 181 35.86 35.62 26.90
CA GLY L 181 36.55 34.99 25.79
C GLY L 181 37.15 33.63 26.04
N ALA L 182 37.11 33.13 27.28
CA ALA L 182 37.69 31.81 27.56
C ALA L 182 36.79 31.08 28.56
N ASN L 183 35.88 30.26 28.03
CA ASN L 183 34.97 29.48 28.84
C ASN L 183 34.62 28.22 28.05
N PHE L 184 33.65 27.47 28.55
CA PHE L 184 33.24 26.23 27.87
C PHE L 184 32.56 26.52 26.54
N ALA L 185 31.99 27.71 26.38
CA ALA L 185 31.32 28.05 25.13
C ALA L 185 32.27 28.60 24.08
N THR L 186 33.57 28.73 24.40
CA THR L 186 34.56 29.26 23.49
C THR L 186 35.70 28.29 23.20
N ASN L 187 35.67 27.07 23.75
CA ASN L 187 36.76 26.13 23.50
C ASN L 187 36.59 25.36 22.18
N GLY L 188 35.44 25.48 21.52
CA GLY L 188 35.22 24.78 20.27
C GLY L 188 35.07 23.28 20.40
N ILE L 189 34.85 22.77 21.61
CA ILE L 189 34.70 21.35 21.87
C ILE L 189 33.35 21.03 22.50
N SER L 190 32.98 21.76 23.55
CA SER L 190 31.73 21.55 24.27
C SER L 190 30.51 21.74 23.38
N VAL L 191 30.27 22.97 22.91
CA VAL L 191 29.14 23.25 22.03
C VAL L 191 29.68 23.30 20.60
N PRO L 192 29.33 22.34 19.74
CA PRO L 192 29.88 22.36 18.38
C PRO L 192 29.33 23.44 17.47
N PHE L 193 28.14 23.97 17.75
CA PHE L 193 27.59 25.00 16.87
C PHE L 193 27.91 26.42 17.32
N PHE L 194 28.66 26.61 18.41
CA PHE L 194 28.99 27.96 18.83
C PHE L 194 30.21 28.46 18.07
N LYS M 1 6.80 56.22 63.74
CA LYS M 1 7.34 56.26 62.39
C LYS M 1 8.26 57.47 62.21
N ALA M 2 9.18 57.39 61.26
CA ALA M 2 10.10 58.48 61.00
C ALA M 2 9.49 59.55 60.09
N GLY M 3 8.50 59.19 59.29
CA GLY M 3 7.87 60.14 58.40
C GLY M 3 7.03 59.42 57.37
N ASN M 4 6.73 60.13 56.28
CA ASN M 4 5.94 59.58 55.19
C ASN M 4 6.69 59.80 53.89
N TRP M 5 7.02 58.71 53.19
CA TRP M 5 7.74 58.86 51.93
C TRP M 5 6.84 59.49 50.87
N LEU M 6 5.56 59.15 50.88
CA LEU M 6 4.61 59.71 49.92
C LEU M 6 3.54 60.42 50.72
N PRO M 7 3.53 61.76 50.74
CA PRO M 7 2.51 62.49 51.50
C PRO M 7 1.11 62.18 51.00
N GLY M 8 0.21 61.93 51.95
CA GLY M 8 -1.16 61.58 51.65
C GLY M 8 -1.41 60.10 51.58
N SER M 9 -0.37 59.28 51.56
CA SER M 9 -0.49 57.83 51.48
C SER M 9 -0.51 57.24 52.89
N ASP M 10 -1.14 56.08 53.02
CA ASP M 10 -1.24 55.39 54.29
C ASP M 10 -0.06 54.42 54.45
N ALA M 11 0.52 54.40 55.64
CA ALA M 11 1.65 53.54 55.91
C ALA M 11 1.21 52.07 55.91
N PRO M 12 2.07 51.16 55.46
CA PRO M 12 1.70 49.74 55.45
C PRO M 12 1.56 49.19 56.87
N ALA M 13 0.64 48.24 57.03
CA ALA M 13 0.39 47.63 58.33
C ALA M 13 1.46 46.64 58.74
N TRP M 14 2.33 46.22 57.84
CA TRP M 14 3.37 45.25 58.17
C TRP M 14 4.67 45.90 58.65
N LEU M 15 4.74 47.23 58.68
CA LEU M 15 5.93 47.92 59.14
C LEU M 15 5.70 48.41 60.55
N PRO M 16 6.44 47.92 61.55
CA PRO M 16 6.23 48.38 62.93
C PRO M 16 6.59 49.85 63.11
N ASP M 17 5.87 50.49 64.04
CA ASP M 17 6.09 51.91 64.31
C ASP M 17 7.41 52.18 65.01
N ASP M 18 7.89 51.23 65.82
CA ASP M 18 9.14 51.42 66.54
C ASP M 18 10.37 51.08 65.70
N LEU M 19 10.18 50.65 64.46
CA LEU M 19 11.32 50.30 63.61
C LEU M 19 12.06 51.58 63.21
N PRO M 20 13.39 51.62 63.34
CA PRO M 20 14.13 52.84 62.97
C PRO M 20 14.09 53.07 61.47
N GLY M 21 13.91 54.34 61.10
CA GLY M 21 13.84 54.72 59.70
C GLY M 21 12.61 54.23 58.98
N ASN M 22 11.50 54.10 59.71
CA ASN M 22 10.24 53.61 59.14
C ASN M 22 9.48 54.77 58.52
N TYR M 23 9.64 54.97 57.22
CA TYR M 23 8.93 56.00 56.48
C TYR M 23 7.73 55.44 55.75
N GLY M 24 7.45 54.16 55.94
CA GLY M 24 6.33 53.53 55.26
C GLY M 24 6.58 53.28 53.79
N PHE M 25 7.85 53.19 53.39
CA PHE M 25 8.24 52.99 52.00
C PHE M 25 8.41 51.49 51.71
N ASP M 26 7.40 50.92 51.06
CA ASP M 26 7.39 49.51 50.66
C ASP M 26 6.33 49.30 49.59
N PRO M 27 6.50 49.86 48.39
CA PRO M 27 5.47 49.67 47.36
C PRO M 27 5.44 48.28 46.76
N LEU M 28 6.58 47.59 46.77
CA LEU M 28 6.65 46.25 46.20
C LEU M 28 6.24 45.16 47.18
N SER M 29 5.98 45.53 48.44
CA SER M 29 5.57 44.62 49.51
C SER M 29 6.59 43.50 49.70
N LEU M 30 7.87 43.87 49.68
CA LEU M 30 8.94 42.87 49.84
C LEU M 30 9.02 42.38 51.28
N GLY M 31 8.83 43.26 52.26
CA GLY M 31 8.89 42.87 53.65
C GLY M 31 7.54 42.55 54.24
N LYS M 32 6.66 41.96 53.42
CA LYS M 32 5.32 41.61 53.87
C LYS M 32 5.35 40.55 54.96
N GLU M 33 6.16 39.51 54.77
CA GLU M 33 6.25 38.45 55.76
C GLU M 33 7.22 38.86 56.88
N PRO M 34 6.91 38.52 58.13
CA PRO M 34 7.80 38.90 59.25
C PRO M 34 9.18 38.26 59.19
N ALA M 35 9.29 37.06 58.64
CA ALA M 35 10.60 36.41 58.55
C ALA M 35 11.51 37.12 57.56
N SER M 36 10.94 37.65 56.48
CA SER M 36 11.75 38.37 55.50
C SER M 36 12.12 39.76 55.99
N LEU M 37 11.24 40.39 56.77
CA LEU M 37 11.51 41.75 57.28
C LEU M 37 12.71 41.78 58.20
N LYS M 38 12.89 40.74 59.02
CA LYS M 38 14.02 40.69 59.95
C LYS M 38 15.34 40.62 59.20
N ARG M 39 15.43 39.69 58.24
CA ARG M 39 16.64 39.53 57.45
C ARG M 39 16.93 40.78 56.63
N PHE M 40 15.89 41.39 56.05
CA PHE M 40 16.07 42.60 55.26
C PHE M 40 16.49 43.77 56.15
N THR M 41 16.02 43.80 57.40
CA THR M 41 16.42 44.88 58.31
C THR M 41 17.90 44.77 58.66
N GLU M 42 18.34 43.56 59.00
CA GLU M 42 19.75 43.36 59.32
C GLU M 42 20.62 43.63 58.09
N SER M 43 20.14 43.21 56.91
CA SER M 43 20.87 43.43 55.67
C SER M 43 20.98 44.91 55.36
N GLU M 44 19.92 45.68 55.62
CA GLU M 44 19.94 47.10 55.35
C GLU M 44 20.91 47.82 56.28
N VAL M 45 20.94 47.43 57.56
CA VAL M 45 21.87 48.07 58.49
C VAL M 45 23.32 47.75 58.12
N ILE M 46 23.58 46.48 57.77
CA ILE M 46 24.93 46.07 57.38
C ILE M 46 25.35 46.79 56.10
N HIS M 47 24.43 46.90 55.13
CA HIS M 47 24.71 47.60 53.89
C HIS M 47 25.00 49.06 54.13
N GLY M 48 24.25 49.68 55.04
CA GLY M 48 24.49 51.08 55.35
C GLY M 48 25.84 51.31 55.99
N ARG M 49 26.24 50.42 56.90
CA ARG M 49 27.56 50.56 57.55
C ARG M 49 28.68 50.37 56.54
N TRP M 50 28.57 49.35 55.68
CA TRP M 50 29.59 49.10 54.67
C TRP M 50 29.66 50.24 53.67
N ALA M 51 28.50 50.80 53.29
CA ALA M 51 28.47 51.90 52.35
C ALA M 51 29.06 53.16 52.97
N MET M 52 28.83 53.37 54.26
CA MET M 52 29.42 54.53 54.93
C MET M 52 30.93 54.42 54.93
N LEU M 53 31.45 53.22 55.23
CA LEU M 53 32.89 53.01 55.22
C LEU M 53 33.46 53.21 53.81
N GLY M 54 32.77 52.67 52.80
CA GLY M 54 33.25 52.80 51.43
C GLY M 54 33.26 54.23 50.93
N VAL M 55 32.18 54.98 51.19
CA VAL M 55 32.11 56.36 50.74
C VAL M 55 33.14 57.22 51.48
N ALA M 56 33.31 56.99 52.79
CA ALA M 56 34.30 57.75 53.54
C ALA M 56 35.70 57.45 53.02
N GLY M 57 35.98 56.18 52.69
CA GLY M 57 37.28 55.82 52.16
C GLY M 57 37.56 56.44 50.81
N SER M 58 36.55 56.42 49.92
CA SER M 58 36.72 56.99 48.58
C SER M 58 36.94 58.50 48.67
N LEU M 59 36.14 59.18 49.50
CA LEU M 59 36.29 60.62 49.64
C LEU M 59 37.64 60.98 50.24
N ALA M 60 38.09 60.24 51.25
CA ALA M 60 39.38 60.54 51.87
C ALA M 60 40.54 60.26 50.93
N VAL M 61 40.49 59.15 50.18
CA VAL M 61 41.58 58.84 49.27
C VAL M 61 41.66 59.83 48.12
N GLU M 62 40.50 60.36 47.66
CA GLU M 62 40.61 61.33 46.59
C GLU M 62 40.91 62.73 47.11
N LEU M 63 40.57 63.03 48.37
CA LEU M 63 40.84 64.35 48.92
C LEU M 63 42.28 64.47 49.39
N LEU M 64 42.93 63.37 49.73
CA LEU M 64 44.32 63.41 50.20
C LEU M 64 45.32 63.34 49.06
N GLY M 65 44.87 63.28 47.80
CA GLY M 65 45.77 63.23 46.68
C GLY M 65 46.38 61.88 46.37
N TYR M 66 45.70 60.78 46.71
CA TYR M 66 46.19 59.44 46.46
C TYR M 66 45.34 58.70 45.43
N GLY M 67 44.84 59.42 44.44
CA GLY M 67 44.01 58.81 43.41
C GLY M 67 42.57 58.64 43.85
N ASN M 68 41.74 58.19 42.91
CA ASN M 68 40.33 57.98 43.18
C ASN M 68 40.09 56.53 43.61
N TRP M 69 38.82 56.20 43.82
CA TRP M 69 38.45 54.86 44.24
C TRP M 69 38.56 53.84 43.12
N TYR M 70 38.43 54.27 41.87
CA TYR M 70 38.50 53.34 40.74
C TYR M 70 39.92 52.92 40.41
N ASP M 71 40.91 53.79 40.60
CA ASP M 71 42.30 53.47 40.29
C ASP M 71 43.04 52.84 41.44
N ALA M 72 42.39 52.56 42.56
CA ALA M 72 43.06 51.95 43.70
C ALA M 72 43.62 50.55 43.42
N PRO M 73 42.89 49.59 42.86
CA PRO M 73 43.51 48.28 42.61
C PRO M 73 44.23 48.15 41.29
N LEU M 74 44.53 49.26 40.61
CA LEU M 74 45.20 49.21 39.32
C LEU M 74 46.66 48.79 39.42
N TRP M 75 47.24 48.82 40.63
CA TRP M 75 48.65 48.43 40.79
C TRP M 75 48.85 46.94 40.51
N ALA M 76 47.83 46.12 40.76
CA ALA M 76 47.90 44.69 40.55
C ALA M 76 47.37 44.27 39.18
N VAL M 77 47.34 45.19 38.21
CA VAL M 77 46.85 44.88 36.88
C VAL M 77 47.99 45.04 35.88
N ASN M 78 48.91 45.96 36.17
CA ASN M 78 50.06 46.22 35.31
C ASN M 78 51.38 46.09 36.04
N GLY M 79 51.37 45.62 37.28
CA GLY M 79 52.60 45.47 38.04
C GLY M 79 52.90 46.68 38.90
N GLY M 80 52.87 46.48 40.21
CA GLY M 80 53.14 47.57 41.13
C GLY M 80 52.98 47.10 42.55
N LYS M 81 53.14 48.06 43.47
CA LYS M 81 53.02 47.80 44.90
C LYS M 81 52.00 48.75 45.49
N ALA M 82 51.12 48.22 46.33
CA ALA M 82 50.09 49.03 46.96
C ALA M 82 50.70 49.97 48.00
N THR M 83 50.16 51.17 48.09
CA THR M 83 50.63 52.18 49.03
C THR M 83 49.46 52.73 49.83
N TRP M 84 49.58 52.72 51.15
CA TRP M 84 48.56 53.24 52.05
C TRP M 84 49.15 54.46 52.75
N PHE M 85 48.51 55.62 52.53
CA PHE M 85 48.95 56.91 53.08
C PHE M 85 50.36 57.26 52.65
N GLY M 86 50.76 56.79 51.47
CA GLY M 86 52.09 57.03 50.94
C GLY M 86 53.13 56.03 51.41
N ILE M 87 52.75 55.04 52.22
CA ILE M 87 53.67 54.03 52.73
C ILE M 87 53.49 52.74 51.94
N GLU M 88 54.59 52.21 51.43
CA GLU M 88 54.56 50.99 50.62
C GLU M 88 54.17 49.77 51.45
N VAL M 89 53.44 48.86 50.82
CA VAL M 89 52.97 47.62 51.42
C VAL M 89 53.53 46.47 50.59
N PRO M 90 54.21 45.48 51.20
CA PRO M 90 54.79 44.39 50.41
C PRO M 90 53.88 43.20 50.18
N PHE M 91 52.57 43.36 50.38
CA PHE M 91 51.63 42.26 50.18
C PHE M 91 51.10 42.26 48.76
N ASP M 92 51.31 41.16 48.04
CA ASP M 92 50.83 41.05 46.68
C ASP M 92 49.34 40.66 46.68
N LEU M 93 48.74 40.67 45.48
CA LEU M 93 47.32 40.37 45.35
C LEU M 93 46.96 38.96 45.83
N ASN M 94 47.87 38.01 45.65
CA ASN M 94 47.59 36.64 46.08
C ASN M 94 47.51 36.54 47.60
N ALA M 95 48.41 37.20 48.31
CA ALA M 95 48.39 37.14 49.78
C ALA M 95 47.26 37.98 50.36
N LEU M 96 46.78 38.97 49.60
CA LEU M 96 45.70 39.81 50.11
C LEU M 96 44.37 39.09 50.06
N LEU M 97 44.11 38.34 48.98
CA LEU M 97 42.84 37.61 48.86
C LEU M 97 42.72 36.53 49.92
N ALA M 98 43.81 35.84 50.24
CA ALA M 98 43.76 34.77 51.24
C ALA M 98 43.53 35.33 52.64
N PHE M 99 44.29 36.35 53.03
CA PHE M 99 44.13 36.94 54.37
C PHE M 99 42.76 37.58 54.52
N GLU M 100 42.31 38.33 53.51
CA GLU M 100 41.00 38.96 53.58
C GLU M 100 39.91 37.92 53.63
N PHE M 101 40.05 36.84 52.85
CA PHE M 101 39.05 35.78 52.84
C PHE M 101 38.95 35.11 54.21
N VAL M 102 40.09 34.79 54.81
CA VAL M 102 40.10 34.13 56.12
C VAL M 102 39.51 35.05 57.20
N ALA M 103 39.98 36.31 57.23
CA ALA M 103 39.50 37.25 58.24
C ALA M 103 38.01 37.55 58.09
N MET M 104 37.56 37.81 56.85
CA MET M 104 36.15 38.10 56.61
C MET M 104 35.29 36.88 56.88
N ALA M 105 35.76 35.68 56.52
CA ALA M 105 35.00 34.47 56.77
C ALA M 105 34.83 34.24 58.26
N ALA M 106 35.89 34.44 59.04
CA ALA M 106 35.80 34.24 60.49
C ALA M 106 34.89 35.27 61.13
N ALA M 107 35.06 36.56 60.78
CA ALA M 107 34.24 37.61 61.36
C ALA M 107 32.77 37.47 60.98
N GLU M 108 32.50 37.20 59.70
CA GLU M 108 31.12 37.06 59.26
C GLU M 108 30.49 35.79 59.82
N GLY M 109 31.27 34.72 60.00
CA GLY M 109 30.73 33.51 60.58
C GLY M 109 30.36 33.73 62.03
N GLN M 110 31.21 34.45 62.76
CA GLN M 110 30.91 34.75 64.16
C GLN M 110 29.69 35.65 64.28
N ARG M 111 29.55 36.59 63.34
CA ARG M 111 28.39 37.49 63.37
C ARG M 111 27.11 36.76 63.02
N GLY M 112 27.16 35.87 62.02
CA GLY M 112 25.97 35.14 61.62
C GLY M 112 25.57 34.04 62.58
N ASP M 113 26.53 33.53 63.37
CA ASP M 113 26.19 32.47 64.32
C ASP M 113 25.35 32.96 65.48
N ALA M 114 25.28 34.27 65.70
CA ALA M 114 24.49 34.83 66.79
C ALA M 114 22.99 34.82 66.52
N GLY M 115 22.56 34.46 65.31
CA GLY M 115 21.15 34.43 65.00
C GLY M 115 20.62 35.73 64.43
N GLY M 116 21.44 36.43 63.65
CA GLY M 116 21.03 37.68 63.06
C GLY M 116 20.87 38.81 64.05
N VAL M 117 21.97 39.22 64.69
CA VAL M 117 21.96 40.30 65.66
C VAL M 117 22.37 41.58 64.95
N VAL M 118 21.55 42.62 65.07
CA VAL M 118 21.81 43.90 64.43
C VAL M 118 22.54 44.86 65.37
N TYR M 119 22.22 44.84 66.66
CA TYR M 119 22.83 45.73 67.64
C TYR M 119 23.43 44.90 68.78
N PRO M 120 24.65 44.39 68.59
CA PRO M 120 25.26 43.57 69.65
C PRO M 120 25.63 44.35 70.90
N GLY M 121 26.36 45.44 70.75
CA GLY M 121 26.78 46.22 71.90
C GLY M 121 27.93 45.56 72.63
N GLY M 122 28.18 46.05 73.84
CA GLY M 122 29.25 45.51 74.65
C GLY M 122 30.63 45.87 74.13
N ALA M 123 31.33 44.88 73.55
CA ALA M 123 32.66 45.12 73.03
C ALA M 123 32.67 46.06 71.84
N PHE M 124 31.57 46.09 71.08
CA PHE M 124 31.49 46.97 69.91
C PHE M 124 31.16 48.42 70.29
N ASP M 125 30.81 48.66 71.55
CA ASP M 125 30.50 50.01 72.04
C ASP M 125 31.27 50.25 73.33
N PRO M 126 32.60 50.44 73.24
CA PRO M 126 33.37 50.67 74.47
C PRO M 126 33.10 52.02 75.11
N LEU M 127 32.67 53.01 74.34
CA LEU M 127 32.38 54.32 74.89
C LEU M 127 31.02 54.40 75.56
N GLY M 128 30.14 53.43 75.32
CA GLY M 128 28.81 53.43 75.92
C GLY M 128 27.91 54.55 75.47
N PHE M 129 27.94 54.87 74.17
CA PHE M 129 27.08 55.93 73.65
C PHE M 129 25.62 55.54 73.60
N ALA M 130 25.32 54.24 73.66
CA ALA M 130 23.94 53.73 73.63
C ALA M 130 23.68 52.82 74.82
N LYS M 131 24.15 53.23 75.99
CA LYS M 131 23.94 52.42 77.20
C LYS M 131 22.46 52.38 77.58
N ASP M 132 21.78 53.51 77.46
CA ASP M 132 20.36 53.60 77.79
C ASP M 132 19.54 53.33 76.52
N SER M 133 18.42 52.62 76.67
CA SER M 133 17.57 52.31 75.54
C SER M 133 16.66 53.47 75.14
N SER M 134 16.62 54.55 75.94
CA SER M 134 15.77 55.68 75.60
C SER M 134 16.33 56.46 74.42
N LYS M 135 17.63 56.74 74.43
CA LYS M 135 18.29 57.45 73.36
C LYS M 135 18.77 56.53 72.25
N SER M 136 18.59 55.21 72.42
CA SER M 136 19.02 54.27 71.41
C SER M 136 18.20 54.40 70.12
N GLY M 137 16.89 54.64 70.26
CA GLY M 137 16.04 54.76 69.09
C GLY M 137 16.36 55.98 68.22
N GLU M 138 16.81 57.06 68.85
CA GLU M 138 17.13 58.27 68.10
C GLU M 138 18.42 58.09 67.31
N LEU M 139 19.44 57.50 67.94
CA LEU M 139 20.72 57.31 67.26
C LEU M 139 20.61 56.26 66.17
N LYS M 140 19.72 55.27 66.35
CA LYS M 140 19.53 54.24 65.34
C LYS M 140 18.96 54.86 64.06
N LEU M 141 18.08 55.85 64.22
CA LEU M 141 17.50 56.54 63.08
C LEU M 141 18.57 57.29 62.31
N LYS M 142 19.50 57.94 63.04
CA LYS M 142 20.59 58.66 62.41
C LYS M 142 21.50 57.69 61.66
N GLU M 143 21.74 56.52 62.25
CA GLU M 143 22.59 55.52 61.62
C GLU M 143 21.97 54.99 60.34
N ILE M 144 20.69 54.64 60.37
CA ILE M 144 20.04 54.12 59.17
C ILE M 144 19.90 55.20 58.10
N LYS M 145 19.68 56.46 58.50
CA LYS M 145 19.56 57.52 57.51
C LYS M 145 20.91 57.83 56.86
N ASN M 146 21.98 57.88 57.67
CA ASN M 146 23.30 58.11 57.11
C ASN M 146 23.71 56.95 56.23
N GLY M 147 23.31 55.72 56.61
CA GLY M 147 23.64 54.56 55.79
C GLY M 147 22.91 54.57 54.47
N ARG M 148 21.64 54.99 54.47
CA ARG M 148 20.88 55.07 53.22
C ARG M 148 21.48 56.14 52.31
N LEU M 149 21.88 57.27 52.90
CA LEU M 149 22.50 58.34 52.13
C LEU M 149 23.83 57.87 51.56
N ALA M 150 24.59 57.08 52.33
CA ALA M 150 25.86 56.56 51.85
C ALA M 150 25.66 55.55 50.73
N MET M 151 24.60 54.73 50.81
CA MET M 151 24.32 53.77 49.75
C MET M 151 23.99 54.50 48.45
N VAL M 152 23.18 55.55 48.57
CA VAL M 152 22.82 56.36 47.40
C VAL M 152 24.07 57.04 46.85
N ALA M 153 24.94 57.52 47.74
CA ALA M 153 26.18 58.18 47.31
C ALA M 153 27.10 57.21 46.59
N PHE M 154 27.21 55.96 47.06
CA PHE M 154 28.08 55.00 46.39
C PHE M 154 27.51 54.63 45.03
N LEU M 155 26.19 54.49 44.93
CA LEU M 155 25.58 54.20 43.63
C LEU M 155 25.83 55.36 42.68
N GLY M 156 25.79 56.59 43.21
CA GLY M 156 26.08 57.76 42.40
C GLY M 156 27.53 57.79 41.97
N PHE M 157 28.43 57.35 42.85
CA PHE M 157 29.86 57.30 42.53
C PHE M 157 30.10 56.38 41.34
N VAL M 158 29.55 55.16 41.42
CA VAL M 158 29.71 54.17 40.35
C VAL M 158 29.08 54.65 39.05
N ALA M 159 27.85 55.18 39.12
CA ALA M 159 27.16 55.64 37.93
C ALA M 159 27.87 56.82 37.27
N GLN M 160 28.28 57.82 38.07
CA GLN M 160 28.97 58.97 37.50
C GLN M 160 30.33 58.59 36.94
N HIS M 161 31.00 57.60 37.56
CA HIS M 161 32.28 57.20 37.02
C HIS M 161 32.09 56.49 35.68
N ALA M 162 31.14 55.55 35.61
CA ALA M 162 30.86 54.84 34.37
C ALA M 162 30.32 55.77 33.29
N ALA M 163 29.80 56.94 33.67
CA ALA M 163 29.27 57.88 32.70
C ALA M 163 30.30 58.90 32.22
N THR M 164 31.21 59.34 33.08
CA THR M 164 32.19 60.34 32.71
C THR M 164 33.62 59.83 32.66
N GLY M 165 34.10 59.17 33.71
CA GLY M 165 35.46 58.68 33.77
C GLY M 165 36.27 59.27 34.91
N LYS M 166 35.85 60.41 35.44
CA LYS M 166 36.55 61.07 36.53
C LYS M 166 36.03 60.59 37.87
N GLY M 167 36.76 60.94 38.94
CA GLY M 167 36.38 60.57 40.27
C GLY M 167 35.34 61.49 40.86
N PRO M 168 34.82 61.12 42.03
CA PRO M 168 33.80 61.96 42.69
C PRO M 168 34.24 63.37 43.02
N ILE M 169 35.48 63.55 43.48
CA ILE M 169 35.96 64.90 43.80
C ILE M 169 36.17 65.71 42.53
N ALA M 170 36.69 65.06 41.49
CA ALA M 170 36.92 65.75 40.21
C ALA M 170 35.59 66.12 39.55
N ALA M 171 34.56 65.29 39.74
CA ALA M 171 33.26 65.57 39.15
C ALA M 171 32.58 66.72 39.87
N LEU M 172 32.80 66.84 41.19
CA LEU M 172 32.20 67.92 41.95
C LEU M 172 32.81 69.26 41.58
N GLY M 173 34.13 69.29 41.36
CA GLY M 173 34.78 70.53 40.97
C GLY M 173 34.35 70.99 39.59
N GLU M 174 34.20 70.03 38.67
CA GLU M 174 33.76 70.36 37.31
C GLU M 174 32.35 70.91 37.33
N HIS M 175 31.47 70.32 38.16
CA HIS M 175 30.10 70.81 38.24
C HIS M 175 30.06 72.18 38.92
N LEU M 176 30.95 72.42 39.89
CA LEU M 176 30.98 73.72 40.53
C LEU M 176 31.49 74.79 39.58
N ALA M 177 32.40 74.41 38.68
CA ALA M 177 32.93 75.36 37.71
C ALA M 177 31.90 75.67 36.63
N ASN M 178 31.25 74.66 36.08
CA ASN M 178 30.24 74.82 35.04
C ASN M 178 29.01 73.99 35.38
N PRO M 179 28.06 74.55 36.12
CA PRO M 179 26.86 73.77 36.48
C PRO M 179 25.95 73.47 35.30
N TRP M 180 25.69 74.46 34.46
CA TRP M 180 24.80 74.23 33.31
C TRP M 180 25.50 73.44 32.21
N GLY M 181 26.81 73.60 32.08
CA GLY M 181 27.55 72.90 31.05
C GLY M 181 28.04 71.51 31.42
N ALA M 182 28.02 71.14 32.69
CA ALA M 182 28.50 69.83 33.12
C ALA M 182 27.53 69.25 34.15
N ASN M 183 26.80 68.22 33.74
CA ASN M 183 25.83 67.53 34.58
C ASN M 183 25.58 66.17 33.93
N PHE M 184 24.55 65.46 34.42
CA PHE M 184 24.26 64.15 33.85
C PHE M 184 23.68 64.26 32.43
N ALA M 185 23.06 65.39 32.11
CA ALA M 185 22.47 65.55 30.78
C ALA M 185 23.50 65.81 29.70
N THR M 186 24.72 66.22 30.07
CA THR M 186 25.76 66.51 29.10
C THR M 186 26.82 65.41 28.98
N ASN M 187 26.66 64.26 29.66
CA ASN M 187 27.66 63.22 29.52
C ASN M 187 27.56 62.48 28.21
N GLY M 188 26.38 62.44 27.59
CA GLY M 188 26.19 61.76 26.33
C GLY M 188 25.56 60.40 26.40
N ILE M 189 25.45 59.79 27.59
CA ILE M 189 24.86 58.48 27.72
C ILE M 189 23.57 58.48 28.54
N SER M 190 23.38 59.44 29.45
CA SER M 190 22.16 59.47 30.24
C SER M 190 20.96 59.82 29.37
N VAL M 191 21.09 60.88 28.56
CA VAL M 191 20.03 61.30 27.65
C VAL M 191 20.52 60.96 26.24
N PRO M 192 19.92 59.98 25.57
CA PRO M 192 20.39 59.58 24.23
C PRO M 192 20.12 60.57 23.10
N PHE M 193 18.91 61.12 23.05
CA PHE M 193 18.54 62.03 21.96
C PHE M 193 19.31 63.34 22.04
N PHE M 194 19.52 63.87 23.23
CA PHE M 194 20.25 65.12 23.35
C PHE M 194 21.74 64.87 23.56
N LEU N 1 -60.05 -12.61 -42.66
CA LEU N 1 -60.61 -12.14 -43.92
C LEU N 1 -59.54 -12.09 -45.01
N TYR N 2 -58.39 -11.51 -44.69
CA TYR N 2 -57.30 -11.41 -45.64
C TYR N 2 -56.47 -12.70 -45.63
N VAL N 3 -55.53 -12.79 -46.57
CA VAL N 3 -54.66 -13.95 -46.64
C VAL N 3 -53.66 -13.89 -45.50
N GLY N 4 -53.31 -15.05 -44.95
CA GLY N 4 -52.40 -15.12 -43.84
C GLY N 4 -53.04 -15.07 -42.48
N ALA N 5 -54.38 -15.06 -42.41
CA ALA N 5 -55.08 -15.02 -41.14
C ALA N 5 -54.96 -16.37 -40.43
N SER N 6 -55.15 -16.36 -39.12
CA SER N 6 -55.04 -17.58 -38.34
C SER N 6 -55.93 -17.52 -37.12
N GLN N 7 -56.14 -18.70 -36.50
CA GLN N 7 -56.95 -18.79 -35.30
C GLN N 7 -56.29 -18.10 -34.12
N SER N 8 -54.96 -18.00 -34.13
CA SER N 8 -54.26 -17.35 -33.03
C SER N 8 -54.53 -15.86 -33.01
N SER N 9 -54.56 -15.22 -34.18
CA SER N 9 -54.82 -13.79 -34.25
C SER N 9 -56.30 -13.48 -34.05
N LEU N 10 -57.18 -14.39 -34.46
CA LEU N 10 -58.62 -14.18 -34.33
C LEU N 10 -59.10 -14.20 -32.89
N ALA N 11 -58.26 -14.65 -31.95
CA ALA N 11 -58.66 -14.68 -30.56
C ALA N 11 -58.81 -13.27 -29.97
N TYR N 12 -57.92 -12.36 -30.36
CA TYR N 12 -57.95 -10.99 -29.86
C TYR N 12 -58.39 -9.97 -30.91
N LEU N 13 -58.63 -10.39 -32.15
CA LEU N 13 -59.06 -9.50 -33.22
C LEU N 13 -60.53 -9.78 -33.49
N ASP N 14 -61.40 -9.12 -32.75
CA ASP N 14 -62.84 -9.29 -32.87
C ASP N 14 -63.50 -8.31 -33.84
N GLY N 15 -62.73 -7.38 -34.42
CA GLY N 15 -63.29 -6.41 -35.34
C GLY N 15 -63.55 -5.04 -34.76
N SER N 16 -63.18 -4.80 -33.49
CA SER N 16 -63.41 -3.51 -32.87
C SER N 16 -62.53 -2.42 -33.48
N LEU N 17 -61.27 -2.73 -33.75
CA LEU N 17 -60.38 -1.74 -34.32
C LEU N 17 -60.69 -1.52 -35.81
N PRO N 18 -60.49 -0.30 -36.31
CA PRO N 18 -60.75 -0.05 -37.73
C PRO N 18 -59.72 -0.74 -38.61
N GLY N 19 -60.18 -1.31 -39.72
CA GLY N 19 -59.31 -2.02 -40.62
C GLY N 19 -58.89 -3.38 -40.12
N ASP N 20 -59.66 -3.96 -39.21
CA ASP N 20 -59.36 -5.27 -38.64
C ASP N 20 -59.77 -6.35 -39.65
N PHE N 21 -58.78 -6.90 -40.34
CA PHE N 21 -59.01 -7.97 -41.31
C PHE N 21 -58.44 -9.29 -40.83
N GLY N 22 -58.09 -9.37 -39.55
CA GLY N 22 -57.54 -10.57 -38.98
C GLY N 22 -56.16 -10.92 -39.47
N PHE N 23 -55.42 -9.93 -39.98
CA PHE N 23 -54.07 -10.16 -40.50
C PHE N 23 -53.03 -9.82 -39.45
N ASP N 24 -52.57 -10.82 -38.73
CA ASP N 24 -51.55 -10.67 -37.72
C ASP N 24 -50.85 -12.01 -37.51
N PRO N 25 -50.10 -12.52 -38.49
CA PRO N 25 -49.41 -13.80 -38.29
C PRO N 25 -48.28 -13.75 -37.29
N LEU N 26 -47.80 -12.55 -36.97
CA LEU N 26 -46.71 -12.40 -36.02
C LEU N 26 -47.19 -12.16 -34.59
N GLY N 27 -48.50 -12.07 -34.38
CA GLY N 27 -49.08 -11.88 -33.06
C GLY N 27 -48.62 -10.66 -32.30
N LEU N 28 -48.59 -9.50 -32.95
CA LEU N 28 -48.14 -8.30 -32.28
C LEU N 28 -49.22 -7.62 -31.46
N LEU N 29 -50.49 -7.99 -31.58
CA LEU N 29 -51.51 -7.37 -30.76
C LEU N 29 -52.03 -8.26 -29.66
N ASP N 30 -51.22 -9.20 -29.19
CA ASP N 30 -51.69 -10.06 -28.12
C ASP N 30 -51.69 -9.25 -26.83
N PRO N 31 -52.83 -9.08 -26.16
CA PRO N 31 -52.85 -8.30 -24.92
C PRO N 31 -52.24 -9.03 -23.74
N VAL N 32 -52.09 -10.36 -23.82
CA VAL N 32 -51.54 -11.13 -22.72
C VAL N 32 -50.03 -10.91 -22.66
N ASN N 33 -49.55 -10.46 -21.49
CA ASN N 33 -48.13 -10.21 -21.22
C ASN N 33 -47.51 -9.25 -22.22
N SER N 34 -48.24 -8.17 -22.52
CA SER N 34 -47.78 -7.14 -23.44
C SER N 34 -47.29 -5.94 -22.65
N GLY N 35 -46.34 -5.21 -23.24
CA GLY N 35 -45.81 -4.05 -22.58
C GLY N 35 -44.95 -3.24 -23.51
N GLY N 36 -44.29 -2.22 -22.94
CA GLY N 36 -43.42 -1.35 -23.71
C GLY N 36 -44.17 -0.65 -24.83
N PHE N 37 -43.68 -0.83 -26.04
CA PHE N 37 -44.31 -0.27 -27.22
C PHE N 37 -45.13 -1.29 -27.99
N ILE N 38 -44.92 -2.58 -27.74
CA ILE N 38 -45.67 -3.63 -28.44
C ILE N 38 -46.90 -3.90 -27.58
N GLU N 39 -47.92 -3.07 -27.80
CA GLU N 39 -49.19 -3.17 -27.09
C GLU N 39 -50.23 -2.57 -28.03
N PRO N 40 -51.51 -2.99 -27.91
CA PRO N 40 -52.55 -2.51 -28.85
C PRO N 40 -52.73 -1.00 -29.01
N LYS N 41 -52.69 -0.23 -27.93
CA LYS N 41 -52.89 1.21 -28.03
C LYS N 41 -51.78 1.89 -28.82
N TRP N 42 -50.52 1.63 -28.44
CA TRP N 42 -49.40 2.26 -29.15
C TRP N 42 -49.29 1.78 -30.58
N LEU N 43 -49.54 0.49 -30.83
CA LEU N 43 -49.44 -0.03 -32.19
C LEU N 43 -50.52 0.56 -33.10
N GLN N 44 -51.76 0.65 -32.61
CA GLN N 44 -52.83 1.23 -33.43
C GLN N 44 -52.56 2.72 -33.66
N TYR N 45 -52.07 3.42 -32.63
CA TYR N 45 -51.75 4.83 -32.75
C TYR N 45 -50.62 5.06 -33.75
N SER N 46 -49.60 4.21 -33.70
CA SER N 46 -48.48 4.33 -34.62
C SER N 46 -48.92 4.04 -36.04
N GLU N 47 -49.85 3.09 -36.20
CA GLU N 47 -50.34 2.77 -37.54
C GLU N 47 -51.10 3.93 -38.15
N VAL N 48 -51.97 4.58 -37.38
CA VAL N 48 -52.72 5.70 -37.94
C VAL N 48 -51.80 6.90 -38.18
N ILE N 49 -50.78 7.09 -37.33
CA ILE N 49 -49.85 8.20 -37.53
C ILE N 49 -49.04 7.97 -38.80
N HIS N 50 -48.58 6.73 -39.01
CA HIS N 50 -47.85 6.38 -40.22
C HIS N 50 -48.74 6.52 -41.44
N ALA N 51 -50.02 6.17 -41.28
CA ALA N 51 -50.98 6.26 -42.38
C ALA N 51 -51.13 7.71 -42.84
N ARG N 52 -51.34 8.63 -41.90
CA ARG N 52 -51.51 10.03 -42.26
C ARG N 52 -50.22 10.63 -42.84
N TRP N 53 -49.07 10.32 -42.22
CA TRP N 53 -47.82 10.85 -42.73
C TRP N 53 -47.52 10.30 -44.12
N ALA N 54 -47.84 9.03 -44.36
CA ALA N 54 -47.60 8.43 -45.67
C ALA N 54 -48.56 8.97 -46.70
N MET N 55 -49.78 9.33 -46.30
CA MET N 55 -50.72 9.90 -47.26
C MET N 55 -50.20 11.25 -47.74
N LEU N 56 -49.73 12.07 -46.79
CA LEU N 56 -49.16 13.35 -47.14
C LEU N 56 -47.89 13.16 -47.97
N GLY N 57 -47.10 12.14 -47.62
CA GLY N 57 -45.87 11.87 -48.35
C GLY N 57 -46.09 11.43 -49.78
N ALA N 58 -47.04 10.53 -50.00
CA ALA N 58 -47.33 10.05 -51.35
C ALA N 58 -47.86 11.18 -52.23
N ALA N 59 -48.82 11.95 -51.68
CA ALA N 59 -49.36 13.07 -52.45
C ALA N 59 -48.28 14.11 -52.75
N GLY N 60 -47.42 14.39 -51.76
CA GLY N 60 -46.36 15.37 -51.96
C GLY N 60 -45.21 14.90 -52.82
N CYS N 61 -45.01 13.59 -52.93
CA CYS N 61 -43.93 13.08 -53.76
C CYS N 61 -44.36 12.96 -55.20
N ILE N 62 -45.66 12.81 -55.47
CA ILE N 62 -46.14 12.72 -56.85
C ILE N 62 -46.73 14.02 -57.36
N ALA N 63 -47.05 14.99 -56.49
CA ALA N 63 -47.64 16.25 -56.94
C ALA N 63 -46.74 17.14 -57.80
N PRO N 64 -45.47 17.42 -57.44
CA PRO N 64 -44.68 18.32 -58.33
C PRO N 64 -44.44 17.78 -59.72
N GLU N 65 -44.21 16.47 -59.87
CA GLU N 65 -43.98 15.91 -61.21
C GLU N 65 -45.24 15.96 -62.06
N VAL N 66 -46.39 15.64 -61.45
CA VAL N 66 -47.66 15.65 -62.17
C VAL N 66 -48.03 17.08 -62.56
N LEU N 67 -47.86 18.03 -61.62
CA LEU N 67 -48.18 19.42 -61.91
C LEU N 67 -47.21 20.02 -62.92
N GLY N 68 -45.96 19.55 -62.93
CA GLY N 68 -45.01 20.06 -63.90
C GLY N 68 -45.25 19.49 -65.28
N ALA N 69 -45.80 18.27 -65.35
CA ALA N 69 -46.09 17.67 -66.64
C ALA N 69 -47.26 18.36 -67.32
N ALA N 70 -48.16 18.95 -66.52
CA ALA N 70 -49.32 19.66 -67.06
C ALA N 70 -49.04 21.13 -67.33
N GLY N 71 -47.85 21.63 -66.99
CA GLY N 71 -47.50 23.01 -67.23
C GLY N 71 -48.05 23.99 -66.20
N LEU N 72 -48.62 23.50 -65.11
CA LEU N 72 -49.16 24.41 -64.09
C LEU N 72 -48.06 25.12 -63.32
N ILE N 73 -46.95 24.43 -63.05
CA ILE N 73 -45.84 25.03 -62.32
C ILE N 73 -44.67 25.19 -63.30
N PRO N 74 -43.76 26.14 -63.08
CA PRO N 74 -42.66 26.35 -64.04
C PRO N 74 -41.65 25.21 -64.06
N ASP N 75 -40.61 25.41 -64.88
CA ASP N 75 -39.56 24.43 -65.06
C ASP N 75 -38.47 24.51 -63.98
N ALA N 76 -38.34 25.64 -63.28
CA ALA N 76 -37.34 25.74 -62.22
C ALA N 76 -37.67 24.77 -61.10
N THR N 77 -38.96 24.63 -60.81
CA THR N 77 -39.51 23.69 -59.84
C THR N 77 -39.75 22.41 -60.64
N ASN N 78 -40.60 21.50 -60.14
CA ASN N 78 -40.88 20.23 -60.82
C ASN N 78 -39.60 19.39 -60.93
N ILE N 79 -39.16 18.94 -59.76
CA ILE N 79 -37.98 18.11 -59.62
C ILE N 79 -38.42 16.85 -58.88
N LYS N 80 -37.55 15.84 -58.90
CA LYS N 80 -37.86 14.59 -58.23
C LYS N 80 -37.89 14.81 -56.72
N TRP N 81 -38.68 13.96 -56.03
CA TRP N 81 -38.83 14.09 -54.59
C TRP N 81 -37.52 13.88 -53.84
N PHE N 82 -36.63 13.02 -54.36
CA PHE N 82 -35.35 12.79 -53.71
C PHE N 82 -34.30 13.79 -54.13
N GLU N 83 -34.65 14.77 -54.97
CA GLU N 83 -33.73 15.79 -55.42
C GLU N 83 -34.17 17.19 -55.01
N SER N 84 -35.11 17.31 -54.08
CA SER N 84 -35.63 18.58 -53.62
C SER N 84 -34.84 19.15 -52.44
N GLY N 85 -33.77 18.50 -52.02
CA GLY N 85 -32.98 18.94 -50.90
C GLY N 85 -33.03 17.97 -49.73
N VAL N 86 -33.78 16.88 -49.89
CA VAL N 86 -33.87 15.87 -48.83
C VAL N 86 -32.52 15.20 -48.66
N ILE N 87 -32.02 14.63 -49.74
CA ILE N 87 -30.74 13.94 -49.78
C ILE N 87 -29.83 14.73 -50.71
N PRO N 88 -28.95 15.56 -50.17
CA PRO N 88 -28.03 16.37 -51.01
C PRO N 88 -27.18 15.54 -51.97
N PRO N 89 -26.70 14.33 -51.61
CA PRO N 89 -25.93 13.57 -52.61
C PRO N 89 -26.76 13.19 -53.83
N ALA N 90 -28.07 13.03 -53.67
CA ALA N 90 -28.95 12.70 -54.79
C ALA N 90 -29.40 13.92 -55.56
N GLY N 91 -29.25 15.11 -55.00
CA GLY N 91 -29.65 16.35 -55.64
C GLY N 91 -30.23 17.30 -54.61
N SER N 92 -30.21 18.59 -54.94
CA SER N 92 -30.74 19.60 -54.03
C SER N 92 -31.25 20.78 -54.83
N TYR N 93 -32.14 21.54 -54.22
CA TYR N 93 -32.75 22.71 -54.81
C TYR N 93 -32.23 23.95 -54.08
N ASN N 94 -31.71 24.91 -54.83
CA ASN N 94 -31.17 26.14 -54.27
C ASN N 94 -32.10 27.33 -54.41
N GLY N 95 -33.35 27.12 -54.80
CA GLY N 95 -34.30 28.20 -54.96
C GLY N 95 -35.14 28.53 -53.75
N TYR N 96 -34.84 27.97 -52.59
CA TYR N 96 -35.62 28.26 -51.39
C TYR N 96 -35.23 29.62 -50.83
N TRP N 97 -36.01 30.10 -49.87
CA TRP N 97 -35.72 31.40 -49.27
C TRP N 97 -34.56 31.34 -48.29
N ALA N 98 -34.08 30.14 -47.94
CA ALA N 98 -32.95 29.99 -47.03
C ALA N 98 -32.34 28.62 -47.26
N ASP N 99 -31.21 28.38 -46.60
CA ASP N 99 -30.54 27.10 -46.72
C ASP N 99 -31.37 26.03 -46.02
N PRO N 100 -31.22 24.75 -46.42
CA PRO N 100 -32.02 23.69 -45.77
C PRO N 100 -31.79 23.51 -44.28
N TYR N 101 -30.65 23.93 -43.75
CA TYR N 101 -30.41 23.76 -42.31
C TYR N 101 -31.21 24.78 -41.50
N THR N 102 -31.37 25.99 -42.01
CA THR N 102 -32.16 27.01 -41.32
C THR N 102 -33.62 26.56 -41.24
N ILE N 103 -34.13 26.09 -42.38
CA ILE N 103 -35.49 25.58 -42.47
C ILE N 103 -35.64 24.35 -41.61
N PHE N 104 -34.58 23.54 -41.52
CA PHE N 104 -34.61 22.35 -40.68
C PHE N 104 -34.71 22.72 -39.20
N PHE N 105 -34.03 23.79 -38.79
CA PHE N 105 -34.13 24.21 -37.39
C PHE N 105 -35.53 24.70 -37.09
N VAL N 106 -36.14 25.42 -38.04
CA VAL N 106 -37.52 25.87 -37.87
C VAL N 106 -38.44 24.67 -37.74
N GLU N 107 -38.18 23.64 -38.56
CA GLU N 107 -38.96 22.41 -38.51
C GLU N 107 -38.73 21.68 -37.19
N ILE N 108 -37.52 21.76 -36.63
CA ILE N 108 -37.22 21.12 -35.36
C ILE N 108 -38.10 21.71 -34.26
N VAL N 109 -38.13 23.05 -34.18
CA VAL N 109 -38.94 23.71 -33.16
C VAL N 109 -40.42 23.42 -33.35
N ALA N 110 -40.89 23.56 -34.60
CA ALA N 110 -42.30 23.33 -34.93
C ALA N 110 -42.74 21.90 -34.64
N MET N 111 -41.97 20.92 -35.12
CA MET N 111 -42.29 19.52 -34.91
C MET N 111 -42.17 19.13 -33.45
N GLN N 112 -41.23 19.73 -32.71
CA GLN N 112 -41.13 19.37 -31.30
C GLN N 112 -42.36 19.84 -30.54
N PHE N 113 -42.83 21.06 -30.83
CA PHE N 113 -44.02 21.56 -30.17
C PHE N 113 -45.22 20.65 -30.47
N ALA N 114 -45.47 20.40 -31.76
CA ALA N 114 -46.61 19.57 -32.16
C ALA N 114 -46.52 18.12 -31.64
N GLU N 115 -45.39 17.46 -31.90
CA GLU N 115 -45.22 16.06 -31.51
C GLU N 115 -45.19 15.88 -29.99
N LEU N 116 -44.53 16.78 -29.26
CA LEU N 116 -44.48 16.61 -27.80
C LEU N 116 -45.85 16.85 -27.18
N ARG N 117 -46.62 17.82 -27.70
CA ARG N 117 -47.96 18.02 -27.15
C ARG N 117 -48.86 16.84 -27.48
N ARG N 118 -48.68 16.27 -28.68
CA ARG N 118 -49.44 15.09 -29.08
C ARG N 118 -49.11 13.90 -28.19
N LEU N 119 -47.83 13.74 -27.88
CA LEU N 119 -47.39 12.66 -27.00
C LEU N 119 -47.96 12.82 -25.61
N GLN N 120 -48.02 14.07 -25.13
CA GLN N 120 -48.59 14.28 -23.79
C GLN N 120 -50.08 14.00 -23.76
N ASP N 121 -50.78 14.24 -24.87
CA ASP N 121 -52.20 13.90 -24.87
C ASP N 121 -52.37 12.40 -24.89
N PHE N 122 -51.40 11.69 -25.48
CA PHE N 122 -51.49 10.23 -25.48
C PHE N 122 -51.17 9.67 -24.09
N ARG N 123 -50.12 10.20 -23.44
CA ARG N 123 -49.73 9.72 -22.12
C ARG N 123 -50.74 10.11 -21.05
N TYR N 124 -51.16 11.37 -21.05
CA TYR N 124 -52.15 11.89 -20.10
C TYR N 124 -53.32 12.39 -20.94
N PRO N 125 -54.39 11.60 -21.07
CA PRO N 125 -55.54 12.02 -21.88
C PRO N 125 -56.22 13.27 -21.31
N GLY N 126 -56.35 14.28 -22.16
CA GLY N 126 -56.96 15.54 -21.79
C GLY N 126 -56.05 16.53 -21.10
N SER N 127 -54.77 16.22 -20.93
CA SER N 127 -53.86 17.13 -20.26
C SER N 127 -53.50 18.35 -21.09
N MET N 128 -53.76 18.33 -22.40
CA MET N 128 -53.45 19.47 -23.24
C MET N 128 -54.54 20.52 -23.25
N GLY N 129 -55.61 20.31 -22.49
CA GLY N 129 -56.71 21.25 -22.41
C GLY N 129 -56.79 22.09 -21.14
N GLN N 130 -55.77 22.06 -20.28
CA GLN N 130 -55.80 22.85 -19.05
C GLN N 130 -54.75 23.94 -19.01
N GLN N 131 -53.48 23.62 -19.28
CA GLN N 131 -52.43 24.65 -19.23
C GLN N 131 -52.65 25.67 -20.33
N TYR N 132 -52.34 26.93 -20.01
CA TYR N 132 -52.52 28.03 -20.95
C TYR N 132 -51.60 27.91 -22.16
N PHE N 133 -52.21 27.98 -23.34
CA PHE N 133 -51.49 27.91 -24.61
C PHE N 133 -52.07 28.96 -25.56
N LEU N 134 -52.18 30.20 -25.08
CA LEU N 134 -52.74 31.34 -25.82
C LEU N 134 -54.18 31.10 -26.26
N GLY N 135 -54.95 30.40 -25.43
CA GLY N 135 -56.33 30.11 -25.75
C GLY N 135 -56.54 28.92 -26.64
N LEU N 136 -55.47 28.28 -27.11
CA LEU N 136 -55.58 27.12 -27.98
C LEU N 136 -55.88 25.83 -27.22
N GLU N 137 -55.84 25.86 -25.89
CA GLU N 137 -56.12 24.66 -25.11
C GLU N 137 -57.58 24.23 -25.20
N ALA N 138 -58.46 25.10 -25.69
CA ALA N 138 -59.88 24.76 -25.80
C ALA N 138 -60.13 23.72 -26.89
N ILE N 139 -59.19 23.53 -27.81
CA ILE N 139 -59.32 22.56 -28.89
C ILE N 139 -58.35 21.41 -28.75
N PHE N 140 -57.58 21.36 -27.66
CA PHE N 140 -56.61 20.30 -27.45
C PHE N 140 -57.05 19.32 -26.36
N LYS N 141 -58.34 19.32 -26.01
CA LYS N 141 -58.83 18.40 -25.00
C LYS N 141 -58.80 16.96 -25.48
N GLY N 142 -58.97 16.76 -26.80
CA GLY N 142 -58.96 15.44 -27.35
C GLY N 142 -60.20 14.66 -26.96
N SER N 143 -60.04 13.34 -26.91
CA SER N 143 -61.12 12.44 -26.54
C SER N 143 -60.50 11.24 -25.84
N GLY N 144 -61.26 10.15 -25.74
CA GLY N 144 -60.74 8.95 -25.09
C GLY N 144 -59.64 8.29 -25.90
N ASP N 145 -59.76 8.32 -27.22
CA ASP N 145 -58.78 7.71 -28.12
C ASP N 145 -57.77 8.75 -28.56
N ALA N 146 -56.48 8.48 -28.32
CA ALA N 146 -55.43 9.42 -28.72
C ALA N 146 -55.30 9.50 -30.23
N ALA N 147 -55.65 8.43 -30.93
CA ALA N 147 -55.57 8.40 -32.39
C ALA N 147 -56.62 9.27 -33.04
N TYR N 148 -57.73 9.55 -32.35
CA TYR N 148 -58.82 10.35 -32.89
C TYR N 148 -59.20 11.45 -31.88
N PRO N 149 -58.39 12.52 -31.79
CA PRO N 149 -58.70 13.59 -30.83
C PRO N 149 -59.94 14.40 -31.17
N GLY N 150 -60.05 14.87 -32.41
CA GLY N 150 -61.21 15.66 -32.77
C GLY N 150 -61.19 17.04 -32.15
N GLY N 151 -62.38 17.62 -32.04
CA GLY N 151 -62.52 18.94 -31.48
C GLY N 151 -62.91 19.95 -32.53
N PRO N 152 -62.92 21.24 -32.15
CA PRO N 152 -63.29 22.29 -33.11
C PRO N 152 -62.35 22.42 -34.29
N PHE N 153 -61.08 22.01 -34.17
CA PHE N 153 -60.14 22.12 -35.27
C PHE N 153 -59.84 20.78 -35.95
N PHE N 154 -59.55 19.74 -35.16
CA PHE N 154 -59.25 18.44 -35.75
C PHE N 154 -60.47 17.83 -36.44
N ASN N 155 -61.66 18.27 -36.04
CA ASN N 155 -62.93 17.87 -36.67
C ASN N 155 -63.56 19.23 -36.96
N LEU N 156 -63.10 19.84 -38.05
CA LEU N 156 -63.56 21.18 -38.42
C LEU N 156 -65.00 21.18 -38.91
N PHE N 157 -65.35 20.27 -39.80
CA PHE N 157 -66.68 20.22 -40.37
C PHE N 157 -67.62 19.26 -39.67
N ASN N 158 -67.20 18.70 -38.52
CA ASN N 158 -68.01 17.76 -37.73
C ASN N 158 -68.46 16.58 -38.57
N LEU N 159 -67.53 16.00 -39.31
CA LEU N 159 -67.83 14.87 -40.16
C LEU N 159 -67.89 13.58 -39.35
N GLY N 160 -68.81 12.71 -39.75
CA GLY N 160 -69.00 11.44 -39.06
C GLY N 160 -69.71 11.61 -37.73
N LYS N 161 -70.87 12.27 -37.75
CA LYS N 161 -71.63 12.47 -36.53
C LYS N 161 -72.16 11.15 -35.99
N THR N 162 -72.64 10.29 -36.87
CA THR N 162 -73.17 8.98 -36.49
C THR N 162 -72.00 8.05 -36.19
N GLU N 163 -72.25 7.07 -35.31
CA GLU N 163 -71.21 6.11 -34.95
C GLU N 163 -70.83 5.25 -36.16
N ALA N 164 -71.83 4.84 -36.95
CA ALA N 164 -71.58 4.03 -38.14
C ALA N 164 -70.80 4.83 -39.19
N ALA N 165 -71.14 6.12 -39.34
CA ALA N 165 -70.43 6.97 -40.30
C ALA N 165 -68.99 7.16 -39.87
N MET N 166 -68.76 7.31 -38.56
CA MET N 166 -67.40 7.47 -38.05
C MET N 166 -66.59 6.20 -38.28
N LYS N 167 -67.22 5.03 -38.07
CA LYS N 167 -66.53 3.76 -38.29
C LYS N 167 -66.18 3.59 -39.77
N GLU N 168 -67.12 3.96 -40.65
CA GLU N 168 -66.91 3.87 -42.09
C GLU N 168 -65.75 4.75 -42.53
N LEU N 169 -65.74 6.00 -42.05
CA LEU N 169 -64.68 6.94 -42.41
C LEU N 169 -63.34 6.50 -41.82
N LYS N 170 -63.35 5.88 -40.63
CA LYS N 170 -62.11 5.41 -40.02
C LYS N 170 -61.52 4.26 -40.85
N LEU N 171 -62.39 3.38 -41.34
CA LEU N 171 -61.93 2.28 -42.17
C LEU N 171 -61.36 2.82 -43.49
N LYS N 172 -62.02 3.83 -44.05
CA LYS N 172 -61.52 4.44 -45.29
C LYS N 172 -60.16 5.09 -45.07
N GLU N 173 -60.00 5.76 -43.91
CA GLU N 173 -58.74 6.41 -43.59
C GLU N 173 -57.60 5.42 -43.43
N ILE N 174 -57.85 4.32 -42.70
CA ILE N 174 -56.79 3.33 -42.49
C ILE N 174 -56.46 2.61 -43.79
N LYS N 175 -57.45 2.36 -44.66
CA LYS N 175 -57.14 1.70 -45.92
C LYS N 175 -56.35 2.61 -46.85
N ASN N 176 -56.74 3.88 -46.93
CA ASN N 176 -56.02 4.83 -47.76
C ASN N 176 -54.60 5.03 -47.24
N GLY N 177 -54.44 5.04 -45.92
CA GLY N 177 -53.12 5.19 -45.34
C GLY N 177 -52.22 3.99 -45.59
N ARG N 178 -52.78 2.78 -45.53
CA ARG N 178 -51.99 1.59 -45.81
C ARG N 178 -51.55 1.58 -47.26
N LEU N 179 -52.46 2.00 -48.16
CA LEU N 179 -52.12 2.08 -49.57
C LEU N 179 -51.01 3.11 -49.79
N ALA N 180 -51.09 4.23 -49.07
CA ALA N 180 -50.07 5.27 -49.19
C ALA N 180 -48.73 4.80 -48.63
N MET N 181 -48.75 3.98 -47.57
CA MET N 181 -47.52 3.45 -47.02
C MET N 181 -46.84 2.54 -48.03
N LEU N 182 -47.63 1.69 -48.69
CA LEU N 182 -47.08 0.82 -49.73
C LEU N 182 -46.56 1.65 -50.90
N ALA N 183 -47.25 2.76 -51.19
CA ALA N 183 -46.82 3.64 -52.27
C ALA N 183 -45.50 4.32 -51.93
N MET N 184 -45.31 4.70 -50.66
CA MET N 184 -44.05 5.34 -50.27
C MET N 184 -42.91 4.33 -50.34
N LEU N 185 -43.18 3.08 -49.96
CA LEU N 185 -42.16 2.04 -50.07
C LEU N 185 -41.80 1.82 -51.53
N GLY N 186 -42.81 1.84 -52.40
CA GLY N 186 -42.56 1.70 -53.83
C GLY N 186 -41.80 2.89 -54.39
N TYR N 187 -42.07 4.09 -53.87
CA TYR N 187 -41.38 5.30 -54.31
C TYR N 187 -39.90 5.19 -54.00
N GLY N 188 -39.58 4.77 -52.77
CA GLY N 188 -38.19 4.62 -52.39
C GLY N 188 -37.47 3.53 -53.17
N ALA N 189 -38.15 2.40 -53.38
CA ALA N 189 -37.55 1.30 -54.13
C ALA N 189 -37.34 1.67 -55.59
N GLN N 190 -38.27 2.44 -56.17
CA GLN N 190 -38.13 2.86 -57.56
C GLN N 190 -37.04 3.92 -57.68
N ALA N 191 -36.89 4.76 -56.65
CA ALA N 191 -35.85 5.77 -56.67
C ALA N 191 -34.48 5.12 -56.62
N VAL N 192 -34.33 4.08 -55.81
CA VAL N 192 -33.05 3.39 -55.74
C VAL N 192 -32.80 2.55 -56.99
N MET N 193 -33.85 1.91 -57.52
CA MET N 193 -33.72 1.05 -58.69
C MET N 193 -33.54 1.82 -59.99
N THR N 194 -34.53 2.63 -60.37
CA THR N 194 -34.46 3.36 -61.64
C THR N 194 -33.77 4.71 -61.55
N GLY N 195 -33.76 5.36 -60.38
CA GLY N 195 -33.13 6.65 -60.30
C GLY N 195 -33.93 7.77 -60.92
N LYS N 196 -35.23 7.56 -61.11
CA LYS N 196 -36.13 8.54 -61.71
C LYS N 196 -37.32 8.72 -60.78
N GLY N 197 -38.17 9.69 -61.14
CA GLY N 197 -39.36 9.99 -60.36
C GLY N 197 -40.41 8.92 -60.53
N PRO N 198 -41.37 8.85 -59.59
CA PRO N 198 -42.44 7.84 -59.71
C PRO N 198 -43.36 8.07 -60.89
N PHE N 199 -43.66 9.34 -61.21
CA PHE N 199 -44.53 9.63 -62.34
C PHE N 199 -43.84 9.26 -63.65
N GLN N 200 -42.53 9.49 -63.72
CA GLN N 200 -41.77 9.13 -64.92
C GLN N 200 -41.76 7.62 -65.09
N ASN N 201 -41.66 6.89 -63.98
CA ASN N 201 -41.69 5.42 -64.03
C ASN N 201 -43.04 4.93 -64.50
N LEU N 202 -44.12 5.57 -64.03
CA LEU N 202 -45.46 5.18 -64.46
C LEU N 202 -45.67 5.45 -65.95
N VAL N 203 -45.18 6.60 -66.42
CA VAL N 203 -45.32 6.94 -67.84
C VAL N 203 -44.52 5.97 -68.71
N GLU N 204 -43.28 5.68 -68.30
CA GLU N 204 -42.45 4.75 -69.05
C GLU N 204 -43.04 3.35 -69.06
N HIS N 205 -43.68 2.96 -67.95
CA HIS N 205 -44.29 1.64 -67.91
C HIS N 205 -45.55 1.60 -68.76
N LEU N 206 -46.30 2.70 -68.81
CA LEU N 206 -47.52 2.72 -69.62
C LEU N 206 -47.18 2.75 -71.11
N ALA N 207 -46.01 3.31 -71.47
CA ALA N 207 -45.63 3.36 -72.87
C ALA N 207 -45.27 1.98 -73.41
N ASP N 208 -44.56 1.18 -72.61
CA ASP N 208 -44.16 -0.17 -73.01
C ASP N 208 -44.06 -1.03 -71.76
N PRO N 209 -45.16 -1.66 -71.36
CA PRO N 209 -45.16 -2.48 -70.13
C PRO N 209 -44.24 -3.69 -70.15
N VAL N 210 -44.05 -4.33 -71.30
CA VAL N 210 -43.19 -5.51 -71.35
C VAL N 210 -41.72 -5.13 -71.18
N ASN N 211 -41.29 -4.04 -71.80
CA ASN N 211 -39.90 -3.61 -71.73
C ASN N 211 -39.61 -2.62 -70.61
N ASN N 212 -40.59 -2.31 -69.74
CA ASN N 212 -40.37 -1.36 -68.65
C ASN N 212 -41.04 -1.92 -67.40
N ASN N 213 -40.27 -2.67 -66.61
CA ASN N 213 -40.75 -3.29 -65.38
C ASN N 213 -39.54 -3.56 -64.49
N ILE N 214 -39.79 -4.20 -63.34
CA ILE N 214 -38.71 -4.50 -62.41
C ILE N 214 -37.75 -5.53 -62.99
N LEU N 215 -38.23 -6.36 -63.92
CA LEU N 215 -37.37 -7.38 -64.52
C LEU N 215 -36.35 -6.75 -65.47
N THR N 216 -36.80 -5.83 -66.32
CA THR N 216 -35.91 -5.17 -67.26
C THR N 216 -35.07 -4.07 -66.62
N ASN N 217 -35.44 -3.60 -65.44
CA ASN N 217 -34.69 -2.55 -64.75
C ASN N 217 -33.56 -3.11 -63.90
N PHE N 218 -33.38 -4.43 -63.86
CA PHE N 218 -32.30 -5.01 -63.08
C PHE N 218 -30.95 -4.65 -63.67
N GLY N 219 -30.86 -4.59 -64.99
CA GLY N 219 -29.63 -4.25 -65.68
C GLY N 219 -29.86 -3.42 -66.92
N VAL O 1 -52.00 22.59 -11.21
CA VAL O 1 -52.86 23.74 -11.51
C VAL O 1 -52.03 24.85 -12.16
N ARG O 2 -50.93 25.22 -11.51
CA ARG O 2 -50.06 26.25 -12.03
C ARG O 2 -49.33 25.74 -13.27
N PRO O 3 -48.94 26.64 -14.18
CA PRO O 3 -48.23 26.19 -15.38
C PRO O 3 -46.86 25.65 -15.03
N VAL O 4 -46.54 24.50 -15.63
CA VAL O 4 -45.26 23.83 -15.39
C VAL O 4 -44.41 23.98 -16.64
N TRP O 5 -43.15 23.55 -16.53
CA TRP O 5 -42.25 23.64 -17.66
C TRP O 5 -42.70 22.73 -18.80
N PHE O 6 -43.04 21.49 -18.51
CA PHE O 6 -43.45 20.59 -19.59
C PHE O 6 -44.92 20.25 -19.36
N PRO O 7 -45.83 20.85 -20.12
CA PRO O 7 -47.28 20.63 -19.91
C PRO O 7 -47.70 19.17 -19.98
N GLY O 8 -48.59 18.81 -19.04
CA GLY O 8 -49.09 17.47 -18.92
C GLY O 8 -48.41 16.66 -17.84
N ASN O 9 -47.16 16.95 -17.51
CA ASN O 9 -46.45 16.22 -16.48
C ASN O 9 -46.70 16.87 -15.13
N PRO O 10 -46.99 16.09 -14.09
CA PRO O 10 -47.21 16.68 -12.77
C PRO O 10 -45.91 17.22 -12.20
N PRO O 11 -45.95 18.31 -11.45
CA PRO O 11 -44.72 18.86 -10.87
C PRO O 11 -44.21 17.97 -9.75
N PRO O 12 -42.93 18.04 -9.42
CA PRO O 12 -42.38 17.20 -8.34
C PRO O 12 -42.94 17.61 -7.00
N ALA O 13 -42.82 16.69 -6.04
CA ALA O 13 -43.34 16.94 -4.69
C ALA O 13 -42.52 18.00 -3.95
N HIS O 14 -41.25 18.14 -4.29
CA HIS O 14 -40.45 19.15 -3.59
C HIS O 14 -40.61 20.55 -4.16
N LEU O 15 -41.42 20.72 -5.21
CA LEU O 15 -41.67 22.02 -5.82
C LEU O 15 -43.19 22.22 -5.78
N ASP O 16 -43.66 22.95 -4.77
CA ASP O 16 -45.09 23.20 -4.57
C ASP O 16 -45.57 24.58 -5.02
N GLY O 17 -44.76 25.32 -5.77
CA GLY O 17 -45.17 26.63 -6.23
C GLY O 17 -45.02 27.76 -5.23
N SER O 18 -44.38 27.53 -4.08
CA SER O 18 -44.22 28.59 -3.10
C SER O 18 -43.10 29.55 -3.49
N LEU O 19 -42.02 29.05 -4.10
CA LEU O 19 -40.91 29.90 -4.49
C LEU O 19 -41.23 30.67 -5.77
N ALA O 20 -40.46 31.73 -5.99
CA ALA O 20 -40.66 32.55 -7.18
C ALA O 20 -40.14 31.84 -8.42
N GLY O 21 -40.91 31.91 -9.50
CA GLY O 21 -40.54 31.26 -10.74
C GLY O 21 -40.57 29.75 -10.66
N ASP O 22 -41.51 29.20 -9.90
CA ASP O 22 -41.65 27.76 -9.75
C ASP O 22 -42.44 27.20 -10.93
N TYR O 23 -41.81 26.32 -11.70
CA TYR O 23 -42.44 25.68 -12.85
C TYR O 23 -42.25 24.17 -12.80
N GLY O 24 -41.87 23.63 -11.64
CA GLY O 24 -41.67 22.20 -11.49
C GLY O 24 -40.56 21.64 -12.34
N PHE O 25 -39.51 22.41 -12.59
CA PHE O 25 -38.40 21.98 -13.42
C PHE O 25 -37.25 21.46 -12.53
N ASP O 26 -37.19 20.15 -12.40
CA ASP O 26 -36.16 19.45 -11.64
C ASP O 26 -36.15 17.98 -12.05
N PRO O 27 -35.77 17.65 -13.29
CA PRO O 27 -35.78 16.23 -13.68
C PRO O 27 -34.70 15.40 -13.02
N LEU O 28 -33.60 16.03 -12.61
CA LEU O 28 -32.51 15.32 -11.96
C LEU O 28 -32.65 15.29 -10.45
N PHE O 29 -33.69 15.93 -9.90
CA PHE O 29 -33.97 15.99 -8.46
C PHE O 29 -32.79 16.53 -7.66
N LEU O 30 -32.14 17.56 -8.20
CA LEU O 30 -30.99 18.16 -7.51
C LEU O 30 -31.40 18.86 -6.22
N GLY O 31 -32.55 19.53 -6.24
CA GLY O 31 -33.03 20.24 -5.06
C GLY O 31 -34.13 19.51 -4.33
N GLN O 32 -34.03 18.18 -4.26
CA GLN O 32 -35.05 17.38 -3.58
C GLN O 32 -35.00 17.60 -2.07
N GLU O 33 -33.81 17.75 -1.51
CA GLU O 33 -33.68 17.96 -0.07
C GLU O 33 -34.02 19.42 0.26
N PRO O 34 -34.68 19.67 1.40
CA PRO O 34 -35.04 21.06 1.75
C PRO O 34 -33.88 22.01 1.94
N GLN O 35 -32.85 21.62 2.70
CA GLN O 35 -31.70 22.49 2.91
C GLN O 35 -30.95 22.72 1.61
N THR O 36 -30.81 21.66 0.81
CA THR O 36 -30.14 21.78 -0.48
C THR O 36 -30.94 22.67 -1.41
N LEU O 37 -32.27 22.60 -1.33
CA LEU O 37 -33.12 23.45 -2.15
C LEU O 37 -32.97 24.90 -1.75
N LYS O 38 -32.89 25.18 -0.44
CA LYS O 38 -32.70 26.55 0.04
C LYS O 38 -31.37 27.11 -0.44
N TRP O 39 -30.32 26.31 -0.35
CA TRP O 39 -29.00 26.71 -0.82
C TRP O 39 -29.02 26.98 -2.33
N TYR O 40 -29.72 26.13 -3.08
CA TYR O 40 -29.81 26.31 -4.51
C TYR O 40 -30.64 27.53 -4.87
N VAL O 41 -31.64 27.89 -4.06
CA VAL O 41 -32.44 29.08 -4.31
C VAL O 41 -31.56 30.31 -4.19
N GLN O 42 -30.73 30.35 -3.13
CA GLN O 42 -29.82 31.49 -2.98
C GLN O 42 -28.80 31.52 -4.10
N ALA O 43 -28.33 30.34 -4.54
CA ALA O 43 -27.37 30.28 -5.63
C ALA O 43 -27.96 30.79 -6.94
N GLU O 44 -29.21 30.41 -7.22
CA GLU O 44 -29.88 30.85 -8.43
C GLU O 44 -30.13 32.36 -8.39
N LEU O 45 -30.49 32.89 -7.22
CA LEU O 45 -30.72 34.33 -7.11
C LEU O 45 -29.43 35.11 -7.34
N VAL O 46 -28.33 34.64 -6.75
CA VAL O 46 -27.04 35.31 -6.92
C VAL O 46 -26.60 35.24 -8.39
N HIS O 47 -26.78 34.06 -9.01
CA HIS O 47 -26.43 33.88 -10.41
C HIS O 47 -27.25 34.79 -11.30
N GLY O 48 -28.55 34.88 -11.04
CA GLY O 48 -29.40 35.73 -11.85
C GLY O 48 -29.06 37.20 -11.72
N ARG O 49 -28.77 37.66 -10.50
CA ARG O 49 -28.43 39.07 -10.31
C ARG O 49 -27.09 39.40 -10.98
N PHE O 50 -26.10 38.51 -10.85
CA PHE O 50 -24.81 38.76 -11.49
C PHE O 50 -24.94 38.71 -13.01
N ALA O 51 -25.77 37.80 -13.53
CA ALA O 51 -25.98 37.72 -14.96
C ALA O 51 -26.75 38.93 -15.47
N MET O 52 -27.66 39.47 -14.66
CA MET O 52 -28.41 40.65 -15.07
C MET O 52 -27.48 41.85 -15.18
N LEU O 53 -26.59 42.01 -14.18
CA LEU O 53 -25.62 43.10 -14.23
C LEU O 53 -24.67 42.93 -15.41
N GLY O 54 -24.20 41.70 -15.63
CA GLY O 54 -23.30 41.45 -16.75
C GLY O 54 -23.95 41.69 -18.10
N ALA O 55 -25.19 41.24 -18.26
CA ALA O 55 -25.90 41.44 -19.53
C ALA O 55 -26.16 42.91 -19.78
N ALA O 56 -26.57 43.66 -18.75
CA ALA O 56 -26.81 45.10 -18.93
C ALA O 56 -25.51 45.82 -19.29
N GLY O 57 -24.42 45.48 -18.63
CA GLY O 57 -23.15 46.12 -18.93
C GLY O 57 -22.64 45.79 -20.32
N ILE O 58 -22.80 44.51 -20.73
CA ILE O 58 -22.37 44.09 -22.07
C ILE O 58 -23.20 44.81 -23.13
N ILE O 59 -24.51 44.91 -22.93
CA ILE O 59 -25.38 45.57 -23.89
C ILE O 59 -25.03 47.05 -23.99
N LEU O 60 -24.82 47.71 -22.85
CA LEU O 60 -24.49 49.14 -22.88
C LEU O 60 -23.14 49.40 -23.55
N THR O 61 -22.13 48.58 -23.23
CA THR O 61 -20.82 48.76 -23.84
C THR O 61 -20.86 48.45 -25.33
N SER O 62 -21.66 47.46 -25.73
CA SER O 62 -21.78 47.14 -27.15
C SER O 62 -22.51 48.25 -27.89
N ILE O 63 -23.46 48.89 -27.22
CA ILE O 63 -24.18 50.01 -27.82
C ILE O 63 -23.22 51.16 -28.05
N GLY O 64 -22.35 51.42 -27.06
CA GLY O 64 -21.37 52.48 -27.21
C GLY O 64 -20.30 52.14 -28.24
N ALA O 65 -20.03 50.84 -28.42
CA ALA O 65 -19.03 50.43 -29.39
C ALA O 65 -19.57 50.50 -30.82
N LYS O 66 -20.88 50.24 -30.99
CA LYS O 66 -21.47 50.30 -32.32
C LYS O 66 -21.53 51.72 -32.85
N VAL O 67 -21.83 52.68 -31.97
CA VAL O 67 -21.91 54.08 -32.38
C VAL O 67 -20.47 54.58 -32.19
N GLY O 68 -20.11 55.71 -32.79
CA GLY O 68 -18.76 56.21 -32.63
C GLY O 68 -18.45 56.82 -31.27
N LEU O 69 -18.41 55.98 -30.22
CA LEU O 69 -18.09 56.45 -28.87
C LEU O 69 -16.77 55.95 -28.34
N GLY O 70 -16.11 55.02 -29.04
CA GLY O 70 -14.82 54.52 -28.62
C GLY O 70 -14.85 53.42 -27.57
N PHE O 71 -16.01 52.84 -27.30
CA PHE O 71 -16.08 51.77 -26.32
C PHE O 71 -15.50 50.48 -26.88
N PRO O 72 -14.87 49.66 -26.04
CA PRO O 72 -14.31 48.39 -26.51
C PRO O 72 -15.34 47.27 -26.33
N GLU O 73 -15.00 46.11 -26.91
CA GLU O 73 -15.88 44.96 -26.79
C GLU O 73 -15.74 44.37 -25.39
N TRP O 74 -16.72 43.54 -25.01
CA TRP O 74 -16.69 42.92 -23.68
C TRP O 74 -15.54 41.94 -23.54
N TYR O 75 -15.08 41.33 -24.62
CA TYR O 75 -13.99 40.37 -24.55
C TYR O 75 -12.61 41.04 -24.59
N ASP O 76 -12.56 42.37 -24.70
CA ASP O 76 -11.31 43.13 -24.72
C ASP O 76 -11.32 44.27 -23.72
N ALA O 77 -12.45 44.48 -23.02
CA ALA O 77 -12.56 45.59 -22.07
C ALA O 77 -11.58 45.46 -20.92
N GLY O 78 -11.35 44.24 -20.43
CA GLY O 78 -10.42 44.06 -19.32
C GLY O 78 -9.01 44.49 -19.69
N LYS O 79 -8.53 44.05 -20.86
CA LYS O 79 -7.22 44.42 -21.32
C LYS O 79 -7.11 45.91 -21.60
N VAL O 80 -8.16 46.49 -22.20
CA VAL O 80 -8.16 47.92 -22.51
C VAL O 80 -8.12 48.75 -21.23
N VAL O 81 -8.88 48.34 -20.20
CA VAL O 81 -8.89 49.08 -18.94
C VAL O 81 -7.57 48.95 -18.20
N VAL O 82 -7.01 47.74 -18.15
CA VAL O 82 -5.75 47.53 -17.44
C VAL O 82 -4.58 48.21 -18.17
N GLU O 83 -4.62 48.32 -19.49
CA GLU O 83 -3.52 48.96 -20.19
C GLU O 83 -3.68 50.47 -20.36
N LYS O 84 -4.91 50.95 -20.54
CA LYS O 84 -5.14 52.38 -20.71
C LYS O 84 -4.83 53.16 -19.43
N ASN O 85 -5.25 52.62 -18.29
CA ASN O 85 -5.01 53.23 -16.98
C ASN O 85 -3.92 52.42 -16.29
N ASN O 86 -3.06 53.09 -15.53
CA ASN O 86 -1.99 52.39 -14.82
C ASN O 86 -2.61 51.63 -13.66
N ILE O 87 -3.19 50.47 -13.98
CA ILE O 87 -3.85 49.60 -13.01
C ILE O 87 -3.17 48.25 -13.01
N ASP O 88 -2.72 47.81 -11.83
CA ASP O 88 -2.09 46.52 -11.69
C ASP O 88 -3.17 45.45 -11.57
N PHE O 89 -3.12 44.44 -12.44
CA PHE O 89 -4.12 43.39 -12.43
C PHE O 89 -4.15 42.58 -11.13
N PRO O 90 -3.03 42.09 -10.57
CA PRO O 90 -3.15 41.34 -9.30
C PRO O 90 -3.66 42.17 -8.14
N THR O 91 -3.34 43.47 -8.12
CA THR O 91 -3.82 44.34 -7.05
C THR O 91 -5.34 44.46 -7.12
N LEU O 92 -5.88 44.65 -8.33
CA LEU O 92 -7.32 44.74 -8.51
C LEU O 92 -8.00 43.42 -8.13
N MET O 93 -7.35 42.30 -8.48
CA MET O 93 -7.88 40.99 -8.12
C MET O 93 -7.96 40.82 -6.60
N VAL O 94 -6.90 41.22 -5.90
CA VAL O 94 -6.86 41.10 -4.45
C VAL O 94 -7.90 42.02 -3.79
N ILE O 95 -8.05 43.25 -4.29
CA ILE O 95 -9.03 44.18 -3.72
C ILE O 95 -10.44 43.64 -3.89
N GLN O 96 -10.75 43.14 -5.10
CA GLN O 96 -12.07 42.58 -5.37
C GLN O 96 -12.31 41.35 -4.52
N PHE O 97 -11.28 40.51 -4.35
CA PHE O 97 -11.45 39.30 -3.55
C PHE O 97 -11.65 39.66 -2.08
N TYR O 98 -11.02 40.75 -1.61
CA TYR O 98 -11.21 41.17 -0.23
C TYR O 98 -12.64 41.63 0.02
N LEU O 99 -13.13 42.54 -0.84
CA LEU O 99 -14.49 43.06 -0.68
C LEU O 99 -15.53 41.97 -0.89
N MET O 100 -15.37 41.15 -1.92
CA MET O 100 -16.30 40.07 -2.18
C MET O 100 -16.23 39.02 -1.08
N GLY O 101 -15.04 38.79 -0.51
CA GLY O 101 -14.92 37.84 0.58
C GLY O 101 -15.67 38.29 1.80
N TRP O 102 -15.58 39.58 2.11
CA TRP O 102 -16.30 40.11 3.28
C TRP O 102 -17.81 40.00 3.08
N ALA O 103 -18.31 40.47 1.93
CA ALA O 103 -19.74 40.43 1.65
C ALA O 103 -20.27 39.00 1.57
N GLU O 104 -19.56 38.13 0.85
CA GLU O 104 -20.00 36.74 0.71
C GLU O 104 -19.89 35.97 2.01
N THR O 105 -18.89 36.25 2.84
CA THR O 105 -18.77 35.55 4.11
C THR O 105 -19.91 35.95 5.04
N LYS O 106 -20.28 37.24 5.02
CA LYS O 106 -21.39 37.67 5.86
C LYS O 106 -22.69 37.02 5.38
N ARG O 107 -22.88 36.95 4.06
CA ARG O 107 -24.07 36.32 3.49
C ARG O 107 -24.10 34.81 3.80
N TRP O 108 -22.93 34.17 3.75
CA TRP O 108 -22.83 32.74 4.03
C TRP O 108 -23.18 32.43 5.48
N TYR O 109 -22.60 33.18 6.41
CA TYR O 109 -22.90 32.92 7.81
C TYR O 109 -24.30 33.34 8.17
N ASP O 110 -24.91 34.23 7.37
CA ASP O 110 -26.30 34.54 7.63
C ASP O 110 -27.18 33.41 7.12
N PHE O 111 -26.72 32.72 6.08
CA PHE O 111 -27.49 31.57 5.59
C PHE O 111 -27.41 30.43 6.58
N LYS O 112 -26.23 30.22 7.19
CA LYS O 112 -26.08 29.16 8.16
C LYS O 112 -26.86 29.46 9.44
N ASN O 113 -26.83 30.73 9.87
CA ASN O 113 -27.52 31.19 11.08
C ASN O 113 -28.31 32.43 10.68
N PRO O 114 -29.60 32.30 10.41
CA PRO O 114 -30.41 33.45 10.01
C PRO O 114 -30.53 34.50 11.11
N GLY O 115 -30.34 35.76 10.71
CA GLY O 115 -30.42 36.88 11.62
C GLY O 115 -29.21 37.05 12.52
N SER O 116 -28.15 36.26 12.32
CA SER O 116 -26.97 36.34 13.15
C SER O 116 -26.11 37.57 12.85
N GLN O 117 -26.26 38.17 11.68
CA GLN O 117 -25.47 39.35 11.34
C GLN O 117 -26.11 40.63 11.85
N ALA O 118 -27.24 40.52 12.56
CA ALA O 118 -27.97 41.64 13.11
C ALA O 118 -27.61 41.92 14.56
N ASP O 119 -26.59 41.25 15.10
CA ASP O 119 -26.21 41.45 16.49
C ASP O 119 -25.55 42.80 16.73
N GLY O 120 -25.00 43.44 15.70
CA GLY O 120 -24.36 44.72 15.85
C GLY O 120 -22.85 44.68 15.96
N SER O 121 -22.24 43.53 15.68
CA SER O 121 -20.79 43.41 15.75
C SER O 121 -20.08 44.10 14.61
N PHE O 122 -20.80 44.50 13.57
CA PHE O 122 -20.22 45.19 12.40
C PHE O 122 -20.64 46.65 12.46
N LEU O 123 -19.78 47.48 13.07
CA LEU O 123 -19.93 48.92 13.23
C LEU O 123 -21.22 49.35 13.93
N GLY O 124 -21.88 48.44 14.65
CA GLY O 124 -23.10 48.77 15.35
C GLY O 124 -24.38 48.64 14.55
N PHE O 125 -24.30 48.28 13.26
CA PHE O 125 -25.50 48.13 12.45
C PHE O 125 -26.24 46.86 12.85
N THR O 126 -27.55 46.99 13.12
CA THR O 126 -28.34 45.83 13.52
C THR O 126 -29.46 45.49 12.54
N GLU O 127 -30.40 46.41 12.28
CA GLU O 127 -31.52 46.12 11.40
C GLU O 127 -31.14 46.05 9.92
N GLU O 128 -29.99 46.61 9.53
CA GLU O 128 -29.60 46.59 8.13
C GLU O 128 -29.11 45.23 7.64
N PHE O 129 -28.86 44.27 8.54
CA PHE O 129 -28.36 42.96 8.13
C PHE O 129 -29.18 41.83 8.75
N LYS O 130 -30.44 42.09 9.11
CA LYS O 130 -31.27 41.04 9.70
C LYS O 130 -31.71 40.02 8.65
N GLY O 131 -32.07 40.49 7.46
CA GLY O 131 -32.51 39.61 6.41
C GLY O 131 -33.99 39.29 6.50
N LEU O 132 -34.71 39.45 5.39
CA LEU O 132 -36.14 39.17 5.37
C LEU O 132 -36.42 37.69 5.13
N GLU O 133 -35.97 37.17 3.99
CA GLU O 133 -36.15 35.77 3.63
C GLU O 133 -34.81 35.24 3.12
N ASN O 134 -34.81 33.97 2.73
CA ASN O 134 -33.59 33.36 2.20
C ASN O 134 -33.34 33.89 0.80
N GLY O 135 -32.20 34.53 0.61
CA GLY O 135 -31.87 35.11 -0.68
C GLY O 135 -32.52 36.45 -0.93
N TYR O 136 -33.28 36.97 0.02
CA TYR O 136 -33.96 38.26 -0.09
C TYR O 136 -33.63 39.08 1.14
N PRO O 137 -32.45 39.73 1.16
CA PRO O 137 -32.01 40.53 2.33
C PRO O 137 -32.56 41.96 2.41
N GLY O 138 -33.76 42.09 2.94
CA GLY O 138 -34.37 43.39 3.08
C GLY O 138 -33.71 44.26 4.13
N GLY O 139 -33.99 45.54 4.05
CA GLY O 139 -33.43 46.51 4.97
C GLY O 139 -33.26 47.84 4.28
N ARG O 140 -32.77 48.81 5.07
CA ARG O 140 -32.57 50.16 4.55
C ARG O 140 -31.37 50.26 3.61
N PHE O 141 -30.42 49.32 3.70
CA PHE O 141 -29.25 49.35 2.84
C PHE O 141 -29.49 48.68 1.50
N PHE O 142 -29.92 47.42 1.52
CA PHE O 142 -30.16 46.69 0.27
C PHE O 142 -31.46 47.11 -0.41
N ASP O 143 -32.43 47.61 0.35
CA ASP O 143 -33.71 48.05 -0.20
C ASP O 143 -34.03 49.44 0.34
N PRO O 144 -33.31 50.48 -0.11
CA PRO O 144 -33.58 51.83 0.41
C PRO O 144 -34.96 52.37 0.04
N MET O 145 -35.56 51.91 -1.05
CA MET O 145 -36.88 52.39 -1.44
C MET O 145 -38.00 51.70 -0.69
N GLY O 146 -37.71 50.62 0.02
CA GLY O 146 -38.73 49.90 0.78
C GLY O 146 -39.80 49.23 -0.05
N LEU O 147 -39.43 48.68 -1.20
CA LEU O 147 -40.41 48.00 -2.04
C LEU O 147 -40.75 46.61 -1.53
N SER O 148 -39.96 46.08 -0.60
CA SER O 148 -40.21 44.76 -0.04
C SER O 148 -40.98 44.82 1.27
N ARG O 149 -41.14 46.00 1.86
CA ARG O 149 -41.86 46.18 3.11
C ARG O 149 -43.11 47.02 2.90
N GLY O 150 -43.83 46.73 1.83
CA GLY O 150 -45.05 47.42 1.48
C GLY O 150 -45.67 46.79 0.25
N ASP O 151 -46.98 46.54 0.29
CA ASP O 151 -47.75 45.93 -0.80
C ASP O 151 -47.18 44.55 -1.16
N ALA O 152 -47.42 43.60 -0.25
CA ALA O 152 -46.99 42.20 -0.34
C ALA O 152 -47.23 41.56 -1.71
N ALA O 153 -48.38 41.84 -2.32
CA ALA O 153 -48.68 41.28 -3.64
C ALA O 153 -47.70 41.83 -4.68
N LYS O 154 -47.39 43.13 -4.60
CA LYS O 154 -46.43 43.73 -5.53
C LYS O 154 -45.05 43.16 -5.28
N TYR O 155 -44.74 42.84 -4.02
CA TYR O 155 -43.45 42.25 -3.68
C TYR O 155 -43.31 40.86 -4.29
N GLN O 156 -44.39 40.07 -4.24
CA GLN O 156 -44.35 38.73 -4.85
C GLN O 156 -44.23 38.83 -6.37
N GLU O 157 -44.93 39.79 -6.96
CA GLU O 157 -44.85 39.99 -8.42
C GLU O 157 -43.44 40.40 -8.82
N TYR O 158 -42.81 41.27 -8.02
CA TYR O 158 -41.44 41.68 -8.31
C TYR O 158 -40.47 40.51 -8.12
N LYS O 159 -40.77 39.60 -7.19
CA LYS O 159 -39.92 38.43 -7.00
C LYS O 159 -39.96 37.55 -8.23
N GLN O 160 -41.17 37.35 -8.77
CA GLN O 160 -41.32 36.55 -9.99
C GLN O 160 -40.60 37.21 -11.16
N LYS O 161 -40.73 38.53 -11.28
CA LYS O 161 -40.07 39.27 -12.35
C LYS O 161 -38.55 39.16 -12.22
N GLU O 162 -38.04 39.23 -11.00
CA GLU O 162 -36.61 39.15 -10.77
C GLU O 162 -36.04 37.79 -11.14
N VAL O 163 -36.71 36.71 -10.71
CA VAL O 163 -36.18 35.39 -11.02
C VAL O 163 -36.27 35.10 -12.52
N LYS O 164 -37.35 35.54 -13.18
CA LYS O 164 -37.47 35.30 -14.62
C LYS O 164 -36.44 36.11 -15.40
N ASN O 165 -36.23 37.37 -15.01
CA ASN O 165 -35.24 38.20 -15.68
C ASN O 165 -33.84 37.66 -15.43
N GLY O 166 -33.59 37.10 -14.24
CA GLY O 166 -32.29 36.53 -13.95
C GLY O 166 -32.00 35.30 -14.80
N ARG O 167 -33.02 34.45 -14.98
CA ARG O 167 -32.83 33.27 -15.83
C ARG O 167 -32.60 33.67 -17.28
N LEU O 168 -33.34 34.68 -17.75
CA LEU O 168 -33.16 35.17 -19.12
C LEU O 168 -31.78 35.77 -19.30
N ALA O 169 -31.28 36.47 -18.27
CA ALA O 169 -29.96 37.07 -18.34
C ALA O 169 -28.88 36.00 -18.33
N MET O 170 -29.10 34.89 -17.61
CA MET O 170 -28.12 33.81 -17.61
C MET O 170 -28.04 33.19 -19.00
N ILE O 171 -29.20 33.00 -19.64
CA ILE O 171 -29.23 32.47 -21.00
C ILE O 171 -28.56 33.45 -21.96
N ALA O 172 -28.75 34.75 -21.72
CA ALA O 172 -28.13 35.78 -22.55
C ALA O 172 -26.62 35.77 -22.42
N CYS O 173 -26.10 35.58 -21.21
CA CYS O 173 -24.66 35.53 -21.01
C CYS O 173 -24.07 34.31 -21.69
N LEU O 174 -24.79 33.18 -21.62
CA LEU O 174 -24.32 31.98 -22.31
C LEU O 174 -24.33 32.22 -23.81
N GLY O 175 -25.33 32.96 -24.30
CA GLY O 175 -25.39 33.29 -25.71
C GLY O 175 -24.25 34.21 -26.13
N PHE O 176 -23.85 35.12 -25.24
CA PHE O 176 -22.74 36.02 -25.54
C PHE O 176 -21.45 35.21 -25.68
N ALA O 177 -21.24 34.27 -24.75
CA ALA O 177 -20.04 33.44 -24.79
C ALA O 177 -20.01 32.57 -26.05
N ALA O 178 -21.15 31.94 -26.38
CA ALA O 178 -21.21 31.09 -27.56
C ALA O 178 -21.05 31.90 -28.85
N GLN O 179 -21.66 33.09 -28.91
CA GLN O 179 -21.55 33.92 -30.11
C GLN O 179 -20.14 34.40 -30.31
N TYR O 180 -19.44 34.75 -29.23
CA TYR O 180 -18.05 35.18 -29.40
C TYR O 180 -17.16 34.00 -29.76
N ALA O 181 -17.46 32.82 -29.22
CA ALA O 181 -16.65 31.65 -29.53
C ALA O 181 -16.87 31.17 -30.96
N ALA O 182 -18.06 31.43 -31.53
CA ALA O 182 -18.33 30.98 -32.89
C ALA O 182 -18.05 32.05 -33.95
N THR O 183 -18.73 33.19 -33.87
CA THR O 183 -18.54 34.25 -34.86
C THR O 183 -17.28 35.07 -34.62
N GLY O 184 -16.87 35.26 -33.38
CA GLY O 184 -15.68 36.05 -33.10
C GLY O 184 -15.90 37.55 -33.04
N LYS O 185 -17.13 38.02 -33.11
CA LYS O 185 -17.46 39.44 -33.07
C LYS O 185 -18.32 39.73 -31.83
N GLY O 186 -18.67 41.00 -31.67
CA GLY O 186 -19.49 41.44 -30.56
C GLY O 186 -20.93 41.02 -30.71
N PRO O 187 -21.70 41.06 -29.61
CA PRO O 187 -23.12 40.66 -29.70
C PRO O 187 -23.95 41.58 -30.57
N LEU O 188 -23.74 42.90 -30.49
CA LEU O 188 -24.51 43.79 -31.35
C LEU O 188 -24.08 43.67 -32.79
N ASP O 189 -22.83 43.28 -33.04
CA ASP O 189 -22.37 43.07 -34.40
C ASP O 189 -23.10 41.88 -35.00
N ASN O 190 -23.32 40.84 -34.17
CA ASN O 190 -24.07 39.67 -34.62
C ASN O 190 -25.53 40.04 -34.87
N LEU O 191 -26.09 40.90 -34.00
CA LEU O 191 -27.47 41.33 -34.18
C LEU O 191 -27.64 42.14 -35.46
N ALA O 192 -26.68 43.03 -35.75
CA ALA O 192 -26.75 43.83 -36.97
C ALA O 192 -26.57 42.96 -38.21
N ASP O 193 -25.65 41.98 -38.14
CA ASP O 193 -25.43 41.07 -39.25
C ASP O 193 -26.67 40.24 -39.51
N HIS O 194 -27.38 39.87 -38.44
CA HIS O 194 -28.59 39.08 -38.61
C HIS O 194 -29.72 39.94 -39.17
N LEU O 195 -29.83 41.19 -38.71
CA LEU O 195 -30.88 42.06 -39.22
C LEU O 195 -30.64 42.43 -40.67
N ALA O 196 -29.38 42.40 -41.13
CA ALA O 196 -29.10 42.71 -42.51
C ALA O 196 -29.60 41.62 -43.45
N ASP O 197 -29.47 40.36 -43.03
CA ASP O 197 -29.91 39.21 -43.84
C ASP O 197 -30.22 38.06 -42.90
N PRO O 198 -31.46 38.01 -42.39
CA PRO O 198 -31.82 36.93 -41.45
C PRO O 198 -31.90 35.55 -42.07
N ASN O 199 -32.13 35.44 -43.38
CA ASN O 199 -32.26 34.13 -44.00
C ASN O 199 -30.91 33.47 -44.25
N HIS O 200 -29.82 34.23 -44.28
CA HIS O 200 -28.52 33.65 -44.57
C HIS O 200 -27.45 33.95 -43.53
N VAL O 201 -27.75 34.76 -42.51
CA VAL O 201 -26.78 35.08 -41.47
C VAL O 201 -27.38 34.63 -40.15
N ASN O 202 -27.09 33.40 -39.75
CA ASN O 202 -27.60 32.83 -38.51
C ASN O 202 -26.64 31.74 -38.07
N PHE O 203 -27.05 30.96 -37.06
CA PHE O 203 -26.19 29.89 -36.56
C PHE O 203 -26.13 28.73 -37.54
N ALA O 204 -27.09 28.62 -38.45
CA ALA O 204 -27.07 27.52 -39.41
C ALA O 204 -26.12 27.80 -40.58
N THR O 205 -25.57 29.01 -40.66
CA THR O 205 -24.65 29.38 -41.74
C THR O 205 -23.30 29.89 -41.24
N ASN O 206 -23.04 29.88 -39.93
CA ASN O 206 -21.76 30.36 -39.44
C ASN O 206 -20.62 29.39 -39.69
N GLY O 207 -20.92 28.14 -40.03
CA GLY O 207 -19.90 27.15 -40.29
C GLY O 207 -19.30 26.50 -39.06
N VAL O 208 -19.78 26.87 -37.86
CA VAL O 208 -19.25 26.31 -36.62
C VAL O 208 -20.31 25.53 -35.86
N SER O 209 -21.53 26.07 -35.77
CA SER O 209 -22.60 25.39 -35.04
C SER O 209 -22.96 24.06 -35.69
N ILE O 210 -23.27 24.07 -36.97
CA ILE O 210 -23.62 22.83 -37.65
C ILE O 210 -22.42 22.40 -38.50
N PRO O 211 -21.66 21.39 -38.08
CA PRO O 211 -20.48 20.98 -38.86
C PRO O 211 -20.83 20.30 -40.17
N ILE O 212 -22.01 19.71 -40.28
CA ILE O 212 -22.40 19.02 -41.51
C ILE O 212 -23.07 19.97 -42.50
N ALA O 213 -23.08 21.26 -42.23
CA ALA O 213 -23.69 22.24 -43.13
C ALA O 213 -22.65 22.84 -44.06
N ARG P 1 -21.75 38.97 23.70
CA ARG P 1 -20.68 38.03 23.47
C ARG P 1 -19.98 38.29 22.15
N GLN P 2 -18.78 38.86 22.22
CA GLN P 2 -18.01 39.15 21.01
C GLN P 2 -17.50 37.86 20.41
N SER P 3 -17.59 37.75 19.09
CA SER P 3 -17.17 36.55 18.38
C SER P 3 -16.24 36.91 17.23
N TRP P 4 -15.34 35.97 16.93
CA TRP P 4 -14.41 36.13 15.82
C TRP P 4 -15.07 35.85 14.48
N LEU P 5 -16.31 35.40 14.47
CA LEU P 5 -17.03 35.10 13.24
C LEU P 5 -18.51 35.19 13.55
N PRO P 6 -19.15 36.33 13.27
CA PRO P 6 -20.59 36.49 13.55
C PRO P 6 -21.44 35.46 12.82
N GLY P 7 -22.07 34.58 13.60
CA GLY P 7 -22.89 33.52 13.08
C GLY P 7 -22.30 32.14 13.22
N SER P 8 -20.99 32.04 13.44
CA SER P 8 -20.34 30.76 13.60
C SER P 8 -20.66 30.17 14.97
N GLN P 9 -20.63 28.85 15.04
CA GLN P 9 -20.91 28.15 16.30
C GLN P 9 -19.68 28.21 17.18
N ILE P 10 -19.80 28.91 18.31
CA ILE P 10 -18.68 29.01 19.25
C ILE P 10 -18.47 27.65 19.91
N PRO P 11 -17.23 27.18 20.05
CA PRO P 11 -17.01 25.87 20.70
C PRO P 11 -17.47 25.88 22.14
N ALA P 12 -17.92 24.71 22.60
CA ALA P 12 -18.42 24.58 23.96
C ALA P 12 -17.33 24.78 25.00
N HIS P 13 -16.10 24.37 24.69
CA HIS P 13 -15.00 24.52 25.65
C HIS P 13 -14.60 25.98 25.84
N LEU P 14 -14.98 26.87 24.93
CA LEU P 14 -14.66 28.28 25.06
C LEU P 14 -15.83 29.09 25.60
N ASP P 15 -16.94 28.43 25.95
CA ASP P 15 -18.11 29.10 26.49
C ASP P 15 -18.31 28.84 27.98
N THR P 16 -17.45 28.02 28.59
CA THR P 16 -17.56 27.74 30.01
C THR P 16 -17.18 28.98 30.81
N PRO P 17 -17.67 29.11 32.06
CA PRO P 17 -17.31 30.29 32.87
C PRO P 17 -15.82 30.41 33.13
N ALA P 18 -15.10 29.30 33.22
CA ALA P 18 -13.66 29.36 33.45
C ALA P 18 -12.94 29.86 32.21
N ALA P 19 -13.38 29.43 31.02
CA ALA P 19 -12.74 29.88 29.79
C ALA P 19 -13.15 31.32 29.46
N GLN P 20 -14.36 31.72 29.83
CA GLN P 20 -14.82 33.07 29.56
C GLN P 20 -14.11 34.10 30.42
N ALA P 21 -13.45 33.67 31.51
CA ALA P 21 -12.72 34.60 32.36
C ALA P 21 -11.39 35.01 31.74
N LEU P 22 -10.93 34.29 30.72
CA LEU P 22 -9.68 34.63 30.06
C LEU P 22 -9.84 35.88 29.22
N ALA P 23 -8.79 36.69 29.16
CA ALA P 23 -8.83 37.93 28.39
C ALA P 23 -8.80 37.64 26.89
N GLY P 24 -9.56 38.44 26.14
CA GLY P 24 -9.62 38.29 24.70
C GLY P 24 -10.30 37.04 24.21
N ASN P 25 -11.37 36.60 24.89
CA ASN P 25 -12.10 35.40 24.51
C ASN P 25 -13.09 35.79 23.40
N PHE P 26 -12.79 35.36 22.18
CA PHE P 26 -13.64 35.64 21.03
C PHE P 26 -14.16 34.36 20.40
N GLY P 27 -14.02 33.23 21.09
CA GLY P 27 -14.49 31.96 20.58
C GLY P 27 -13.74 31.47 19.37
N PHE P 28 -12.46 31.81 19.25
CA PHE P 28 -11.64 31.42 18.12
C PHE P 28 -10.81 30.19 18.45
N ASP P 29 -11.26 29.03 17.98
CA ASP P 29 -10.58 27.76 18.17
C ASP P 29 -11.09 26.75 17.15
N PRO P 30 -10.81 26.91 15.85
CA PRO P 30 -11.33 25.94 14.87
C PRO P 30 -10.70 24.56 14.96
N LEU P 31 -9.43 24.48 15.35
CA LEU P 31 -8.78 23.18 15.47
C LEU P 31 -9.14 22.46 16.77
N GLY P 32 -9.73 23.15 17.73
CA GLY P 32 -10.11 22.54 18.99
C GLY P 32 -8.93 22.14 19.85
N LEU P 33 -7.86 22.92 19.85
CA LEU P 33 -6.69 22.62 20.66
C LEU P 33 -6.90 22.90 22.13
N GLY P 34 -7.89 23.72 22.47
CA GLY P 34 -8.15 24.06 23.86
C GLY P 34 -9.30 23.30 24.49
N LYS P 35 -9.66 22.15 23.92
CA LYS P 35 -10.77 21.36 24.47
C LYS P 35 -10.45 20.88 25.88
N ASP P 36 -9.22 20.48 26.13
CA ASP P 36 -8.81 20.03 27.46
C ASP P 36 -8.56 21.24 28.35
N PRO P 37 -9.17 21.33 29.53
CA PRO P 37 -8.94 22.49 30.41
C PRO P 37 -7.48 22.66 30.81
N VAL P 38 -6.76 21.56 31.04
CA VAL P 38 -5.34 21.65 31.40
C VAL P 38 -4.54 22.19 30.23
N ALA P 39 -4.87 21.69 29.02
CA ALA P 39 -4.19 22.17 27.82
C ALA P 39 -4.53 23.63 27.56
N LEU P 40 -5.77 24.02 27.85
CA LEU P 40 -6.18 25.40 27.68
C LEU P 40 -5.41 26.32 28.63
N ARG P 41 -5.22 25.88 29.87
CA ARG P 41 -4.46 26.66 30.84
C ARG P 41 -3.00 26.81 30.40
N TRP P 42 -2.40 25.71 29.95
CA TRP P 42 -1.02 25.75 29.48
C TRP P 42 -0.87 26.66 28.27
N TYR P 43 -1.82 26.57 27.33
CA TYR P 43 -1.77 27.41 26.14
C TYR P 43 -2.02 28.87 26.50
N GLN P 44 -2.78 29.12 27.57
CA GLN P 44 -3.01 30.50 28.00
C GLN P 44 -1.72 31.10 28.51
N GLN P 45 -0.95 30.29 29.25
CA GLN P 45 0.34 30.75 29.74
C GLN P 45 1.30 30.99 28.57
N ALA P 46 1.27 30.09 27.58
CA ALA P 46 2.12 30.23 26.40
C ALA P 46 1.75 31.48 25.61
N GLU P 47 0.46 31.76 25.48
CA GLU P 47 0.01 32.94 24.77
C GLU P 47 0.42 34.21 25.49
N LEU P 48 0.36 34.22 26.82
CA LEU P 48 0.77 35.39 27.58
C LEU P 48 2.27 35.66 27.40
N ILE P 49 3.08 34.61 27.49
CA ILE P 49 4.52 34.75 27.32
C ILE P 49 4.84 35.20 25.90
N HIS P 50 4.15 34.64 24.91
CA HIS P 50 4.36 35.03 23.52
C HIS P 50 3.97 36.48 23.29
N CYS P 51 2.86 36.92 23.91
CA CYS P 51 2.40 38.29 23.78
C CYS P 51 3.42 39.27 24.33
N ARG P 52 3.91 39.01 25.54
CA ARG P 52 4.89 39.92 26.14
C ARG P 52 6.21 39.93 25.39
N THR P 53 6.71 38.74 24.99
CA THR P 53 7.96 38.68 24.26
C THR P 53 7.85 39.35 22.90
N ALA P 54 6.74 39.12 22.19
CA ALA P 54 6.54 39.72 20.89
C ALA P 54 6.39 41.23 21.01
N MET P 55 5.72 41.71 22.05
CA MET P 55 5.58 43.15 22.22
C MET P 55 6.93 43.81 22.46
N ALA P 56 7.76 43.19 23.31
CA ALA P 56 9.09 43.75 23.57
C ALA P 56 9.95 43.74 22.30
N GLY P 57 9.94 42.61 21.57
CA GLY P 57 10.74 42.53 20.35
C GLY P 57 10.28 43.47 19.25
N VAL P 58 8.97 43.52 19.01
CA VAL P 58 8.43 44.40 17.97
C VAL P 58 8.67 45.86 18.34
N ALA P 59 8.60 46.18 19.64
CA ALA P 59 8.90 47.55 20.05
C ALA P 59 10.36 47.87 19.79
N GLY P 60 11.25 46.92 20.12
CA GLY P 60 12.67 47.09 19.90
C GLY P 60 13.07 47.12 18.44
N ILE P 61 12.18 46.70 17.54
CA ILE P 61 12.43 46.74 16.12
C ILE P 61 11.82 47.99 15.48
N LEU P 62 10.59 48.32 15.88
CA LEU P 62 9.84 49.45 15.31
C LEU P 62 10.31 50.80 15.82
N ILE P 63 10.38 51.00 17.15
CA ILE P 63 10.79 52.32 17.68
C ILE P 63 12.21 52.72 17.26
N PRO P 64 13.25 51.88 17.41
CA PRO P 64 14.57 52.33 16.92
C PRO P 64 14.60 52.45 15.41
N GLY P 65 13.82 51.64 14.70
CA GLY P 65 13.76 51.73 13.25
C GLY P 65 13.09 53.01 12.80
N LEU P 66 12.04 53.42 13.51
CA LEU P 66 11.34 54.66 13.17
C LEU P 66 12.20 55.86 13.53
N LEU P 67 12.99 55.76 14.61
CA LEU P 67 13.87 56.85 14.97
C LEU P 67 15.06 56.93 14.02
N THR P 68 15.42 55.80 13.41
CA THR P 68 16.52 55.79 12.46
C THR P 68 16.13 56.45 11.16
N LYS P 69 14.83 56.40 10.81
CA LYS P 69 14.35 57.06 9.59
C LYS P 69 14.55 58.57 9.71
N ALA P 70 14.38 59.10 10.91
CA ALA P 70 14.60 60.51 11.19
C ALA P 70 16.04 60.64 11.67
N GLY P 71 16.39 61.79 12.22
CA GLY P 71 17.75 61.97 12.71
C GLY P 71 17.93 61.69 14.18
N ALA P 72 16.97 61.00 14.82
CA ALA P 72 17.07 60.73 16.24
C ALA P 72 18.07 59.63 16.55
N LEU P 73 18.05 58.54 15.78
CA LEU P 73 18.95 57.42 16.03
C LEU P 73 19.57 56.94 14.72
N ASN P 74 20.45 55.95 14.86
CA ASN P 74 21.15 55.34 13.73
C ASN P 74 21.23 53.82 13.90
N VAL P 75 20.22 53.23 14.51
CA VAL P 75 20.16 51.79 14.75
C VAL P 75 20.01 51.04 13.43
N PRO P 76 20.83 50.01 13.16
CA PRO P 76 20.69 49.27 11.89
C PRO P 76 19.42 48.42 11.84
N GLU P 77 19.23 47.71 10.73
CA GLU P 77 18.05 46.88 10.57
C GLU P 77 18.07 45.73 11.56
N TRP P 78 16.88 45.24 11.91
CA TRP P 78 16.75 44.16 12.87
C TRP P 78 17.40 42.87 12.38
N TYR P 79 17.40 42.64 11.07
CA TYR P 79 18.03 41.43 10.54
C TYR P 79 19.54 41.56 10.41
N ASP P 80 20.09 42.74 10.66
CA ASP P 80 21.53 42.98 10.58
C ASP P 80 22.11 43.53 11.89
N ALA P 81 21.26 43.85 12.87
CA ALA P 81 21.75 44.41 14.13
C ALA P 81 22.57 43.42 14.94
N GLY P 82 22.34 42.12 14.78
CA GLY P 82 23.09 41.13 15.53
C GLY P 82 24.57 41.13 15.18
N LYS P 83 24.87 41.16 13.88
CA LYS P 83 26.26 41.18 13.42
C LYS P 83 26.97 42.47 13.81
N VAL P 84 26.28 43.60 13.64
CA VAL P 84 26.85 44.90 14.00
C VAL P 84 27.12 44.98 15.50
N ALA P 85 26.19 44.46 16.30
CA ALA P 85 26.36 44.49 17.75
C ALA P 85 27.45 43.54 18.21
N ILE P 86 27.59 42.37 17.56
CA ILE P 86 28.61 41.43 17.98
C ILE P 86 30.00 41.81 17.45
N GLU P 87 30.08 42.71 16.46
CA GLU P 87 31.39 43.11 15.95
C GLU P 87 32.17 43.89 17.01
N ASN P 88 31.59 44.98 17.51
CA ASN P 88 32.26 45.78 18.55
C ASN P 88 31.72 45.39 19.93
N SER P 89 31.87 44.11 20.25
CA SER P 89 31.41 43.55 21.51
C SER P 89 32.57 42.96 22.28
N PHE P 90 32.33 42.71 23.57
CA PHE P 90 33.31 42.15 24.48
C PHE P 90 33.23 40.63 24.57
N ALA P 91 32.26 40.00 23.93
CA ALA P 91 32.12 38.56 24.00
C ALA P 91 31.60 38.01 22.69
N PRO P 92 31.94 36.77 22.34
CA PRO P 92 31.40 36.18 21.11
C PRO P 92 29.94 35.82 21.33
N TRP P 93 29.27 35.46 20.24
CA TRP P 93 27.84 35.13 20.35
C TRP P 93 27.62 33.83 21.11
N GLY P 94 28.57 32.88 21.06
CA GLY P 94 28.39 31.63 21.76
C GLY P 94 28.43 31.78 23.28
N SER P 95 29.42 32.50 23.79
CA SER P 95 29.53 32.73 25.23
C SER P 95 28.34 33.51 25.75
N LEU P 96 27.93 34.54 24.99
CA LEU P 96 26.78 35.35 25.35
C LEU P 96 25.51 34.51 25.38
N LEU P 97 25.35 33.62 24.39
CA LEU P 97 24.18 32.75 24.36
C LEU P 97 24.18 31.77 25.52
N ALA P 98 25.36 31.30 25.92
CA ALA P 98 25.43 30.37 27.05
C ALA P 98 25.02 31.06 28.35
N VAL P 99 25.54 32.27 28.58
CA VAL P 99 25.18 33.02 29.79
C VAL P 99 23.69 33.33 29.79
N GLN P 100 23.17 33.71 28.62
CA GLN P 100 21.75 33.99 28.45
C GLN P 100 20.91 32.77 28.72
N LEU P 101 21.33 31.60 28.22
CA LEU P 101 20.58 30.37 28.44
C LEU P 101 20.53 30.01 29.91
N PHE P 102 21.63 30.21 30.64
CA PHE P 102 21.63 29.91 32.07
C PHE P 102 20.70 30.84 32.84
N LEU P 103 20.85 32.16 32.60
CA LEU P 103 20.03 33.15 33.29
C LEU P 103 18.56 33.00 32.95
N CYS P 104 18.25 32.68 31.69
CA CYS P 104 16.86 32.51 31.29
C CYS P 104 16.31 31.19 31.81
N GLY P 105 17.14 30.14 31.87
CA GLY P 105 16.68 28.86 32.35
C GLY P 105 16.29 28.90 33.82
N PHE P 106 17.00 29.69 34.61
CA PHE P 106 16.67 29.78 36.03
C PHE P 106 15.27 30.35 36.25
N VAL P 107 14.98 31.51 35.64
CA VAL P 107 13.68 32.14 35.81
C VAL P 107 12.58 31.35 35.09
N GLU P 108 12.91 30.70 33.97
CA GLU P 108 11.90 29.92 33.27
C GLU P 108 11.56 28.67 34.06
N ALA P 109 12.54 28.10 34.77
CA ALA P 109 12.26 26.92 35.59
C ALA P 109 11.42 27.31 36.79
N LYS P 110 11.67 28.51 37.36
CA LYS P 110 10.85 28.97 38.47
C LYS P 110 9.41 29.22 38.02
N ARG P 111 9.25 29.81 36.83
CA ARG P 111 7.93 30.05 36.28
C ARG P 111 7.23 28.73 35.96
N TRP P 112 7.99 27.74 35.49
CA TRP P 112 7.42 26.43 35.19
C TRP P 112 6.93 25.74 36.46
N GLN P 113 7.71 25.83 37.53
CA GLN P 113 7.29 25.23 38.80
C GLN P 113 6.06 25.95 39.35
N ASP P 114 5.96 27.25 39.10
CA ASP P 114 4.78 27.98 39.56
C ASP P 114 3.56 27.59 38.72
N ILE P 115 3.78 27.27 37.45
CA ILE P 115 2.67 26.83 36.60
C ILE P 115 2.17 25.47 37.07
N ARG P 116 3.11 24.57 37.39
CA ARG P 116 2.74 23.24 37.86
C ARG P 116 2.05 23.32 39.22
N LYS P 117 2.52 24.20 40.11
CA LYS P 117 1.93 24.38 41.43
C LYS P 117 1.88 25.87 41.71
N PRO P 118 0.70 26.50 41.64
CA PRO P 118 0.60 27.94 41.88
C PRO P 118 0.93 28.31 43.32
N GLY P 119 1.80 29.31 43.47
CA GLY P 119 2.22 29.77 44.76
C GLY P 119 3.28 28.92 45.43
N SER P 120 3.80 27.92 44.73
CA SER P 120 4.83 27.04 45.29
C SER P 120 6.19 27.70 45.44
N GLN P 121 6.42 28.83 44.78
CA GLN P 121 7.71 29.51 44.90
C GLN P 121 7.83 30.30 46.19
N GLY P 122 6.81 30.29 47.03
CA GLY P 122 6.83 30.99 48.30
C GLY P 122 7.24 30.10 49.45
N GLU P 123 8.00 29.05 49.15
CA GLU P 123 8.47 28.13 50.17
C GLU P 123 9.42 28.86 51.11
N PRO P 124 9.12 28.93 52.41
CA PRO P 124 9.98 29.67 53.34
C PRO P 124 11.39 29.09 53.46
N GLY P 125 12.35 29.99 53.62
CA GLY P 125 13.74 29.62 53.75
C GLY P 125 14.33 29.00 52.50
N SER P 126 13.94 29.48 51.33
CA SER P 126 14.45 28.93 50.08
C SER P 126 15.00 29.97 49.11
N PHE P 127 14.66 31.25 49.23
CA PHE P 127 15.19 32.23 48.29
C PHE P 127 15.64 33.49 49.01
N LEU P 128 16.35 33.31 50.15
CA LEU P 128 16.92 34.38 50.96
C LEU P 128 15.88 35.43 51.38
N GLY P 129 14.69 34.98 51.75
CA GLY P 129 13.63 35.86 52.17
C GLY P 129 12.84 36.49 51.06
N PHE P 130 13.30 36.39 49.81
CA PHE P 130 12.58 36.97 48.68
C PHE P 130 11.48 36.05 48.18
N GLU P 131 11.34 34.85 48.77
CA GLU P 131 10.30 33.92 48.35
C GLU P 131 8.91 34.42 48.66
N ALA P 132 8.78 35.33 49.64
CA ALA P 132 7.46 35.86 50.00
C ALA P 132 6.88 36.70 48.86
N SER P 133 7.74 37.36 48.08
CA SER P 133 7.32 38.16 46.95
C SER P 133 7.22 37.36 45.66
N LEU P 134 7.65 36.11 45.67
CA LEU P 134 7.62 35.27 44.48
C LEU P 134 6.31 34.53 44.30
N LYS P 135 5.33 34.74 45.19
CA LYS P 135 4.03 34.10 45.07
C LYS P 135 3.18 34.96 44.15
N GLY P 136 2.62 34.36 43.12
CA GLY P 136 1.79 35.10 42.19
C GLY P 136 0.43 35.41 42.79
N THR P 137 -0.40 36.06 41.98
CA THR P 137 -1.73 36.42 42.42
C THR P 137 -2.66 35.21 42.23
N SER P 138 -3.97 35.43 42.35
CA SER P 138 -4.91 34.34 42.18
C SER P 138 -5.03 33.89 40.73
N GLU P 139 -4.56 34.69 39.78
CA GLU P 139 -4.63 34.36 38.35
C GLU P 139 -3.24 33.97 37.86
N LEU P 140 -3.17 32.82 37.19
CA LEU P 140 -1.90 32.34 36.66
C LEU P 140 -1.42 33.23 35.53
N GLY P 141 -0.13 33.53 35.54
CA GLY P 141 0.45 34.40 34.54
C GLY P 141 0.40 35.87 34.88
N TYR P 142 -0.11 36.22 36.05
CA TYR P 142 -0.22 37.61 36.49
C TYR P 142 0.34 37.74 37.91
N PRO P 143 1.66 37.75 38.07
CA PRO P 143 2.23 37.87 39.41
C PRO P 143 2.44 39.32 39.84
N GLY P 144 2.60 39.50 41.15
CA GLY P 144 2.81 40.82 41.69
C GLY P 144 4.21 40.91 42.30
N GLY P 145 4.31 41.49 43.49
CA GLY P 145 5.59 41.61 44.17
C GLY P 145 6.57 42.48 43.40
N PRO P 146 7.73 41.89 43.05
CA PRO P 146 8.73 42.65 42.28
C PRO P 146 8.19 43.10 40.94
N PHE P 147 7.36 42.26 40.31
CA PHE P 147 6.73 42.62 39.07
C PHE P 147 5.59 43.57 39.42
N ASP P 148 5.27 44.46 38.48
CA ASP P 148 4.25 45.50 38.62
C ASP P 148 4.62 46.41 39.80
N PRO P 149 5.68 47.23 39.68
CA PRO P 149 6.03 48.11 40.81
C PRO P 149 5.06 49.25 41.02
N LEU P 150 4.41 49.76 39.97
CA LEU P 150 3.48 50.86 40.11
C LEU P 150 2.19 50.46 40.80
N GLY P 151 1.91 49.18 40.94
CA GLY P 151 0.69 48.73 41.60
C GLY P 151 -0.57 49.06 40.84
N LEU P 152 -0.54 48.98 39.51
CA LEU P 152 -1.71 49.27 38.71
C LEU P 152 -2.68 48.10 38.66
N SER P 153 -2.30 46.94 39.18
CA SER P 153 -3.15 45.76 39.20
C SER P 153 -4.01 45.66 40.45
N LYS P 154 -3.82 46.56 41.41
CA LYS P 154 -4.61 46.52 42.64
C LYS P 154 -6.04 47.00 42.42
N GLU P 155 -6.27 47.83 41.41
CA GLU P 155 -7.60 48.36 41.11
C GLU P 155 -8.31 47.37 40.21
N ALA P 156 -9.37 46.74 40.75
CA ALA P 156 -10.11 45.72 39.99
C ALA P 156 -10.96 46.32 38.87
N ASP P 157 -11.50 47.52 39.06
CA ASP P 157 -12.37 48.15 38.06
C ASP P 157 -11.71 48.25 36.69
N LYS P 158 -10.42 48.51 36.64
CA LYS P 158 -9.71 48.59 35.38
C LYS P 158 -8.95 47.31 35.06
N TRP P 159 -8.87 46.37 36.01
CA TRP P 159 -8.13 45.12 35.83
C TRP P 159 -8.58 44.36 34.60
N ALA P 160 -9.90 44.09 34.51
CA ALA P 160 -10.44 43.36 33.36
C ALA P 160 -10.16 44.10 32.06
N ASP P 161 -10.06 45.42 32.13
CA ASP P 161 -9.75 46.18 30.93
C ASP P 161 -8.27 46.08 30.59
N TRP P 162 -7.42 46.17 31.63
CA TRP P 162 -5.97 46.11 31.44
C TRP P 162 -5.53 44.84 30.74
N LYS P 163 -6.06 43.70 31.19
CA LYS P 163 -5.72 42.42 30.56
C LYS P 163 -6.15 42.41 29.10
N LEU P 164 -7.30 43.02 28.80
CA LEU P 164 -7.77 43.07 27.42
C LEU P 164 -6.81 43.89 26.56
N LYS P 165 -6.14 44.87 27.16
CA LYS P 165 -5.20 45.67 26.39
C LYS P 165 -3.85 44.99 26.28
N GLU P 166 -3.62 43.94 27.08
CA GLU P 166 -2.32 43.28 27.03
C GLU P 166 -2.32 42.13 26.02
N VAL P 167 -3.39 41.33 26.00
CA VAL P 167 -3.44 40.20 25.07
C VAL P 167 -3.59 40.69 23.64
N LYS P 168 -4.57 41.57 23.39
CA LYS P 168 -4.86 42.08 22.06
C LYS P 168 -3.62 42.71 21.43
N ASN P 169 -2.98 43.64 22.15
CA ASN P 169 -1.75 44.27 21.68
C ASN P 169 -0.71 43.22 21.40
N GLY P 170 -0.58 42.26 22.32
CA GLY P 170 0.39 41.18 22.15
C GLY P 170 0.12 40.39 20.89
N ARG P 171 -1.16 40.08 20.64
CA ARG P 171 -1.52 39.34 19.44
C ARG P 171 -1.11 40.12 18.21
N LEU P 172 -1.37 41.43 18.23
CA LEU P 172 -0.98 42.28 17.10
C LEU P 172 0.52 42.25 16.92
N ALA P 173 1.26 42.32 18.04
CA ALA P 173 2.71 42.26 17.97
C ALA P 173 3.16 40.93 17.41
N MET P 174 2.48 39.85 17.78
CA MET P 174 2.84 38.53 17.28
C MET P 174 2.68 38.48 15.78
N LEU P 175 1.70 39.20 15.24
CA LEU P 175 1.55 39.21 13.79
C LEU P 175 2.60 40.12 13.17
N ALA P 176 2.92 41.23 13.84
CA ALA P 176 3.87 42.20 13.33
C ALA P 176 5.22 41.56 13.06
N PHE P 177 5.75 40.83 14.05
CA PHE P 177 7.02 40.15 13.89
C PHE P 177 6.96 39.17 12.73
N LEU P 178 5.82 38.47 12.59
CA LEU P 178 5.66 37.54 11.49
C LEU P 178 5.77 38.27 10.17
N GLY P 179 5.11 39.44 10.07
CA GLY P 179 5.22 40.23 8.86
C GLY P 179 6.66 40.65 8.62
N PHE P 180 7.36 41.03 9.71
CA PHE P 180 8.76 41.44 9.63
C PHE P 180 9.61 40.36 9.00
N VAL P 181 9.25 39.09 9.22
CA VAL P 181 10.01 38.03 8.62
C VAL P 181 9.63 37.86 7.15
N ALA P 182 8.33 37.81 6.88
CA ALA P 182 7.85 37.59 5.52
C ALA P 182 8.30 38.71 4.59
N GLN P 183 8.19 39.96 5.05
CA GLN P 183 8.64 41.09 4.25
C GLN P 183 10.13 40.99 3.97
N LYS P 184 10.91 40.52 4.96
CA LYS P 184 12.35 40.36 4.77
C LYS P 184 12.64 39.34 3.69
N TYR P 185 11.78 38.34 3.55
CA TYR P 185 11.98 37.32 2.52
C TYR P 185 11.26 37.66 1.24
N ALA P 186 10.62 38.83 1.15
CA ALA P 186 9.91 39.20 -0.07
C ALA P 186 10.35 40.52 -0.68
N THR P 187 10.96 41.41 0.10
CA THR P 187 11.39 42.70 -0.44
C THR P 187 12.88 42.94 -0.23
N GLY P 188 13.43 42.41 0.86
CA GLY P 188 14.84 42.60 1.15
C GLY P 188 15.17 43.88 1.86
N ALA P 189 14.16 44.61 2.36
CA ALA P 189 14.36 45.86 3.07
C ALA P 189 13.69 45.76 4.43
N GLY P 190 13.84 46.80 5.24
CA GLY P 190 13.26 46.85 6.56
C GLY P 190 11.79 47.19 6.54
N PRO P 191 11.15 47.03 7.70
CA PRO P 191 9.71 47.32 7.78
C PRO P 191 9.35 48.78 7.53
N VAL P 192 10.17 49.73 8.01
CA VAL P 192 9.88 51.14 7.77
C VAL P 192 10.05 51.46 6.29
N ASP P 193 11.03 50.82 5.65
CA ASP P 193 11.24 51.03 4.22
C ASP P 193 10.06 50.50 3.43
N ASN P 194 9.52 49.34 3.83
CA ASN P 194 8.36 48.77 3.16
C ASN P 194 7.14 49.65 3.35
N LEU P 195 6.99 50.21 4.55
CA LEU P 195 5.86 51.10 4.83
C LEU P 195 5.93 52.36 3.97
N ALA P 196 7.14 52.95 3.86
CA ALA P 196 7.30 54.15 3.04
C ALA P 196 7.10 53.84 1.55
N ALA P 197 7.61 52.69 1.10
CA ALA P 197 7.45 52.30 -0.30
C ALA P 197 6.00 52.06 -0.63
N HIS P 198 5.24 51.49 0.30
CA HIS P 198 3.82 51.27 0.06
C HIS P 198 3.05 52.57 0.12
N LEU P 199 3.42 53.48 1.03
CA LEU P 199 2.72 54.76 1.13
C LEU P 199 2.97 55.62 -0.09
N LYS P 200 4.12 55.44 -0.75
CA LYS P 200 4.42 56.23 -1.94
C LYS P 200 3.52 55.83 -3.11
N ASP P 201 3.23 54.53 -3.24
CA ASP P 201 2.38 54.02 -4.31
C ASP P 201 1.75 52.71 -3.85
N PRO P 202 0.59 52.77 -3.20
CA PRO P 202 -0.04 51.53 -2.72
C PRO P 202 -0.68 50.69 -3.80
N TRP P 203 -1.10 51.30 -4.90
CA TRP P 203 -1.73 50.58 -5.99
C TRP P 203 -0.76 49.75 -6.81
N HIS P 204 0.54 49.90 -6.61
CA HIS P 204 1.53 49.14 -7.35
C HIS P 204 2.64 48.52 -6.50
N VAL P 205 2.76 48.91 -5.23
CA VAL P 205 3.78 48.36 -4.34
C VAL P 205 3.05 47.68 -3.19
N ASN P 206 2.89 46.36 -3.30
CA ASN P 206 2.21 45.56 -2.29
C ASN P 206 2.66 44.10 -2.46
N TYR P 207 1.99 43.18 -1.76
CA TYR P 207 2.38 41.79 -1.87
C TYR P 207 1.89 41.15 -3.16
N ALA P 208 1.03 41.82 -3.91
CA ALA P 208 0.56 41.27 -5.17
C ALA P 208 1.52 41.55 -6.30
N THR P 209 2.54 42.38 -6.05
CA THR P 209 3.53 42.73 -7.06
C THR P 209 4.96 42.37 -6.66
N ASN P 210 5.18 41.73 -5.52
CA ASN P 210 6.55 41.39 -5.13
C ASN P 210 7.10 40.18 -5.89
N GLY P 211 6.24 39.42 -6.57
CA GLY P 211 6.68 38.25 -7.31
C GLY P 211 6.94 37.02 -6.48
N VAL P 212 6.68 37.07 -5.18
CA VAL P 212 6.90 35.94 -4.28
C VAL P 212 5.60 35.45 -3.67
N SER P 213 4.80 36.37 -3.13
CA SER P 213 3.53 36.02 -2.51
C SER P 213 2.50 35.49 -3.50
N LEU P 214 2.63 35.80 -4.78
CA LEU P 214 1.70 35.32 -5.80
C LEU P 214 2.51 34.73 -6.95
N PRO P 215 2.98 33.49 -6.79
CA PRO P 215 3.77 32.86 -7.86
C PRO P 215 2.96 32.47 -9.08
N PHE P 216 1.64 32.36 -8.96
CA PHE P 216 0.80 32.00 -10.09
C PHE P 216 0.36 33.20 -10.92
N LEU P 217 0.71 34.41 -10.49
CA LEU P 217 0.34 35.61 -11.23
C LEU P 217 1.58 36.33 -11.74
N ASP Q 1 -29.59 64.06 27.80
CA ASP Q 1 -31.01 63.72 27.92
C ASP Q 1 -31.76 64.77 28.72
N ALA Q 2 -31.40 66.04 28.54
CA ALA Q 2 -32.03 67.13 29.28
C ALA Q 2 -32.03 68.37 28.39
N ALA Q 3 -32.24 69.54 29.00
CA ALA Q 3 -32.26 70.81 28.29
C ALA Q 3 -30.88 71.43 28.18
N LEU Q 4 -29.82 70.67 28.48
CA LEU Q 4 -28.46 71.17 28.39
C LEU Q 4 -28.08 71.42 26.94
N PRO Q 5 -27.16 72.36 26.68
CA PRO Q 5 -26.76 72.65 25.29
C PRO Q 5 -26.16 71.43 24.61
N SER Q 6 -26.45 71.28 23.32
CA SER Q 6 -25.99 70.15 22.55
C SER Q 6 -25.21 70.58 21.31
N TRP Q 7 -24.36 69.67 20.84
CA TRP Q 7 -23.56 69.88 19.65
C TRP Q 7 -24.33 69.53 18.38
N MET Q 8 -25.57 69.12 18.51
CA MET Q 8 -26.43 68.78 17.40
C MET Q 8 -27.86 68.88 17.90
N PRO Q 9 -28.54 70.03 17.70
CA PRO Q 9 -29.91 70.20 18.18
C PRO Q 9 -30.88 69.14 17.68
N GLY Q 10 -31.41 68.35 18.61
CA GLY Q 10 -32.34 67.29 18.31
C GLY Q 10 -31.75 65.90 18.39
N ALA Q 11 -30.43 65.78 18.29
CA ALA Q 11 -29.78 64.48 18.34
C ALA Q 11 -29.91 63.85 19.72
N ASP Q 12 -29.89 62.52 19.75
CA ASP Q 12 -30.00 61.75 20.99
C ASP Q 12 -28.61 61.60 21.60
N LEU Q 13 -28.30 62.48 22.55
CA LEU Q 13 -27.01 62.45 23.21
C LEU Q 13 -26.96 61.29 24.21
N PRO Q 14 -25.75 60.83 24.54
CA PRO Q 14 -25.64 59.74 25.52
C PRO Q 14 -26.05 60.19 26.92
N GLY Q 15 -26.48 59.23 27.73
CA GLY Q 15 -26.93 59.54 29.08
C GLY Q 15 -25.84 59.71 30.12
N TYR Q 16 -24.61 59.29 29.83
CA TYR Q 16 -23.57 59.45 30.85
C TYR Q 16 -23.05 60.88 30.95
N LEU Q 17 -23.43 61.76 30.03
CA LEU Q 17 -23.02 63.16 30.04
C LEU Q 17 -24.24 63.95 30.51
N ASN Q 18 -24.30 64.22 31.81
CA ASN Q 18 -25.42 64.93 32.43
C ASN Q 18 -25.10 66.38 32.78
N GLY Q 19 -24.05 66.96 32.20
CA GLY Q 19 -23.71 68.33 32.49
C GLY Q 19 -22.89 68.56 33.74
N THR Q 20 -22.40 67.51 34.39
CA THR Q 20 -21.59 67.69 35.59
C THR Q 20 -20.24 68.30 35.25
N LEU Q 21 -19.61 67.81 34.18
CA LEU Q 21 -18.32 68.33 33.75
C LEU Q 21 -18.51 69.64 33.00
N PRO Q 22 -17.54 70.55 33.07
CA PRO Q 22 -17.68 71.83 32.37
C PRO Q 22 -17.64 71.65 30.86
N GLY Q 23 -18.46 72.45 30.17
CA GLY Q 23 -18.51 72.38 28.72
C GLY Q 23 -19.09 71.09 28.17
N ASP Q 24 -20.10 70.53 28.85
CA ASP Q 24 -20.72 69.30 28.40
C ASP Q 24 -21.73 69.61 27.31
N PHE Q 25 -21.49 69.11 26.10
CA PHE Q 25 -22.38 69.32 24.97
C PHE Q 25 -22.83 68.00 24.35
N GLY Q 26 -22.57 66.90 25.04
CA GLY Q 26 -22.97 65.59 24.55
C GLY Q 26 -22.22 65.15 23.32
N PHE Q 27 -21.00 65.64 23.12
CA PHE Q 27 -20.19 65.29 21.95
C PHE Q 27 -19.30 64.10 22.29
N ASP Q 28 -19.72 62.93 21.84
CA ASP Q 28 -18.98 61.68 22.03
C ASP Q 28 -19.49 60.65 21.03
N PRO Q 29 -19.26 60.84 19.71
CA PRO Q 29 -19.76 59.84 18.75
C PRO Q 29 -19.05 58.50 18.83
N LEU Q 30 -17.84 58.46 19.38
CA LEU Q 30 -17.10 57.22 19.50
C LEU Q 30 -17.35 56.53 20.84
N TYR Q 31 -18.12 57.17 21.73
CA TYR Q 31 -18.46 56.64 23.06
C TYR Q 31 -17.22 56.32 23.89
N LEU Q 32 -16.23 57.21 23.84
CA LEU Q 32 -15.00 57.00 24.60
C LEU Q 32 -15.19 57.25 26.09
N GLY Q 33 -16.24 57.96 26.49
CA GLY Q 33 -16.48 58.25 27.88
C GLY Q 33 -17.56 57.40 28.52
N GLN Q 34 -17.80 56.20 27.98
CA GLN Q 34 -18.81 55.31 28.54
C GLN Q 34 -18.42 54.86 29.94
N ASP Q 35 -17.17 54.45 30.13
CA ASP Q 35 -16.69 54.01 31.43
C ASP Q 35 -16.54 55.21 32.35
N PRO Q 36 -17.16 55.22 33.53
CA PRO Q 36 -17.02 56.39 34.42
C PRO Q 36 -15.59 56.68 34.86
N VAL Q 37 -14.77 55.65 35.10
CA VAL Q 37 -13.39 55.89 35.48
C VAL Q 37 -12.60 56.47 34.31
N LYS Q 38 -12.88 55.97 33.09
CA LYS Q 38 -12.20 56.49 31.91
C LYS Q 38 -12.59 57.93 31.67
N LEU Q 39 -13.87 58.27 31.89
CA LEU Q 39 -14.33 59.64 31.72
C LEU Q 39 -13.70 60.55 32.76
N LYS Q 40 -13.56 60.05 33.99
CA LYS Q 40 -12.94 60.83 35.07
C LYS Q 40 -11.49 61.13 34.72
N TRP Q 41 -10.79 60.17 34.13
CA TRP Q 41 -9.41 60.39 33.73
C TRP Q 41 -9.32 61.33 32.54
N TYR Q 42 -10.22 61.16 31.56
CA TYR Q 42 -10.22 61.99 30.37
C TYR Q 42 -10.54 63.44 30.68
N ALA Q 43 -11.30 63.70 31.75
CA ALA Q 43 -11.60 65.09 32.11
C ALA Q 43 -10.33 65.80 32.53
N GLN Q 44 -9.52 65.15 33.37
CA GLN Q 44 -8.26 65.73 33.81
C GLN Q 44 -7.28 65.84 32.65
N ALA Q 45 -7.29 64.85 31.76
CA ALA Q 45 -6.41 64.89 30.58
C ALA Q 45 -6.77 66.06 29.68
N GLU Q 46 -8.07 66.29 29.49
CA GLU Q 46 -8.54 67.40 28.66
C GLU Q 46 -8.16 68.72 29.29
N LEU Q 47 -8.29 68.84 30.62
CA LEU Q 47 -7.94 70.08 31.30
C LEU Q 47 -6.46 70.38 31.19
N MET Q 48 -5.61 69.38 31.40
CA MET Q 48 -4.17 69.58 31.31
C MET Q 48 -3.73 69.90 29.89
N ASN Q 49 -4.24 69.14 28.91
CA ASN Q 49 -3.90 69.38 27.50
C ASN Q 49 -4.37 70.77 27.07
N ALA Q 50 -5.56 71.18 27.55
CA ALA Q 50 -6.11 72.47 27.21
C ALA Q 50 -5.28 73.60 27.76
N ARG Q 51 -4.86 73.51 29.03
CA ARG Q 51 -4.06 74.57 29.62
C ARG Q 51 -2.68 74.66 28.96
N PHE Q 52 -2.06 73.52 28.68
CA PHE Q 52 -0.76 73.54 28.02
C PHE Q 52 -0.88 74.08 26.60
N ALA Q 53 -1.97 73.75 25.90
CA ALA Q 53 -2.17 74.26 24.55
C ALA Q 53 -2.43 75.75 24.57
N MET Q 54 -3.12 76.25 25.60
CA MET Q 54 -3.37 77.68 25.71
C MET Q 54 -2.05 78.43 25.90
N LEU Q 55 -1.20 77.90 26.79
CA LEU Q 55 0.11 78.52 27.00
C LEU Q 55 0.96 78.45 25.75
N ALA Q 56 0.86 77.35 25.01
CA ALA Q 56 1.63 77.18 23.77
C ALA Q 56 1.20 78.14 22.68
N VAL Q 57 -0.12 78.26 22.46
CA VAL Q 57 -0.62 79.16 21.43
C VAL Q 57 -0.27 80.60 21.79
N ALA Q 58 -0.37 80.96 23.08
CA ALA Q 58 0.00 82.30 23.49
C ALA Q 58 1.49 82.55 23.27
N GLY Q 59 2.32 81.56 23.60
CA GLY Q 59 3.77 81.67 23.42
C GLY Q 59 4.23 81.54 22.00
N ILE Q 60 3.34 81.19 21.07
CA ILE Q 60 3.71 81.08 19.67
C ILE Q 60 3.26 82.36 18.98
N LEU Q 61 2.07 82.84 19.30
CA LEU Q 61 1.50 84.04 18.69
C LEU Q 61 2.08 85.35 19.23
N VAL Q 62 2.37 85.45 20.54
CA VAL Q 62 2.89 86.70 21.09
C VAL Q 62 4.26 87.08 20.54
N PRO Q 63 5.28 86.20 20.49
CA PRO Q 63 6.58 86.64 19.92
C PRO Q 63 6.50 87.05 18.46
N GLU Q 64 5.66 86.39 17.66
CA GLU Q 64 5.54 86.78 16.27
C GLU Q 64 4.80 88.11 16.13
N LEU Q 65 3.82 88.35 17.01
CA LEU Q 65 3.09 89.60 16.97
C LEU Q 65 3.99 90.75 17.37
N LEU Q 66 4.87 90.53 18.37
CA LEU Q 66 5.77 91.58 18.80
C LEU Q 66 6.94 91.74 17.82
N SER Q 67 7.21 90.70 17.01
CA SER Q 67 8.30 90.78 16.06
C SER Q 67 7.90 91.61 14.84
N ASN Q 68 6.61 91.59 14.48
CA ASN Q 68 6.11 92.34 13.33
C ASN Q 68 6.06 93.84 13.58
N ILE Q 69 6.27 94.29 14.82
CA ILE Q 69 6.24 95.70 15.15
C ILE Q 69 7.65 96.12 15.56
N GLY Q 70 7.81 97.39 15.95
CA GLY Q 70 9.11 97.93 16.32
C GLY Q 70 9.79 97.27 17.52
N PHE Q 71 9.06 96.45 18.29
CA PHE Q 71 9.66 95.80 19.45
C PHE Q 71 10.72 94.78 19.00
N SER Q 72 11.88 94.84 19.63
CA SER Q 72 12.98 93.94 19.29
C SER Q 72 13.61 93.36 20.55
N TRP Q 73 14.14 92.16 20.40
CA TRP Q 73 14.79 91.42 21.48
C TRP Q 73 15.65 90.34 20.82
N PRO Q 74 16.56 89.65 21.60
CA PRO Q 74 17.42 88.60 21.01
C PRO Q 74 16.74 87.58 20.09
N GLY Q 75 15.75 86.85 20.57
CA GLY Q 75 15.09 85.91 19.70
C GLY Q 75 13.85 86.52 19.09
N ALA Q 76 13.97 87.09 17.88
CA ALA Q 76 12.85 87.74 17.22
C ALA Q 76 12.49 87.09 15.89
N GLY Q 77 13.46 86.96 14.98
CA GLY Q 77 13.19 86.35 13.68
C GLY Q 77 13.10 84.85 13.70
N VAL Q 78 13.46 84.22 14.80
CA VAL Q 78 13.42 82.76 14.90
C VAL Q 78 11.97 82.29 15.01
N ALA Q 79 11.62 81.28 14.22
CA ALA Q 79 10.27 80.74 14.23
C ALA Q 79 10.06 79.86 15.46
N TRP Q 80 8.81 79.48 15.69
CA TRP Q 80 8.50 78.63 16.84
C TRP Q 80 9.08 77.24 16.67
N TYR Q 81 9.11 76.73 15.43
CA TYR Q 81 9.68 75.41 15.18
C TYR Q 81 11.19 75.44 15.06
N ASP Q 82 11.78 76.63 14.98
CA ASP Q 82 13.23 76.78 14.87
C ASP Q 82 13.86 77.26 16.18
N ALA Q 83 13.07 77.45 17.23
CA ALA Q 83 13.59 77.92 18.51
C ALA Q 83 14.39 76.85 19.24
N GLY Q 84 14.28 75.58 18.84
CA GLY Q 84 15.03 74.53 19.50
C GLY Q 84 16.52 74.63 19.29
N LYS Q 85 16.95 74.90 18.05
CA LYS Q 85 18.37 75.02 17.74
C LYS Q 85 18.85 76.47 17.85
N PHE Q 86 18.53 77.08 18.98
CA PHE Q 86 18.89 78.45 19.28
C PHE Q 86 19.97 78.45 20.36
N GLU Q 87 20.80 79.48 20.35
CA GLU Q 87 21.89 79.60 21.32
C GLU Q 87 21.39 80.26 22.59
N TYR Q 88 21.32 79.50 23.68
CA TYR Q 88 20.89 79.98 24.97
C TYR Q 88 22.04 79.96 25.96
N PHE Q 89 21.77 80.39 27.19
CA PHE Q 89 22.80 80.41 28.22
C PHE Q 89 23.20 79.01 28.66
N ALA Q 90 22.35 78.02 28.44
CA ALA Q 90 22.61 76.63 28.81
C ALA Q 90 22.23 75.74 27.64
N PRO Q 91 22.86 74.57 27.52
CA PRO Q 91 22.51 73.65 26.44
C PRO Q 91 21.11 73.09 26.63
N ALA Q 92 20.52 72.64 25.52
CA ALA Q 92 19.15 72.10 25.55
C ALA Q 92 19.04 70.87 26.44
N SER Q 93 20.10 70.06 26.49
CA SER Q 93 20.08 68.85 27.32
C SER Q 93 19.96 69.19 28.81
N SER Q 94 20.74 70.18 29.26
CA SER Q 94 20.70 70.57 30.67
C SER Q 94 19.34 71.13 31.05
N LEU Q 95 18.76 71.97 30.19
CA LEU Q 95 17.44 72.53 30.45
C LEU Q 95 16.40 71.42 30.47
N PHE Q 96 16.55 70.44 29.58
CA PHE Q 96 15.62 69.31 29.52
C PHE Q 96 15.68 68.49 30.80
N GLY Q 97 16.88 68.25 31.33
CA GLY Q 97 17.00 67.50 32.57
C GLY Q 97 16.44 68.24 33.76
N VAL Q 98 16.72 69.55 33.85
CA VAL Q 98 16.22 70.36 34.96
C VAL Q 98 14.70 70.39 34.94
N GLN Q 99 14.12 70.63 33.75
CA GLN Q 99 12.67 70.68 33.66
C GLN Q 99 12.06 69.31 33.89
N MET Q 100 12.75 68.22 33.52
CA MET Q 100 12.19 66.91 33.77
C MET Q 100 12.10 66.63 35.27
N LEU Q 101 13.11 67.06 36.03
CA LEU Q 101 13.06 66.86 37.48
C LEU Q 101 11.96 67.71 38.11
N LEU Q 102 11.87 69.00 37.72
CA LEU Q 102 10.85 69.89 38.28
C LEU Q 102 9.44 69.42 37.92
N PHE Q 103 9.22 69.04 36.65
CA PHE Q 103 7.92 68.54 36.24
C PHE Q 103 7.61 67.21 36.89
N ALA Q 104 8.64 66.40 37.19
CA ALA Q 104 8.39 65.14 37.88
C ALA Q 104 7.81 65.42 39.26
N TRP Q 105 8.39 66.41 39.96
CA TRP Q 105 7.89 66.76 41.28
C TRP Q 105 6.45 67.26 41.24
N VAL Q 106 6.17 68.25 40.38
CA VAL Q 106 4.82 68.82 40.33
C VAL Q 106 3.80 67.82 39.78
N GLU Q 107 4.18 66.99 38.82
CA GLU Q 107 3.23 66.04 38.26
C GLU Q 107 2.93 64.92 39.24
N ILE Q 108 3.92 64.49 40.03
CA ILE Q 108 3.63 63.45 41.01
C ILE Q 108 2.73 64.04 42.11
N ARG Q 109 2.94 65.31 42.46
CA ARG Q 109 2.06 65.94 43.45
C ARG Q 109 0.63 66.04 42.92
N ARG Q 110 0.48 66.42 41.65
CA ARG Q 110 -0.84 66.53 41.04
C ARG Q 110 -1.51 65.16 40.96
N TYR Q 111 -0.74 64.12 40.63
CA TYR Q 111 -1.31 62.77 40.56
C TYR Q 111 -1.73 62.29 41.94
N GLN Q 112 -0.95 62.65 42.97
CA GLN Q 112 -1.30 62.28 44.33
C GLN Q 112 -2.61 62.94 44.74
N ASP Q 113 -2.80 64.19 44.34
CA ASP Q 113 -4.06 64.86 44.67
C ASP Q 113 -5.20 64.31 43.82
N PHE Q 114 -4.89 63.76 42.64
CA PHE Q 114 -5.93 63.20 41.79
C PHE Q 114 -6.45 61.87 42.33
N VAL Q 115 -5.54 61.01 42.80
CA VAL Q 115 -5.98 59.72 43.32
C VAL Q 115 -6.60 59.88 44.70
N LYS Q 116 -6.26 60.96 45.42
CA LYS Q 116 -6.79 61.23 46.75
C LYS Q 116 -6.94 62.74 46.87
N PRO Q 117 -8.15 63.26 46.66
CA PRO Q 117 -8.35 64.71 46.76
C PRO Q 117 -8.14 65.21 48.18
N GLY Q 118 -7.43 66.33 48.29
CA GLY Q 118 -7.13 66.93 49.58
C GLY Q 118 -5.96 66.33 50.31
N SER Q 119 -5.28 65.33 49.74
CA SER Q 119 -4.14 64.69 50.37
C SER Q 119 -2.81 65.35 50.02
N ALA Q 120 -2.81 66.37 49.16
CA ALA Q 120 -1.59 67.05 48.78
C ALA Q 120 -1.69 68.56 48.96
N ASN Q 121 -2.70 69.02 49.70
CA ASN Q 121 -2.88 70.45 49.93
C ASN Q 121 -1.90 71.04 50.94
N GLN Q 122 -1.14 70.21 51.64
CA GLN Q 122 -0.20 70.66 52.66
C GLN Q 122 1.20 70.82 52.10
N ASP Q 123 1.83 71.95 52.42
CA ASP Q 123 3.19 72.24 51.99
C ASP Q 123 4.14 71.38 52.82
N PRO Q 124 4.99 70.56 52.18
CA PRO Q 124 5.90 69.69 52.94
C PRO Q 124 6.93 70.40 53.82
N ILE Q 125 7.44 71.55 53.39
CA ILE Q 125 8.45 72.24 54.19
C ILE Q 125 7.79 73.12 55.25
N PHE Q 126 6.98 74.09 54.80
CA PHE Q 126 6.29 75.01 55.71
C PHE Q 126 4.95 74.40 56.07
N THR Q 127 4.84 73.87 57.28
CA THR Q 127 3.61 73.22 57.73
C THR Q 127 2.44 74.21 57.87
N ASN Q 128 2.73 75.50 58.02
CA ASN Q 128 1.64 76.47 58.16
C ASN Q 128 0.97 76.74 56.81
N ASN Q 129 1.73 76.74 55.72
CA ASN Q 129 1.18 77.00 54.40
C ASN Q 129 0.38 75.80 53.90
N LYS Q 130 -0.84 76.05 53.45
CA LYS Q 130 -1.70 74.99 52.94
C LYS Q 130 -2.80 75.60 52.08
N LEU Q 131 -3.44 74.73 51.27
CA LEU Q 131 -4.55 75.04 50.39
C LEU Q 131 -5.86 74.81 51.14
N PRO Q 132 -6.95 75.49 50.74
CA PRO Q 132 -8.23 75.30 51.43
C PRO Q 132 -8.74 73.87 51.30
N ASP Q 133 -9.50 73.44 52.31
CA ASP Q 133 -10.02 72.08 52.37
C ASP Q 133 -10.96 71.79 51.20
N GLY Q 134 -11.85 72.73 50.87
CA GLY Q 134 -12.75 72.50 49.76
C GLY Q 134 -12.03 72.57 48.43
N ASN Q 135 -11.80 71.42 47.82
CA ASN Q 135 -11.10 71.39 46.54
C ASN Q 135 -11.50 70.15 45.76
N GLU Q 136 -11.31 70.24 44.44
CA GLU Q 136 -11.60 69.19 43.49
C GLU Q 136 -10.37 68.97 42.62
N PRO Q 137 -10.17 67.76 42.10
CA PRO Q 137 -9.00 67.50 41.25
C PRO Q 137 -9.05 68.33 39.97
N GLY Q 138 -7.91 68.91 39.62
CA GLY Q 138 -7.81 69.74 38.44
C GLY Q 138 -8.09 71.21 38.71
N TYR Q 139 -8.57 71.54 39.91
CA TYR Q 139 -8.89 72.90 40.31
C TYR Q 139 -8.27 73.13 41.69
N PRO Q 140 -6.94 73.35 41.76
CA PRO Q 140 -6.28 73.54 43.06
C PRO Q 140 -6.69 74.77 43.86
N GLY Q 141 -6.58 75.96 43.28
CA GLY Q 141 -6.96 77.14 44.04
C GLY Q 141 -5.91 77.50 45.09
N GLY Q 142 -6.33 78.30 46.05
CA GLY Q 142 -5.44 78.71 47.13
C GLY Q 142 -4.36 79.65 46.61
N ILE Q 143 -3.11 79.18 46.61
CA ILE Q 143 -2.02 80.00 46.11
C ILE Q 143 -2.08 80.08 44.59
N PHE Q 144 -2.70 79.09 43.94
CA PHE Q 144 -2.84 79.09 42.50
C PHE Q 144 -3.87 80.11 42.03
N ASP Q 145 -4.71 80.61 42.95
CA ASP Q 145 -5.71 81.64 42.67
C ASP Q 145 -5.56 82.72 43.74
N PRO Q 146 -4.49 83.51 43.68
CA PRO Q 146 -4.30 84.56 44.70
C PRO Q 146 -5.29 85.70 44.61
N PHE Q 147 -5.84 85.96 43.43
CA PHE Q 147 -6.79 87.05 43.27
C PHE Q 147 -8.20 86.70 43.70
N GLY Q 148 -8.47 85.44 44.01
CA GLY Q 148 -9.80 85.03 44.43
C GLY Q 148 -10.83 85.15 43.33
N TRP Q 149 -10.45 84.86 42.09
CA TRP Q 149 -11.37 84.95 40.97
C TRP Q 149 -12.42 83.84 41.01
N SER Q 150 -12.13 82.73 41.68
CA SER Q 150 -13.06 81.62 41.77
C SER Q 150 -14.18 81.84 42.75
N LYS Q 151 -14.17 82.96 43.49
CA LYS Q 151 -15.23 83.23 44.46
C LYS Q 151 -16.55 83.61 43.80
N GLY Q 152 -16.53 83.94 42.50
CA GLY Q 152 -17.75 84.30 41.80
C GLY Q 152 -18.44 83.13 41.15
N ASP Q 153 -18.82 83.28 39.88
CA ASP Q 153 -19.50 82.22 39.12
C ASP Q 153 -18.44 81.23 38.64
N ILE Q 154 -18.24 80.18 39.42
CA ILE Q 154 -17.26 79.16 39.07
C ILE Q 154 -17.70 78.34 37.85
N LYS Q 155 -19.01 78.22 37.62
CA LYS Q 155 -19.48 77.44 36.47
C LYS Q 155 -19.20 78.15 35.15
N SER Q 156 -19.53 79.44 35.08
CA SER Q 156 -19.31 80.21 33.85
C SER Q 156 -17.82 80.32 33.54
N LEU Q 157 -17.00 80.55 34.56
CA LEU Q 157 -15.56 80.66 34.35
C LEU Q 157 -14.97 79.32 33.90
N LYS Q 158 -15.48 78.20 34.44
CA LYS Q 158 -15.01 76.89 34.02
C LYS Q 158 -15.40 76.62 32.58
N LEU Q 159 -16.60 77.06 32.19
CA LEU Q 159 -17.04 76.91 30.81
C LEU Q 159 -16.15 77.71 29.87
N LYS Q 160 -15.80 78.93 30.27
CA LYS Q 160 -14.91 79.77 29.47
C LYS Q 160 -13.54 79.12 29.32
N GLU Q 161 -13.05 78.53 30.42
CA GLU Q 161 -11.75 77.86 30.41
C GLU Q 161 -11.73 76.67 29.47
N ILE Q 162 -12.75 75.80 29.55
CA ILE Q 162 -12.76 74.62 28.69
C ILE Q 162 -12.95 75.01 27.22
N LYS Q 163 -13.75 76.06 26.96
CA LYS Q 163 -13.95 76.49 25.57
C LYS Q 163 -12.67 77.07 24.98
N ASN Q 164 -12.00 77.94 25.74
CA ASN Q 164 -10.75 78.53 25.27
C ASN Q 164 -9.68 77.45 25.11
N GLY Q 165 -9.69 76.44 26.00
CA GLY Q 165 -8.72 75.38 25.89
C GLY Q 165 -8.93 74.52 24.65
N ARG Q 166 -10.19 74.21 24.33
CA ARG Q 166 -10.46 73.43 23.12
C ARG Q 166 -10.07 74.21 21.88
N LEU Q 167 -10.36 75.52 21.88
CA LEU Q 167 -9.99 76.36 20.74
C LEU Q 167 -8.47 76.43 20.60
N ALA Q 168 -7.75 76.51 21.71
CA ALA Q 168 -6.30 76.56 21.65
C ALA Q 168 -5.71 75.21 21.21
N MET Q 169 -6.36 74.11 21.59
CA MET Q 169 -5.87 72.80 21.15
C MET Q 169 -6.00 72.68 19.65
N LEU Q 170 -7.14 73.12 19.11
CA LEU Q 170 -7.33 73.09 17.66
C LEU Q 170 -6.35 74.04 16.99
N ALA Q 171 -6.04 75.17 17.64
CA ALA Q 171 -5.09 76.12 17.10
C ALA Q 171 -3.69 75.54 17.03
N PHE Q 172 -3.29 74.77 18.05
CA PHE Q 172 -1.96 74.16 18.02
C PHE Q 172 -1.89 73.09 16.95
N ALA Q 173 -2.99 72.33 16.78
CA ALA Q 173 -3.02 71.32 15.72
C ALA Q 173 -2.89 72.01 14.37
N GLY Q 174 -3.56 73.16 14.22
CA GLY Q 174 -3.46 73.92 13.00
C GLY Q 174 -2.08 74.48 12.79
N PHE Q 175 -1.37 74.82 13.88
CA PHE Q 175 -0.01 75.32 13.78
C PHE Q 175 0.90 74.23 13.21
N ILE Q 176 0.74 73.01 13.72
CA ILE Q 176 1.53 71.88 13.22
C ILE Q 176 1.22 71.61 11.76
N GLY Q 177 -0.07 71.62 11.40
CA GLY Q 177 -0.45 71.37 10.02
C GLY Q 177 0.05 72.43 9.06
N GLN Q 178 -0.08 73.70 9.43
CA GLN Q 178 0.38 74.79 8.58
C GLN Q 178 1.90 74.78 8.44
N ALA Q 179 2.61 74.46 9.53
CA ALA Q 179 4.06 74.40 9.45
C ALA Q 179 4.53 73.23 8.61
N TYR Q 180 3.76 72.14 8.59
CA TYR Q 180 4.15 70.99 7.78
C TYR Q 180 3.79 71.15 6.32
N THR Q 181 2.72 71.88 6.00
CA THR Q 181 2.31 72.06 4.61
C THR Q 181 2.93 73.29 3.96
N THR Q 182 2.65 74.47 4.52
CA THR Q 182 3.19 75.70 3.95
C THR Q 182 4.65 75.91 4.28
N GLY Q 183 5.12 75.39 5.40
CA GLY Q 183 6.50 75.58 5.81
C GLY Q 183 6.80 77.02 6.15
N THR Q 184 5.83 77.71 6.76
CA THR Q 184 5.98 79.10 7.13
C THR Q 184 5.24 79.30 8.45
N THR Q 185 5.59 80.35 9.18
CA THR Q 185 5.00 80.65 10.47
C THR Q 185 3.50 80.93 10.35
N PRO Q 186 2.71 80.65 11.41
CA PRO Q 186 1.25 80.86 11.33
C PRO Q 186 0.78 82.28 11.04
N LEU Q 187 1.41 83.32 11.61
CA LEU Q 187 0.96 84.67 11.33
C LEU Q 187 1.24 85.06 9.89
N LYS Q 188 2.30 84.51 9.30
CA LYS Q 188 2.59 84.79 7.90
C LYS Q 188 1.52 84.15 7.02
N ASN Q 189 1.05 82.96 7.42
CA ASN Q 189 -0.02 82.30 6.68
C ASN Q 189 -1.30 83.10 6.80
N LEU Q 190 -1.55 83.67 7.98
CA LEU Q 190 -2.74 84.49 8.19
C LEU Q 190 -2.68 85.75 7.34
N SER Q 191 -1.50 86.37 7.24
CA SER Q 191 -1.35 87.57 6.41
C SER Q 191 -1.51 87.22 4.93
N THR Q 192 -0.96 86.08 4.50
CA THR Q 192 -1.07 85.65 3.11
C THR Q 192 -2.54 85.39 2.77
N HIS Q 193 -3.28 84.78 3.69
CA HIS Q 193 -4.69 84.52 3.45
C HIS Q 193 -5.50 85.80 3.48
N LEU Q 194 -5.12 86.75 4.35
CA LEU Q 194 -5.85 88.01 4.43
C LEU Q 194 -5.57 88.90 3.23
N ALA Q 195 -4.48 88.66 2.50
CA ALA Q 195 -4.19 89.47 1.32
C ALA Q 195 -5.23 89.23 0.23
N ASP Q 196 -5.60 87.96 0.01
CA ASP Q 196 -6.59 87.55 -0.98
C ASP Q 196 -7.13 86.18 -0.56
N PRO Q 197 -8.19 86.16 0.25
CA PRO Q 197 -8.74 84.87 0.71
C PRO Q 197 -9.38 84.01 -0.36
N TRP Q 198 -9.80 84.60 -1.47
CA TRP Q 198 -10.45 83.81 -2.52
C TRP Q 198 -9.47 82.90 -3.24
N SER Q 199 -8.21 83.33 -3.38
CA SER Q 199 -7.19 82.54 -4.05
C SER Q 199 -6.22 81.88 -3.08
N THR Q 200 -6.38 82.07 -1.78
CA THR Q 200 -5.48 81.49 -0.78
C THR Q 200 -6.32 80.69 0.22
N THR Q 201 -6.62 79.44 -0.12
CA THR Q 201 -7.38 78.54 0.74
C THR Q 201 -6.60 77.24 0.86
N VAL Q 202 -7.08 76.34 1.72
CA VAL Q 202 -6.41 75.07 1.90
C VAL Q 202 -6.52 74.22 0.64
N TRP Q 203 -7.65 74.33 -0.07
CA TRP Q 203 -7.84 73.56 -1.29
C TRP Q 203 -6.92 74.04 -2.40
N GLN Q 204 -6.82 75.36 -2.58
CA GLN Q 204 -5.96 75.92 -3.62
C GLN Q 204 -4.48 75.65 -3.33
N ASN Q 205 -4.06 75.89 -2.09
CA ASN Q 205 -2.66 75.67 -1.72
C ASN Q 205 -2.29 74.19 -1.81
N ASP Q 206 -3.19 73.30 -1.41
CA ASP Q 206 -2.87 71.88 -1.47
C ASP Q 206 -2.99 71.34 -2.90
N LEU Q 207 -3.84 71.96 -3.73
CA LEU Q 207 -3.96 71.52 -5.11
C LEU Q 207 -2.76 71.97 -5.93
N ALA Q 208 -2.13 73.09 -5.52
CA ALA Q 208 -0.95 73.57 -6.24
C ALA Q 208 0.26 72.68 -6.02
N ARG Q 209 0.22 71.79 -5.02
CA ARG Q 209 1.31 70.87 -4.73
C ARG Q 209 1.02 69.46 -5.19
N LEU Q 210 -0.18 69.20 -5.71
CA LEU Q 210 -0.56 67.88 -6.19
C LEU Q 210 -0.08 67.66 -7.62
N ASP R 1 -83.20 28.59 -35.63
CA ASP R 1 -81.96 29.19 -35.16
C ASP R 1 -81.23 29.88 -36.30
N ARG R 2 -80.18 30.63 -35.96
CA ARG R 2 -79.40 31.34 -36.97
C ARG R 2 -78.58 30.36 -37.81
N LYS R 3 -78.22 30.80 -39.00
CA LYS R 3 -77.44 29.97 -39.92
C LYS R 3 -75.98 30.00 -39.50
N LEU R 4 -75.40 28.82 -39.32
CA LEU R 4 -74.01 28.72 -38.90
C LEU R 4 -73.07 28.84 -40.11
N TRP R 5 -71.77 28.77 -39.82
CA TRP R 5 -70.75 28.88 -40.86
C TRP R 5 -70.62 27.64 -41.72
N ALA R 6 -71.26 26.53 -41.38
CA ALA R 6 -71.15 25.32 -42.19
C ALA R 6 -72.35 24.44 -41.92
N PRO R 7 -72.80 23.65 -42.89
CA PRO R 7 -73.95 22.76 -42.65
C PRO R 7 -73.52 21.56 -41.81
N GLY R 8 -74.25 21.32 -40.72
CA GLY R 8 -73.96 20.20 -39.85
C GLY R 8 -73.02 20.50 -38.70
N VAL R 9 -72.33 21.64 -38.72
CA VAL R 9 -71.41 21.97 -37.64
C VAL R 9 -72.21 22.44 -36.43
N VAL R 10 -71.61 22.34 -35.25
CA VAL R 10 -72.24 22.75 -34.00
C VAL R 10 -71.50 23.97 -33.47
N ALA R 11 -72.24 25.03 -33.18
CA ALA R 11 -71.66 26.26 -32.66
C ALA R 11 -71.16 26.04 -31.22
N PRO R 12 -70.15 26.79 -30.80
CA PRO R 12 -69.67 26.65 -29.42
C PRO R 12 -70.70 27.17 -28.43
N GLU R 13 -70.51 26.78 -27.16
CA GLU R 13 -71.43 27.19 -26.11
C GLU R 13 -71.38 28.69 -25.86
N TYR R 14 -70.19 29.30 -25.95
CA TYR R 14 -70.08 30.73 -25.72
C TYR R 14 -70.59 31.58 -26.86
N LEU R 15 -70.89 31.00 -28.02
CA LEU R 15 -71.41 31.74 -29.17
C LEU R 15 -72.89 31.41 -29.28
N LYS R 16 -73.70 32.13 -28.52
CA LYS R 16 -75.15 31.94 -28.50
C LYS R 16 -75.89 32.90 -29.40
N GLY R 17 -75.19 33.71 -30.19
CA GLY R 17 -75.82 34.67 -31.07
C GLY R 17 -76.06 36.04 -30.48
N ASP R 18 -75.42 36.36 -29.36
CA ASP R 18 -75.61 37.68 -28.75
C ASP R 18 -74.96 38.78 -29.59
N LEU R 19 -73.72 38.56 -30.01
CA LEU R 19 -73.02 39.55 -30.82
C LEU R 19 -73.52 39.52 -32.25
N ALA R 20 -73.36 40.66 -32.94
CA ALA R 20 -73.80 40.76 -34.32
C ALA R 20 -72.89 39.98 -35.25
N GLY R 21 -73.48 39.37 -36.27
CA GLY R 21 -72.73 38.58 -37.22
C GLY R 21 -72.11 37.32 -36.64
N ASP R 22 -72.84 36.61 -35.79
CA ASP R 22 -72.35 35.40 -35.16
C ASP R 22 -72.75 34.19 -36.01
N TYR R 23 -71.76 33.42 -36.46
CA TYR R 23 -71.98 32.24 -37.26
C TYR R 23 -71.49 30.98 -36.54
N GLY R 24 -71.13 31.10 -35.26
CA GLY R 24 -70.63 29.96 -34.51
C GLY R 24 -69.31 29.47 -35.05
N TRP R 25 -68.48 30.39 -35.52
CA TRP R 25 -67.18 30.06 -36.11
C TRP R 25 -66.05 30.38 -35.14
N ASP R 26 -65.41 29.33 -34.62
CA ASP R 26 -64.28 29.45 -33.72
C ASP R 26 -63.52 28.13 -33.70
N PRO R 27 -62.81 27.78 -34.78
CA PRO R 27 -62.06 26.51 -34.78
C PRO R 27 -60.90 26.46 -33.81
N LEU R 28 -60.43 27.60 -33.31
CA LEU R 28 -59.31 27.58 -32.38
C LEU R 28 -59.72 27.77 -30.93
N GLY R 29 -61.00 28.01 -30.66
CA GLY R 29 -61.46 28.19 -29.30
C GLY R 29 -60.89 29.41 -28.61
N LEU R 30 -60.53 30.44 -29.39
CA LEU R 30 -59.97 31.66 -28.82
C LEU R 30 -61.00 32.47 -28.06
N GLY R 31 -62.28 32.24 -28.31
CA GLY R 31 -63.35 32.94 -27.64
C GLY R 31 -63.86 32.27 -26.38
N ALA R 32 -63.16 31.23 -25.89
CA ALA R 32 -63.59 30.54 -24.68
C ALA R 32 -63.55 31.45 -23.46
N ASP R 33 -62.52 32.28 -23.37
CA ASP R 33 -62.38 33.20 -22.25
C ASP R 33 -63.26 34.43 -22.53
N PRO R 34 -64.18 34.79 -21.62
CA PRO R 34 -65.03 35.96 -21.87
C PRO R 34 -64.27 37.28 -22.01
N THR R 35 -63.26 37.50 -21.18
CA THR R 35 -62.47 38.74 -21.29
C THR R 35 -61.73 38.78 -22.62
N ALA R 36 -61.15 37.64 -23.01
CA ALA R 36 -60.46 37.55 -24.29
C ALA R 36 -61.44 37.74 -25.43
N LEU R 37 -62.67 37.23 -25.28
CA LEU R 37 -63.68 37.38 -26.31
C LEU R 37 -64.05 38.84 -26.49
N LYS R 38 -64.18 39.59 -25.39
CA LYS R 38 -64.51 41.01 -25.49
C LYS R 38 -63.37 41.79 -26.17
N TRP R 39 -62.12 41.48 -25.78
CA TRP R 39 -60.98 42.15 -26.39
C TRP R 39 -60.87 41.83 -27.87
N TYR R 40 -61.14 40.57 -28.24
CA TYR R 40 -61.08 40.18 -29.64
C TYR R 40 -62.21 40.83 -30.42
N ARG R 41 -63.36 41.07 -29.78
CA ARG R 41 -64.45 41.75 -30.47
C ARG R 41 -64.07 43.19 -30.76
N GLN R 42 -63.42 43.84 -29.80
CA GLN R 42 -62.96 45.21 -30.02
C GLN R 42 -61.91 45.25 -31.12
N SER R 43 -61.01 44.27 -31.13
CA SER R 43 -59.98 44.20 -32.15
C SER R 43 -60.58 43.96 -33.53
N GLU R 44 -61.60 43.11 -33.61
CA GLU R 44 -62.27 42.84 -34.87
C GLU R 44 -62.98 44.09 -35.37
N LEU R 45 -63.60 44.85 -34.47
CA LEU R 45 -64.29 46.08 -34.87
C LEU R 45 -63.28 47.09 -35.40
N GLN R 46 -62.13 47.23 -34.72
CA GLN R 46 -61.10 48.17 -35.15
C GLN R 46 -60.55 47.77 -36.52
N HIS R 47 -60.26 46.48 -36.70
CA HIS R 47 -59.75 45.99 -37.97
C HIS R 47 -60.76 46.19 -39.08
N ALA R 48 -62.04 45.94 -38.79
CA ALA R 48 -63.11 46.08 -39.76
C ALA R 48 -63.24 47.53 -40.23
N ARG R 49 -63.28 48.48 -39.29
CA ARG R 49 -63.42 49.88 -39.66
C ARG R 49 -62.19 50.40 -40.40
N TRP R 50 -60.99 50.04 -39.92
CA TRP R 50 -59.77 50.48 -40.60
C TRP R 50 -59.66 49.88 -41.99
N ALA R 51 -60.07 48.62 -42.16
CA ALA R 51 -60.00 47.98 -43.46
C ALA R 51 -61.02 48.59 -44.42
N MET R 52 -62.20 48.95 -43.91
CA MET R 52 -63.19 49.59 -44.78
C MET R 52 -62.67 50.93 -45.25
N LEU R 53 -62.05 51.69 -44.34
CA LEU R 53 -61.48 52.97 -44.72
C LEU R 53 -60.36 52.81 -45.72
N GLY R 54 -59.51 51.79 -45.53
CA GLY R 54 -58.41 51.56 -46.46
C GLY R 54 -58.88 51.16 -47.84
N VAL R 55 -59.89 50.28 -47.91
CA VAL R 55 -60.41 49.84 -49.21
C VAL R 55 -61.07 51.00 -49.93
N ALA R 56 -61.88 51.79 -49.21
CA ALA R 56 -62.52 52.95 -49.84
C ALA R 56 -61.48 53.97 -50.29
N GLY R 57 -60.44 54.17 -49.49
CA GLY R 57 -59.40 55.11 -49.87
C GLY R 57 -58.62 54.67 -51.10
N VAL R 58 -58.31 53.38 -51.18
CA VAL R 58 -57.57 52.87 -52.34
C VAL R 58 -58.42 52.99 -53.60
N LEU R 59 -59.70 52.64 -53.51
CA LEU R 59 -60.58 52.72 -54.68
C LEU R 59 -60.78 54.17 -55.13
N VAL R 60 -61.07 55.08 -54.19
CA VAL R 60 -61.29 56.48 -54.54
C VAL R 60 -60.00 57.10 -55.08
N GLN R 61 -58.85 56.72 -54.50
CA GLN R 61 -57.59 57.26 -54.98
C GLN R 61 -57.28 56.78 -56.38
N GLU R 62 -57.57 55.51 -56.68
CA GLU R 62 -57.32 55.00 -58.03
C GLU R 62 -58.27 55.64 -59.04
N ILE R 63 -59.48 55.97 -58.61
CA ILE R 63 -60.44 56.60 -59.53
C ILE R 63 -60.06 58.05 -59.80
N VAL R 64 -59.75 58.80 -58.74
CA VAL R 64 -59.39 60.22 -58.88
C VAL R 64 -57.98 60.41 -59.42
N LYS R 65 -57.00 59.66 -58.89
CA LYS R 65 -55.61 59.76 -59.33
C LYS R 65 -55.15 58.40 -59.85
N PRO R 66 -55.41 58.09 -61.12
CA PRO R 66 -54.97 56.79 -61.66
C PRO R 66 -53.47 56.73 -61.93
N ASP R 67 -52.80 57.87 -62.00
CA ASP R 67 -51.36 57.90 -62.26
C ASP R 67 -50.51 57.72 -61.02
N VAL R 68 -51.13 57.57 -59.85
CA VAL R 68 -50.42 57.40 -58.59
C VAL R 68 -50.67 56.00 -58.07
N TYR R 69 -49.59 55.28 -57.80
CA TYR R 69 -49.66 53.92 -57.28
C TYR R 69 -49.91 53.98 -55.77
N PHE R 70 -50.92 53.23 -55.30
CA PHE R 70 -51.25 53.25 -53.88
C PHE R 70 -50.17 52.59 -53.04
N TYR R 71 -49.45 51.61 -53.60
CA TYR R 71 -48.40 50.94 -52.84
C TYR R 71 -47.24 51.89 -52.55
N GLU R 72 -46.93 52.76 -53.49
CA GLU R 72 -45.86 53.73 -53.33
C GLU R 72 -46.36 55.13 -52.98
N ALA R 73 -47.65 55.25 -52.63
CA ALA R 73 -48.20 56.56 -52.28
C ALA R 73 -47.66 57.08 -50.95
N GLY R 74 -47.06 56.23 -50.13
CA GLY R 74 -46.51 56.66 -48.87
C GLY R 74 -45.20 57.40 -48.97
N LEU R 75 -44.58 57.40 -50.15
CA LEU R 75 -43.31 58.09 -50.33
C LEU R 75 -43.53 59.61 -50.26
N PRO R 76 -42.60 60.35 -49.67
CA PRO R 76 -42.77 61.81 -49.60
C PRO R 76 -42.79 62.50 -50.95
N GLN R 77 -42.12 61.94 -51.97
CA GLN R 77 -42.12 62.56 -53.29
C GLN R 77 -43.45 62.37 -54.01
N ASN R 78 -44.27 61.41 -53.57
CA ASN R 78 -45.57 61.15 -54.19
C ASN R 78 -46.71 61.87 -53.48
N LEU R 79 -46.42 62.63 -52.43
CA LEU R 79 -47.46 63.34 -51.71
C LEU R 79 -47.98 64.51 -52.53
N PRO R 80 -49.25 64.87 -52.39
CA PRO R 80 -49.81 65.99 -53.15
C PRO R 80 -49.38 67.33 -52.57
N GLU R 81 -49.62 68.37 -53.35
CA GLU R 81 -49.28 69.71 -52.92
C GLU R 81 -50.22 70.16 -51.81
N PRO R 82 -49.72 70.90 -50.80
CA PRO R 82 -48.34 71.33 -50.62
C PRO R 82 -47.53 70.44 -49.69
N PHE R 83 -47.90 69.16 -49.59
CA PHE R 83 -47.22 68.21 -48.73
C PHE R 83 -46.11 67.44 -49.44
N THR R 84 -45.81 67.77 -50.69
CA THR R 84 -44.77 67.06 -51.41
C THR R 84 -43.39 67.34 -50.83
N ASN R 85 -42.58 66.28 -50.72
CA ASN R 85 -41.22 66.32 -50.19
C ASN R 85 -41.17 66.93 -48.79
N ILE R 86 -42.19 66.67 -47.99
CA ILE R 86 -42.26 67.20 -46.64
C ILE R 86 -41.44 66.29 -45.72
N ASN R 87 -41.08 66.83 -44.55
CA ASN R 87 -40.32 66.05 -43.59
C ASN R 87 -41.24 65.01 -42.96
N MET R 88 -40.85 63.75 -43.05
CA MET R 88 -41.67 62.68 -42.49
C MET R 88 -41.61 62.64 -40.98
N GLY R 89 -40.59 63.24 -40.35
CA GLY R 89 -40.51 63.24 -38.91
C GLY R 89 -41.65 64.01 -38.25
N GLY R 90 -41.93 65.20 -38.77
CA GLY R 90 -43.03 66.00 -38.22
C GLY R 90 -44.36 65.35 -38.47
N LEU R 91 -44.51 64.71 -39.63
CA LEU R 91 -45.76 64.01 -39.96
C LEU R 91 -45.99 62.85 -39.01
N LEU R 92 -44.93 62.07 -38.75
CA LEU R 92 -45.03 60.96 -37.82
C LEU R 92 -45.29 61.46 -36.41
N ALA R 93 -44.74 62.62 -36.06
CA ALA R 93 -44.97 63.19 -34.73
C ALA R 93 -46.42 63.58 -34.56
N TRP R 94 -47.01 64.23 -35.58
CA TRP R 94 -48.41 64.62 -35.55
C TRP R 94 -49.31 63.42 -35.38
N GLU R 95 -49.11 62.41 -36.23
CA GLU R 95 -49.93 61.20 -36.17
C GLU R 95 -49.74 60.46 -34.85
N PHE R 96 -48.49 60.36 -34.37
CA PHE R 96 -48.23 59.66 -33.13
C PHE R 96 -48.95 60.31 -31.94
N ILE R 97 -48.87 61.64 -31.84
CA ILE R 97 -49.52 62.33 -30.73
C ILE R 97 -51.05 62.18 -30.80
N LEU R 98 -51.64 62.48 -31.96
CA LEU R 98 -53.11 62.42 -32.07
C LEU R 98 -53.64 60.99 -31.90
N MET R 99 -53.02 60.02 -32.60
CA MET R 99 -53.45 58.64 -32.50
C MET R 99 -53.21 58.09 -31.10
N HIS R 100 -52.12 58.50 -30.45
CA HIS R 100 -51.86 58.04 -29.10
C HIS R 100 -52.94 58.52 -28.14
N TRP R 101 -53.36 59.78 -28.29
CA TRP R 101 -54.41 60.30 -27.42
C TRP R 101 -55.73 59.55 -27.61
N VAL R 102 -56.18 59.43 -28.87
CA VAL R 102 -57.47 58.77 -29.11
C VAL R 102 -57.42 57.29 -28.76
N GLU R 103 -56.30 56.61 -29.00
CA GLU R 103 -56.23 55.21 -28.67
C GLU R 103 -56.13 54.97 -27.18
N VAL R 104 -55.49 55.89 -26.43
CA VAL R 104 -55.46 55.71 -24.99
C VAL R 104 -56.85 55.93 -24.41
N ARG R 105 -57.61 56.88 -24.99
CA ARG R 105 -58.98 57.09 -24.53
C ARG R 105 -59.84 55.85 -24.79
N ARG R 106 -59.69 55.26 -25.98
CA ARG R 106 -60.44 54.06 -26.33
C ARG R 106 -60.04 52.88 -25.44
N TRP R 107 -58.74 52.74 -25.16
CA TRP R 107 -58.25 51.66 -24.30
C TRP R 107 -58.78 51.81 -22.89
N GLN R 108 -58.81 53.04 -22.36
CA GLN R 108 -59.32 53.26 -21.03
C GLN R 108 -60.81 52.98 -20.98
N ASP R 109 -61.51 53.25 -22.09
CA ASP R 109 -62.93 52.93 -22.15
C ASP R 109 -63.12 51.42 -22.12
N TYR R 110 -62.19 50.68 -22.72
CA TYR R 110 -62.29 49.22 -22.69
C TYR R 110 -62.03 48.69 -21.29
N LYS R 111 -60.99 49.22 -20.62
CA LYS R 111 -60.65 48.77 -19.28
C LYS R 111 -61.75 49.09 -18.28
N ASN R 112 -62.30 50.31 -18.34
CA ASN R 112 -63.36 50.75 -17.47
C ASN R 112 -64.46 51.32 -18.37
N PHE R 113 -65.51 50.52 -18.58
CA PHE R 113 -66.61 50.93 -19.44
C PHE R 113 -67.36 52.12 -18.86
N GLY R 114 -67.64 53.09 -19.72
CA GLY R 114 -68.38 54.29 -19.32
C GLY R 114 -67.65 55.17 -18.31
N SER R 115 -66.34 55.32 -18.45
CA SER R 115 -65.57 56.14 -17.53
C SER R 115 -64.84 57.30 -18.20
N VAL R 116 -64.83 57.37 -19.53
CA VAL R 116 -64.17 58.46 -20.25
C VAL R 116 -65.13 59.08 -21.26
N ASN R 117 -66.44 58.92 -21.02
CA ASN R 117 -67.44 59.46 -21.94
C ASN R 117 -67.45 60.98 -21.94
N GLU R 118 -67.24 61.60 -20.78
CA GLU R 118 -67.26 63.05 -20.68
C GLU R 118 -65.99 63.68 -21.23
N ASP R 119 -66.17 64.87 -21.81
CA ASP R 119 -65.08 65.65 -22.37
C ASP R 119 -64.23 66.19 -21.22
N PRO R 120 -62.93 65.93 -21.20
CA PRO R 120 -62.09 66.43 -20.08
C PRO R 120 -61.92 67.94 -20.03
N ILE R 121 -62.24 68.68 -21.08
CA ILE R 121 -62.07 70.13 -21.05
C ILE R 121 -63.41 70.81 -20.81
N PHE R 122 -64.36 70.62 -21.72
CA PHE R 122 -65.68 71.23 -21.61
C PHE R 122 -66.62 70.21 -20.96
N LYS R 123 -66.93 70.43 -19.69
CA LYS R 123 -67.80 69.53 -18.97
C LYS R 123 -69.22 69.59 -19.52
N GLY R 124 -69.89 68.44 -19.50
CA GLY R 124 -71.23 68.30 -20.00
C GLY R 124 -71.32 67.66 -21.37
N ASN R 125 -70.21 67.60 -22.09
CA ASN R 125 -70.16 66.99 -23.42
C ASN R 125 -69.80 65.52 -23.23
N LYS R 126 -70.81 64.66 -23.28
CA LYS R 126 -70.63 63.23 -23.11
C LYS R 126 -71.21 62.47 -24.30
N VAL R 127 -70.83 61.20 -24.40
CA VAL R 127 -71.33 60.31 -25.44
C VAL R 127 -72.15 59.27 -24.70
N PRO R 128 -73.23 58.76 -25.29
CA PRO R 128 -74.04 57.75 -24.58
C PRO R 128 -73.32 56.45 -24.32
N ASN R 129 -72.65 55.90 -25.35
CA ASN R 129 -71.89 54.66 -25.26
C ASN R 129 -72.70 53.49 -24.69
N PRO R 130 -73.68 52.98 -25.45
CA PRO R 130 -74.48 51.86 -24.92
C PRO R 130 -73.70 50.55 -24.83
N GLU R 131 -72.85 50.27 -25.81
CA GLU R 131 -72.05 49.05 -25.81
C GLU R 131 -70.60 49.41 -26.10
N MET R 132 -69.70 48.51 -25.73
CA MET R 132 -68.28 48.72 -25.97
C MET R 132 -68.01 48.70 -27.46
N GLY R 133 -67.27 49.69 -27.95
CA GLY R 133 -66.97 49.80 -29.36
C GLY R 133 -68.01 50.58 -30.13
N TYR R 134 -69.03 51.09 -29.46
CA TYR R 134 -70.12 51.84 -30.07
C TYR R 134 -70.35 53.10 -29.24
N PRO R 135 -69.48 54.11 -29.38
CA PRO R 135 -69.65 55.33 -28.55
C PRO R 135 -70.88 56.16 -28.89
N GLY R 136 -71.10 56.49 -30.16
CA GLY R 136 -72.27 57.29 -30.50
C GLY R 136 -72.12 58.75 -30.11
N GLY R 137 -73.25 59.44 -30.12
CA GLY R 137 -73.28 60.85 -29.76
C GLY R 137 -72.60 61.71 -30.81
N ILE R 138 -71.43 62.25 -30.48
CA ILE R 138 -70.70 63.08 -31.44
C ILE R 138 -70.18 62.22 -32.59
N PHE R 139 -69.95 60.93 -32.33
CA PHE R 139 -69.48 60.01 -33.37
C PHE R 139 -70.58 59.62 -34.34
N ASP R 140 -71.85 59.85 -33.96
CA ASP R 140 -73.00 59.58 -34.80
C ASP R 140 -73.92 60.80 -34.79
N PRO R 141 -73.49 61.90 -35.42
CA PRO R 141 -74.34 63.11 -35.41
C PRO R 141 -75.59 62.99 -36.26
N PHE R 142 -75.65 62.07 -37.20
CA PHE R 142 -76.83 61.94 -38.04
C PHE R 142 -77.96 61.17 -37.35
N GLY R 143 -77.71 60.60 -36.19
CA GLY R 143 -78.73 59.89 -35.44
C GLY R 143 -79.28 58.63 -36.10
N PHE R 144 -78.40 57.77 -36.60
CA PHE R 144 -78.84 56.53 -37.24
C PHE R 144 -78.92 55.37 -36.26
N SER R 145 -78.60 55.60 -34.98
CA SER R 145 -78.64 54.57 -33.96
C SER R 145 -80.00 54.45 -33.27
N LYS R 146 -80.94 55.34 -33.56
CA LYS R 146 -82.25 55.27 -32.93
C LYS R 146 -83.19 54.35 -33.69
N GLY R 147 -82.76 53.13 -33.95
CA GLY R 147 -83.56 52.16 -34.67
C GLY R 147 -83.10 50.75 -34.41
N ASN R 148 -83.09 49.92 -35.44
CA ASN R 148 -82.65 48.53 -35.30
C ASN R 148 -81.13 48.52 -35.34
N LEU R 149 -80.53 48.64 -34.16
CA LEU R 149 -79.07 48.66 -34.05
C LEU R 149 -78.46 47.29 -34.29
N LYS R 150 -79.22 46.22 -34.07
CA LYS R 150 -78.71 44.86 -34.26
C LYS R 150 -78.41 44.56 -35.73
N GLU R 151 -79.37 44.82 -36.62
CA GLU R 151 -79.16 44.53 -38.03
C GLU R 151 -78.10 45.47 -38.62
N LEU R 152 -78.05 46.71 -38.14
CA LEU R 152 -77.05 47.65 -38.62
C LEU R 152 -75.65 47.21 -38.17
N GLN R 153 -75.55 46.70 -36.94
CA GLN R 153 -74.27 46.21 -36.44
C GLN R 153 -73.83 44.98 -37.21
N THR R 154 -74.81 44.13 -37.58
CA THR R 154 -74.50 42.93 -38.38
C THR R 154 -73.98 43.34 -39.74
N LYS R 155 -74.61 44.35 -40.36
CA LYS R 155 -74.16 44.85 -41.65
C LYS R 155 -72.76 45.43 -41.55
N GLU R 156 -72.48 46.15 -40.46
CA GLU R 156 -71.17 46.75 -40.26
C GLU R 156 -70.08 45.70 -40.12
N ILE R 157 -70.31 44.68 -39.28
CA ILE R 157 -69.29 43.65 -39.09
C ILE R 157 -69.11 42.82 -40.36
N LYS R 158 -70.18 42.56 -41.10
CA LYS R 158 -70.04 41.78 -42.33
C LYS R 158 -69.29 42.57 -43.40
N ASN R 159 -69.62 43.85 -43.56
CA ASN R 159 -68.93 44.68 -44.53
C ASN R 159 -67.47 44.85 -44.14
N GLY R 160 -67.20 44.91 -42.83
CA GLY R 160 -65.82 45.04 -42.38
C GLY R 160 -65.01 43.79 -42.64
N ARG R 161 -65.61 42.60 -42.44
CA ARG R 161 -64.91 41.36 -42.72
C ARG R 161 -64.60 41.24 -44.20
N LEU R 162 -65.58 41.59 -45.04
CA LEU R 162 -65.39 41.57 -46.48
C LEU R 162 -64.30 42.56 -46.89
N ALA R 163 -64.26 43.73 -46.24
CA ALA R 163 -63.24 44.72 -46.55
C ALA R 163 -61.87 44.26 -46.10
N MET R 164 -61.79 43.48 -45.01
CA MET R 164 -60.50 42.97 -44.54
C MET R 164 -59.93 42.02 -45.57
N ILE R 165 -60.77 41.08 -46.04
CA ILE R 165 -60.35 40.13 -47.06
C ILE R 165 -59.97 40.86 -48.34
N ALA R 166 -60.76 41.88 -48.70
CA ALA R 166 -60.50 42.66 -49.92
C ALA R 166 -59.20 43.45 -49.82
N TYR R 167 -58.91 44.02 -48.65
CA TYR R 167 -57.68 44.79 -48.53
C TYR R 167 -56.47 43.88 -48.63
N MET R 168 -56.55 42.69 -48.03
CA MET R 168 -55.41 41.78 -48.16
C MET R 168 -55.28 41.30 -49.60
N ALA R 169 -56.41 41.21 -50.31
CA ALA R 169 -56.38 40.86 -51.73
C ALA R 169 -55.68 41.95 -52.51
N PHE R 170 -55.95 43.21 -52.17
CA PHE R 170 -55.30 44.34 -52.84
C PHE R 170 -53.80 44.32 -52.61
N ILE R 171 -53.39 44.02 -51.37
CA ILE R 171 -51.98 43.98 -51.02
C ILE R 171 -51.25 42.87 -51.79
N LEU R 172 -51.84 41.67 -51.82
CA LEU R 172 -51.18 40.58 -52.56
C LEU R 172 -51.20 40.82 -54.06
N GLN R 173 -52.26 41.45 -54.58
CA GLN R 173 -52.32 41.75 -56.01
C GLN R 173 -51.26 42.76 -56.38
N ALA R 174 -51.02 43.74 -55.52
CA ALA R 174 -49.99 44.75 -55.78
C ALA R 174 -48.60 44.14 -55.63
N GLN R 175 -48.43 43.20 -54.70
CA GLN R 175 -47.13 42.58 -54.51
C GLN R 175 -46.81 41.55 -55.60
N ALA R 176 -47.82 41.03 -56.29
CA ALA R 176 -47.57 40.05 -57.34
C ALA R 176 -47.63 40.63 -58.75
N THR R 177 -48.31 41.75 -58.96
CA THR R 177 -48.43 42.35 -60.27
C THR R 177 -47.88 43.76 -60.38
N GLY R 178 -47.73 44.48 -59.27
CA GLY R 178 -47.21 45.84 -59.34
C GLY R 178 -48.23 46.87 -59.78
N LYS R 179 -49.52 46.62 -59.57
CA LYS R 179 -50.57 47.55 -59.95
C LYS R 179 -51.69 47.50 -58.92
N GLY R 180 -52.57 48.50 -58.99
CA GLY R 180 -53.68 48.61 -58.07
C GLY R 180 -54.78 47.62 -58.39
N PRO R 181 -55.82 47.58 -57.55
CA PRO R 181 -56.93 46.63 -57.78
C PRO R 181 -57.69 46.87 -59.06
N LEU R 182 -57.98 48.12 -59.41
CA LEU R 182 -58.70 48.38 -60.66
C LEU R 182 -57.84 48.08 -61.86
N ALA R 183 -56.54 48.40 -61.77
CA ALA R 183 -55.62 48.10 -62.87
C ALA R 183 -55.46 46.59 -63.03
N ALA R 184 -55.42 45.86 -61.92
CA ALA R 184 -55.32 44.40 -61.98
C ALA R 184 -56.59 43.81 -62.57
N LEU R 185 -57.75 44.36 -62.21
CA LEU R 185 -59.00 43.88 -62.75
C LEU R 185 -59.09 44.11 -64.25
N SER R 186 -58.65 45.29 -64.71
CA SER R 186 -58.66 45.57 -66.15
C SER R 186 -57.67 44.68 -66.88
N ALA R 187 -56.49 44.45 -66.28
CA ALA R 187 -55.50 43.58 -66.91
C ALA R 187 -56.01 42.15 -67.02
N HIS R 188 -56.75 41.69 -66.00
CA HIS R 188 -57.31 40.35 -66.06
C HIS R 188 -58.45 40.29 -67.06
N LEU R 189 -59.21 41.39 -67.20
CA LEU R 189 -60.29 41.40 -68.16
C LEU R 189 -59.77 41.44 -69.59
N SER R 190 -58.55 41.94 -69.79
CA SER R 190 -57.97 41.96 -71.14
C SER R 190 -57.68 40.56 -71.63
N ASN R 191 -57.16 39.70 -70.76
CA ASN R 191 -56.84 38.32 -71.10
C ASN R 191 -56.91 37.48 -69.83
N PRO R 192 -58.09 36.92 -69.52
CA PRO R 192 -58.23 36.12 -68.29
C PRO R 192 -57.37 34.87 -68.26
N PHE R 193 -57.11 34.27 -69.41
CA PHE R 193 -56.30 33.07 -69.47
C PHE R 193 -54.80 33.37 -69.50
N GLY R 194 -54.42 34.65 -69.58
CA GLY R 194 -53.02 35.01 -69.61
C GLY R 194 -52.57 35.76 -68.37
N ASN R 195 -53.47 36.51 -67.75
CA ASN R 195 -53.18 37.29 -66.55
C ASN R 195 -54.05 36.79 -65.40
N ASN R 196 -53.47 36.00 -64.51
CA ASN R 196 -54.16 35.45 -63.36
C ASN R 196 -53.11 35.05 -62.33
N ILE R 197 -53.56 34.38 -61.26
CA ILE R 197 -52.66 33.95 -60.21
C ILE R 197 -51.78 32.78 -60.65
N LEU R 198 -52.08 32.15 -61.79
CA LEU R 198 -51.27 31.03 -62.25
C LEU R 198 -49.89 31.49 -62.72
N LYS R 199 -49.80 32.68 -63.29
CA LYS R 199 -48.53 33.21 -63.79
C LYS R 199 -48.00 34.39 -62.99
N ASN R 200 -48.88 35.21 -62.41
CA ASN R 200 -48.42 36.37 -61.67
C ASN R 200 -47.79 35.98 -60.34
N ILE R 201 -48.14 34.81 -59.81
CA ILE R 201 -47.56 34.38 -58.54
C ILE R 201 -46.10 34.00 -58.76
N GLY R 202 -45.33 33.98 -57.67
CA GLY R 202 -43.94 33.66 -57.73
C GLY R 202 -43.03 34.83 -58.05
N THR R 203 -43.60 36.00 -58.32
CA THR R 203 -42.83 37.22 -58.63
C THR R 203 -43.21 38.29 -57.62
N CYS R 204 -42.21 38.84 -56.94
CA CYS R 204 -42.40 39.88 -55.94
C CYS R 204 -41.91 41.20 -56.55
N THR R 205 -42.84 42.08 -56.91
CA THR R 205 -42.50 43.35 -57.52
C THR R 205 -41.99 44.39 -56.51
N VAL R 206 -42.15 44.15 -55.22
CA VAL R 206 -41.68 45.09 -54.20
C VAL R 206 -40.15 45.03 -54.13
N PRO R 207 -39.46 46.17 -54.07
CA PRO R 207 -38.00 46.14 -54.00
C PRO R 207 -37.51 45.65 -52.64
N HIS R 208 -36.19 45.46 -52.55
CA HIS R 208 -35.57 44.99 -51.32
C HIS R 208 -35.72 46.03 -50.21
N SER R 209 -35.47 47.29 -50.52
CA SER R 209 -35.57 48.38 -49.56
C SER R 209 -35.75 49.67 -50.33
N VAL R 210 -36.17 50.71 -49.60
CA VAL R 210 -36.39 52.02 -50.19
C VAL R 210 -35.76 53.07 -49.28
N ASP R 211 -35.09 54.04 -49.87
CA ASP R 211 -34.44 55.11 -49.11
C ASP R 211 -35.41 56.27 -48.99
N VAL R 212 -36.08 56.36 -47.85
CA VAL R 212 -37.03 57.46 -47.60
C VAL R 212 -36.20 58.61 -47.06
N GLN R 213 -35.90 59.58 -47.94
CA GLN R 213 -35.09 60.76 -47.65
C GLN R 213 -33.70 60.35 -47.16
N GLY R 214 -33.53 60.27 -45.85
CA GLY R 214 -32.23 59.90 -45.32
C GLY R 214 -32.04 58.45 -44.89
N LEU R 215 -33.06 57.83 -44.31
CA LEU R 215 -32.94 56.46 -43.86
C LEU R 215 -33.60 55.49 -44.84
N THR R 216 -33.13 54.25 -44.79
CA THR R 216 -33.63 53.18 -45.66
C THR R 216 -34.59 52.30 -44.88
N ILE R 217 -35.73 52.01 -45.49
CA ILE R 217 -36.78 51.17 -44.89
C ILE R 217 -36.79 49.83 -45.62
N PRO R 218 -36.56 48.72 -44.94
CA PRO R 218 -36.59 47.42 -45.62
C PRO R 218 -38.00 47.03 -46.01
N LEU R 219 -38.14 46.38 -47.15
CA LEU R 219 -39.43 45.95 -47.65
C LEU R 219 -39.37 44.47 -48.03
N THR R 220 -40.53 43.83 -47.98
CA THR R 220 -40.61 42.42 -48.32
C THR R 220 -42.04 42.09 -48.72
N CYS R 221 -42.20 40.98 -49.44
CA CYS R 221 -43.51 40.51 -49.85
C CYS R 221 -43.99 39.51 -48.82
N LEU R 222 -45.29 39.19 -48.89
CA LEU R 222 -45.85 38.25 -47.93
C LEU R 222 -45.36 36.83 -48.19
N TRP R 223 -44.97 36.50 -49.41
CA TRP R 223 -44.47 35.19 -49.78
C TRP R 223 -43.11 35.32 -50.44
N PRO R 224 -42.27 34.28 -50.38
CA PRO R 224 -40.93 34.38 -50.99
C PRO R 224 -40.92 34.34 -52.51
N GLY R 225 -41.47 35.36 -53.16
CA GLY R 225 -41.46 35.42 -54.61
C GLY R 225 -40.16 35.96 -55.14
N SER R 226 -40.02 35.91 -56.47
CA SER R 226 -38.82 36.39 -57.12
C SER R 226 -38.83 37.92 -57.12
N GLN R 227 -37.76 38.52 -56.60
CA GLN R 227 -37.64 39.97 -56.51
C GLN R 227 -37.49 40.61 -57.90
N ARG S 1 -62.65 63.44 -8.02
CA ARG S 1 -61.24 63.68 -7.74
C ARG S 1 -60.40 63.47 -8.99
N PRO S 2 -59.66 64.50 -9.40
CA PRO S 2 -58.82 64.38 -10.60
C PRO S 2 -57.72 63.34 -10.42
N LEU S 3 -57.46 62.60 -11.50
CA LEU S 3 -56.45 61.57 -11.50
C LEU S 3 -55.61 61.66 -12.77
N TRP S 4 -54.46 60.99 -12.74
CA TRP S 4 -53.57 60.95 -13.90
C TRP S 4 -54.12 60.07 -15.00
N LEU S 5 -55.20 59.34 -14.74
CA LEU S 5 -55.82 58.46 -15.72
C LEU S 5 -57.28 58.37 -15.34
N PRO S 6 -58.13 59.17 -16.00
CA PRO S 6 -59.57 59.15 -15.67
C PRO S 6 -60.19 57.78 -15.92
N GLY S 7 -60.84 57.26 -14.88
CA GLY S 7 -61.46 55.96 -14.96
C GLY S 7 -60.62 54.83 -14.40
N SER S 8 -59.43 55.12 -13.89
CA SER S 8 -58.55 54.12 -13.31
C SER S 8 -58.65 54.17 -11.79
N THR S 9 -58.20 53.09 -11.17
CA THR S 9 -58.22 52.99 -9.72
C THR S 9 -56.89 53.43 -9.15
N PRO S 10 -56.85 54.45 -8.29
CA PRO S 10 -55.58 54.90 -7.72
C PRO S 10 -55.05 53.88 -6.73
N PRO S 11 -53.75 53.92 -6.40
CA PRO S 11 -53.20 52.95 -5.45
C PRO S 11 -53.79 53.12 -4.06
N ALA S 12 -53.72 52.03 -3.28
CA ALA S 12 -54.27 52.03 -1.93
C ALA S 12 -53.55 53.02 -1.01
N HIS S 13 -52.22 53.12 -1.14
CA HIS S 13 -51.48 54.03 -0.28
C HIS S 13 -51.67 55.50 -0.64
N LEU S 14 -52.31 55.81 -1.78
CA LEU S 14 -52.56 57.18 -2.19
C LEU S 14 -54.03 57.48 -1.96
N LYS S 15 -54.35 58.06 -0.81
CA LYS S 15 -55.71 58.40 -0.43
C LYS S 15 -56.09 59.83 -0.78
N GLY S 16 -55.18 60.62 -1.35
CA GLY S 16 -55.49 61.99 -1.69
C GLY S 16 -55.31 62.99 -0.58
N ASP S 17 -54.51 62.66 0.44
CA ASP S 17 -54.25 63.57 1.55
C ASP S 17 -53.14 64.55 1.24
N LEU S 18 -52.04 64.08 0.64
CA LEU S 18 -50.93 64.95 0.32
C LEU S 18 -51.28 65.83 -0.87
N PRO S 19 -50.72 67.04 -0.94
CA PRO S 19 -51.02 67.92 -2.07
C PRO S 19 -50.44 67.35 -3.37
N GLY S 20 -51.15 67.55 -4.46
CA GLY S 20 -50.70 67.03 -5.73
C GLY S 20 -50.94 65.55 -5.90
N ASP S 21 -51.78 64.95 -5.06
CA ASP S 21 -52.08 63.52 -5.14
C ASP S 21 -53.02 63.28 -6.31
N PHE S 22 -52.55 62.53 -7.30
CA PHE S 22 -53.35 62.19 -8.47
C PHE S 22 -53.36 60.69 -8.72
N GLY S 23 -52.98 59.91 -7.72
CA GLY S 23 -52.97 58.46 -7.82
C GLY S 23 -51.99 57.92 -8.84
N PHE S 24 -50.82 58.54 -8.95
CA PHE S 24 -49.80 58.09 -9.90
C PHE S 24 -48.64 57.45 -9.18
N ASP S 25 -48.62 56.12 -9.19
CA ASP S 25 -47.56 55.32 -8.58
C ASP S 25 -47.60 53.90 -9.15
N PRO S 26 -47.29 53.70 -10.43
CA PRO S 26 -47.35 52.33 -10.98
C PRO S 26 -46.28 51.41 -10.40
N LEU S 27 -45.15 51.95 -9.95
CA LEU S 27 -44.10 51.12 -9.39
C LEU S 27 -44.29 50.88 -7.89
N GLY S 28 -45.21 51.59 -7.25
CA GLY S 28 -45.46 51.42 -5.83
C GLY S 28 -44.31 51.87 -4.96
N LEU S 29 -43.65 52.97 -5.34
CA LEU S 29 -42.52 53.46 -4.56
C LEU S 29 -42.97 54.10 -3.26
N GLY S 30 -44.16 54.67 -3.22
CA GLY S 30 -44.69 55.32 -2.04
C GLY S 30 -45.51 54.43 -1.14
N ALA S 31 -45.42 53.10 -1.28
CA ALA S 31 -46.20 52.20 -0.44
C ALA S 31 -45.75 52.28 1.02
N ASN S 32 -44.45 52.38 1.26
CA ASN S 32 -43.95 52.48 2.63
C ASN S 32 -44.21 53.88 3.16
N ALA S 33 -44.49 53.98 4.47
CA ALA S 33 -44.78 55.28 5.07
C ALA S 33 -43.51 56.12 5.20
N GLU S 34 -42.42 55.53 5.68
CA GLU S 34 -41.18 56.29 5.84
C GLU S 34 -40.61 56.67 4.48
N SER S 35 -40.69 55.77 3.51
CA SER S 35 -40.20 56.06 2.16
C SER S 35 -41.01 57.19 1.55
N LEU S 36 -42.32 57.18 1.74
CA LEU S 36 -43.17 58.25 1.21
C LEU S 36 -42.86 59.58 1.88
N LYS S 37 -42.59 59.53 3.19
CA LYS S 37 -42.26 60.75 3.94
C LYS S 37 -40.96 61.36 3.42
N TRP S 38 -39.98 60.51 3.09
CA TRP S 38 -38.71 61.00 2.57
C TRP S 38 -38.87 61.50 1.13
N PHE S 39 -39.61 60.76 0.30
CA PHE S 39 -39.81 61.14 -1.09
C PHE S 39 -40.62 62.42 -1.22
N LYS S 40 -41.48 62.72 -0.25
CA LYS S 40 -42.26 63.97 -0.32
C LYS S 40 -41.33 65.17 -0.23
N GLU S 41 -40.39 65.12 0.72
CA GLU S 41 -39.42 66.20 0.86
C GLU S 41 -38.51 66.25 -0.34
N SER S 42 -38.14 65.08 -0.87
CA SER S 42 -37.28 65.03 -2.06
C SER S 42 -37.97 65.70 -3.25
N GLU S 43 -39.26 65.44 -3.43
CA GLU S 43 -40.02 66.05 -4.52
C GLU S 43 -40.16 67.55 -4.32
N LEU S 44 -40.39 67.99 -3.08
CA LEU S 44 -40.52 69.42 -2.81
C LEU S 44 -39.22 70.17 -3.10
N VAL S 45 -38.10 69.61 -2.64
CA VAL S 45 -36.80 70.24 -2.85
C VAL S 45 -36.45 70.25 -4.34
N HIS S 46 -36.74 69.14 -5.04
CA HIS S 46 -36.49 69.06 -6.47
C HIS S 46 -37.33 70.09 -7.22
N SER S 47 -38.60 70.23 -6.81
CA SER S 47 -39.52 71.17 -7.43
C SER S 47 -39.02 72.60 -7.29
N ARG S 48 -38.64 73.00 -6.07
CA ARG S 48 -38.16 74.36 -5.86
C ARG S 48 -36.86 74.63 -6.59
N TRP S 49 -35.91 73.67 -6.56
CA TRP S 49 -34.65 73.85 -7.26
C TRP S 49 -34.87 73.98 -8.76
N ALA S 50 -35.73 73.13 -9.33
CA ALA S 50 -35.99 73.17 -10.77
C ALA S 50 -36.72 74.45 -11.15
N MET S 51 -37.63 74.94 -10.31
CA MET S 51 -38.35 76.18 -10.61
C MET S 51 -37.38 77.34 -10.66
N ALA S 52 -36.52 77.45 -9.65
CA ALA S 52 -35.54 78.53 -9.61
C ALA S 52 -34.56 78.41 -10.78
N ALA S 53 -34.16 77.19 -11.13
CA ALA S 53 -33.23 76.98 -12.22
C ALA S 53 -33.83 77.36 -13.57
N VAL S 54 -35.08 76.95 -13.83
CA VAL S 54 -35.72 77.28 -15.11
C VAL S 54 -35.93 78.77 -15.22
N ALA S 55 -36.39 79.41 -14.14
CA ALA S 55 -36.58 80.86 -14.19
C ALA S 55 -35.24 81.57 -14.40
N GLY S 56 -34.18 81.08 -13.76
CA GLY S 56 -32.88 81.68 -13.94
C GLY S 56 -32.34 81.52 -15.35
N ILE S 57 -32.56 80.35 -15.96
CA ILE S 57 -32.10 80.11 -17.31
C ILE S 57 -32.81 81.03 -18.29
N LEU S 58 -34.14 81.16 -18.14
CA LEU S 58 -34.91 82.03 -19.03
C LEU S 58 -34.49 83.49 -18.88
N VAL S 59 -34.32 83.96 -17.63
CA VAL S 59 -33.91 85.34 -17.41
C VAL S 59 -32.47 85.56 -17.91
N GLN S 60 -31.63 84.52 -17.78
CA GLN S 60 -30.25 84.62 -18.26
C GLN S 60 -30.20 84.77 -19.77
N GLU S 61 -31.03 84.01 -20.50
CA GLU S 61 -31.03 84.14 -21.95
C GLU S 61 -31.67 85.45 -22.39
N ILE S 62 -32.69 85.92 -21.66
CA ILE S 62 -33.33 87.17 -22.03
C ILE S 62 -32.39 88.36 -21.80
N VAL S 63 -31.75 88.41 -20.63
CA VAL S 63 -30.84 89.50 -20.29
C VAL S 63 -29.52 89.39 -21.05
N ARG S 64 -28.93 88.19 -21.10
CA ARG S 64 -27.65 87.95 -21.78
C ARG S 64 -27.83 86.90 -22.86
N PRO S 65 -28.31 87.29 -24.04
CA PRO S 65 -28.49 86.32 -25.12
C PRO S 65 -27.19 85.81 -25.71
N ASP S 66 -26.09 86.55 -25.54
CA ASP S 66 -24.80 86.14 -26.08
C ASP S 66 -24.09 85.10 -25.21
N VAL S 67 -24.63 84.78 -24.04
CA VAL S 67 -24.02 83.81 -23.14
C VAL S 67 -24.90 82.58 -23.06
N PHE S 68 -24.34 81.43 -23.39
CA PHE S 68 -25.04 80.16 -23.34
C PHE S 68 -25.08 79.69 -21.89
N TRP S 69 -26.26 79.24 -21.43
CA TRP S 69 -26.39 78.77 -20.05
C TRP S 69 -25.52 77.55 -19.81
N TYR S 70 -25.42 76.66 -20.79
CA TYR S 70 -24.60 75.46 -20.65
C TYR S 70 -23.12 75.81 -20.49
N ASN S 71 -22.71 76.95 -21.03
CA ASN S 71 -21.35 77.46 -20.91
C ASN S 71 -21.22 78.50 -19.81
N ALA S 72 -22.32 78.76 -19.07
CA ALA S 72 -22.30 79.77 -18.01
C ALA S 72 -21.28 79.45 -16.93
N GLY S 73 -21.03 78.17 -16.68
CA GLY S 73 -20.02 77.87 -15.67
C GLY S 73 -18.60 78.07 -16.13
N LYS S 74 -18.39 78.30 -17.42
CA LYS S 74 -17.06 78.48 -18.00
C LYS S 74 -16.73 79.90 -18.39
N GLU S 75 -17.64 80.63 -19.05
CA GLU S 75 -17.37 81.99 -19.50
C GLU S 75 -17.79 83.07 -18.50
N VAL S 76 -17.77 82.77 -17.21
CA VAL S 76 -18.10 83.76 -16.17
C VAL S 76 -16.87 83.96 -15.31
N GLU S 77 -16.36 85.19 -15.30
CA GLU S 77 -15.17 85.55 -14.53
C GLU S 77 -15.57 86.53 -13.44
N SER S 78 -15.18 86.24 -12.21
CA SER S 78 -15.45 87.05 -11.04
C SER S 78 -14.17 87.26 -10.25
N PRO S 79 -14.04 88.37 -9.53
CA PRO S 79 -12.83 88.59 -8.72
C PRO S 79 -12.63 87.52 -7.67
N LEU S 80 -13.71 86.88 -7.23
CA LEU S 80 -13.64 85.80 -6.28
C LEU S 80 -13.28 84.53 -7.05
N GLY S 81 -12.24 83.84 -6.61
CA GLY S 81 -11.78 82.64 -7.28
C GLY S 81 -12.79 81.52 -7.27
N PRO S 82 -12.70 80.61 -8.25
CA PRO S 82 -13.64 79.48 -8.29
C PRO S 82 -13.58 78.58 -7.08
N LEU S 83 -12.38 78.35 -6.54
CA LEU S 83 -12.26 77.52 -5.35
C LEU S 83 -12.84 78.23 -4.14
N GLY S 84 -12.69 79.56 -4.07
CA GLY S 84 -13.26 80.31 -2.97
C GLY S 84 -14.78 80.28 -3.01
N LEU S 85 -15.35 80.43 -4.21
CA LEU S 85 -16.79 80.37 -4.38
C LEU S 85 -17.31 78.98 -4.03
N LEU S 86 -16.55 77.94 -4.42
CA LEU S 86 -16.95 76.57 -4.11
C LEU S 86 -16.93 76.34 -2.60
N ALA S 87 -15.93 76.89 -1.90
CA ALA S 87 -15.86 76.74 -0.46
C ALA S 87 -17.01 77.45 0.25
N VAL S 88 -17.33 78.68 -0.20
CA VAL S 88 -18.43 79.43 0.39
C VAL S 88 -19.74 78.69 0.20
N GLU S 89 -19.99 78.23 -1.04
CA GLU S 89 -21.20 77.49 -1.35
C GLU S 89 -21.28 76.18 -0.57
N PHE S 90 -20.14 75.49 -0.42
CA PHE S 90 -20.12 74.23 0.30
C PHE S 90 -20.50 74.43 1.77
N PHE S 91 -19.91 75.45 2.42
CA PHE S 91 -20.22 75.68 3.83
C PHE S 91 -21.66 76.12 4.04
N LEU S 92 -22.14 77.07 3.24
CA LEU S 92 -23.52 77.55 3.41
C LEU S 92 -24.54 76.44 3.09
N MET S 93 -24.32 75.72 1.99
CA MET S 93 -25.22 74.63 1.62
C MET S 93 -25.18 73.51 2.64
N HIS S 94 -24.00 73.23 3.20
CA HIS S 94 -23.90 72.18 4.20
C HIS S 94 -24.69 72.56 5.44
N TRP S 95 -24.58 73.82 5.87
CA TRP S 95 -25.33 74.25 7.05
C TRP S 95 -26.84 74.16 6.85
N VAL S 96 -27.34 74.71 5.73
CA VAL S 96 -28.79 74.68 5.49
C VAL S 96 -29.30 73.26 5.25
N GLU S 97 -28.53 72.42 4.56
CA GLU S 97 -28.99 71.07 4.29
C GLU S 97 -28.98 70.22 5.56
N VAL S 98 -28.02 70.44 6.46
CA VAL S 98 -28.03 69.69 7.71
C VAL S 98 -29.20 70.12 8.57
N ARG S 99 -29.51 71.42 8.57
CA ARG S 99 -30.68 71.88 9.35
C ARG S 99 -31.98 71.30 8.79
N ARG S 100 -32.12 71.29 7.47
CA ARG S 100 -33.32 70.74 6.84
C ARG S 100 -33.43 69.23 7.08
N TRP S 101 -32.30 68.52 7.00
CA TRP S 101 -32.29 67.09 7.23
C TRP S 101 -32.66 66.75 8.67
N GLN S 102 -32.16 67.56 9.61
CA GLN S 102 -32.49 67.33 11.01
C GLN S 102 -33.97 67.61 11.27
N ASP S 103 -34.53 68.59 10.57
CA ASP S 103 -35.96 68.86 10.71
C ASP S 103 -36.77 67.70 10.15
N LEU S 104 -36.27 67.07 9.09
CA LEU S 104 -36.95 65.92 8.50
C LEU S 104 -36.95 64.74 9.45
N ARG S 105 -35.77 64.37 9.97
CA ARG S 105 -35.69 63.21 10.84
C ARG S 105 -36.22 63.50 12.24
N LYS S 106 -36.15 64.75 12.70
CA LYS S 106 -36.62 65.14 14.03
C LYS S 106 -37.46 66.40 13.89
N PRO S 107 -38.76 66.26 13.62
CA PRO S 107 -39.63 67.44 13.47
C PRO S 107 -39.72 68.25 14.75
N GLY S 108 -39.72 69.58 14.59
CA GLY S 108 -39.80 70.47 15.72
C GLY S 108 -38.58 70.44 16.61
N SER S 109 -37.39 70.37 16.02
CA SER S 109 -36.15 70.34 16.78
C SER S 109 -35.13 71.38 16.37
N VAL S 110 -35.22 71.97 15.19
CA VAL S 110 -34.26 72.98 14.75
C VAL S 110 -34.98 74.28 14.41
N ASP S 111 -36.19 74.45 14.94
CA ASP S 111 -36.96 75.66 14.69
C ASP S 111 -36.45 76.87 15.46
N GLN S 112 -35.53 76.68 16.40
CA GLN S 112 -35.00 77.77 17.21
C GLN S 112 -33.75 78.38 16.56
N ASP S 113 -33.69 79.70 16.58
CA ASP S 113 -32.54 80.42 16.04
C ASP S 113 -31.36 80.23 16.97
N PRO S 114 -30.24 79.66 16.52
CA PRO S 114 -29.09 79.45 17.41
C PRO S 114 -28.38 80.73 17.84
N ILE S 115 -28.54 81.82 17.11
CA ILE S 115 -27.88 83.07 17.46
C ILE S 115 -28.74 83.90 18.42
N PHE S 116 -30.01 84.09 18.09
CA PHE S 116 -30.93 84.87 18.90
C PHE S 116 -31.97 83.93 19.51
N SER S 117 -32.08 83.95 20.83
CA SER S 117 -33.03 83.09 21.52
C SER S 117 -34.47 83.60 21.43
N GLN S 118 -34.68 84.82 20.93
CA GLN S 118 -36.01 85.40 20.81
C GLN S 118 -36.70 85.05 19.51
N TYR S 119 -36.02 84.36 18.58
CA TYR S 119 -36.59 83.99 17.30
C TYR S 119 -36.75 82.48 17.23
N LYS S 120 -37.96 82.04 16.89
CA LYS S 120 -38.25 80.62 16.78
C LYS S 120 -39.39 80.41 15.80
N LEU S 121 -39.24 79.41 14.93
CA LEU S 121 -40.27 79.13 13.95
C LEU S 121 -41.49 78.52 14.64
N PRO S 122 -42.69 78.88 14.22
CA PRO S 122 -43.90 78.30 14.83
C PRO S 122 -44.05 76.84 14.40
N PRO S 123 -44.89 76.06 15.08
CA PRO S 123 -45.06 74.66 14.68
C PRO S 123 -45.59 74.55 13.25
N HIS S 124 -45.02 73.62 12.50
CA HIS S 124 -45.40 73.43 11.10
C HIS S 124 -45.21 71.96 10.74
N GLU S 125 -45.22 71.69 9.44
CA GLU S 125 -45.05 70.35 8.90
C GLU S 125 -43.71 70.24 8.19
N VAL S 126 -43.27 69.00 7.97
CA VAL S 126 -42.00 68.77 7.29
C VAL S 126 -42.14 69.15 5.82
N GLY S 127 -41.20 69.97 5.34
CA GLY S 127 -41.21 70.45 3.99
C GLY S 127 -41.86 71.80 3.81
N TYR S 128 -42.56 72.30 4.83
CA TYR S 128 -43.24 73.59 4.79
C TYR S 128 -42.84 74.35 6.05
N PRO S 129 -41.65 74.99 6.05
CA PRO S 129 -41.18 75.73 7.24
C PRO S 129 -42.08 76.86 7.70
N GLY S 130 -42.33 77.83 6.84
CA GLY S 130 -43.17 78.95 7.23
C GLY S 130 -42.46 79.89 8.19
N GLY S 131 -43.27 80.72 8.85
CA GLY S 131 -42.72 81.67 9.80
C GLY S 131 -41.98 82.77 9.08
N VAL S 132 -40.66 82.83 9.30
CA VAL S 132 -39.85 83.86 8.65
C VAL S 132 -39.68 83.52 7.17
N PHE S 133 -39.83 82.26 6.80
CA PHE S 133 -39.70 81.84 5.41
C PHE S 133 -40.93 82.17 4.57
N ALA S 134 -42.05 82.50 5.21
CA ALA S 134 -43.29 82.84 4.52
C ALA S 134 -43.85 84.15 5.08
N PRO S 135 -43.27 85.29 4.69
CA PRO S 135 -43.80 86.57 5.20
C PRO S 135 -45.16 86.94 4.63
N PHE S 136 -45.48 86.48 3.43
CA PHE S 136 -46.76 86.77 2.79
C PHE S 136 -47.32 85.52 2.15
N ILE S 137 -48.55 85.16 2.53
CA ILE S 137 -49.23 83.98 1.99
C ILE S 137 -50.58 84.43 1.45
N PRO S 138 -50.65 84.90 0.19
CA PRO S 138 -51.94 85.35 -0.37
C PRO S 138 -52.77 84.19 -0.91
N GLY S 139 -53.86 83.88 -0.23
CA GLY S 139 -54.75 82.82 -0.64
C GLY S 139 -54.71 81.64 0.32
N ASP S 140 -55.43 80.59 -0.07
CA ASP S 140 -55.50 79.37 0.72
C ASP S 140 -54.17 78.63 0.69
N LEU S 141 -53.88 77.93 1.78
CA LEU S 141 -52.63 77.19 1.86
C LEU S 141 -52.63 75.92 1.01
N ALA S 142 -53.74 75.17 1.05
CA ALA S 142 -53.83 73.93 0.27
C ALA S 142 -53.81 74.20 -1.23
N GLU S 143 -54.55 75.21 -1.68
CA GLU S 143 -54.59 75.55 -3.10
C GLU S 143 -53.22 75.99 -3.58
N LEU S 144 -52.54 76.81 -2.77
CA LEU S 144 -51.20 77.27 -3.13
C LEU S 144 -50.20 76.11 -3.12
N LYS S 145 -50.40 75.14 -2.22
CA LYS S 145 -49.52 73.98 -2.19
C LYS S 145 -49.67 73.14 -3.44
N VAL S 146 -50.91 72.98 -3.91
CA VAL S 146 -51.17 72.24 -5.13
C VAL S 146 -50.56 72.97 -6.32
N LYS S 147 -50.69 74.30 -6.34
CA LYS S 147 -50.11 75.10 -7.42
C LYS S 147 -48.59 74.98 -7.42
N GLU S 148 -47.98 74.97 -6.24
CA GLU S 148 -46.53 74.87 -6.13
C GLU S 148 -46.03 73.52 -6.61
N ILE S 149 -46.69 72.42 -6.21
CA ILE S 149 -46.22 71.11 -6.63
C ILE S 149 -46.44 70.91 -8.14
N LYS S 150 -47.53 71.45 -8.70
CA LYS S 150 -47.76 71.30 -10.13
C LYS S 150 -46.74 72.11 -10.92
N ASN S 151 -46.46 73.35 -10.50
CA ASN S 151 -45.47 74.18 -11.16
C ASN S 151 -44.09 73.55 -11.03
N GLY S 152 -43.82 72.91 -9.89
CA GLY S 152 -42.53 72.27 -9.70
C GLY S 152 -42.33 71.07 -10.60
N ARG S 153 -43.38 70.26 -10.79
CA ARG S 153 -43.27 69.11 -11.69
C ARG S 153 -43.04 69.58 -13.12
N LEU S 154 -43.78 70.63 -13.52
CA LEU S 154 -43.61 71.19 -14.85
C LEU S 154 -42.20 71.74 -15.03
N ALA S 155 -41.66 72.39 -13.99
CA ALA S 155 -40.31 72.95 -14.08
C ALA S 155 -39.25 71.84 -14.11
N MET S 156 -39.51 70.71 -13.44
CA MET S 156 -38.55 69.60 -13.48
C MET S 156 -38.45 69.05 -14.89
N LEU S 157 -39.61 68.83 -15.52
CA LEU S 157 -39.61 68.34 -16.90
C LEU S 157 -39.00 69.39 -17.83
N ALA S 158 -39.23 70.67 -17.51
CA ALA S 158 -38.68 71.75 -18.31
C ALA S 158 -37.16 71.77 -18.23
N PHE S 159 -36.59 71.55 -17.05
CA PHE S 159 -35.14 71.55 -16.93
C PHE S 159 -34.54 70.38 -17.69
N VAL S 160 -35.20 69.21 -17.63
CA VAL S 160 -34.69 68.06 -18.37
C VAL S 160 -34.74 68.35 -19.87
N GLY S 161 -35.81 69.01 -20.32
CA GLY S 161 -35.91 69.40 -21.71
C GLY S 161 -34.87 70.43 -22.10
N PHE S 162 -34.53 71.33 -21.17
CA PHE S 162 -33.51 72.34 -21.41
C PHE S 162 -32.17 71.68 -21.64
N VAL S 163 -31.82 70.72 -20.78
CA VAL S 163 -30.55 70.01 -20.88
C VAL S 163 -30.48 69.21 -22.18
N MET S 164 -31.56 68.48 -22.50
CA MET S 164 -31.56 67.68 -23.72
C MET S 164 -31.50 68.55 -24.98
N ALA S 165 -32.23 69.66 -25.00
CA ALA S 165 -32.21 70.53 -26.16
C ALA S 165 -30.86 71.22 -26.31
N ALA S 166 -30.20 71.51 -25.18
CA ALA S 166 -28.88 72.14 -25.24
C ALA S 166 -27.83 71.15 -25.70
N GLN S 167 -28.03 69.86 -25.39
CA GLN S 167 -27.06 68.86 -25.81
C GLN S 167 -27.29 68.39 -27.24
N VAL S 168 -28.52 68.49 -27.74
CA VAL S 168 -28.83 68.05 -29.09
C VAL S 168 -28.68 69.18 -30.11
N THR S 169 -29.18 70.37 -29.81
CA THR S 169 -29.09 71.49 -30.74
C THR S 169 -28.01 72.51 -30.40
N GLY S 170 -27.53 72.55 -29.17
CA GLY S 170 -26.50 73.51 -28.81
C GLY S 170 -26.99 74.93 -28.64
N LYS S 171 -28.29 75.12 -28.41
CA LYS S 171 -28.87 76.44 -28.23
C LYS S 171 -29.66 76.48 -26.93
N GLY S 172 -29.99 77.70 -26.51
CA GLY S 172 -30.76 77.91 -25.30
C GLY S 172 -32.22 77.62 -25.52
N PRO S 173 -33.01 77.71 -24.43
CA PRO S 173 -34.46 77.45 -24.54
C PRO S 173 -35.20 78.38 -25.49
N ILE S 174 -35.00 79.69 -25.38
CA ILE S 174 -35.67 80.63 -26.28
C ILE S 174 -35.16 80.44 -27.71
N ALA S 175 -33.84 80.23 -27.86
CA ALA S 175 -33.27 80.01 -29.18
C ALA S 175 -33.82 78.74 -29.83
N ALA S 176 -33.95 77.67 -29.03
CA ALA S 176 -34.50 76.42 -29.55
C ALA S 176 -35.97 76.59 -29.91
N LEU S 177 -36.70 77.38 -29.11
CA LEU S 177 -38.11 77.62 -29.40
C LEU S 177 -38.27 78.39 -30.70
N GLN S 178 -37.42 79.41 -30.93
CA GLN S 178 -37.50 80.17 -32.17
C GLN S 178 -37.11 79.31 -33.37
N GLU S 179 -36.09 78.46 -33.19
CA GLU S 179 -35.66 77.57 -34.26
C GLU S 179 -36.76 76.58 -34.61
N HIS S 180 -37.48 76.10 -33.60
CA HIS S 180 -38.57 75.17 -33.84
C HIS S 180 -39.77 75.87 -34.46
N LEU S 181 -40.03 77.11 -34.04
CA LEU S 181 -41.16 77.85 -34.58
C LEU S 181 -40.92 78.25 -36.04
N ALA S 182 -39.66 78.39 -36.44
CA ALA S 182 -39.34 78.74 -37.82
C ALA S 182 -39.72 77.60 -38.77
N ASP S 183 -39.34 76.37 -38.43
CA ASP S 183 -39.62 75.19 -39.24
C ASP S 183 -40.15 74.09 -38.33
N PRO S 184 -41.43 74.16 -37.96
CA PRO S 184 -41.98 73.13 -37.04
C PRO S 184 -42.00 71.72 -37.58
N TRP S 185 -42.15 71.52 -38.89
CA TRP S 185 -42.19 70.16 -39.42
C TRP S 185 -40.80 69.54 -39.55
N GLY S 186 -39.75 70.35 -39.51
CA GLY S 186 -38.41 69.80 -39.65
C GLY S 186 -37.44 70.08 -38.51
N THR S 187 -37.96 70.33 -37.31
CA THR S 187 -37.12 70.60 -36.15
C THR S 187 -37.43 69.75 -34.93
N THR S 188 -38.41 68.85 -35.01
CA THR S 188 -38.72 68.00 -33.88
C THR S 188 -37.67 66.91 -33.74
N ILE S 189 -37.74 66.17 -32.63
CA ILE S 189 -36.79 65.08 -32.41
C ILE S 189 -37.00 63.98 -33.44
N PHE S 190 -38.24 63.83 -33.93
CA PHE S 190 -38.52 62.82 -34.94
C PHE S 190 -37.90 63.20 -36.28
N SER S 191 -37.75 64.50 -36.52
CA SER S 191 -37.14 65.00 -37.74
C SER S 191 -35.62 64.98 -37.67
N LYS S 192 -35.05 64.81 -36.48
CA LYS S 192 -33.61 64.78 -36.28
C LYS S 192 -33.04 63.37 -36.20
N ALA S 193 -33.86 62.38 -35.85
CA ALA S 193 -33.35 61.02 -35.73
C ALA S 193 -34.49 60.03 -35.96
N ALA S 194 -34.09 58.78 -36.22
CA ALA S 194 -34.99 57.67 -36.47
C ALA S 194 -34.19 56.39 -36.37
N VAL S 195 -34.83 55.32 -35.90
CA VAL S 195 -34.19 54.03 -35.74
C VAL S 195 -35.03 52.97 -36.46
N VAL S 196 -34.37 52.13 -37.26
CA VAL S 196 -35.03 51.02 -37.96
C VAL S 196 -34.13 49.80 -37.82
N PRO S 197 -34.67 48.59 -38.03
CA PRO S 197 -33.83 47.39 -37.91
C PRO S 197 -32.61 47.35 -38.82
N GLY S 198 -32.50 48.22 -39.82
CA GLY S 198 -31.35 48.24 -40.69
C GLY S 198 -30.42 49.40 -40.47
N GLN S 199 -30.90 50.47 -39.84
CA GLN S 199 -30.07 51.65 -39.61
C GLN S 199 -30.53 52.39 -38.35
N ALA S 200 -29.58 52.95 -37.63
CA ALA S 200 -29.84 53.72 -36.42
C ALA S 200 -29.07 55.03 -36.51
N VAL S 201 -29.78 56.13 -36.74
CA VAL S 201 -29.17 57.45 -36.86
C VAL S 201 -29.56 58.27 -35.63
N ALA S 202 -28.57 58.98 -35.08
CA ALA S 202 -28.74 59.81 -33.90
C ALA S 202 -28.16 61.19 -34.16
N PRO S 203 -28.69 62.23 -33.51
CA PRO S 203 -28.15 63.58 -33.73
C PRO S 203 -26.78 63.71 -33.07
N PRO S 204 -25.88 64.48 -33.67
CA PRO S 204 -24.55 64.63 -33.06
C PRO S 204 -24.60 65.47 -31.78
N CYS S 205 -23.70 65.14 -30.86
CA CYS S 205 -23.61 65.86 -29.59
C CYS S 205 -22.92 67.20 -29.85
N LYS S 206 -23.67 68.29 -29.72
CA LYS S 206 -23.12 69.62 -29.96
C LYS S 206 -22.18 70.08 -28.86
N ILE S 207 -22.23 69.46 -27.69
CA ILE S 207 -21.36 69.85 -26.59
C ILE S 207 -19.98 69.21 -26.81
N PRO S 208 -18.89 69.98 -26.74
CA PRO S 208 -17.57 69.38 -26.93
C PRO S 208 -17.23 68.44 -25.79
N ALA S 209 -16.45 67.41 -26.10
CA ALA S 209 -16.08 66.40 -25.09
C ALA S 209 -15.25 67.00 -23.97
N SER S 210 -14.29 67.86 -24.30
CA SER S 210 -13.43 68.48 -23.30
C SER S 210 -13.56 69.99 -23.31
N VAL S 211 -13.46 70.58 -22.13
CA VAL S 211 -13.54 72.02 -21.93
C VAL S 211 -12.33 72.46 -21.12
N SER S 212 -11.58 73.43 -21.64
CA SER S 212 -10.39 73.93 -20.96
C SER S 212 -10.80 75.08 -20.03
N TYR S 213 -10.61 74.86 -18.73
CA TYR S 213 -10.96 75.86 -17.71
C TYR S 213 -9.74 76.04 -16.80
N LYS S 214 -8.94 77.08 -17.10
CA LYS S 214 -7.73 77.41 -16.34
C LYS S 214 -6.75 76.25 -16.30
N GLY S 215 -6.62 75.55 -17.43
CA GLY S 215 -5.71 74.41 -17.53
C GLY S 215 -6.07 73.21 -16.69
N ILE S 216 -7.33 72.78 -16.71
CA ILE S 216 -7.76 71.63 -15.94
C ILE S 216 -8.42 70.54 -16.80
N GLU S 217 -8.92 70.87 -17.99
CA GLU S 217 -9.54 69.92 -18.94
C GLU S 217 -10.72 69.16 -18.32
N ILE S 218 -11.80 69.91 -18.07
CA ILE S 218 -13.02 69.33 -17.51
C ILE S 218 -13.76 68.58 -18.61
N PRO S 219 -14.10 67.29 -18.40
CA PRO S 219 -14.84 66.55 -19.43
C PRO S 219 -16.32 66.90 -19.38
N THR S 220 -16.89 67.18 -20.55
CA THR S 220 -18.31 67.56 -20.67
C THR S 220 -19.01 66.69 -21.69
N PRO S 221 -19.40 65.46 -21.32
CA PRO S 221 -20.08 64.59 -22.29
C PRO S 221 -21.59 64.67 -22.24
N CYS S 222 -22.21 64.48 -23.41
CA CYS S 222 -23.66 64.51 -23.52
C CYS S 222 -24.26 63.33 -22.76
N PHE S 223 -25.35 63.61 -22.02
CA PHE S 223 -25.99 62.59 -21.19
C PHE S 223 -26.52 61.41 -21.99
N LEU S 224 -25.89 60.24 -21.79
CA LEU S 224 -26.23 58.96 -22.42
C LEU S 224 -26.35 59.09 -23.94
N GLN S 225 -25.27 59.60 -24.55
CA GLN S 225 -25.26 59.80 -26.01
C GLN S 225 -25.38 58.49 -26.77
N GLY S 226 -24.90 57.38 -26.19
CA GLY S 226 -25.00 56.09 -26.86
C GLY S 226 -26.42 55.60 -26.99
N LEU S 227 -27.27 55.91 -26.00
CA LEU S 227 -28.66 55.50 -25.99
C LEU S 227 -29.58 56.50 -26.68
N TRP S 228 -29.01 57.51 -27.34
CA TRP S 228 -29.83 58.51 -28.02
C TRP S 228 -30.55 57.86 -29.19
N PRO S 229 -31.81 58.25 -29.45
CA PRO S 229 -32.56 57.66 -30.57
C PRO S 229 -32.10 58.24 -31.90
N ARG T 1 31.11 -79.19 25.63
CA ARG T 1 30.76 -78.56 24.35
C ARG T 1 31.57 -77.30 24.14
N PRO T 2 32.63 -77.39 23.33
CA PRO T 2 33.47 -76.21 23.07
C PRO T 2 32.71 -75.18 22.26
N MET T 3 33.03 -73.92 22.49
CA MET T 3 32.40 -72.80 21.81
C MET T 3 33.38 -72.13 20.86
N TRP T 4 32.94 -71.04 20.23
CA TRP T 4 33.82 -70.35 19.27
C TRP T 4 34.92 -69.49 19.90
N TYR T 5 35.11 -69.56 21.21
CA TYR T 5 36.15 -68.88 21.95
C TYR T 5 36.08 -69.36 23.40
N PRO T 6 37.16 -69.26 24.18
CA PRO T 6 37.12 -69.77 25.55
C PRO T 6 36.20 -69.01 26.49
N GLY T 7 34.91 -69.35 26.51
CA GLY T 7 33.98 -68.68 27.39
C GLY T 7 32.78 -68.04 26.73
N ALA T 8 32.37 -68.55 25.57
CA ALA T 8 31.22 -67.98 24.87
C ALA T 8 29.91 -68.49 25.48
N THR T 9 28.81 -68.01 24.92
CA THR T 9 27.47 -68.38 25.34
C THR T 9 26.59 -68.47 24.11
N ALA T 10 25.79 -69.53 24.02
CA ALA T 10 24.92 -69.72 22.87
C ALA T 10 23.86 -68.61 22.80
N PRO T 11 23.54 -68.12 21.61
CA PRO T 11 22.55 -67.03 21.51
C PRO T 11 21.09 -67.48 21.55
N ALA T 12 20.76 -68.36 22.50
CA ALA T 12 19.43 -68.90 22.77
C ALA T 12 18.76 -69.65 21.62
N HIS T 13 19.44 -69.82 20.48
CA HIS T 13 18.87 -70.56 19.36
C HIS T 13 19.87 -71.53 18.76
N LEU T 14 21.01 -71.72 19.41
CA LEU T 14 22.07 -72.63 19.02
C LEU T 14 22.43 -73.52 20.21
N ASP T 15 21.39 -74.11 20.80
CA ASP T 15 21.53 -74.97 21.98
C ASP T 15 22.47 -76.15 21.74
N GLY T 16 22.51 -76.67 20.51
CA GLY T 16 23.39 -77.79 20.25
C GLY T 16 22.72 -78.95 19.53
N SER T 17 21.48 -78.75 19.09
CA SER T 17 20.78 -79.81 18.38
C SER T 17 21.39 -80.06 17.00
N MET T 18 21.97 -79.04 16.40
CA MET T 18 22.60 -79.15 15.10
C MET T 18 24.06 -79.57 15.27
N LEU T 19 24.56 -80.36 14.33
CA LEU T 19 25.94 -80.82 14.38
C LEU T 19 26.89 -79.66 14.12
N GLY T 20 28.06 -79.73 14.75
CA GLY T 20 29.06 -78.69 14.58
C GLY T 20 28.65 -77.35 15.16
N ASP T 21 27.95 -77.38 16.29
CA ASP T 21 27.48 -76.17 16.96
C ASP T 21 28.56 -75.62 17.87
N TYR T 22 28.79 -74.31 17.78
CA TYR T 22 29.77 -73.61 18.61
C TYR T 22 29.22 -72.28 19.12
N GLY T 23 27.93 -72.03 18.91
CA GLY T 23 27.32 -70.79 19.36
C GLY T 23 27.81 -69.57 18.63
N PHE T 24 28.08 -69.69 17.34
CA PHE T 24 28.58 -68.58 16.54
C PHE T 24 27.46 -68.03 15.67
N ASP T 25 26.91 -66.89 16.08
CA ASP T 25 25.87 -66.20 15.35
C ASP T 25 25.78 -64.76 15.83
N PRO T 26 26.78 -63.92 15.58
CA PRO T 26 26.69 -62.52 16.07
C PRO T 26 25.65 -61.70 15.32
N LEU T 27 25.48 -61.93 14.02
CA LEU T 27 24.48 -61.20 13.25
C LEU T 27 23.07 -61.71 13.49
N ARG T 28 22.94 -62.88 14.15
CA ARG T 28 21.66 -63.51 14.48
C ARG T 28 20.79 -63.74 13.24
N LEU T 29 21.40 -64.23 12.16
CA LEU T 29 20.67 -64.50 10.94
C LEU T 29 19.89 -65.80 11.02
N GLY T 30 20.23 -66.68 11.96
CA GLY T 30 19.55 -67.95 12.12
C GLY T 30 18.52 -67.93 13.22
N VAL T 31 17.96 -66.74 13.49
CA VAL T 31 16.96 -66.60 14.53
C VAL T 31 15.67 -67.33 14.13
N ASN T 32 15.38 -67.38 12.83
CA ASN T 32 14.19 -68.07 12.36
C ASN T 32 14.48 -69.56 12.24
N LYS T 33 13.55 -70.38 12.74
CA LYS T 33 13.73 -71.84 12.69
C LYS T 33 13.69 -72.34 11.26
N ASP T 34 12.84 -71.75 10.42
CA ASP T 34 12.73 -72.18 9.03
C ASP T 34 13.98 -71.81 8.25
N ASN T 35 14.59 -70.66 8.57
CA ASN T 35 15.79 -70.23 7.86
C ASN T 35 17.02 -71.02 8.30
N LEU T 36 17.00 -71.59 9.50
CA LEU T 36 18.14 -72.35 10.00
C LEU T 36 18.39 -73.61 9.17
N LYS T 37 17.31 -74.29 8.75
CA LYS T 37 17.46 -75.50 7.96
C LYS T 37 17.98 -75.17 6.56
N TRP T 38 17.43 -74.13 5.94
CA TRP T 38 17.88 -73.75 4.60
C TRP T 38 19.32 -73.26 4.63
N PHE T 39 19.68 -72.49 5.65
CA PHE T 39 21.05 -72.01 5.75
C PHE T 39 22.00 -73.17 6.00
N ARG T 40 21.54 -74.20 6.73
CA ARG T 40 22.36 -75.37 6.97
C ARG T 40 22.61 -76.14 5.69
N GLU T 41 21.56 -76.30 4.88
CA GLU T 41 21.72 -77.00 3.61
C GLU T 41 22.63 -76.20 2.68
N ALA T 42 22.51 -74.87 2.71
CA ALA T 42 23.36 -74.01 1.89
C ALA T 42 24.82 -74.13 2.34
N GLU T 43 25.05 -74.21 3.65
CA GLU T 43 26.40 -74.36 4.17
C GLU T 43 26.98 -75.69 3.75
N LEU T 44 26.18 -76.75 3.80
CA LEU T 44 26.66 -78.07 3.41
C LEU T 44 27.01 -78.14 1.93
N THR T 45 26.14 -77.59 1.05
CA THR T 45 26.46 -77.65 -0.37
C THR T 45 27.61 -76.73 -0.73
N ASN T 46 27.73 -75.58 -0.05
CA ASN T 46 28.85 -74.68 -0.30
C ASN T 46 30.14 -75.37 0.13
N GLY T 47 30.08 -76.11 1.23
CA GLY T 47 31.24 -76.83 1.71
C GLY T 47 31.63 -77.95 0.76
N ARG T 48 30.65 -78.67 0.21
CA ARG T 48 30.96 -79.76 -0.73
C ARG T 48 31.60 -79.19 -2.00
N TRP T 49 31.05 -78.08 -2.51
CA TRP T 49 31.59 -77.45 -3.70
C TRP T 49 33.01 -76.96 -3.44
N ALA T 50 33.24 -76.35 -2.27
CA ALA T 50 34.57 -75.86 -1.92
C ALA T 50 35.55 -77.00 -1.73
N MET T 51 35.08 -78.15 -1.20
CA MET T 51 35.95 -79.31 -1.02
C MET T 51 36.44 -79.82 -2.35
N ALA T 52 35.51 -80.04 -3.29
CA ALA T 52 35.89 -80.52 -4.61
C ALA T 52 36.78 -79.51 -5.34
N ALA T 53 36.44 -78.22 -5.24
CA ALA T 53 37.23 -77.18 -5.91
C ALA T 53 38.64 -77.08 -5.35
N VAL T 54 38.79 -77.15 -4.03
CA VAL T 54 40.11 -77.06 -3.41
C VAL T 54 40.96 -78.27 -3.79
N VAL T 55 40.35 -79.46 -3.80
CA VAL T 55 41.10 -80.66 -4.20
C VAL T 55 41.53 -80.55 -5.66
N GLY T 56 40.66 -79.98 -6.50
CA GLY T 56 41.00 -79.83 -7.91
C GLY T 56 42.11 -78.81 -8.14
N ILE T 57 42.08 -77.71 -7.39
CA ILE T 57 43.11 -76.68 -7.55
C ILE T 57 44.45 -77.19 -7.05
N LEU T 58 44.43 -77.93 -5.92
CA LEU T 58 45.68 -78.46 -5.38
C LEU T 58 46.26 -79.54 -6.29
N PHE T 59 45.42 -80.27 -7.02
CA PHE T 59 45.93 -81.30 -7.91
C PHE T 59 46.48 -80.72 -9.21
N THR T 60 45.97 -79.57 -9.64
CA THR T 60 46.45 -78.97 -10.88
C THR T 60 47.85 -78.39 -10.73
N ASP T 61 48.16 -77.84 -9.55
CA ASP T 61 49.48 -77.25 -9.34
C ASP T 61 50.57 -78.30 -9.20
N ALA T 62 50.23 -79.51 -8.73
CA ALA T 62 51.23 -80.54 -8.56
C ALA T 62 51.70 -81.11 -9.89
N VAL T 63 50.75 -81.40 -10.79
CA VAL T 63 51.09 -81.95 -12.11
C VAL T 63 51.80 -80.94 -13.00
N GLY T 64 51.41 -79.68 -12.93
CA GLY T 64 52.01 -78.65 -13.76
C GLY T 64 51.06 -78.04 -14.76
N LEU T 65 49.77 -78.33 -14.64
CA LEU T 65 48.75 -77.81 -15.54
C LEU T 65 48.56 -76.31 -15.29
N PRO T 66 47.87 -75.58 -16.22
CA PRO T 66 47.65 -74.14 -16.03
C PRO T 66 47.01 -73.77 -14.71
N LYS T 67 47.22 -72.53 -14.29
CA LYS T 67 46.70 -72.05 -13.01
C LYS T 67 45.16 -72.02 -13.02
N PHE T 68 44.59 -72.11 -11.82
CA PHE T 68 43.14 -72.14 -11.68
C PHE T 68 42.49 -70.83 -12.14
N TRP T 69 43.18 -69.70 -12.05
CA TRP T 69 42.57 -68.46 -12.49
C TRP T 69 42.78 -68.20 -13.97
N THR T 70 43.56 -69.03 -14.66
CA THR T 70 43.80 -68.88 -16.08
C THR T 70 43.41 -70.11 -16.88
N ALA T 71 42.77 -71.11 -16.26
CA ALA T 71 42.37 -72.30 -16.99
C ALA T 71 41.22 -72.01 -17.94
N GLY T 72 40.40 -71.00 -17.62
CA GLY T 72 39.29 -70.66 -18.50
C GLY T 72 39.73 -70.08 -19.82
N ALA T 73 40.81 -69.29 -19.80
CA ALA T 73 41.32 -68.68 -21.04
C ALA T 73 41.94 -69.70 -21.97
N GLU T 74 42.26 -70.89 -21.49
CA GLU T 74 42.85 -71.93 -22.34
C GLU T 74 41.81 -72.43 -23.34
N LYS T 75 42.27 -72.80 -24.53
CA LYS T 75 41.40 -73.29 -25.58
C LYS T 75 41.26 -74.80 -25.44
N TYR T 76 40.02 -75.27 -25.31
CA TYR T 76 39.73 -76.68 -25.15
C TYR T 76 39.16 -77.25 -26.43
N ALA T 77 38.77 -78.53 -26.40
CA ALA T 77 38.22 -79.19 -27.58
C ALA T 77 36.70 -79.08 -27.63
N LEU T 78 36.21 -77.86 -27.43
CA LEU T 78 34.78 -77.52 -27.45
C LEU T 78 34.67 -76.00 -27.57
N ASP T 79 33.43 -75.54 -27.63
CA ASP T 79 33.12 -74.13 -27.73
C ASP T 79 32.54 -73.66 -26.41
N ASN T 80 32.94 -72.47 -25.95
CA ASN T 80 32.45 -71.95 -24.69
C ASN T 80 30.95 -71.66 -24.74
N GLN T 81 30.45 -71.28 -25.92
CA GLN T 81 29.01 -71.01 -26.06
C GLN T 81 28.20 -72.28 -25.85
N THR T 82 28.68 -73.41 -26.38
CA THR T 82 27.97 -74.66 -26.20
C THR T 82 28.15 -75.19 -24.78
N LEU T 83 29.29 -74.88 -24.16
CA LEU T 83 29.55 -75.34 -22.80
C LEU T 83 28.59 -74.72 -21.80
N ALA T 84 28.32 -73.42 -21.95
CA ALA T 84 27.40 -72.74 -21.04
C ALA T 84 25.97 -73.24 -21.23
N LEU T 85 25.58 -73.53 -22.46
CA LEU T 85 24.22 -74.02 -22.73
C LEU T 85 24.03 -75.40 -22.12
N ILE T 86 25.03 -76.28 -22.24
CA ILE T 86 24.93 -77.61 -21.67
C ILE T 86 24.97 -77.57 -20.15
N GLU T 87 25.80 -76.68 -19.61
CA GLU T 87 25.95 -76.56 -18.15
C GLU T 87 24.65 -76.12 -17.49
N VAL T 88 23.94 -75.16 -18.09
CA VAL T 88 22.69 -74.70 -17.46
C VAL T 88 21.55 -75.65 -17.76
N ALA T 89 21.64 -76.43 -18.85
CA ALA T 89 20.57 -77.36 -19.17
C ALA T 89 20.60 -78.58 -18.24
N VAL T 90 21.80 -79.08 -17.96
CA VAL T 90 21.94 -80.23 -17.07
C VAL T 90 21.65 -79.82 -15.63
N PHE T 91 22.22 -78.69 -15.21
CA PHE T 91 22.04 -78.23 -13.84
C PHE T 91 20.62 -77.81 -13.54
N ALA T 92 19.81 -77.48 -14.55
CA ALA T 92 18.42 -77.13 -14.27
C ALA T 92 17.69 -78.37 -13.73
N VAL T 93 17.84 -79.50 -14.42
CA VAL T 93 17.20 -80.73 -13.99
C VAL T 93 17.85 -81.25 -12.71
N LEU T 94 19.18 -81.15 -12.60
CA LEU T 94 19.87 -81.63 -11.41
C LEU T 94 19.49 -80.83 -10.16
N GLU T 95 19.46 -79.50 -10.26
CA GLU T 95 19.08 -78.68 -9.12
C GLU T 95 17.60 -78.82 -8.81
N GLY T 96 16.77 -79.05 -9.83
CA GLY T 96 15.35 -79.25 -9.57
C GLY T 96 15.12 -80.54 -8.83
N LYS T 97 15.89 -81.58 -9.16
CA LYS T 97 15.75 -82.85 -8.47
C LYS T 97 16.34 -82.78 -7.06
N ARG T 98 17.37 -81.95 -6.88
CA ARG T 98 17.97 -81.82 -5.56
C ARG T 98 17.07 -81.01 -4.63
N TYR T 99 16.39 -79.99 -5.16
CA TYR T 99 15.49 -79.17 -4.35
C TYR T 99 14.30 -79.98 -3.87
N GLU T 100 13.75 -80.86 -4.72
CA GLU T 100 12.61 -81.67 -4.32
C GLU T 100 13.01 -82.69 -3.26
N ILE T 101 14.29 -83.03 -3.19
CA ILE T 101 14.78 -83.96 -2.18
C ILE T 101 14.76 -83.29 -0.81
N TYR T 102 15.18 -82.02 -0.76
CA TYR T 102 15.21 -81.28 0.51
C TYR T 102 13.81 -81.03 1.04
N LYS T 103 12.82 -80.88 0.15
CA LYS T 103 11.46 -80.63 0.61
C LYS T 103 10.84 -81.88 1.21
N LYS T 104 11.24 -83.06 0.73
CA LYS T 104 10.67 -84.30 1.23
C LYS T 104 11.47 -84.88 2.40
N THR T 105 12.81 -84.82 2.32
CA THR T 105 13.66 -85.36 3.37
C THR T 105 14.28 -84.28 4.25
N GLY T 106 15.01 -83.34 3.66
CA GLY T 106 15.66 -82.28 4.40
C GLY T 106 17.16 -82.23 4.23
N GLU T 107 17.75 -83.12 3.45
CA GLU T 107 19.20 -83.13 3.23
C GLU T 107 19.49 -83.10 1.73
N THR T 108 20.74 -83.30 1.36
CA THR T 108 21.12 -83.31 -0.05
C THR T 108 20.82 -84.65 -0.68
N GLY T 109 20.98 -84.70 -2.00
CA GLY T 109 20.75 -85.92 -2.74
C GLY T 109 21.22 -85.74 -4.17
N PHE T 110 21.28 -86.86 -4.89
CA PHE T 110 21.71 -86.87 -6.28
C PHE T 110 20.59 -87.46 -7.11
N LEU T 111 20.14 -86.69 -8.11
CA LEU T 111 19.06 -87.07 -9.02
C LEU T 111 17.80 -87.49 -8.28
N SER T 112 17.39 -88.74 -8.44
CA SER T 112 16.21 -89.29 -7.78
C SER T 112 16.55 -90.01 -6.50
N PHE T 113 17.81 -90.01 -6.09
CA PHE T 113 18.26 -90.68 -4.88
C PHE T 113 18.43 -89.65 -3.77
N ALA T 114 17.50 -89.64 -2.80
CA ALA T 114 17.64 -88.69 -1.70
C ALA T 114 18.78 -89.09 -0.78
N PRO T 115 18.77 -90.29 -0.13
CA PRO T 115 19.96 -90.59 0.70
C PRO T 115 20.97 -91.31 -0.20
N PHE T 116 21.71 -90.53 -0.98
CA PHE T 116 22.68 -91.09 -1.92
C PHE T 116 23.89 -91.66 -1.19
N ASP T 117 23.90 -92.97 -0.96
CA ASP T 117 25.03 -93.63 -0.31
C ASP T 117 25.15 -95.07 -0.81
N PRO T 118 25.72 -95.28 -1.99
CA PRO T 118 25.86 -96.66 -2.51
C PRO T 118 26.69 -97.56 -1.60
N MET T 119 27.71 -97.02 -0.94
CA MET T 119 28.51 -97.84 -0.03
C MET T 119 27.77 -98.05 1.28
N GLY T 120 27.18 -97.00 1.83
CA GLY T 120 26.40 -97.10 3.05
C GLY T 120 27.00 -96.60 4.34
N MET T 121 28.05 -95.79 4.32
CA MET T 121 28.59 -95.30 5.60
C MET T 121 28.00 -93.95 6.02
N LYS T 122 26.67 -93.87 6.01
CA LYS T 122 25.99 -92.63 6.42
C LYS T 122 25.73 -92.74 7.91
N SER T 123 26.61 -92.13 8.69
CA SER T 123 26.54 -92.12 10.14
C SER T 123 26.41 -90.69 10.65
N GLU T 124 26.05 -90.55 11.93
CA GLU T 124 25.92 -89.23 12.52
C GLU T 124 27.28 -88.56 12.61
N GLU T 125 28.33 -89.34 12.88
CA GLU T 125 29.68 -88.78 12.96
C GLU T 125 30.18 -88.38 11.58
N MET T 126 29.76 -89.12 10.55
CA MET T 126 30.18 -88.81 9.19
C MET T 126 29.57 -87.51 8.70
N LYS T 127 28.36 -87.19 9.17
CA LYS T 127 27.71 -85.94 8.77
C LYS T 127 28.44 -84.73 9.35
N LEU T 128 28.93 -84.86 10.58
CA LEU T 128 29.65 -83.75 11.20
C LEU T 128 31.03 -83.59 10.56
N LYS T 129 31.65 -84.71 10.15
CA LYS T 129 32.96 -84.64 9.50
C LYS T 129 32.85 -83.91 8.17
N GLU T 130 31.74 -84.13 7.46
CA GLU T 130 31.49 -83.45 6.19
C GLU T 130 31.38 -81.95 6.41
N LEU T 131 30.68 -81.55 7.47
CA LEU T 131 30.51 -80.13 7.76
C LEU T 131 31.84 -79.48 8.14
N LYS T 132 32.64 -80.15 8.99
CA LYS T 132 33.92 -79.60 9.40
C LYS T 132 34.88 -79.46 8.21
N ASN T 133 34.94 -80.51 7.38
CA ASN T 133 35.81 -80.47 6.21
C ASN T 133 35.33 -79.44 5.20
N GLY T 134 34.01 -79.26 5.10
CA GLY T 134 33.48 -78.27 4.18
C GLY T 134 33.81 -76.86 4.63
N ARG T 135 33.73 -76.60 5.93
CA ARG T 135 34.07 -75.28 6.47
C ARG T 135 35.54 -74.99 6.24
N LEU T 136 36.39 -75.99 6.51
CA LEU T 136 37.82 -75.85 6.31
C LEU T 136 38.14 -75.60 4.84
N ALA T 137 37.43 -76.29 3.94
CA ALA T 137 37.66 -76.12 2.51
C ALA T 137 37.16 -74.75 2.03
N MET T 138 36.11 -74.23 2.65
CA MET T 138 35.62 -72.91 2.27
C MET T 138 36.67 -71.87 2.60
N LEU T 139 37.25 -71.98 3.80
CA LEU T 139 38.33 -71.06 4.17
C LEU T 139 39.55 -71.27 3.28
N ALA T 140 39.82 -72.52 2.89
CA ALA T 140 40.96 -72.81 2.04
C ALA T 140 40.78 -72.21 0.65
N PHE T 141 39.56 -72.26 0.10
CA PHE T 141 39.32 -71.66 -1.20
C PHE T 141 39.45 -70.16 -1.14
N LEU T 142 38.95 -69.56 -0.05
CA LEU T 142 39.08 -68.11 0.10
C LEU T 142 40.56 -67.74 0.20
N GLY T 143 41.34 -68.59 0.87
CA GLY T 143 42.77 -68.35 0.98
C GLY T 143 43.47 -68.50 -0.36
N PHE T 144 43.03 -69.46 -1.18
CA PHE T 144 43.60 -69.67 -2.50
C PHE T 144 43.40 -68.44 -3.37
N CYS T 145 42.16 -67.94 -3.40
CA CYS T 145 41.86 -66.75 -4.20
C CYS T 145 42.59 -65.52 -3.68
N SER T 146 42.67 -65.36 -2.35
CA SER T 146 43.36 -64.20 -1.79
C SER T 146 44.86 -64.26 -2.04
N GLN T 147 45.45 -65.44 -1.96
CA GLN T 147 46.89 -65.57 -2.21
C GLN T 147 47.19 -65.31 -3.68
N ALA T 148 46.29 -65.74 -4.57
CA ALA T 148 46.50 -65.48 -5.98
C ALA T 148 46.24 -64.02 -6.31
N ALA T 149 45.48 -63.32 -5.47
CA ALA T 149 45.19 -61.91 -5.73
C ALA T 149 46.39 -61.01 -5.48
N VAL T 150 47.08 -61.20 -4.36
CA VAL T 150 48.23 -60.35 -4.03
C VAL T 150 49.55 -60.97 -4.46
N TYR T 151 49.73 -62.27 -4.30
CA TYR T 151 50.98 -62.92 -4.65
C TYR T 151 50.96 -63.60 -6.01
N GLY T 152 49.79 -64.06 -6.46
CA GLY T 152 49.75 -64.77 -7.73
C GLY T 152 50.38 -66.13 -7.52
N LYS T 153 51.14 -66.57 -8.51
CA LYS T 153 51.87 -67.84 -8.49
C LYS T 153 50.95 -69.03 -8.20
N GLY T 154 50.83 -69.45 -6.95
CA GLY T 154 49.95 -70.57 -6.65
C GLY T 154 49.96 -70.98 -5.19
N PRO T 155 48.96 -71.79 -4.78
CA PRO T 155 48.87 -72.25 -3.39
C PRO T 155 50.09 -73.04 -2.91
N ILE T 156 50.48 -74.05 -3.69
CA ILE T 156 51.65 -74.85 -3.34
C ILE T 156 52.89 -73.97 -3.39
N GLU T 157 52.96 -73.07 -4.36
CA GLU T 157 54.09 -72.15 -4.45
C GLU T 157 54.08 -71.20 -3.26
N THR T 158 52.89 -70.79 -2.81
CA THR T 158 52.79 -69.89 -1.66
C THR T 158 53.31 -70.59 -0.40
N LEU T 159 52.94 -71.86 -0.21
CA LEU T 159 53.44 -72.60 0.94
C LEU T 159 54.95 -72.80 0.85
N GLN T 160 55.46 -73.04 -0.36
CA GLN T 160 56.90 -73.22 -0.54
C GLN T 160 57.65 -71.92 -0.25
N LEU T 161 57.05 -70.78 -0.63
CA LEU T 161 57.68 -69.49 -0.40
C LEU T 161 57.65 -69.14 1.08
N HIS T 162 56.60 -69.58 1.79
CA HIS T 162 56.50 -69.28 3.21
C HIS T 162 57.56 -70.03 4.01
N LEU T 163 57.96 -71.21 3.55
CA LEU T 163 58.98 -71.97 4.27
C LEU T 163 60.36 -71.36 4.10
N ALA T 164 60.58 -70.59 3.03
CA ALA T 164 61.89 -69.97 2.81
C ALA T 164 62.19 -68.93 3.87
N ASP T 165 61.20 -68.13 4.25
CA ASP T 165 61.39 -67.10 5.27
C ASP T 165 60.05 -66.84 5.96
N PRO T 166 59.68 -67.70 6.91
CA PRO T 166 58.39 -67.52 7.60
C PRO T 166 58.27 -66.22 8.37
N GLY T 167 59.38 -65.72 8.93
CA GLY T 167 59.32 -64.48 9.68
C GLY T 167 59.22 -63.25 8.80
N HIS T 168 59.57 -63.38 7.52
CA HIS T 168 59.53 -62.25 6.60
C HIS T 168 58.49 -62.40 5.50
N ASN T 169 58.00 -63.61 5.23
CA ASN T 169 57.01 -63.84 4.19
C ASN T 169 55.70 -64.26 4.84
N ASN T 170 54.75 -63.34 4.90
CA ASN T 170 53.44 -63.59 5.49
C ASN T 170 52.48 -62.54 4.98
N ILE T 171 51.23 -62.61 5.48
CA ILE T 171 50.20 -61.66 5.07
C ILE T 171 50.50 -60.26 5.62
N TYR T 172 51.25 -60.18 6.72
CA TYR T 172 51.56 -58.90 7.32
C TYR T 172 52.63 -58.14 6.54
N THR T 173 53.52 -58.85 5.87
CA THR T 173 54.57 -58.21 5.08
C THR T 173 54.17 -58.05 3.63
N SER T 174 52.94 -58.41 3.27
CA SER T 174 52.46 -58.30 1.91
C SER T 174 51.81 -56.94 1.69
N SER T 175 51.09 -56.79 0.57
CA SER T 175 50.44 -55.53 0.25
C SER T 175 49.17 -55.28 1.08
N VAL T 176 48.69 -56.27 1.83
CA VAL T 176 47.50 -56.11 2.65
C VAL T 176 47.88 -56.29 4.11
N GLY T 177 49.11 -55.93 4.44
CA GLY T 177 49.66 -56.06 5.78
C GLY T 177 48.97 -55.30 6.90
N PRO T 178 48.97 -53.96 6.83
CA PRO T 178 48.33 -53.17 7.91
C PRO T 178 46.85 -53.44 8.10
N GLU T 179 46.10 -53.68 7.02
CA GLU T 179 44.67 -53.96 7.13
C GLU T 179 44.43 -55.24 7.90
N THR T 180 45.13 -56.32 7.52
CA THR T 180 44.93 -57.58 8.22
C THR T 180 45.50 -57.53 9.64
N ALA T 181 46.53 -56.72 9.88
CA ALA T 181 47.07 -56.64 11.24
C ALA T 181 46.07 -55.95 12.17
N VAL T 182 45.46 -54.87 11.69
CA VAL T 182 44.45 -54.15 12.47
C VAL T 182 43.23 -55.05 12.67
N THR T 183 42.86 -55.81 11.63
CA THR T 183 41.73 -56.72 11.75
C THR T 183 42.00 -57.83 12.75
N VAL T 184 43.23 -58.34 12.77
CA VAL T 184 43.60 -59.40 13.72
C VAL T 184 43.54 -58.86 15.14
N ALA T 185 44.04 -57.63 15.35
CA ALA T 185 43.99 -57.05 16.69
C ALA T 185 42.54 -56.81 17.14
N VAL T 186 41.70 -56.31 16.24
CA VAL T 186 40.29 -56.08 16.55
C VAL T 186 39.60 -57.40 16.87
N LEU T 187 39.91 -58.45 16.11
CA LEU T 187 39.32 -59.75 16.35
C LEU T 187 39.79 -60.32 17.68
N CYS T 188 41.06 -60.12 18.04
CA CYS T 188 41.57 -60.60 19.32
C CYS T 188 40.92 -59.87 20.48
N VAL T 189 40.52 -58.62 20.26
CA VAL T 189 39.88 -57.84 21.32
C VAL T 189 38.39 -58.20 21.42
N LEU T 190 37.77 -58.65 20.32
CA LEU T 190 36.35 -59.01 20.26
C LEU T 190 35.83 -59.94 21.36
N PRO T 191 36.49 -61.08 21.71
CA PRO T 191 35.92 -61.91 22.80
C PRO T 191 35.85 -61.18 24.12
N MET T 192 36.82 -60.30 24.38
CA MET T 192 36.79 -59.52 25.62
C MET T 192 35.65 -58.51 25.56
N ILE T 193 35.34 -57.99 24.37
CA ILE T 193 34.23 -57.05 24.22
C ILE T 193 32.92 -57.75 24.54
N ILE T 194 32.75 -58.96 24.02
CA ILE T 194 31.51 -59.70 24.27
C ILE T 194 31.41 -60.12 25.73
N GLU T 195 32.54 -60.49 26.33
CA GLU T 195 32.53 -60.92 27.73
C GLU T 195 32.36 -59.74 28.70
N ALA T 196 32.77 -58.54 28.29
CA ALA T 196 32.65 -57.39 29.18
C ALA T 196 31.21 -56.94 29.32
N THR T 197 30.42 -57.08 28.26
CA THR T 197 29.02 -56.67 28.29
C THR T 197 28.11 -57.81 28.72
N LYS T 198 28.09 -58.90 27.93
CA LYS T 198 27.30 -60.10 28.16
C LYS T 198 25.80 -59.81 28.36
N ARG U 1 45.41 -45.74 61.34
CA ARG U 1 45.79 -45.82 59.94
C ARG U 1 46.16 -44.44 59.42
N PRO U 2 47.44 -44.25 59.07
CA PRO U 2 47.88 -42.95 58.55
C PRO U 2 47.39 -42.70 57.13
N THR U 3 46.95 -41.48 56.89
CA THR U 3 46.45 -41.07 55.59
C THR U 3 47.50 -40.22 54.87
N TRP U 4 47.20 -39.87 53.62
CA TRP U 4 48.11 -39.07 52.82
C TRP U 4 48.19 -37.62 53.29
N LEU U 5 47.10 -37.02 53.71
CA LEU U 5 47.11 -35.63 54.18
C LEU U 5 46.95 -35.63 55.69
N PRO U 6 47.84 -34.97 56.43
CA PRO U 6 47.71 -34.94 57.89
C PRO U 6 46.44 -34.20 58.31
N GLY U 7 45.74 -34.77 59.29
CA GLY U 7 44.52 -34.16 59.77
C GLY U 7 43.32 -34.40 58.89
N LEU U 8 43.47 -35.19 57.84
CA LEU U 8 42.39 -35.51 56.91
C LEU U 8 41.88 -36.91 57.21
N ASN U 9 40.58 -37.01 57.44
CA ASN U 9 40.00 -38.32 57.73
C ASN U 9 39.84 -39.11 56.43
N PRO U 10 40.06 -40.42 56.48
CA PRO U 10 39.91 -41.22 55.27
C PRO U 10 38.46 -41.27 54.84
N PRO U 11 38.18 -41.44 53.56
CA PRO U 11 36.80 -41.48 53.08
C PRO U 11 36.07 -42.73 53.56
N ALA U 12 34.74 -42.67 53.44
CA ALA U 12 33.91 -43.79 53.86
C ALA U 12 34.04 -44.98 52.92
N HIS U 13 34.19 -44.71 51.61
CA HIS U 13 34.32 -45.80 50.64
C HIS U 13 35.68 -46.48 50.70
N LEU U 14 36.66 -45.90 51.36
CA LEU U 14 37.99 -46.48 51.48
C LEU U 14 38.20 -47.00 52.89
N LYS U 15 38.33 -48.31 53.02
CA LYS U 15 38.55 -48.97 54.29
C LYS U 15 39.87 -49.71 54.23
N GLY U 16 40.51 -49.88 55.39
CA GLY U 16 41.79 -50.56 55.48
C GLY U 16 41.85 -52.03 55.10
N ALA U 17 40.75 -52.59 54.57
CA ALA U 17 40.75 -54.00 54.20
C ALA U 17 41.64 -54.26 52.99
N LEU U 18 41.77 -53.27 52.11
CA LEU U 18 42.61 -53.44 50.93
C LEU U 18 44.08 -53.38 51.30
N ALA U 19 44.93 -53.82 50.36
CA ALA U 19 46.37 -53.90 50.58
C ALA U 19 47.02 -52.54 50.87
N GLY U 20 47.07 -51.67 49.87
CA GLY U 20 47.73 -50.39 50.11
C GLY U 20 46.82 -49.22 50.43
N ASP U 21 45.69 -49.49 51.08
CA ASP U 21 44.73 -48.45 51.42
C ASP U 21 45.29 -47.42 52.39
N ASN U 22 45.56 -46.22 51.87
CA ASN U 22 46.06 -45.09 52.65
C ASN U 22 45.06 -43.95 52.67
N GLY U 23 43.81 -44.22 52.28
CA GLY U 23 42.79 -43.19 52.24
C GLY U 23 43.04 -42.10 51.24
N PHE U 24 43.68 -42.42 50.13
CA PHE U 24 44.00 -41.44 49.10
C PHE U 24 43.04 -41.59 47.92
N ASP U 25 42.08 -40.70 47.83
CA ASP U 25 41.10 -40.66 46.75
C ASP U 25 40.43 -39.31 46.72
N PRO U 26 41.14 -38.23 46.35
CA PRO U 26 40.49 -36.91 46.31
C PRO U 26 39.43 -36.80 45.25
N LEU U 27 39.55 -37.57 44.18
CA LEU U 27 38.58 -37.53 43.10
C LEU U 27 37.39 -38.45 43.33
N GLY U 28 37.49 -39.41 44.25
CA GLY U 28 36.38 -40.30 44.51
C GLY U 28 36.07 -41.27 43.39
N LEU U 29 37.09 -41.96 42.88
CA LEU U 29 36.90 -42.91 41.81
C LEU U 29 36.51 -44.30 42.29
N GLY U 30 36.56 -44.55 43.59
CA GLY U 30 36.22 -45.85 44.14
C GLY U 30 35.02 -45.83 45.07
N GLN U 31 33.97 -45.11 44.66
CA GLN U 31 32.77 -45.01 45.48
C GLN U 31 32.11 -46.37 45.69
N ASP U 32 31.84 -47.10 44.62
CA ASP U 32 31.23 -48.41 44.73
C ASP U 32 32.31 -49.47 44.86
N GLU U 33 31.97 -50.57 45.54
CA GLU U 33 32.95 -51.64 45.74
C GLU U 33 33.26 -52.40 44.46
N GLY U 34 32.34 -52.43 43.50
CA GLY U 34 32.58 -53.13 42.25
C GLY U 34 33.69 -52.48 41.47
N ARG U 35 33.55 -51.17 41.25
CA ARG U 35 34.59 -50.43 40.54
C ARG U 35 35.86 -50.38 41.35
N LEU U 36 35.73 -50.38 42.69
CA LEU U 36 36.90 -50.36 43.56
C LEU U 36 37.73 -51.63 43.41
N LYS U 37 37.08 -52.79 43.40
CA LYS U 37 37.85 -54.03 43.26
C LYS U 37 38.39 -54.17 41.84
N TRP U 38 37.64 -53.69 40.83
CA TRP U 38 38.15 -53.75 39.46
C TRP U 38 39.38 -52.86 39.33
N TYR U 39 39.34 -51.68 39.94
CA TYR U 39 40.47 -50.77 39.91
C TYR U 39 41.63 -51.32 40.72
N ALA U 40 41.34 -52.11 41.77
CA ALA U 40 42.41 -52.72 42.55
C ALA U 40 43.17 -53.71 41.69
N GLU U 41 42.44 -54.50 40.91
CA GLU U 41 43.09 -55.45 40.02
C GLU U 41 43.86 -54.71 38.94
N ALA U 42 43.29 -53.60 38.44
CA ALA U 42 43.95 -52.80 37.41
C ALA U 42 45.24 -52.19 37.94
N GLU U 43 45.23 -51.75 39.19
CA GLU U 43 46.42 -51.19 39.81
C GLU U 43 47.49 -52.26 39.99
N LYS U 44 47.09 -53.45 40.42
CA LYS U 44 48.05 -54.54 40.60
C LYS U 44 48.70 -54.93 39.28
N THR U 45 47.91 -55.07 38.22
CA THR U 45 48.50 -55.45 36.94
C THR U 45 49.30 -54.31 36.30
N ASN U 46 48.87 -53.05 36.51
CA ASN U 46 49.66 -51.92 36.01
C ASN U 46 51.00 -51.89 36.70
N GLY U 47 51.00 -52.13 38.01
CA GLY U 47 52.24 -52.17 38.76
C GLY U 47 53.11 -53.33 38.35
N ARG U 48 52.51 -54.47 38.02
CA ARG U 48 53.29 -55.63 37.60
C ARG U 48 53.99 -55.34 36.28
N TRP U 49 53.26 -54.76 35.32
CA TRP U 49 53.86 -54.43 34.04
C TRP U 49 54.93 -53.35 34.20
N ALA U 50 54.70 -52.39 35.10
CA ALA U 50 55.69 -51.34 35.33
C ALA U 50 56.93 -51.90 36.02
N MET U 51 56.74 -52.86 36.93
CA MET U 51 57.87 -53.49 37.61
C MET U 51 58.73 -54.23 36.60
N MET U 52 58.09 -54.99 35.71
CA MET U 52 58.85 -55.72 34.69
C MET U 52 59.51 -54.76 33.72
N ALA U 53 58.85 -53.66 33.37
CA ALA U 53 59.43 -52.68 32.44
C ALA U 53 60.64 -51.98 33.03
N VAL U 54 60.53 -51.54 34.30
CA VAL U 54 61.65 -50.86 34.94
C VAL U 54 62.81 -51.82 35.12
N ALA U 55 62.50 -53.07 35.52
CA ALA U 55 63.55 -54.07 35.67
C ALA U 55 64.23 -54.36 34.34
N GLY U 56 63.45 -54.42 33.26
CA GLY U 56 64.02 -54.66 31.96
C GLY U 56 64.88 -53.52 31.46
N ILE U 57 64.45 -52.28 31.69
CA ILE U 57 65.23 -51.13 31.25
C ILE U 57 66.55 -51.06 32.02
N LEU U 58 66.49 -51.26 33.34
CA LEU U 58 67.70 -51.24 34.16
C LEU U 58 68.61 -52.41 33.80
N GLY U 59 68.04 -53.57 33.50
CA GLY U 59 68.87 -54.71 33.11
C GLY U 59 69.52 -54.50 31.76
N GLN U 60 68.80 -53.88 30.83
CA GLN U 60 69.36 -53.62 29.51
C GLN U 60 70.50 -52.61 29.60
N GLU U 61 70.35 -51.60 30.45
CA GLU U 61 71.42 -50.61 30.61
C GLU U 61 72.61 -51.21 31.35
N LEU U 62 72.36 -52.04 32.36
CA LEU U 62 73.44 -52.64 33.13
C LEU U 62 74.23 -53.66 32.32
N LEU U 63 73.59 -54.30 31.34
CA LEU U 63 74.26 -55.28 30.50
C LEU U 63 74.88 -54.68 29.24
N GLY U 64 74.87 -53.36 29.12
CA GLY U 64 75.46 -52.68 27.99
C GLY U 64 74.92 -52.91 26.59
N VAL U 65 73.61 -52.86 26.40
CA VAL U 65 73.06 -53.06 25.06
C VAL U 65 73.37 -51.84 24.21
N THR U 66 73.49 -52.04 22.90
CA THR U 66 73.84 -50.94 22.01
C THR U 66 72.77 -49.84 21.93
N PRO U 67 71.49 -50.10 21.67
CA PRO U 67 70.55 -48.98 21.63
C PRO U 67 69.93 -48.72 23.00
N ALA U 68 69.47 -47.48 23.18
CA ALA U 68 68.85 -47.14 24.44
C ALA U 68 67.46 -47.78 24.52
N TRP U 69 66.83 -47.66 25.69
CA TRP U 69 65.51 -48.27 25.87
C TRP U 69 64.44 -47.65 24.97
N TRP U 70 64.64 -46.41 24.48
CA TRP U 70 63.66 -45.79 23.61
C TRP U 70 63.97 -46.01 22.13
N GLU U 71 65.00 -46.81 21.81
CA GLU U 71 65.36 -47.13 20.43
C GLU U 71 65.25 -48.62 20.14
N ALA U 72 64.89 -49.44 21.13
CA ALA U 72 64.80 -50.88 20.92
C ALA U 72 63.71 -51.26 19.93
N GLY U 73 62.71 -50.41 19.74
CA GLY U 73 61.65 -50.73 18.80
C GLY U 73 62.12 -50.69 17.35
N ALA U 74 62.96 -49.72 17.01
CA ALA U 74 63.46 -49.57 15.65
C ALA U 74 64.68 -50.44 15.36
N LYS U 75 65.18 -51.20 16.33
CA LYS U 75 66.35 -52.04 16.07
C LYS U 75 65.97 -53.22 15.18
N GLU U 76 66.88 -53.59 14.29
CA GLU U 76 66.67 -54.70 13.38
C GLU U 76 66.63 -56.02 14.16
N TYR U 77 65.66 -56.86 13.83
CA TYR U 77 65.48 -58.15 14.49
C TYR U 77 64.90 -59.13 13.50
N ASP U 78 65.11 -60.41 13.76
CA ASP U 78 64.50 -61.43 12.93
C ASP U 78 63.01 -61.40 13.23
N ILE U 79 62.20 -61.70 12.21
CA ILE U 79 60.73 -61.64 12.30
C ILE U 79 60.39 -60.19 12.64
N PRO U 80 60.44 -59.25 11.65
CA PRO U 80 60.19 -57.82 11.89
C PRO U 80 58.96 -57.44 12.71
N ALA U 81 58.97 -56.18 13.19
CA ALA U 81 57.89 -55.64 14.01
C ALA U 81 56.53 -55.75 13.36
N GLN U 82 56.47 -55.72 12.02
CA GLN U 82 55.21 -55.85 11.32
C GLN U 82 54.61 -57.24 11.52
N ALA U 83 55.45 -58.25 11.70
CA ALA U 83 55.01 -59.62 11.94
C ALA U 83 54.90 -59.98 13.41
N LEU U 84 55.57 -59.23 14.28
CA LEU U 84 55.52 -59.50 15.72
C LEU U 84 54.22 -59.05 16.35
N THR U 85 53.61 -58.00 15.81
CA THR U 85 52.35 -57.47 16.37
C THR U 85 51.21 -58.48 16.36
N PRO U 86 50.90 -59.20 15.25
CA PRO U 86 49.77 -60.15 15.33
C PRO U 86 50.02 -61.34 16.25
N ILE U 87 51.25 -61.87 16.29
CA ILE U 87 51.54 -63.00 17.16
C ILE U 87 51.35 -62.60 18.61
N GLU U 88 51.89 -61.43 18.97
CA GLU U 88 51.76 -60.91 20.31
C GLU U 88 50.30 -60.64 20.66
N PHE U 89 49.53 -60.08 19.72
CA PHE U 89 48.13 -59.81 19.98
C PHE U 89 47.33 -61.09 20.19
N ILE U 90 47.63 -62.14 19.42
CA ILE U 90 46.90 -63.40 19.56
C ILE U 90 47.22 -64.06 20.91
N VAL U 91 48.50 -64.19 21.24
CA VAL U 91 48.87 -64.84 22.50
C VAL U 91 48.43 -63.99 23.69
N MET U 92 48.52 -62.66 23.58
CA MET U 92 48.11 -61.79 24.67
C MET U 92 46.60 -61.83 24.83
N GLY U 93 45.86 -61.96 23.73
CA GLY U 93 44.42 -62.05 23.82
C GLY U 93 44.00 -63.31 24.54
N PHE U 94 44.67 -64.43 24.23
CA PHE U 94 44.35 -65.68 24.91
C PHE U 94 44.69 -65.62 26.39
N LEU U 95 45.90 -65.15 26.72
CA LEU U 95 46.33 -65.06 28.11
C LEU U 95 45.46 -64.09 28.91
N GLU U 96 45.14 -62.94 28.32
CA GLU U 96 44.34 -61.95 29.02
C GLU U 96 42.88 -62.39 29.15
N ILE U 97 42.35 -63.13 28.17
CA ILE U 97 40.97 -63.58 28.33
C ILE U 97 40.90 -64.66 29.40
N LYS U 98 41.95 -65.49 29.52
CA LYS U 98 41.96 -66.49 30.57
C LYS U 98 42.10 -65.82 31.93
N ARG U 99 42.93 -64.77 32.00
CA ARG U 99 43.11 -64.03 33.24
C ARG U 99 41.83 -63.31 33.65
N TYR U 100 41.11 -62.76 32.66
CA TYR U 100 39.87 -62.05 32.97
C TYR U 100 38.77 -63.00 33.40
N GLN U 101 38.65 -64.15 32.73
CA GLN U 101 37.62 -65.11 33.12
C GLN U 101 37.92 -65.72 34.46
N GLY U 102 39.21 -65.89 34.78
CA GLY U 102 39.54 -66.41 36.09
C GLY U 102 39.27 -65.40 37.19
N PHE U 103 39.23 -64.11 36.82
CA PHE U 103 38.94 -63.04 37.76
C PHE U 103 37.45 -62.97 38.08
N LYS U 104 36.60 -63.43 37.16
CA LYS U 104 35.16 -63.40 37.41
C LYS U 104 34.75 -64.52 38.36
N GLN U 105 35.39 -65.69 38.24
CA GLN U 105 35.06 -66.81 39.12
C GLN U 105 35.49 -66.51 40.55
N THR U 106 36.69 -65.95 40.70
CA THR U 106 37.24 -65.58 42.00
C THR U 106 37.99 -64.27 41.86
N GLY U 107 37.82 -63.39 42.84
CA GLY U 107 38.46 -62.09 42.79
C GLY U 107 39.96 -62.12 43.09
N THR U 108 40.74 -62.71 42.19
CA THR U 108 42.19 -62.78 42.40
C THR U 108 42.87 -62.93 41.04
N SER U 109 44.18 -62.68 41.05
CA SER U 109 45.00 -62.78 39.85
C SER U 109 45.31 -64.25 39.55
N GLY U 110 45.88 -64.49 38.37
CA GLY U 110 46.21 -65.85 38.02
C GLY U 110 47.08 -65.94 36.78
N PHE U 111 47.17 -67.16 36.27
CA PHE U 111 47.99 -67.47 35.09
C PHE U 111 47.29 -68.61 34.35
N ILE U 112 46.58 -68.26 33.26
CA ILE U 112 45.82 -69.14 32.39
C ILE U 112 44.70 -69.82 33.16
N ASN U 113 45.04 -70.83 33.98
CA ASN U 113 44.02 -71.54 34.74
C ASN U 113 44.43 -71.78 36.19
N SER U 114 45.50 -71.14 36.66
CA SER U 114 45.98 -71.28 38.02
C SER U 114 45.55 -70.02 38.77
N PHE U 115 44.40 -70.09 39.43
CA PHE U 115 43.86 -68.95 40.17
C PHE U 115 43.64 -69.31 41.63
N PRO U 116 44.47 -68.81 42.56
CA PRO U 116 45.59 -67.92 42.26
C PRO U 116 46.87 -68.65 41.87
N PHE U 117 47.66 -68.04 40.99
CA PHE U 117 48.92 -68.64 40.55
C PHE U 117 49.89 -68.39 41.69
N ASP U 118 49.92 -69.31 42.65
CA ASP U 118 50.78 -69.18 43.82
C ASP U 118 51.59 -70.43 44.10
N PRO U 119 52.65 -70.67 43.34
CA PRO U 119 53.49 -71.84 43.64
C PRO U 119 54.43 -71.51 44.78
N ALA U 120 54.79 -72.55 45.54
CA ALA U 120 55.69 -72.51 46.70
C ALA U 120 55.18 -71.62 47.84
N GLY U 121 53.88 -71.38 47.93
CA GLY U 121 53.30 -70.57 48.98
C GLY U 121 53.72 -69.12 49.06
N MET U 122 54.43 -68.77 50.13
CA MET U 122 54.96 -67.44 50.46
C MET U 122 54.01 -66.27 50.20
N ASN U 123 52.72 -66.46 50.45
CA ASN U 123 51.72 -65.43 50.27
C ASN U 123 51.18 -65.01 51.63
N SER U 124 51.02 -63.70 51.81
CA SER U 124 50.53 -63.13 53.06
C SER U 124 50.02 -61.72 52.75
N PRO U 125 49.17 -61.16 53.62
CA PRO U 125 48.67 -59.79 53.37
C PRO U 125 49.78 -58.76 53.33
N SER U 126 50.83 -58.93 54.14
CA SER U 126 51.96 -58.01 54.12
C SER U 126 52.66 -58.05 52.77
N MET U 127 52.76 -59.24 52.19
CA MET U 127 53.36 -59.38 50.87
C MET U 127 52.50 -58.68 49.81
N ALA U 128 51.18 -58.69 50.00
CA ALA U 128 50.29 -58.00 49.07
C ALA U 128 50.50 -56.50 49.15
N THR U 129 50.67 -55.97 50.37
CA THR U 129 50.93 -54.55 50.52
C THR U 129 52.26 -54.19 49.90
N LYS U 130 53.26 -55.06 50.04
CA LYS U 130 54.57 -54.84 49.44
C LYS U 130 54.47 -54.83 47.92
N GLU U 131 53.64 -55.72 47.37
CA GLU U 131 53.45 -55.79 45.93
C GLU U 131 52.81 -54.52 45.40
N VAL U 132 51.79 -54.02 46.09
CA VAL U 132 51.11 -52.80 45.65
C VAL U 132 52.05 -51.59 45.74
N LYS U 133 52.80 -51.49 46.84
CA LYS U 133 53.72 -50.37 47.01
C LYS U 133 54.85 -50.40 45.98
N ASN U 134 55.39 -51.60 45.71
CA ASN U 134 56.45 -51.72 44.71
C ASN U 134 55.91 -51.41 43.33
N GLY U 135 54.66 -51.78 43.06
CA GLY U 135 54.07 -51.47 41.77
C GLY U 135 53.87 -49.97 41.59
N ARG U 136 53.44 -49.28 42.65
CA ARG U 136 53.26 -47.83 42.58
C ARG U 136 54.60 -47.14 42.34
N LEU U 137 55.64 -47.59 43.05
CA LEU U 137 56.97 -47.01 42.88
C LEU U 137 57.49 -47.27 41.47
N ALA U 138 57.23 -48.46 40.93
CA ALA U 138 57.67 -48.79 39.58
C ALA U 138 56.94 -47.96 38.54
N MET U 139 55.65 -47.68 38.76
CA MET U 139 54.88 -46.87 37.82
C MET U 139 55.43 -45.45 37.77
N VAL U 140 55.69 -44.87 38.95
CA VAL U 140 56.25 -43.53 39.03
C VAL U 140 57.65 -43.51 38.41
N ALA U 141 58.42 -44.58 38.63
CA ALA U 141 59.76 -44.67 38.07
C ALA U 141 59.73 -44.77 36.55
N PHE U 142 58.75 -45.48 35.98
CA PHE U 142 58.66 -45.58 34.54
C PHE U 142 58.34 -44.23 33.92
N ILE U 143 57.42 -43.48 34.54
CA ILE U 143 57.10 -42.15 34.01
C ILE U 143 58.32 -41.25 34.15
N GLY U 144 59.09 -41.44 35.24
CA GLY U 144 60.30 -40.66 35.41
C GLY U 144 61.32 -40.99 34.34
N PHE U 145 61.40 -42.27 33.95
CA PHE U 145 62.31 -42.70 32.90
C PHE U 145 61.94 -42.04 31.58
N CYS U 146 60.65 -42.03 31.27
CA CYS U 146 60.17 -41.43 30.02
C CYS U 146 60.46 -39.93 29.95
N VAL U 147 60.08 -39.19 31.00
CA VAL U 147 60.30 -37.75 30.99
C VAL U 147 61.80 -37.43 31.04
N GLN U 148 62.59 -38.24 31.75
CA GLN U 148 64.03 -38.02 31.81
C GLN U 148 64.66 -38.21 30.44
N ALA U 149 64.22 -39.24 29.71
CA ALA U 149 64.77 -39.46 28.37
C ALA U 149 64.30 -38.38 27.42
N LEU U 150 63.11 -37.82 27.64
CA LEU U 150 62.61 -36.76 26.78
C LEU U 150 63.36 -35.45 26.96
N ALA U 151 63.52 -35.01 28.21
CA ALA U 151 64.16 -33.73 28.49
C ALA U 151 65.68 -33.77 28.62
N THR U 152 66.28 -34.93 28.89
CA THR U 152 67.73 -34.99 29.06
C THR U 152 68.45 -35.87 28.06
N ARG U 153 67.76 -36.74 27.32
CA ARG U 153 68.32 -37.66 26.34
C ARG U 153 69.36 -38.60 26.96
N THR U 154 69.23 -38.89 28.24
CA THR U 154 70.15 -39.76 28.96
C THR U 154 69.36 -40.91 29.58
N GLN U 155 69.98 -42.08 29.61
CA GLN U 155 69.35 -43.25 30.18
C GLN U 155 69.31 -43.12 31.70
N PRO U 156 68.44 -43.91 32.40
CA PRO U 156 68.32 -43.82 33.86
C PRO U 156 69.60 -43.86 34.68
N ILE U 157 70.42 -44.90 34.52
CA ILE U 157 71.66 -44.99 35.29
C ILE U 157 72.63 -43.90 34.86
N GLU U 158 72.66 -43.58 33.56
CA GLU U 158 73.53 -42.52 33.06
C GLU U 158 73.13 -41.18 33.64
N GLY U 159 71.82 -40.89 33.67
CA GLY U 159 71.35 -39.63 34.23
C GLY U 159 71.59 -39.56 35.73
N LEU U 160 71.44 -40.69 36.42
CA LEU U 160 71.70 -40.72 37.86
C LEU U 160 73.17 -40.45 38.16
N THR U 161 74.06 -41.04 37.36
CA THR U 161 75.49 -40.79 37.57
C THR U 161 75.84 -39.35 37.24
N ALA U 162 75.19 -38.79 36.21
CA ALA U 162 75.44 -37.39 35.85
C ALA U 162 74.98 -36.47 36.96
N HIS U 163 73.89 -36.82 37.63
CA HIS U 163 73.40 -35.99 38.72
C HIS U 163 74.28 -36.15 39.97
N LEU U 164 74.79 -37.36 40.19
CA LEU U 164 75.65 -37.59 41.36
C LEU U 164 77.00 -36.91 41.20
N ALA U 165 77.50 -36.86 39.96
CA ALA U 165 78.79 -36.20 39.71
C ALA U 165 78.71 -34.71 40.00
N ASP U 166 77.64 -34.06 39.55
CA ASP U 166 77.41 -32.63 39.76
C ASP U 166 76.00 -32.48 40.29
N PRO U 167 75.83 -32.44 41.61
CA PRO U 167 74.47 -32.30 42.17
C PRO U 167 73.84 -30.94 41.92
N PHE U 168 74.56 -29.87 42.26
CA PHE U 168 74.06 -28.50 42.07
C PHE U 168 74.30 -28.13 40.61
N GLY U 169 73.48 -28.75 39.77
CA GLY U 169 73.52 -28.63 38.33
C GLY U 169 73.09 -29.96 37.78
N LYS U 170 72.90 -30.01 36.47
CA LYS U 170 72.46 -31.22 35.76
C LYS U 170 71.18 -31.78 36.38
N ASN U 171 70.27 -30.88 36.73
CA ASN U 171 68.99 -31.22 37.33
C ASN U 171 67.88 -30.76 36.39
N ILE U 172 66.64 -30.78 36.88
CA ILE U 172 65.50 -30.37 36.06
C ILE U 172 65.62 -28.91 35.62
N THR U 173 66.21 -28.06 36.44
CA THR U 173 66.35 -26.65 36.07
C THR U 173 67.35 -26.49 34.93
N TYR U 174 68.52 -27.13 35.04
CA TYR U 174 69.53 -27.04 34.00
C TYR U 174 69.06 -27.69 32.70
N TYR U 175 68.45 -28.86 32.80
CA TYR U 175 68.01 -29.56 31.59
C TYR U 175 66.83 -28.84 30.94
N LEU U 176 65.97 -28.22 31.73
CA LEU U 176 64.84 -27.50 31.14
C LEU U 176 65.28 -26.16 30.56
N THR U 177 66.36 -25.60 31.08
CA THR U 177 66.86 -24.33 30.56
C THR U 177 67.87 -24.53 29.45
N HIS U 178 68.81 -25.46 29.61
CA HIS U 178 69.82 -25.73 28.58
C HIS U 178 69.34 -26.82 27.63
N LEU U 179 68.13 -26.59 27.11
CA LEU U 179 67.53 -27.55 26.17
C LEU U 179 68.22 -27.56 24.81
N PRO U 180 68.59 -26.43 24.18
CA PRO U 180 69.28 -26.53 22.88
C PRO U 180 70.64 -27.20 22.96
N GLU U 181 71.34 -27.08 24.09
CA GLU U 181 72.66 -27.70 24.21
C GLU U 181 72.56 -29.21 24.28
N THR U 182 71.43 -29.73 24.76
CA THR U 182 71.26 -31.18 24.86
C THR U 182 71.02 -31.80 23.49
N LEU U 183 70.33 -31.08 22.61
CA LEU U 183 70.05 -31.60 21.27
C LEU U 183 71.12 -31.17 20.28
#